data_9GB0
#
_entry.id   9GB0
#
_cell.length_a   1.00
_cell.length_b   1.00
_cell.length_c   1.00
_cell.angle_alpha   90.00
_cell.angle_beta   90.00
_cell.angle_gamma   90.00
#
_symmetry.space_group_name_H-M   'P 1'
#
loop_
_entity.id
_entity.type
_entity.pdbx_description
1 polymer 'gp49 - Major capsid protein'
2 polymer 'gp48 - Minor capsid protein'
#
loop_
_entity_poly.entity_id
_entity_poly.type
_entity_poly.pdbx_seq_one_letter_code
_entity_poly.pdbx_strand_id
1 'polypeptide(L)'
;MAFKVISQENLLEQKRKETLQEDIPFIVNGEMEYVTKKISNGEMETLELNKPLGEMMTFSSTSNLKELLRKVVLDVELGR
EQVQLLYKPIYDSIADSNLPQVMDAKWALQGNCVFLEHIEGEEIKFGTINAENGPVARIQTYATGFEYTKEMKDFNQTFS
VEILNKSIGESYNALLNHIHLSPIINFNYKASNKTAFKGETNDPIWLGIWRTLTQAQKDTVIAKRQGNILMASSADQIEI
EMALNGGHLLNGSMYPSIKNISTVIYYDGWEVTVGKKTYSYKGVTPGKGYLIRPKRGFKELIKRDLTTEVGNADLSKLVE
NQIVGHCYRGAFAAVEENVQEISFR
;
A,B,E,F,I,J,M,N,Q,R
2 'polypeptide(L)'
;MAFKGQPTPSTITQITRAKISDGKSVRVILSEGESTKTQQFYLINGFFGVAMQDGEKGDEVTLQIEQAEYETDNIVTSEA
FEAGKLIYWDNTAKKFTTTSASNRLVGRVTDGKDSNNVIWFILLPQQ
;
C,D,G,H,K,L,O,P,S,T,U,V,W,X,Y
#
# COMPACT_ATOMS: atom_id res chain seq x y z
N MET A 57 -3.11 -85.32 -95.14
CA MET A 57 -3.64 -84.17 -94.35
C MET A 57 -4.68 -84.67 -93.36
N THR A 58 -4.46 -84.41 -92.08
CA THR A 58 -5.38 -84.84 -91.03
C THR A 58 -5.37 -83.82 -89.91
N PHE A 59 -6.54 -83.56 -89.34
CA PHE A 59 -6.61 -82.66 -88.20
C PHE A 59 -5.89 -83.23 -86.99
N SER A 60 -5.78 -84.57 -86.90
CA SER A 60 -5.09 -85.18 -85.78
C SER A 60 -3.63 -84.76 -85.72
N SER A 61 -3.03 -84.46 -86.87
CA SER A 61 -1.64 -84.03 -86.87
C SER A 61 -1.48 -82.69 -86.15
N THR A 62 -2.38 -81.76 -86.39
CA THR A 62 -2.31 -80.41 -85.82
C THR A 62 -3.14 -80.25 -84.56
N SER A 63 -3.66 -81.35 -83.99
CA SER A 63 -4.50 -81.24 -82.81
C SER A 63 -3.72 -80.71 -81.61
N ASN A 64 -2.46 -81.13 -81.47
CA ASN A 64 -1.69 -80.79 -80.27
C ASN A 64 -1.37 -79.30 -80.22
N LEU A 65 -1.28 -78.63 -81.38
CA LEU A 65 -0.90 -77.23 -81.43
C LEU A 65 -2.11 -76.38 -81.06
N LYS A 66 -2.33 -76.26 -79.75
CA LYS A 66 -3.53 -75.59 -79.27
C LYS A 66 -3.55 -74.12 -79.63
N GLU A 67 -2.39 -73.50 -79.80
CA GLU A 67 -2.35 -72.08 -80.13
C GLU A 67 -2.93 -71.79 -81.51
N LEU A 68 -2.93 -72.78 -82.42
CA LEU A 68 -3.52 -72.58 -83.73
C LEU A 68 -5.05 -72.64 -83.69
N LEU A 69 -5.60 -73.46 -82.80
CA LEU A 69 -7.04 -73.70 -82.76
C LEU A 69 -7.74 -72.64 -81.92
N ARG A 70 -8.99 -72.38 -82.28
CA ARG A 70 -9.80 -71.43 -81.52
C ARG A 70 -10.13 -72.01 -80.16
N LYS A 71 -9.93 -71.22 -79.11
CA LYS A 71 -10.18 -71.65 -77.74
C LYS A 71 -11.60 -71.24 -77.35
N VAL A 72 -12.43 -72.24 -77.06
CA VAL A 72 -13.80 -72.01 -76.61
C VAL A 72 -13.99 -72.78 -75.30
N VAL A 73 -14.53 -72.10 -74.29
CA VAL A 73 -14.80 -72.68 -72.98
C VAL A 73 -16.30 -72.60 -72.73
N LEU A 74 -16.89 -73.73 -72.36
CA LEU A 74 -18.33 -73.77 -72.08
C LEU A 74 -18.59 -73.24 -70.68
N ASP A 75 -19.59 -72.38 -70.56
CA ASP A 75 -19.93 -71.81 -69.26
C ASP A 75 -20.50 -72.88 -68.35
N VAL A 76 -20.11 -72.85 -67.08
CA VAL A 76 -20.48 -73.87 -66.11
C VAL A 76 -21.25 -73.26 -64.96
N GLU A 77 -21.02 -71.98 -64.66
CA GLU A 77 -21.62 -71.32 -63.49
C GLU A 77 -21.23 -72.06 -62.21
N LEU A 78 -19.93 -72.02 -61.93
CA LEU A 78 -19.34 -72.60 -60.74
C LEU A 78 -18.97 -71.49 -59.76
N GLY A 79 -19.00 -71.83 -58.48
CA GLY A 79 -18.71 -70.86 -57.44
C GLY A 79 -19.17 -71.38 -56.09
N ARG A 80 -19.48 -70.42 -55.21
CA ARG A 80 -19.94 -70.71 -53.86
C ARG A 80 -21.29 -70.06 -53.65
N GLU A 81 -22.23 -70.82 -53.09
CA GLU A 81 -23.56 -70.29 -52.84
C GLU A 81 -23.50 -69.16 -51.81
N GLN A 82 -24.36 -68.16 -51.99
CA GLN A 82 -24.44 -67.09 -51.02
C GLN A 82 -24.96 -67.62 -49.69
N VAL A 83 -24.47 -67.04 -48.61
CA VAL A 83 -24.81 -67.44 -47.25
C VAL A 83 -25.63 -66.31 -46.63
N GLN A 84 -26.94 -66.52 -46.52
CA GLN A 84 -27.81 -65.51 -45.95
C GLN A 84 -27.81 -65.60 -44.43
N LEU A 85 -28.22 -64.51 -43.79
CA LEU A 85 -28.34 -64.45 -42.33
C LEU A 85 -29.75 -64.92 -41.96
N LEU A 86 -29.84 -66.18 -41.57
CA LEU A 86 -31.14 -66.77 -41.23
C LEU A 86 -31.61 -66.41 -39.83
N TYR A 87 -30.72 -65.92 -38.98
CA TYR A 87 -31.03 -65.72 -37.57
C TYR A 87 -31.75 -64.40 -37.29
N LYS A 88 -31.97 -63.56 -38.30
CA LYS A 88 -32.50 -62.23 -38.04
C LYS A 88 -33.87 -62.22 -37.37
N PRO A 89 -34.86 -63.03 -37.78
CA PRO A 89 -36.17 -62.94 -37.13
C PRO A 89 -36.16 -63.27 -35.65
N ILE A 90 -35.19 -64.06 -35.19
CA ILE A 90 -35.25 -64.56 -33.81
C ILE A 90 -34.66 -63.56 -32.83
N TYR A 91 -33.66 -62.77 -33.23
CA TYR A 91 -32.88 -61.98 -32.31
C TYR A 91 -33.27 -60.51 -32.35
N ASP A 92 -33.03 -59.83 -31.22
CA ASP A 92 -33.25 -58.40 -31.07
C ASP A 92 -31.89 -57.72 -31.07
N SER A 93 -31.62 -56.90 -32.09
CA SER A 93 -30.33 -56.27 -32.22
C SER A 93 -30.12 -55.20 -31.16
N ILE A 94 -28.93 -55.16 -30.58
CA ILE A 94 -28.51 -54.08 -29.68
C ILE A 94 -27.16 -53.59 -30.21
N ALA A 95 -27.20 -52.60 -31.09
CA ALA A 95 -26.01 -52.06 -31.72
C ALA A 95 -25.53 -50.87 -30.90
N ASP A 96 -24.38 -50.99 -30.27
CA ASP A 96 -23.79 -49.91 -29.50
C ASP A 96 -22.28 -50.03 -29.57
N SER A 97 -21.61 -48.97 -30.01
CA SER A 97 -20.17 -49.00 -30.23
C SER A 97 -19.36 -48.79 -28.95
N ASN A 98 -19.98 -48.87 -27.77
CA ASN A 98 -19.28 -48.70 -26.51
C ASN A 98 -19.74 -49.71 -25.48
N LEU A 99 -20.12 -50.91 -25.93
CA LEU A 99 -20.53 -51.94 -25.00
C LEU A 99 -19.33 -52.42 -24.19
N PRO A 100 -19.54 -52.98 -23.01
CA PRO A 100 -18.42 -53.52 -22.23
C PRO A 100 -18.07 -54.93 -22.66
N GLN A 101 -16.98 -55.43 -22.10
CA GLN A 101 -16.58 -56.81 -22.35
C GLN A 101 -17.64 -57.77 -21.85
N VAL A 102 -18.24 -57.47 -20.71
CA VAL A 102 -19.35 -58.25 -20.15
C VAL A 102 -20.41 -57.27 -19.67
N MET A 103 -21.66 -57.54 -19.98
CA MET A 103 -22.75 -56.64 -19.66
C MET A 103 -23.03 -56.72 -18.15
N ASP A 104 -24.08 -56.02 -17.72
CA ASP A 104 -24.45 -55.93 -16.31
C ASP A 104 -25.93 -56.27 -16.15
N ALA A 105 -26.24 -56.96 -15.05
CA ALA A 105 -27.60 -57.43 -14.83
C ALA A 105 -28.53 -56.28 -14.48
N LYS A 106 -29.75 -56.32 -15.03
CA LYS A 106 -30.78 -55.38 -14.65
C LYS A 106 -31.30 -55.69 -13.27
N TRP A 107 -31.67 -54.65 -12.53
CA TRP A 107 -32.21 -54.76 -11.18
C TRP A 107 -33.54 -54.02 -11.10
N ALA A 108 -34.41 -54.51 -10.21
CA ALA A 108 -35.70 -53.88 -10.00
C ALA A 108 -36.30 -54.39 -8.71
N LEU A 109 -37.04 -53.52 -8.04
CA LEU A 109 -37.73 -53.85 -6.79
C LEU A 109 -39.20 -54.11 -7.06
N GLN A 110 -39.82 -54.90 -6.19
CA GLN A 110 -41.24 -55.23 -6.29
C GLN A 110 -41.83 -55.33 -4.90
N GLY A 111 -43.01 -54.73 -4.73
CA GLY A 111 -43.76 -54.89 -3.50
C GLY A 111 -44.67 -56.10 -3.59
N ASN A 112 -44.96 -56.69 -2.42
CA ASN A 112 -45.85 -57.83 -2.31
C ASN A 112 -46.85 -57.57 -1.20
N CYS A 113 -48.13 -57.73 -1.52
CA CYS A 113 -49.19 -57.59 -0.55
C CYS A 113 -50.37 -58.44 -0.98
N VAL A 114 -51.18 -58.84 -0.01
CA VAL A 114 -52.39 -59.60 -0.25
C VAL A 114 -53.51 -58.97 0.55
N PHE A 115 -54.67 -58.84 -0.07
CA PHE A 115 -55.83 -58.24 0.59
C PHE A 115 -56.53 -59.32 1.42
N LEU A 116 -56.54 -59.15 2.72
CA LEU A 116 -57.21 -60.06 3.64
C LEU A 116 -58.53 -59.44 4.09
N GLU A 117 -59.47 -60.30 4.46
CA GLU A 117 -60.70 -59.82 5.07
C GLU A 117 -60.37 -59.11 6.37
N HIS A 118 -60.96 -57.93 6.55
CA HIS A 118 -60.69 -57.06 7.71
C HIS A 118 -62.01 -56.94 8.46
N ILE A 119 -62.25 -57.88 9.38
CA ILE A 119 -63.43 -57.79 10.22
C ILE A 119 -63.29 -56.58 11.14
N GLU A 120 -64.40 -56.25 11.82
CA GLU A 120 -64.56 -55.01 12.57
C GLU A 120 -63.39 -54.69 13.48
N GLY A 121 -62.67 -53.62 13.15
CA GLY A 121 -61.56 -53.13 13.95
C GLY A 121 -60.50 -54.15 14.33
N GLU A 122 -59.81 -54.74 13.36
CA GLU A 122 -58.64 -55.57 13.63
C GLU A 122 -57.41 -54.92 13.02
N GLU A 123 -56.27 -55.54 13.27
CA GLU A 123 -54.99 -55.09 12.74
C GLU A 123 -54.71 -55.74 11.40
N ILE A 124 -54.31 -54.94 10.42
CA ILE A 124 -54.04 -55.44 9.08
C ILE A 124 -52.56 -55.82 8.99
N LYS A 125 -52.29 -56.93 8.31
CA LYS A 125 -50.94 -57.47 8.20
C LYS A 125 -50.24 -56.85 7.00
N PHE A 126 -49.04 -56.34 7.22
CA PHE A 126 -48.33 -55.59 6.21
C PHE A 126 -47.79 -56.51 5.11
N GLY A 127 -47.28 -55.89 4.06
CA GLY A 127 -46.73 -56.60 2.92
C GLY A 127 -45.23 -56.77 3.04
N THR A 128 -44.60 -56.95 1.88
CA THR A 128 -43.16 -57.21 1.82
C THR A 128 -42.63 -56.74 0.47
N ILE A 129 -41.39 -56.28 0.48
CA ILE A 129 -40.69 -55.83 -0.73
C ILE A 129 -39.60 -56.84 -1.04
N ASN A 130 -39.34 -57.04 -2.33
CA ASN A 130 -38.28 -57.94 -2.76
C ASN A 130 -37.75 -57.47 -4.10
N ALA A 131 -36.54 -57.90 -4.42
CA ALA A 131 -35.81 -57.50 -5.62
C ALA A 131 -35.45 -58.71 -6.44
N GLU A 132 -35.49 -58.57 -7.76
CA GLU A 132 -34.96 -59.56 -8.68
C GLU A 132 -33.96 -58.91 -9.61
N ASN A 133 -33.04 -59.75 -10.11
CA ASN A 133 -31.96 -59.31 -10.96
C ASN A 133 -31.95 -60.13 -12.24
N GLY A 134 -31.52 -59.49 -13.32
CA GLY A 134 -31.45 -60.15 -14.61
C GLY A 134 -30.17 -60.96 -14.75
N PRO A 135 -29.99 -61.54 -15.94
CA PRO A 135 -28.77 -62.30 -16.22
C PRO A 135 -27.67 -61.42 -16.78
N VAL A 136 -26.54 -62.02 -17.13
CA VAL A 136 -25.38 -61.31 -17.66
C VAL A 136 -25.02 -61.94 -19.00
N ALA A 137 -24.62 -61.09 -19.94
CA ALA A 137 -24.19 -61.51 -21.27
C ALA A 137 -22.85 -60.87 -21.58
N ARG A 138 -22.12 -61.51 -22.49
CA ARG A 138 -20.77 -61.05 -22.84
C ARG A 138 -20.56 -61.25 -24.34
N ILE A 139 -19.58 -60.52 -24.86
CA ILE A 139 -19.31 -60.45 -26.29
C ILE A 139 -17.85 -60.82 -26.52
N GLN A 140 -17.61 -61.64 -27.54
CA GLN A 140 -16.29 -62.14 -27.89
C GLN A 140 -15.76 -61.41 -29.12
N THR A 141 -14.62 -61.87 -29.60
CA THR A 141 -13.95 -61.30 -30.78
C THR A 141 -13.63 -62.41 -31.76
N TYR A 142 -13.71 -62.11 -33.05
CA TYR A 142 -13.39 -63.05 -34.11
C TYR A 142 -12.63 -62.33 -35.20
N ALA A 143 -11.77 -63.06 -35.91
CA ALA A 143 -10.98 -62.44 -36.96
C ALA A 143 -10.28 -63.50 -37.78
N THR A 144 -10.20 -63.27 -39.09
CA THR A 144 -9.36 -64.06 -40.00
C THR A 144 -8.77 -63.12 -41.04
N GLY A 145 -7.76 -63.61 -41.76
CA GLY A 145 -7.09 -62.78 -42.74
C GLY A 145 -6.35 -63.62 -43.76
N PHE A 146 -5.67 -62.92 -44.67
CA PHE A 146 -4.91 -63.55 -45.74
C PHE A 146 -3.55 -62.86 -45.86
N GLU A 147 -2.58 -63.60 -46.40
CA GLU A 147 -1.28 -63.06 -46.77
C GLU A 147 -1.04 -63.39 -48.24
N TYR A 148 -0.51 -62.42 -48.98
CA TYR A 148 -0.26 -62.65 -50.40
C TYR A 148 0.84 -61.70 -50.86
N THR A 149 1.81 -62.26 -51.58
CA THR A 149 2.91 -61.45 -52.10
C THR A 149 2.39 -60.47 -53.15
N LYS A 150 3.10 -59.35 -53.28
CA LYS A 150 2.75 -58.38 -54.32
C LYS A 150 2.83 -59.01 -55.71
N GLU A 151 3.74 -59.95 -55.91
CA GLU A 151 3.87 -60.57 -57.21
C GLU A 151 2.64 -61.42 -57.52
N MET A 152 2.07 -62.09 -56.53
CA MET A 152 0.89 -62.90 -56.79
C MET A 152 -0.30 -62.04 -57.21
N LYS A 153 -0.50 -60.91 -56.55
CA LYS A 153 -1.58 -60.02 -56.96
C LYS A 153 -1.31 -59.41 -58.34
N ASP A 154 -0.06 -59.02 -58.60
CA ASP A 154 0.21 -58.25 -59.81
C ASP A 154 0.29 -59.13 -61.05
N PHE A 155 0.84 -60.33 -60.93
CA PHE A 155 1.03 -61.20 -62.08
C PHE A 155 -0.18 -62.11 -62.34
N ASN A 156 -0.90 -62.50 -61.31
CA ASN A 156 -2.02 -63.42 -61.47
C ASN A 156 -3.23 -62.65 -61.98
N GLN A 157 -3.76 -63.08 -63.13
CA GLN A 157 -4.85 -62.34 -63.76
C GLN A 157 -6.14 -62.45 -62.95
N THR A 158 -6.46 -63.64 -62.47
CA THR A 158 -7.76 -63.87 -61.84
C THR A 158 -7.79 -63.47 -60.37
N PHE A 159 -6.67 -63.63 -59.67
CA PHE A 159 -6.62 -63.27 -58.25
C PHE A 159 -6.85 -61.78 -58.09
N SER A 160 -7.53 -61.42 -57.00
CA SER A 160 -7.78 -60.02 -56.68
C SER A 160 -8.25 -59.95 -55.23
N VAL A 161 -8.26 -58.74 -54.69
CA VAL A 161 -8.76 -58.55 -53.33
C VAL A 161 -10.27 -58.71 -53.30
N GLU A 162 -10.95 -58.64 -54.44
CA GLU A 162 -12.40 -58.79 -54.46
C GLU A 162 -12.81 -60.20 -54.02
N ILE A 163 -12.12 -61.23 -54.51
CA ILE A 163 -12.48 -62.58 -54.11
C ILE A 163 -12.14 -62.82 -52.64
N LEU A 164 -11.07 -62.21 -52.14
CA LEU A 164 -10.76 -62.32 -50.72
C LEU A 164 -11.86 -61.68 -49.87
N ASN A 165 -12.35 -60.51 -50.29
CA ASN A 165 -13.45 -59.90 -49.57
C ASN A 165 -14.72 -60.75 -49.66
N LYS A 166 -14.94 -61.40 -50.80
CA LYS A 166 -16.08 -62.30 -50.92
C LYS A 166 -15.97 -63.46 -49.93
N SER A 167 -14.78 -64.06 -49.83
CA SER A 167 -14.59 -65.14 -48.88
C SER A 167 -14.77 -64.66 -47.45
N ILE A 168 -14.25 -63.46 -47.14
CA ILE A 168 -14.41 -62.91 -45.81
C ILE A 168 -15.89 -62.71 -45.49
N GLY A 169 -16.64 -62.16 -46.44
CA GLY A 169 -18.05 -61.92 -46.19
C GLY A 169 -18.83 -63.21 -46.03
N GLU A 170 -18.53 -64.22 -46.84
CA GLU A 170 -19.23 -65.50 -46.72
C GLU A 170 -18.94 -66.15 -45.37
N SER A 171 -17.67 -66.21 -44.99
CA SER A 171 -17.34 -66.80 -43.69
C SER A 171 -17.93 -65.97 -42.56
N TYR A 172 -18.03 -64.66 -42.73
CA TYR A 172 -18.61 -63.82 -41.69
C TYR A 172 -20.10 -64.11 -41.51
N ASN A 173 -20.83 -64.22 -42.61
CA ASN A 173 -22.25 -64.54 -42.51
C ASN A 173 -22.45 -65.92 -41.89
N ALA A 174 -21.63 -66.89 -42.30
CA ALA A 174 -21.74 -68.21 -41.69
C ALA A 174 -21.41 -68.18 -40.22
N LEU A 175 -20.43 -67.38 -39.83
CA LEU A 175 -20.10 -67.24 -38.41
C LEU A 175 -21.28 -66.65 -37.64
N LEU A 176 -21.95 -65.65 -38.23
CA LEU A 176 -23.10 -65.07 -37.54
C LEU A 176 -24.21 -66.09 -37.37
N ASN A 177 -24.49 -66.88 -38.42
CA ASN A 177 -25.48 -67.93 -38.31
C ASN A 177 -25.09 -68.92 -37.22
N HIS A 178 -23.82 -69.32 -37.19
CA HIS A 178 -23.39 -70.28 -36.17
C HIS A 178 -23.53 -69.70 -34.78
N ILE A 179 -23.07 -68.47 -34.56
CA ILE A 179 -23.13 -67.87 -33.23
C ILE A 179 -24.57 -67.78 -32.76
N HIS A 180 -25.47 -67.36 -33.64
CA HIS A 180 -26.83 -67.08 -33.22
C HIS A 180 -27.78 -68.26 -33.36
N LEU A 181 -27.32 -69.42 -33.84
CA LEU A 181 -28.18 -70.60 -33.93
C LEU A 181 -27.60 -71.85 -33.29
N SER A 182 -26.31 -71.92 -33.00
CA SER A 182 -25.77 -73.07 -32.31
C SER A 182 -26.17 -73.12 -30.83
N PRO A 183 -26.38 -71.99 -30.13
CA PRO A 183 -26.97 -72.13 -28.79
C PRO A 183 -28.33 -72.81 -28.81
N ILE A 184 -29.11 -72.58 -29.86
CA ILE A 184 -30.42 -73.22 -29.96
C ILE A 184 -30.28 -74.71 -30.18
N ILE A 185 -29.29 -75.12 -30.97
CA ILE A 185 -29.16 -76.52 -31.36
C ILE A 185 -28.43 -77.34 -30.31
N ASN A 186 -27.29 -76.85 -29.83
CA ASN A 186 -26.46 -77.62 -28.91
C ASN A 186 -27.04 -77.70 -27.50
N PHE A 187 -28.10 -76.95 -27.20
CA PHE A 187 -28.65 -76.96 -25.85
C PHE A 187 -29.17 -78.35 -25.50
N ASN A 188 -28.95 -78.74 -24.25
CA ASN A 188 -29.45 -80.01 -23.73
C ASN A 188 -30.87 -79.78 -23.23
N TYR A 189 -31.84 -80.10 -24.08
CA TYR A 189 -33.24 -79.82 -23.77
C TYR A 189 -33.78 -80.83 -22.77
N LYS A 190 -34.44 -80.33 -21.72
CA LYS A 190 -35.05 -81.20 -20.75
C LYS A 190 -36.32 -81.81 -21.32
N ALA A 191 -36.86 -82.80 -20.60
CA ALA A 191 -38.08 -83.45 -21.03
C ALA A 191 -39.26 -82.49 -21.07
N SER A 192 -39.21 -81.41 -20.30
CA SER A 192 -40.29 -80.42 -20.35
C SER A 192 -40.41 -79.80 -21.73
N ASN A 193 -39.29 -79.44 -22.34
CA ASN A 193 -39.33 -78.83 -23.67
C ASN A 193 -39.62 -79.86 -24.75
N LYS A 194 -38.95 -81.00 -24.71
CA LYS A 194 -39.00 -81.95 -25.82
C LYS A 194 -40.41 -82.49 -26.04
N THR A 195 -40.74 -82.73 -27.31
CA THR A 195 -42.02 -83.30 -27.71
C THR A 195 -41.76 -84.41 -28.71
N ALA A 196 -42.43 -85.55 -28.53
CA ALA A 196 -42.14 -86.72 -29.33
C ALA A 196 -42.78 -86.62 -30.71
N PHE A 197 -42.47 -87.60 -31.56
CA PHE A 197 -42.97 -87.59 -32.93
C PHE A 197 -44.49 -87.74 -32.96
N LYS A 198 -45.00 -88.75 -32.25
CA LYS A 198 -46.44 -89.00 -32.05
C LYS A 198 -47.20 -88.98 -33.38
N GLY A 199 -46.83 -89.95 -34.21
CA GLY A 199 -47.51 -90.24 -35.45
C GLY A 199 -48.21 -91.58 -35.37
N THR A 201 -49.51 -91.60 -35.66
CA THR A 201 -50.31 -92.83 -35.57
C THR A 201 -49.84 -93.85 -36.59
N ASN A 202 -50.48 -95.02 -36.62
CA ASN A 202 -50.11 -96.05 -37.57
C ASN A 202 -50.33 -95.58 -39.01
N ASP A 203 -49.31 -95.82 -39.86
CA ASP A 203 -49.24 -95.52 -41.29
C ASP A 203 -50.00 -94.27 -41.73
N PRO A 204 -49.60 -93.08 -41.30
CA PRO A 204 -50.19 -91.86 -41.84
C PRO A 204 -49.41 -91.41 -43.07
N ILE A 205 -49.83 -90.30 -43.63
CA ILE A 205 -49.00 -89.59 -44.60
C ILE A 205 -47.97 -88.75 -43.85
N TRP A 206 -46.86 -88.44 -44.52
CA TRP A 206 -45.79 -87.71 -43.86
C TRP A 206 -46.16 -86.27 -43.53
N LEU A 207 -47.30 -85.77 -44.02
CA LEU A 207 -47.90 -84.57 -43.47
C LEU A 207 -48.56 -84.82 -42.12
N GLY A 208 -48.45 -86.02 -41.56
CA GLY A 208 -48.76 -86.27 -40.17
C GLY A 208 -47.81 -85.64 -39.18
N ILE A 209 -46.75 -84.99 -39.67
CA ILE A 209 -45.98 -84.06 -38.85
C ILE A 209 -46.87 -82.92 -38.36
N TRP A 210 -47.97 -82.65 -39.07
CA TRP A 210 -48.98 -81.70 -38.58
C TRP A 210 -49.39 -82.02 -37.15
N ARG A 211 -49.51 -83.32 -36.82
CA ARG A 211 -49.80 -83.69 -35.44
C ARG A 211 -48.73 -83.18 -34.50
N THR A 212 -47.46 -83.39 -34.85
CA THR A 212 -46.37 -82.97 -33.98
C THR A 212 -46.30 -81.45 -33.87
N LEU A 213 -46.48 -80.75 -35.00
CA LEU A 213 -46.37 -79.29 -34.96
C LEU A 213 -47.48 -78.68 -34.13
N THR A 214 -48.71 -79.20 -34.25
CA THR A 214 -49.82 -78.66 -33.48
C THR A 214 -49.57 -78.83 -32.00
N GLN A 215 -49.07 -79.98 -31.58
CA GLN A 215 -48.84 -80.20 -30.16
C GLN A 215 -47.68 -79.36 -29.67
N ALA A 216 -46.67 -79.14 -30.51
CA ALA A 216 -45.61 -78.23 -30.15
C ALA A 216 -46.16 -76.83 -29.90
N GLN A 217 -47.12 -76.40 -30.73
CA GLN A 217 -47.83 -75.16 -30.43
C GLN A 217 -48.59 -75.27 -29.12
N LYS A 218 -49.21 -76.43 -28.88
CA LYS A 218 -50.00 -76.60 -27.66
C LYS A 218 -49.12 -76.57 -26.43
N ASP A 219 -47.96 -77.22 -26.49
CA ASP A 219 -47.08 -77.26 -25.33
C ASP A 219 -46.42 -75.91 -25.07
N THR A 220 -46.16 -75.14 -26.12
CA THR A 220 -45.63 -73.79 -25.92
C THR A 220 -46.64 -72.94 -25.16
N VAL A 221 -47.92 -73.03 -25.55
CA VAL A 221 -48.94 -72.21 -24.92
C VAL A 221 -49.24 -72.70 -23.51
N ILE A 222 -49.29 -74.02 -23.31
CA ILE A 222 -49.54 -74.54 -21.96
C ILE A 222 -48.44 -74.12 -21.01
N ALA A 223 -47.21 -74.00 -21.50
CA ALA A 223 -46.10 -73.48 -20.71
C ALA A 223 -46.07 -71.95 -20.69
N LYS A 224 -47.09 -71.27 -21.19
CA LYS A 224 -47.25 -69.82 -21.16
C LYS A 224 -46.31 -69.09 -22.12
N ARG A 225 -45.43 -69.81 -22.81
CA ARG A 225 -44.69 -69.25 -23.94
C ARG A 225 -45.56 -69.37 -25.18
N GLN A 226 -45.00 -69.12 -26.36
CA GLN A 226 -45.74 -69.36 -27.58
C GLN A 226 -44.76 -69.43 -28.74
N GLY A 227 -45.01 -70.38 -29.64
CA GLY A 227 -44.16 -70.57 -30.80
C GLY A 227 -44.62 -69.71 -31.96
N ASN A 228 -43.68 -68.98 -32.55
CA ASN A 228 -43.96 -68.15 -33.72
C ASN A 228 -42.98 -68.44 -34.85
N ILE A 229 -41.77 -68.84 -34.51
CA ILE A 229 -40.71 -69.15 -35.48
C ILE A 229 -40.37 -70.62 -35.35
N LEU A 230 -40.36 -71.32 -36.48
CA LEU A 230 -40.01 -72.74 -36.54
C LEU A 230 -38.66 -72.88 -37.22
N MET A 231 -37.79 -73.70 -36.64
CA MET A 231 -36.49 -74.00 -37.21
C MET A 231 -36.39 -75.50 -37.49
N ALA A 232 -35.90 -75.85 -38.67
CA ALA A 232 -35.78 -77.23 -39.08
C ALA A 232 -34.63 -77.34 -40.07
N SER A 233 -34.49 -78.51 -40.69
CA SER A 233 -33.50 -78.74 -41.74
C SER A 233 -34.20 -78.77 -43.09
N SER A 234 -33.41 -78.53 -44.14
CA SER A 234 -33.96 -78.59 -45.49
C SER A 234 -34.32 -80.01 -45.92
N ALA A 235 -33.91 -81.02 -45.16
CA ALA A 235 -34.20 -82.40 -45.54
C ALA A 235 -35.69 -82.72 -45.52
N ASP A 236 -36.50 -81.91 -44.81
CA ASP A 236 -37.94 -82.09 -44.74
C ASP A 236 -38.64 -80.76 -44.96
N GLN A 237 -38.09 -79.92 -45.84
CA GLN A 237 -38.75 -78.67 -46.19
C GLN A 237 -40.08 -78.93 -46.88
N ILE A 238 -40.10 -79.87 -47.82
CA ILE A 238 -41.33 -80.13 -48.58
C ILE A 238 -42.38 -80.74 -47.67
N GLU A 239 -41.98 -81.58 -46.71
CA GLU A 239 -42.94 -82.16 -45.80
C GLU A 239 -43.49 -81.11 -44.82
N ILE A 240 -42.60 -80.28 -44.28
CA ILE A 240 -43.04 -79.27 -43.32
C ILE A 240 -43.90 -78.22 -44.01
N GLU A 241 -43.46 -77.73 -45.16
CA GLU A 241 -44.22 -76.69 -45.85
C GLU A 241 -45.57 -77.21 -46.31
N MET A 242 -45.66 -78.49 -46.65
CA MET A 242 -46.96 -79.09 -46.93
C MET A 242 -47.78 -79.22 -45.66
N ALA A 243 -47.13 -79.38 -44.50
CA ALA A 243 -47.85 -79.58 -43.25
C ALA A 243 -48.44 -78.29 -42.72
N LEU A 244 -47.73 -77.16 -42.87
CA LEU A 244 -48.26 -75.89 -42.40
C LEU A 244 -49.56 -75.55 -43.10
N ASN A 245 -49.59 -75.72 -44.42
CA ASN A 245 -50.86 -75.65 -45.13
C ASN A 245 -51.68 -76.90 -44.84
N GLY A 246 -52.99 -76.76 -44.98
CA GLY A 246 -53.87 -77.89 -44.76
C GLY A 246 -53.59 -79.02 -45.72
N GLY A 247 -53.31 -80.21 -45.18
CA GLY A 247 -53.07 -81.35 -46.03
C GLY A 247 -54.31 -81.71 -46.83
N HIS A 248 -54.08 -82.44 -47.93
CA HIS A 248 -55.18 -82.90 -48.75
C HIS A 248 -56.11 -83.80 -47.95
N LEU A 249 -57.35 -83.92 -48.45
CA LEU A 249 -58.36 -84.72 -47.78
C LEU A 249 -57.93 -86.17 -47.68
N LEU A 250 -57.88 -86.69 -46.46
CA LEU A 250 -57.43 -88.05 -46.18
C LEU A 250 -58.53 -88.81 -45.45
N ASN A 251 -59.14 -89.78 -46.13
CA ASN A 251 -60.17 -90.62 -45.54
C ASN A 251 -61.32 -89.77 -44.99
N GLY A 252 -61.70 -88.75 -45.74
CA GLY A 252 -62.74 -87.85 -45.27
C GLY A 252 -62.33 -87.03 -44.06
N SER A 253 -61.13 -86.47 -44.07
CA SER A 253 -60.65 -85.60 -42.99
C SER A 253 -59.81 -84.50 -43.59
N MET A 254 -60.33 -83.28 -43.60
CA MET A 254 -59.64 -82.11 -44.16
C MET A 254 -59.01 -81.35 -43.01
N TYR A 255 -57.73 -81.61 -42.76
CA TYR A 255 -57.06 -80.98 -41.64
C TYR A 255 -56.86 -79.49 -41.90
N PRO A 256 -56.81 -78.66 -40.86
CA PRO A 256 -56.65 -77.22 -41.06
C PRO A 256 -55.19 -76.80 -41.10
N SER A 257 -54.96 -75.64 -41.71
CA SER A 257 -53.63 -75.07 -41.74
C SER A 257 -53.20 -74.67 -40.33
N ILE A 258 -51.89 -74.77 -40.08
CA ILE A 258 -51.34 -74.39 -38.79
C ILE A 258 -51.11 -72.89 -38.78
N LYS A 259 -51.71 -72.20 -37.82
CA LYS A 259 -51.59 -70.75 -37.68
C LYS A 259 -50.57 -70.41 -36.60
N ASN A 260 -50.32 -69.11 -36.47
CA ASN A 260 -49.38 -68.58 -35.48
C ASN A 260 -47.99 -69.20 -35.64
N ILE A 261 -47.53 -69.31 -36.89
CA ILE A 261 -46.14 -69.58 -37.21
C ILE A 261 -45.78 -68.59 -38.32
N SER A 262 -45.15 -67.48 -37.94
CA SER A 262 -44.93 -66.40 -38.88
C SER A 262 -44.01 -66.84 -40.02
N THR A 263 -42.84 -67.38 -39.67
CA THR A 263 -41.85 -67.78 -40.65
C THR A 263 -41.20 -69.08 -40.20
N VAL A 264 -40.67 -69.81 -41.17
CA VAL A 264 -39.89 -71.01 -40.93
C VAL A 264 -38.53 -70.82 -41.60
N ILE A 265 -37.46 -71.08 -40.86
CA ILE A 265 -36.10 -70.89 -41.33
C ILE A 265 -35.39 -72.25 -41.28
N TYR A 266 -34.75 -72.61 -42.38
CA TYR A 266 -33.99 -73.85 -42.47
C TYR A 266 -32.51 -73.51 -42.42
N TYR A 267 -31.81 -74.08 -41.44
CA TYR A 267 -30.39 -73.81 -41.19
C TYR A 267 -29.62 -75.11 -41.32
N ASP A 268 -29.13 -75.38 -42.52
CA ASP A 268 -28.24 -76.51 -42.74
C ASP A 268 -26.82 -76.14 -42.34
N GLY A 269 -25.99 -77.16 -42.19
CA GLY A 269 -24.62 -76.93 -41.80
C GLY A 269 -23.84 -76.21 -42.88
N TRP A 270 -22.81 -75.49 -42.44
CA TRP A 270 -21.87 -74.79 -43.32
C TRP A 270 -20.51 -75.43 -43.22
N GLU A 271 -19.85 -75.61 -44.35
CA GLU A 271 -18.57 -76.30 -44.44
C GLU A 271 -17.59 -75.46 -45.26
N VAL A 272 -16.32 -75.56 -44.89
CA VAL A 272 -15.26 -74.86 -45.61
C VAL A 272 -13.97 -75.61 -45.37
N THR A 273 -13.11 -75.63 -46.38
CA THR A 273 -11.82 -76.31 -46.34
C THR A 273 -10.73 -75.26 -46.46
N VAL A 274 -10.21 -74.81 -45.31
CA VAL A 274 -9.13 -73.85 -45.26
C VAL A 274 -7.82 -74.62 -45.23
N GLY A 275 -7.08 -74.58 -46.34
CA GLY A 275 -5.85 -75.34 -46.44
C GLY A 275 -6.11 -76.83 -46.37
N LYS A 276 -5.62 -77.48 -45.31
CA LYS A 276 -5.85 -78.90 -45.08
C LYS A 276 -6.76 -79.17 -43.89
N LYS A 277 -7.17 -78.14 -43.16
CA LYS A 277 -8.07 -78.28 -42.02
C LYS A 277 -9.44 -77.76 -42.41
N THR A 278 -10.44 -78.63 -42.32
CA THR A 278 -11.82 -78.25 -42.63
C THR A 278 -12.54 -77.82 -41.37
N TYR A 279 -13.31 -76.74 -41.47
CA TYR A 279 -14.12 -76.22 -40.39
C TYR A 279 -15.58 -76.35 -40.78
N SER A 280 -16.38 -76.94 -39.90
CA SER A 280 -17.78 -77.23 -40.16
C SER A 280 -18.62 -76.68 -39.03
N TYR A 281 -19.70 -75.97 -39.39
CA TYR A 281 -20.70 -75.51 -38.43
C TYR A 281 -21.89 -76.45 -38.49
N LYS A 282 -22.25 -77.03 -37.36
CA LYS A 282 -23.32 -78.00 -37.31
C LYS A 282 -24.66 -77.30 -37.51
N GLY A 283 -25.41 -77.74 -38.52
CA GLY A 283 -26.75 -77.26 -38.76
C GLY A 283 -27.77 -78.07 -37.99
N VAL A 284 -29.04 -77.82 -38.31
CA VAL A 284 -30.12 -78.56 -37.68
C VAL A 284 -30.09 -80.00 -38.17
N THR A 285 -30.13 -80.94 -37.24
CA THR A 285 -30.16 -82.34 -37.61
C THR A 285 -31.46 -82.62 -38.38
N PRO A 286 -31.44 -83.49 -39.39
CA PRO A 286 -32.70 -83.83 -40.08
C PRO A 286 -33.68 -84.47 -39.11
N GLY A 287 -34.95 -84.15 -39.30
CA GLY A 287 -36.00 -84.62 -38.42
C GLY A 287 -36.25 -83.68 -37.26
N LYS A 288 -35.23 -83.43 -36.45
CA LYS A 288 -35.38 -82.56 -35.30
C LYS A 288 -35.63 -81.12 -35.74
N GLY A 289 -36.53 -80.44 -35.03
CA GLY A 289 -36.81 -79.05 -35.28
C GLY A 289 -36.97 -78.31 -33.97
N TYR A 290 -36.93 -76.98 -34.06
CA TYR A 290 -36.97 -76.10 -32.89
C TYR A 290 -37.96 -74.99 -33.14
N LEU A 291 -39.03 -74.96 -32.35
CA LEU A 291 -40.04 -73.92 -32.41
C LEU A 291 -39.72 -72.87 -31.35
N ILE A 292 -39.58 -71.62 -31.79
CA ILE A 292 -38.92 -70.57 -31.03
C ILE A 292 -39.89 -69.42 -30.83
N ARG A 293 -39.85 -68.82 -29.64
CA ARG A 293 -40.52 -67.55 -29.39
C ARG A 293 -39.51 -66.43 -29.59
N PRO A 294 -39.65 -65.58 -30.60
CA PRO A 294 -38.51 -64.76 -31.03
C PRO A 294 -38.34 -63.44 -30.28
N LYS A 295 -37.07 -63.05 -30.17
CA LYS A 295 -36.63 -61.69 -29.85
C LYS A 295 -37.30 -61.15 -28.59
N ARG A 296 -37.45 -61.99 -27.58
CA ARG A 296 -37.73 -61.56 -26.22
C ARG A 296 -36.66 -62.02 -25.25
N GLY A 297 -36.27 -63.29 -25.32
CA GLY A 297 -35.14 -63.79 -24.57
C GLY A 297 -33.85 -63.87 -25.37
N PHE A 298 -33.94 -63.65 -26.69
CA PHE A 298 -32.78 -63.68 -27.57
C PHE A 298 -32.34 -62.26 -27.87
N LYS A 299 -31.10 -61.95 -27.54
CA LYS A 299 -30.54 -60.62 -27.73
C LYS A 299 -29.24 -60.74 -28.52
N GLU A 300 -29.11 -59.92 -29.56
CA GLU A 300 -27.92 -59.86 -30.38
C GLU A 300 -27.11 -58.64 -29.96
N LEU A 301 -25.89 -58.88 -29.47
CA LEU A 301 -25.02 -57.83 -28.95
C LEU A 301 -23.93 -57.56 -29.97
N ILE A 302 -23.79 -56.30 -30.39
CA ILE A 302 -22.85 -55.89 -31.42
C ILE A 302 -22.09 -54.66 -30.92
N LYS A 303 -20.77 -54.69 -31.06
CA LYS A 303 -19.94 -53.51 -30.89
C LYS A 303 -19.34 -53.06 -32.21
N ARG A 304 -18.72 -53.97 -32.97
CA ARG A 304 -18.29 -53.72 -34.34
C ARG A 304 -18.80 -54.87 -35.18
N ASP A 305 -19.71 -54.57 -36.11
CA ASP A 305 -20.29 -55.63 -36.93
C ASP A 305 -19.22 -56.30 -37.79
N LEU A 306 -18.42 -55.52 -38.49
CA LEU A 306 -17.36 -56.07 -39.32
C LEU A 306 -16.45 -54.93 -39.75
N THR A 307 -15.15 -55.19 -39.81
CA THR A 307 -14.17 -54.17 -40.15
C THR A 307 -12.99 -54.87 -40.82
N THR A 308 -12.94 -54.79 -42.15
CA THR A 308 -11.83 -55.35 -42.91
C THR A 308 -10.78 -54.27 -43.06
N GLU A 309 -9.74 -54.31 -42.23
CA GLU A 309 -8.66 -53.33 -42.24
C GLU A 309 -7.42 -53.96 -42.86
N VAL A 310 -6.71 -53.16 -43.66
CA VAL A 310 -5.45 -53.63 -44.22
C VAL A 310 -4.39 -53.68 -43.13
N GLY A 311 -3.74 -54.84 -42.99
CA GLY A 311 -2.81 -55.07 -41.92
C GLY A 311 -1.39 -54.66 -42.26
N ASN A 312 -0.50 -54.88 -41.30
CA ASN A 312 0.90 -54.56 -41.49
C ASN A 312 1.51 -55.41 -42.58
N ALA A 313 2.44 -54.82 -43.32
CA ALA A 313 3.13 -55.46 -44.44
C ALA A 313 4.61 -55.50 -44.18
N ASP A 314 5.25 -56.57 -44.66
CA ASP A 314 6.71 -56.66 -44.66
C ASP A 314 7.20 -56.11 -45.99
N LEU A 315 7.56 -54.82 -45.98
CA LEU A 315 8.07 -54.20 -47.20
C LEU A 315 9.36 -54.87 -47.66
N SER A 316 10.14 -55.39 -46.73
CA SER A 316 11.41 -56.01 -47.08
C SER A 316 11.22 -57.26 -47.92
N LYS A 317 10.03 -57.87 -47.90
CA LYS A 317 9.69 -59.00 -48.75
C LYS A 317 8.78 -58.61 -49.91
N LEU A 318 8.34 -57.36 -49.99
CA LEU A 318 7.35 -56.94 -50.96
C LEU A 318 6.09 -57.79 -50.86
N VAL A 319 5.62 -58.01 -49.64
CA VAL A 319 4.36 -58.70 -49.36
C VAL A 319 3.30 -57.66 -49.06
N GLU A 320 2.14 -57.81 -49.68
CA GLU A 320 1.09 -56.81 -49.56
C GLU A 320 0.53 -56.81 -48.14
N ASN A 321 -0.24 -55.76 -47.83
CA ASN A 321 -0.86 -55.64 -46.53
C ASN A 321 -1.77 -56.83 -46.25
N GLN A 322 -1.71 -57.32 -45.01
CA GLN A 322 -2.54 -58.45 -44.59
C GLN A 322 -3.99 -57.97 -44.50
N ILE A 323 -4.81 -58.36 -45.47
CA ILE A 323 -6.24 -58.13 -45.35
C ILE A 323 -6.76 -59.03 -44.24
N VAL A 324 -7.40 -58.44 -43.24
CA VAL A 324 -7.88 -59.17 -42.07
C VAL A 324 -9.25 -58.64 -41.68
N GLY A 325 -10.19 -59.56 -41.45
CA GLY A 325 -11.50 -59.19 -40.96
C GLY A 325 -11.57 -59.23 -39.46
N HIS A 326 -12.56 -58.55 -38.90
CA HIS A 326 -12.68 -58.43 -37.46
C HIS A 326 -14.10 -58.04 -37.09
N CYS A 327 -14.71 -58.79 -36.17
CA CYS A 327 -16.03 -58.48 -35.66
C CYS A 327 -16.07 -58.77 -34.17
N TYR A 328 -16.66 -57.85 -33.41
CA TYR A 328 -16.80 -57.94 -31.97
C TYR A 328 -18.29 -58.08 -31.68
N ARG A 329 -18.74 -59.32 -31.47
CA ARG A 329 -20.15 -59.63 -31.38
C ARG A 329 -20.38 -60.58 -30.21
N GLY A 330 -21.64 -60.91 -29.98
CA GLY A 330 -22.02 -61.85 -28.95
C GLY A 330 -23.51 -62.11 -29.02
N ALA A 331 -23.92 -63.17 -28.33
CA ALA A 331 -25.30 -63.60 -28.34
C ALA A 331 -25.72 -63.97 -26.92
N PHE A 332 -27.03 -63.95 -26.68
CA PHE A 332 -27.61 -64.32 -25.40
C PHE A 332 -28.85 -65.16 -25.68
N ALA A 333 -28.70 -66.48 -25.62
CA ALA A 333 -29.78 -67.40 -25.94
C ALA A 333 -30.62 -67.66 -24.70
N ALA A 334 -31.50 -68.66 -24.76
CA ALA A 334 -32.35 -68.98 -23.63
C ALA A 334 -33.01 -70.33 -23.87
N VAL A 335 -33.68 -70.83 -22.83
CA VAL A 335 -34.44 -72.07 -22.89
C VAL A 335 -35.93 -71.83 -22.71
N GLU A 336 -36.34 -70.72 -22.10
CA GLU A 336 -37.76 -70.46 -21.91
C GLU A 336 -38.49 -70.28 -23.22
N GLU A 337 -37.78 -69.95 -24.30
CA GLU A 337 -38.42 -69.62 -25.57
C GLU A 337 -38.64 -70.82 -26.45
N ASN A 338 -37.77 -71.83 -26.37
CA ASN A 338 -37.66 -72.85 -27.40
C ASN A 338 -38.30 -74.17 -26.98
N VAL A 339 -38.86 -74.86 -27.96
CA VAL A 339 -39.48 -76.17 -27.79
C VAL A 339 -39.02 -77.06 -28.92
N GLN A 340 -38.41 -78.20 -28.58
CA GLN A 340 -37.93 -79.15 -29.56
C GLN A 340 -39.07 -80.03 -30.05
N GLU A 341 -38.95 -80.49 -31.29
CA GLU A 341 -39.84 -81.50 -31.86
C GLU A 341 -39.00 -82.64 -32.41
N ILE A 342 -39.68 -83.65 -32.93
CA ILE A 342 -39.06 -84.77 -33.63
C ILE A 342 -39.81 -84.97 -34.94
N SER A 343 -39.07 -84.96 -36.04
CA SER A 343 -39.65 -85.07 -37.37
C SER A 343 -40.68 -83.96 -37.61
N LEU B 69 -14.35 -48.40 -17.36
CA LEU B 69 -15.03 -48.43 -18.65
C LEU B 69 -16.52 -48.14 -18.48
N ARG B 70 -17.21 -47.93 -19.60
CA ARG B 70 -18.63 -47.60 -19.54
C ARG B 70 -19.43 -48.78 -19.02
N LYS B 71 -20.46 -48.48 -18.22
CA LYS B 71 -21.33 -49.49 -17.63
C LYS B 71 -22.65 -49.51 -18.39
N VAL B 72 -22.99 -50.67 -18.96
CA VAL B 72 -24.22 -50.87 -19.71
C VAL B 72 -24.95 -52.07 -19.12
N VAL B 73 -26.27 -51.97 -19.06
CA VAL B 73 -27.12 -52.96 -18.42
C VAL B 73 -27.91 -53.70 -19.50
N LEU B 74 -28.01 -55.02 -19.36
CA LEU B 74 -28.76 -55.83 -20.30
C LEU B 74 -30.24 -55.59 -20.06
N ASP B 75 -30.86 -54.78 -20.92
CA ASP B 75 -32.24 -54.36 -20.73
C ASP B 75 -33.17 -55.55 -21.02
N VAL B 76 -33.26 -56.43 -20.04
CA VAL B 76 -34.07 -57.63 -20.15
C VAL B 76 -35.47 -57.34 -19.63
N GLU B 77 -36.42 -58.19 -20.02
CA GLU B 77 -37.83 -58.03 -19.66
C GLU B 77 -38.11 -58.84 -18.40
N LEU B 78 -38.24 -58.15 -17.27
CA LEU B 78 -38.61 -58.76 -16.00
C LEU B 78 -39.72 -57.93 -15.37
N GLY B 79 -40.19 -58.36 -14.21
CA GLY B 79 -41.31 -57.77 -13.54
C GLY B 79 -42.52 -58.68 -13.59
N ARG B 80 -43.34 -58.61 -12.53
CA ARG B 80 -44.47 -59.52 -12.43
C ARG B 80 -45.52 -59.18 -13.49
N GLU B 81 -46.29 -60.21 -13.85
CA GLU B 81 -47.27 -60.05 -14.92
C GLU B 81 -48.44 -59.20 -14.46
N GLN B 82 -49.04 -58.49 -15.40
CA GLN B 82 -50.22 -57.69 -15.10
C GLN B 82 -51.43 -58.59 -14.93
N VAL B 83 -52.32 -58.22 -14.01
CA VAL B 83 -53.52 -58.98 -13.69
C VAL B 83 -54.73 -58.20 -14.21
N GLN B 84 -55.65 -58.93 -14.83
CA GLN B 84 -56.82 -58.37 -15.47
C GLN B 84 -58.09 -58.80 -14.75
N LEU B 85 -59.11 -57.95 -14.81
CA LEU B 85 -60.40 -58.23 -14.18
C LEU B 85 -61.22 -59.10 -15.11
N LEU B 86 -61.19 -60.41 -14.87
CA LEU B 86 -61.87 -61.37 -15.73
C LEU B 86 -63.33 -61.62 -15.33
N TYR B 87 -63.75 -61.19 -14.14
CA TYR B 87 -65.07 -61.49 -13.63
C TYR B 87 -66.17 -60.63 -14.27
N LYS B 88 -65.82 -59.52 -14.90
CA LYS B 88 -66.81 -58.52 -15.28
C LYS B 88 -67.93 -59.04 -16.18
N PRO B 89 -67.68 -59.86 -17.20
CA PRO B 89 -68.79 -60.32 -18.04
C PRO B 89 -69.85 -61.11 -17.29
N ILE B 90 -69.51 -61.71 -16.15
CA ILE B 90 -70.49 -62.50 -15.41
C ILE B 90 -71.35 -61.59 -14.53
N TYR B 91 -70.73 -60.91 -13.59
CA TYR B 91 -71.47 -60.23 -12.54
C TYR B 91 -72.17 -58.99 -13.05
N ASP B 92 -73.34 -58.71 -12.48
CA ASP B 92 -74.07 -57.47 -12.71
C ASP B 92 -73.66 -56.47 -11.63
N SER B 93 -72.97 -55.42 -12.04
CA SER B 93 -72.41 -54.47 -11.08
C SER B 93 -73.49 -53.63 -10.43
N ILE B 94 -73.35 -53.40 -9.12
CA ILE B 94 -74.18 -52.47 -8.36
C ILE B 94 -73.24 -51.55 -7.61
N ALA B 95 -73.27 -50.26 -7.94
CA ALA B 95 -72.37 -49.27 -7.37
C ALA B 95 -73.18 -48.25 -6.58
N ASP B 96 -72.97 -48.21 -5.27
CA ASP B 96 -73.65 -47.24 -4.42
C ASP B 96 -72.94 -47.22 -3.08
N SER B 97 -72.52 -46.03 -2.66
CA SER B 97 -71.86 -45.90 -1.36
C SER B 97 -72.84 -45.97 -0.19
N ASN B 98 -74.15 -45.94 -0.45
CA ASN B 98 -75.15 -45.97 0.60
C ASN B 98 -75.41 -47.37 1.14
N LEU B 99 -74.82 -48.40 0.55
CA LEU B 99 -75.22 -49.76 0.87
C LEU B 99 -74.86 -50.10 2.32
N PRO B 100 -75.73 -50.82 3.04
CA PRO B 100 -75.35 -51.32 4.37
C PRO B 100 -74.57 -52.62 4.25
N GLN B 101 -74.07 -53.10 5.38
CA GLN B 101 -73.24 -54.30 5.32
C GLN B 101 -74.03 -55.55 4.98
N VAL B 102 -75.34 -55.56 5.21
CA VAL B 102 -76.21 -56.68 4.87
C VAL B 102 -77.36 -56.13 4.04
N MET B 103 -77.60 -56.75 2.88
CA MET B 103 -78.55 -56.23 1.91
C MET B 103 -79.96 -56.69 2.23
N ASP B 104 -80.92 -55.88 1.81
CA ASP B 104 -82.34 -56.21 2.00
C ASP B 104 -82.70 -57.45 1.20
N ALA B 105 -83.68 -58.20 1.72
CA ALA B 105 -84.23 -59.37 1.05
C ALA B 105 -85.52 -58.99 0.36
N LYS B 106 -85.59 -59.22 -0.95
CA LYS B 106 -86.80 -58.90 -1.70
C LYS B 106 -87.92 -59.85 -1.29
N TRP B 107 -89.14 -59.32 -1.24
CA TRP B 107 -90.33 -60.06 -0.84
C TRP B 107 -91.40 -59.93 -1.90
N ALA B 108 -92.26 -60.94 -1.98
CA ALA B 108 -93.39 -60.92 -2.89
C ALA B 108 -94.50 -61.79 -2.34
N LEU B 109 -95.73 -61.48 -2.74
CA LEU B 109 -96.92 -62.18 -2.29
C LEU B 109 -97.57 -62.86 -3.48
N GLN B 110 -97.89 -64.14 -3.33
CA GLN B 110 -98.44 -64.96 -4.40
C GLN B 110 -99.63 -65.74 -3.89
N GLY B 111 -100.68 -65.80 -4.72
CA GLY B 111 -101.90 -66.49 -4.35
C GLY B 111 -102.03 -67.80 -5.10
N ASN B 112 -102.08 -68.89 -4.35
CA ASN B 112 -102.17 -70.23 -4.91
C ASN B 112 -103.62 -70.69 -4.92
N CYS B 113 -104.06 -71.25 -6.04
CA CYS B 113 -105.41 -71.78 -6.17
C CYS B 113 -105.39 -72.92 -7.18
N VAL B 114 -106.23 -73.92 -6.94
CA VAL B 114 -106.31 -75.11 -7.77
C VAL B 114 -107.77 -75.35 -8.14
N PHE B 115 -108.02 -75.63 -9.42
CA PHE B 115 -109.36 -75.87 -9.91
C PHE B 115 -109.70 -77.35 -9.79
N LEU B 116 -110.72 -77.66 -9.00
CA LEU B 116 -111.28 -79.00 -8.89
C LEU B 116 -112.67 -78.99 -9.49
N GLU B 117 -112.97 -79.95 -10.34
CA GLU B 117 -114.24 -79.96 -11.05
C GLU B 117 -115.37 -80.26 -10.08
N HIS B 118 -116.34 -79.36 -10.02
CA HIS B 118 -117.42 -79.42 -9.04
C HIS B 118 -118.46 -80.47 -9.45
N ILE B 119 -119.02 -81.15 -8.46
CA ILE B 119 -119.89 -82.29 -8.67
C ILE B 119 -121.36 -81.94 -8.45
N GLU B 120 -121.70 -80.65 -8.39
CA GLU B 120 -123.06 -80.23 -8.09
C GLU B 120 -123.49 -80.74 -6.72
N GLY B 121 -122.90 -80.20 -5.65
CA GLY B 121 -123.26 -80.58 -4.30
C GLY B 121 -122.14 -80.59 -3.27
N GLU B 122 -120.89 -80.38 -3.70
CA GLU B 122 -119.75 -80.35 -2.78
C GLU B 122 -119.30 -78.91 -2.57
N GLU B 123 -118.94 -78.58 -1.33
CA GLU B 123 -118.34 -77.29 -1.05
C GLU B 123 -117.02 -77.17 -1.79
N ILE B 124 -116.80 -76.02 -2.43
CA ILE B 124 -115.57 -75.78 -3.17
C ILE B 124 -114.47 -75.43 -2.19
N LYS B 125 -113.35 -76.14 -2.28
CA LYS B 125 -112.21 -75.87 -1.41
C LYS B 125 -111.53 -74.58 -1.84
N PHE B 126 -111.08 -73.80 -0.86
CA PHE B 126 -110.49 -72.50 -1.10
C PHE B 126 -108.97 -72.59 -1.14
N GLY B 127 -108.37 -71.64 -1.84
CA GLY B 127 -106.93 -71.57 -1.95
C GLY B 127 -106.31 -70.88 -0.76
N THR B 128 -105.00 -70.62 -0.87
CA THR B 128 -104.23 -69.95 0.17
C THR B 128 -103.28 -68.97 -0.50
N ILE B 129 -102.46 -68.33 0.33
CA ILE B 129 -101.50 -67.32 -0.12
C ILE B 129 -100.13 -67.68 0.45
N ASN B 130 -99.10 -67.57 -0.38
CA ASN B 130 -97.72 -67.84 0.01
C ASN B 130 -96.86 -66.65 -0.34
N ALA B 131 -95.80 -66.46 0.44
CA ALA B 131 -94.90 -65.33 0.30
C ALA B 131 -93.52 -65.79 -0.14
N GLU B 132 -93.03 -65.23 -1.25
CA GLU B 132 -91.70 -65.51 -1.73
C GLU B 132 -90.70 -64.60 -1.02
N ASN B 133 -89.54 -65.17 -0.69
CA ASN B 133 -88.46 -64.44 -0.03
C ASN B 133 -87.21 -64.52 -0.88
N GLY B 134 -86.58 -63.37 -1.11
CA GLY B 134 -85.37 -63.32 -1.89
C GLY B 134 -84.15 -63.73 -1.10
N PRO B 135 -83.00 -63.69 -1.74
CA PRO B 135 -81.74 -64.01 -1.06
C PRO B 135 -81.22 -62.81 -0.28
N VAL B 136 -80.16 -63.06 0.49
CA VAL B 136 -79.51 -62.06 1.33
C VAL B 136 -78.05 -61.99 0.93
N ALA B 137 -77.56 -60.78 0.73
CA ALA B 137 -76.16 -60.53 0.38
C ALA B 137 -75.51 -59.66 1.45
N ARG B 138 -74.20 -59.87 1.63
CA ARG B 138 -73.42 -59.21 2.67
C ARG B 138 -72.21 -58.53 2.04
N ILE B 139 -71.87 -57.36 2.55
CA ILE B 139 -70.72 -56.59 2.09
C ILE B 139 -69.64 -56.68 3.17
N GLN B 140 -68.43 -56.99 2.76
CA GLN B 140 -67.27 -57.16 3.64
C GLN B 140 -66.25 -56.07 3.36
N THR B 141 -65.23 -56.01 4.23
CA THR B 141 -64.16 -55.04 4.13
C THR B 141 -62.84 -55.78 3.99
N TYR B 142 -62.12 -55.50 2.91
CA TYR B 142 -60.80 -56.06 2.65
C TYR B 142 -59.77 -54.94 2.72
N ALA B 143 -58.59 -55.26 3.22
CA ALA B 143 -57.57 -54.23 3.36
C ALA B 143 -56.20 -54.86 3.53
N THR B 144 -55.18 -54.08 3.20
CA THR B 144 -53.79 -54.43 3.43
C THR B 144 -52.97 -53.16 3.29
N GLY B 145 -51.65 -53.31 3.42
CA GLY B 145 -50.79 -52.14 3.30
C GLY B 145 -49.34 -52.55 3.47
N PHE B 146 -48.48 -51.54 3.36
CA PHE B 146 -47.05 -51.70 3.57
C PHE B 146 -46.59 -50.76 4.68
N GLU B 147 -45.49 -51.13 5.31
CA GLU B 147 -44.81 -50.29 6.29
C GLU B 147 -43.36 -50.18 5.82
N TYR B 148 -43.10 -49.23 4.94
CA TYR B 148 -41.76 -49.00 4.44
C TYR B 148 -41.02 -48.06 5.39
N THR B 149 -39.83 -48.46 5.80
CA THR B 149 -39.06 -47.75 6.82
C THR B 149 -38.07 -46.79 6.16
N LYS B 150 -37.42 -45.99 7.00
CA LYS B 150 -36.33 -45.16 6.52
C LYS B 150 -35.18 -46.01 6.00
N GLU B 151 -34.89 -47.12 6.67
CA GLU B 151 -33.81 -48.01 6.23
C GLU B 151 -34.10 -48.58 4.85
N MET B 152 -35.33 -49.03 4.62
CA MET B 152 -35.71 -49.52 3.30
C MET B 152 -35.60 -48.41 2.27
N LYS B 153 -36.02 -47.20 2.63
CA LYS B 153 -35.95 -46.08 1.71
C LYS B 153 -34.51 -45.71 1.38
N ASP B 154 -33.58 -45.95 2.30
CA ASP B 154 -32.20 -45.50 2.14
C ASP B 154 -31.27 -46.57 1.59
N PHE B 155 -31.65 -47.85 1.63
CA PHE B 155 -30.78 -48.89 1.07
C PHE B 155 -30.59 -48.70 -0.42
N ASN B 156 -31.67 -48.83 -1.19
CA ASN B 156 -31.62 -48.73 -2.65
C ASN B 156 -32.33 -47.45 -3.09
N GLN B 157 -31.64 -46.67 -3.93
CA GLN B 157 -32.23 -45.44 -4.45
C GLN B 157 -33.33 -45.71 -5.46
N THR B 158 -33.40 -46.92 -6.02
CA THR B 158 -34.47 -47.26 -6.92
C THR B 158 -35.83 -47.31 -6.21
N PHE B 159 -35.84 -47.44 -4.89
CA PHE B 159 -37.09 -47.56 -4.16
C PHE B 159 -37.91 -46.29 -4.23
N SER B 160 -39.23 -46.45 -4.28
CA SER B 160 -40.16 -45.34 -4.20
C SER B 160 -41.51 -45.89 -3.77
N VAL B 161 -42.45 -44.99 -3.46
CA VAL B 161 -43.78 -45.42 -3.09
C VAL B 161 -44.55 -45.95 -4.30
N GLU B 162 -44.10 -45.65 -5.51
CA GLU B 162 -44.84 -46.03 -6.71
C GLU B 162 -44.93 -47.54 -6.84
N ILE B 163 -43.84 -48.25 -6.53
CA ILE B 163 -43.89 -49.71 -6.63
C ILE B 163 -44.85 -50.28 -5.59
N LEU B 164 -44.92 -49.66 -4.41
CA LEU B 164 -45.88 -50.10 -3.40
C LEU B 164 -47.31 -49.90 -3.90
N ASN B 165 -47.59 -48.75 -4.52
CA ASN B 165 -48.92 -48.52 -5.07
C ASN B 165 -49.23 -49.52 -6.18
N LYS B 166 -48.24 -49.84 -7.00
CA LYS B 166 -48.44 -50.82 -8.06
C LYS B 166 -48.77 -52.19 -7.46
N SER B 167 -48.06 -52.58 -6.41
CA SER B 167 -48.37 -53.84 -5.75
C SER B 167 -49.76 -53.84 -5.15
N ILE B 168 -50.16 -52.70 -4.58
CA ILE B 168 -51.51 -52.59 -4.02
C ILE B 168 -52.55 -52.80 -5.12
N GLY B 169 -52.36 -52.15 -6.27
CA GLY B 169 -53.31 -52.30 -7.35
C GLY B 169 -53.35 -53.71 -7.90
N GLU B 170 -52.19 -54.34 -8.04
CA GLU B 170 -52.14 -55.71 -8.54
C GLU B 170 -52.85 -56.67 -7.60
N SER B 171 -52.53 -56.59 -6.31
CA SER B 171 -53.18 -57.47 -5.35
C SER B 171 -54.67 -57.19 -5.27
N TYR B 172 -55.07 -55.93 -5.45
CA TYR B 172 -56.49 -55.60 -5.43
C TYR B 172 -57.22 -56.23 -6.60
N ASN B 173 -56.65 -56.16 -7.79
CA ASN B 173 -57.29 -56.79 -8.95
C ASN B 173 -57.36 -58.30 -8.78
N ALA B 174 -56.29 -58.90 -8.26
CA ALA B 174 -56.31 -60.33 -7.98
C ALA B 174 -57.41 -60.67 -6.96
N LEU B 175 -57.58 -59.82 -5.96
CA LEU B 175 -58.63 -60.05 -4.97
C LEU B 175 -60.00 -59.95 -5.60
N LEU B 176 -60.20 -58.99 -6.51
CA LEU B 176 -61.50 -58.90 -7.17
C LEU B 176 -61.81 -60.17 -7.93
N ASN B 177 -60.83 -60.66 -8.70
CA ASN B 177 -61.03 -61.92 -9.42
C ASN B 177 -61.33 -63.04 -8.44
N HIS B 178 -60.60 -63.09 -7.32
CA HIS B 178 -60.81 -64.16 -6.35
C HIS B 178 -62.21 -64.12 -5.78
N ILE B 179 -62.63 -62.96 -5.26
CA ILE B 179 -63.94 -62.84 -4.63
C ILE B 179 -65.04 -63.21 -5.61
N HIS B 180 -64.92 -62.76 -6.86
CA HIS B 180 -66.02 -62.93 -7.78
C HIS B 180 -66.05 -64.31 -8.42
N LEU B 181 -64.90 -64.98 -8.56
CA LEU B 181 -64.84 -66.25 -9.27
C LEU B 181 -64.75 -67.45 -8.34
N SER B 182 -64.03 -67.36 -7.23
CA SER B 182 -63.81 -68.51 -6.36
C SER B 182 -65.09 -69.09 -5.77
N PRO B 183 -66.21 -68.35 -5.65
CA PRO B 183 -67.47 -69.06 -5.37
C PRO B 183 -67.80 -70.11 -6.40
N ILE B 184 -67.51 -69.86 -7.68
CA ILE B 184 -67.76 -70.86 -8.71
C ILE B 184 -66.77 -72.01 -8.57
N ILE B 185 -65.51 -71.69 -8.25
CA ILE B 185 -64.47 -72.70 -8.22
C ILE B 185 -64.69 -73.67 -7.06
N ASN B 186 -64.94 -73.13 -5.86
CA ASN B 186 -64.91 -73.92 -4.64
C ASN B 186 -66.26 -74.51 -4.26
N PHE B 187 -67.32 -74.26 -5.03
CA PHE B 187 -68.62 -74.81 -4.69
C PHE B 187 -68.59 -76.32 -4.80
N ASN B 188 -69.32 -76.98 -3.90
CA ASN B 188 -69.46 -78.44 -3.91
C ASN B 188 -70.61 -78.80 -4.83
N TYR B 189 -70.31 -78.92 -6.12
CA TYR B 189 -71.35 -79.22 -7.10
C TYR B 189 -71.92 -80.61 -6.88
N LYS B 190 -73.23 -80.72 -7.02
CA LYS B 190 -73.92 -82.00 -6.90
C LYS B 190 -74.01 -82.67 -8.26
N ALA B 191 -74.64 -83.84 -8.30
CA ALA B 191 -74.75 -84.59 -9.55
C ALA B 191 -75.56 -83.82 -10.59
N SER B 192 -76.46 -82.96 -10.15
CA SER B 192 -77.27 -82.20 -11.10
C SER B 192 -76.42 -81.28 -11.96
N ASN B 193 -75.42 -80.64 -11.36
CA ASN B 193 -74.62 -79.63 -12.03
C ASN B 193 -73.30 -80.16 -12.57
N LYS B 194 -73.03 -81.46 -12.46
CA LYS B 194 -71.78 -82.05 -12.91
C LYS B 194 -72.03 -82.89 -14.15
N THR B 195 -71.24 -82.66 -15.19
CA THR B 195 -71.26 -83.44 -16.42
C THR B 195 -69.87 -84.00 -16.67
N ALA B 196 -69.79 -85.30 -16.92
CA ALA B 196 -68.52 -86.00 -17.02
C ALA B 196 -67.97 -85.95 -18.43
N PHE B 197 -66.65 -86.03 -18.53
CA PHE B 197 -65.99 -86.12 -19.83
C PHE B 197 -66.43 -87.41 -20.53
N LYS B 198 -66.63 -87.32 -21.85
CA LYS B 198 -67.23 -88.39 -22.63
C LYS B 198 -66.42 -88.71 -23.86
N GLY B 199 -65.10 -88.85 -23.71
CA GLY B 199 -64.28 -89.33 -24.81
C GLY B 199 -64.67 -90.74 -25.20
N THR B 201 -65.33 -90.90 -26.35
CA THR B 201 -65.93 -92.18 -26.70
C THR B 201 -64.87 -93.26 -26.88
N ASN B 202 -64.00 -93.10 -27.87
CA ASN B 202 -62.96 -94.09 -28.14
C ASN B 202 -61.91 -93.50 -29.07
N ASP B 203 -60.67 -93.43 -28.59
CA ASP B 203 -59.50 -92.82 -29.22
C ASP B 203 -59.84 -91.59 -30.06
N PRO B 204 -60.58 -90.62 -29.52
CA PRO B 204 -60.95 -89.47 -30.34
C PRO B 204 -59.87 -88.40 -30.35
N ILE B 205 -59.85 -87.63 -31.44
CA ILE B 205 -59.06 -86.40 -31.45
C ILE B 205 -59.52 -85.54 -30.27
N TRP B 206 -58.60 -84.72 -29.76
CA TRP B 206 -58.86 -84.00 -28.51
C TRP B 206 -60.00 -82.99 -28.64
N LEU B 207 -60.46 -82.67 -29.84
CA LEU B 207 -61.67 -81.88 -30.01
C LEU B 207 -62.95 -82.68 -29.80
N GLY B 208 -62.86 -83.87 -29.20
CA GLY B 208 -64.01 -84.50 -28.58
C GLY B 208 -64.50 -83.81 -27.33
N ILE B 209 -63.77 -82.79 -26.85
CA ILE B 209 -64.32 -81.88 -25.84
C ILE B 209 -65.55 -81.18 -26.37
N TRP B 210 -65.66 -81.04 -27.70
CA TRP B 210 -66.86 -80.46 -28.31
C TRP B 210 -68.12 -81.16 -27.84
N ARG B 211 -68.11 -82.49 -27.85
CA ARG B 211 -69.31 -83.21 -27.45
C ARG B 211 -69.57 -83.08 -25.96
N THR B 212 -68.51 -82.87 -25.16
CA THR B 212 -68.71 -82.59 -23.74
C THR B 212 -69.38 -81.25 -23.54
N LEU B 213 -68.96 -80.22 -24.27
CA LEU B 213 -69.56 -78.90 -24.11
C LEU B 213 -71.02 -78.92 -24.55
N THR B 214 -71.34 -79.62 -25.63
CA THR B 214 -72.73 -79.72 -26.05
C THR B 214 -73.57 -80.40 -24.98
N GLN B 215 -73.03 -81.45 -24.36
CA GLN B 215 -73.74 -82.10 -23.28
C GLN B 215 -73.94 -81.15 -22.10
N ALA B 216 -72.96 -80.27 -21.85
CA ALA B 216 -73.15 -79.26 -20.83
C ALA B 216 -74.29 -78.32 -21.20
N GLN B 217 -74.37 -77.92 -22.47
CA GLN B 217 -75.49 -77.09 -22.90
C GLN B 217 -76.81 -77.83 -22.76
N LYS B 218 -76.83 -79.13 -23.09
CA LYS B 218 -78.06 -79.90 -22.92
C LYS B 218 -78.46 -79.96 -21.45
N ASP B 219 -77.47 -80.05 -20.55
CA ASP B 219 -77.79 -80.07 -19.12
C ASP B 219 -78.40 -78.74 -18.67
N THR B 220 -77.86 -77.63 -19.14
CA THR B 220 -78.43 -76.34 -18.76
C THR B 220 -79.82 -76.16 -19.34
N VAL B 221 -79.98 -76.46 -20.64
CA VAL B 221 -81.26 -76.20 -21.29
C VAL B 221 -82.34 -77.13 -20.76
N ILE B 222 -82.02 -78.41 -20.56
CA ILE B 222 -83.01 -79.33 -20.01
C ILE B 222 -83.36 -78.94 -18.58
N ALA B 223 -82.41 -78.33 -17.85
CA ALA B 223 -82.66 -77.78 -16.53
C ALA B 223 -83.13 -76.34 -16.57
N LYS B 224 -83.41 -75.80 -17.76
CA LYS B 224 -83.90 -74.43 -17.94
C LYS B 224 -82.90 -73.39 -17.45
N ARG B 225 -81.61 -73.73 -17.47
CA ARG B 225 -80.54 -72.75 -17.41
C ARG B 225 -80.08 -72.47 -18.83
N GLN B 226 -79.16 -71.51 -18.96
CA GLN B 226 -78.54 -71.22 -20.26
C GLN B 226 -77.12 -70.77 -19.99
N GLY B 227 -76.16 -71.61 -20.37
CA GLY B 227 -74.76 -71.30 -20.12
C GLY B 227 -74.15 -70.41 -21.17
N ASN B 228 -74.48 -69.11 -21.12
CA ASN B 228 -73.97 -68.19 -22.12
C ASN B 228 -72.47 -67.96 -21.98
N ILE B 229 -71.89 -68.24 -20.82
CA ILE B 229 -70.47 -67.99 -20.56
C ILE B 229 -69.83 -69.31 -20.13
N LEU B 230 -68.56 -69.46 -20.52
CA LEU B 230 -67.74 -70.59 -20.15
C LEU B 230 -66.51 -70.08 -19.40
N MET B 231 -66.04 -70.89 -18.45
CA MET B 231 -64.83 -70.58 -17.70
C MET B 231 -63.99 -71.85 -17.62
N ALA B 232 -62.71 -71.73 -18.00
CA ALA B 232 -61.81 -72.87 -18.00
C ALA B 232 -60.40 -72.35 -17.76
N SER B 233 -59.45 -73.28 -17.65
CA SER B 233 -58.07 -72.91 -17.41
C SER B 233 -57.41 -72.48 -18.72
N SER B 234 -56.28 -71.79 -18.59
CA SER B 234 -55.51 -71.43 -19.78
C SER B 234 -54.86 -72.65 -20.42
N ALA B 235 -54.67 -73.73 -19.66
CA ALA B 235 -54.02 -74.91 -20.21
C ALA B 235 -54.82 -75.51 -21.36
N ASP B 236 -56.13 -75.59 -21.20
CA ASP B 236 -57.02 -76.17 -22.21
C ASP B 236 -57.59 -75.13 -23.16
N GLN B 237 -56.93 -73.99 -23.32
CA GLN B 237 -57.52 -72.91 -24.10
C GLN B 237 -57.58 -73.25 -25.59
N ILE B 238 -56.49 -73.79 -26.14
CA ILE B 238 -56.42 -73.99 -27.58
C ILE B 238 -57.48 -74.98 -28.04
N GLU B 239 -57.65 -76.07 -27.30
CA GLU B 239 -58.65 -77.04 -27.69
C GLU B 239 -60.06 -76.51 -27.54
N ILE B 240 -60.27 -75.48 -26.72
CA ILE B 240 -61.61 -74.95 -26.53
C ILE B 240 -62.05 -74.15 -27.76
N GLU B 241 -61.20 -73.25 -28.26
CA GLU B 241 -61.58 -72.53 -29.48
C GLU B 241 -61.70 -73.48 -30.66
N MET B 242 -60.84 -74.50 -30.73
CA MET B 242 -60.99 -75.52 -31.75
C MET B 242 -62.31 -76.26 -31.59
N ALA B 243 -62.70 -76.55 -30.34
CA ALA B 243 -63.98 -77.21 -30.10
C ALA B 243 -65.13 -76.25 -30.29
N LEU B 244 -64.97 -74.99 -29.86
CA LEU B 244 -66.05 -74.02 -29.99
C LEU B 244 -66.38 -73.77 -31.45
N ASN B 245 -65.37 -73.46 -32.25
CA ASN B 245 -65.58 -73.35 -33.69
C ASN B 245 -65.94 -74.73 -34.25
N GLY B 246 -66.52 -74.72 -35.44
CA GLY B 246 -66.80 -75.97 -36.12
C GLY B 246 -65.52 -76.73 -36.36
N GLY B 247 -65.33 -77.83 -35.65
CA GLY B 247 -64.12 -78.61 -35.81
C GLY B 247 -63.96 -79.11 -37.23
N HIS B 248 -62.71 -79.28 -37.64
CA HIS B 248 -62.42 -79.65 -39.01
C HIS B 248 -63.06 -81.00 -39.35
N LEU B 249 -63.31 -81.21 -40.64
CA LEU B 249 -63.91 -82.45 -41.10
C LEU B 249 -63.04 -83.63 -40.66
N LEU B 250 -63.69 -84.69 -40.21
CA LEU B 250 -62.98 -85.83 -39.63
C LEU B 250 -63.76 -87.09 -39.93
N ASN B 251 -63.18 -87.96 -40.77
CA ASN B 251 -63.77 -89.26 -41.09
C ASN B 251 -65.18 -89.12 -41.67
N GLY B 252 -65.37 -88.10 -42.50
CA GLY B 252 -66.68 -87.87 -43.09
C GLY B 252 -67.75 -87.56 -42.06
N SER B 253 -67.40 -86.74 -41.05
CA SER B 253 -68.36 -86.36 -40.02
C SER B 253 -67.99 -84.94 -39.58
N MET B 254 -68.78 -83.97 -40.02
CA MET B 254 -68.55 -82.56 -39.73
C MET B 254 -69.42 -82.16 -38.54
N TYR B 255 -68.77 -81.70 -37.46
CA TYR B 255 -69.47 -81.28 -36.26
C TYR B 255 -69.73 -79.78 -36.30
N PRO B 256 -70.96 -79.30 -36.11
CA PRO B 256 -71.21 -77.86 -36.21
C PRO B 256 -70.60 -77.10 -35.04
N SER B 257 -70.38 -75.82 -35.26
CA SER B 257 -69.80 -74.96 -34.24
C SER B 257 -70.75 -74.83 -33.05
N ILE B 258 -70.17 -74.65 -31.86
CA ILE B 258 -70.94 -74.35 -30.66
C ILE B 258 -71.24 -72.85 -30.68
N LYS B 259 -72.52 -72.51 -30.73
CA LYS B 259 -72.94 -71.15 -31.05
C LYS B 259 -73.25 -70.30 -29.81
N ASN B 260 -74.04 -70.84 -28.88
CA ASN B 260 -74.60 -70.00 -27.82
C ASN B 260 -73.57 -69.50 -26.83
N ILE B 261 -72.37 -70.08 -26.78
CA ILE B 261 -71.34 -69.61 -25.85
C ILE B 261 -70.79 -68.29 -26.39
N SER B 262 -71.24 -67.18 -25.80
CA SER B 262 -70.84 -65.87 -26.28
C SER B 262 -69.34 -65.65 -26.12
N THR B 263 -68.79 -66.04 -24.97
CA THR B 263 -67.37 -65.84 -24.72
C THR B 263 -66.92 -66.84 -23.66
N VAL B 264 -65.60 -66.99 -23.55
CA VAL B 264 -64.96 -67.90 -22.62
C VAL B 264 -63.93 -67.12 -21.82
N ILE B 265 -63.89 -67.35 -20.51
CA ILE B 265 -63.00 -66.66 -19.60
C ILE B 265 -61.92 -67.64 -19.17
N TYR B 266 -60.66 -67.30 -19.42
CA TYR B 266 -59.52 -68.11 -19.02
C TYR B 266 -58.95 -67.51 -17.75
N TYR B 267 -59.20 -68.16 -16.62
CA TYR B 267 -58.84 -67.66 -15.30
C TYR B 267 -57.92 -68.67 -14.62
N ASP B 268 -56.62 -68.43 -14.71
CA ASP B 268 -55.66 -69.13 -13.89
C ASP B 268 -55.59 -68.48 -12.51
N GLY B 269 -54.89 -69.14 -11.59
CA GLY B 269 -54.81 -68.65 -10.24
C GLY B 269 -54.00 -67.37 -10.09
N TRP B 270 -53.50 -67.12 -8.89
CA TRP B 270 -52.62 -65.99 -8.64
C TRP B 270 -51.93 -66.23 -7.31
N GLU B 271 -50.60 -66.27 -7.33
CA GLU B 271 -49.79 -66.56 -6.16
C GLU B 271 -48.86 -65.40 -5.87
N VAL B 272 -48.71 -65.08 -4.59
CA VAL B 272 -47.81 -64.02 -4.14
C VAL B 272 -47.08 -64.52 -2.90
N THR B 273 -45.79 -64.22 -2.83
CA THR B 273 -44.96 -64.55 -1.67
C THR B 273 -44.74 -63.27 -0.88
N VAL B 274 -45.34 -63.22 0.32
CA VAL B 274 -45.18 -62.10 1.23
C VAL B 274 -44.46 -62.63 2.46
N GLY B 275 -43.34 -62.01 2.80
CA GLY B 275 -42.55 -62.43 3.95
C GLY B 275 -42.15 -63.90 3.84
N LYS B 276 -42.75 -64.73 4.69
CA LYS B 276 -42.56 -66.17 4.66
C LYS B 276 -43.88 -66.91 4.47
N LYS B 277 -44.90 -66.24 3.95
CA LYS B 277 -46.21 -66.82 3.70
C LYS B 277 -46.54 -66.67 2.22
N THR B 278 -47.10 -67.73 1.64
CA THR B 278 -47.53 -67.74 0.25
C THR B 278 -49.03 -67.81 0.21
N TYR B 279 -49.66 -66.82 -0.42
CA TYR B 279 -51.11 -66.75 -0.56
C TYR B 279 -51.46 -66.99 -2.02
N SER B 280 -52.26 -68.01 -2.26
CA SER B 280 -52.58 -68.45 -3.61
C SER B 280 -54.10 -68.50 -3.79
N TYR B 281 -54.60 -67.73 -4.75
CA TYR B 281 -56.00 -67.82 -5.15
C TYR B 281 -56.10 -68.89 -6.22
N LYS B 282 -56.59 -70.07 -5.83
CA LYS B 282 -56.65 -71.19 -6.73
C LYS B 282 -57.57 -70.90 -7.91
N GLY B 283 -57.00 -70.80 -9.10
CA GLY B 283 -57.79 -70.57 -10.29
C GLY B 283 -58.50 -71.83 -10.73
N VAL B 284 -58.94 -71.86 -11.99
CA VAL B 284 -59.63 -73.05 -12.50
C VAL B 284 -58.65 -74.20 -12.56
N THR B 285 -59.03 -75.34 -12.00
CA THR B 285 -58.20 -76.52 -12.11
C THR B 285 -58.11 -76.93 -13.58
N PRO B 286 -56.92 -77.29 -14.07
CA PRO B 286 -56.83 -77.71 -15.48
C PRO B 286 -57.68 -78.94 -15.73
N GLY B 287 -58.30 -78.98 -16.91
CA GLY B 287 -59.25 -80.03 -17.23
C GLY B 287 -60.67 -79.61 -16.92
N LYS B 288 -60.95 -79.32 -15.66
CA LYS B 288 -62.30 -78.95 -15.27
C LYS B 288 -62.65 -77.57 -15.81
N GLY B 289 -63.90 -77.42 -16.25
CA GLY B 289 -64.39 -76.15 -16.74
C GLY B 289 -65.79 -75.89 -16.23
N TYR B 290 -66.16 -74.62 -16.20
CA TYR B 290 -67.42 -74.16 -15.63
C TYR B 290 -68.20 -73.37 -16.67
N LEU B 291 -69.50 -73.65 -16.75
CA LEU B 291 -70.41 -72.97 -17.66
C LEU B 291 -71.44 -72.20 -16.82
N ILE B 292 -71.65 -70.93 -17.16
CA ILE B 292 -72.30 -69.98 -16.28
C ILE B 292 -73.39 -69.24 -17.04
N ARG B 293 -74.51 -68.98 -16.37
CA ARG B 293 -75.49 -68.01 -16.83
C ARG B 293 -75.12 -66.66 -16.21
N PRO B 294 -74.72 -65.65 -16.98
CA PRO B 294 -73.87 -64.60 -16.41
C PRO B 294 -74.51 -63.70 -15.35
N LYS B 295 -75.59 -63.01 -15.68
CA LYS B 295 -75.98 -61.82 -14.94
C LYS B 295 -77.11 -62.05 -13.95
N ARG B 296 -77.94 -63.08 -14.15
CA ARG B 296 -79.15 -63.23 -13.35
C ARG B 296 -78.81 -63.46 -11.88
N GLY B 297 -77.96 -64.45 -11.61
CA GLY B 297 -77.64 -64.87 -10.26
C GLY B 297 -76.31 -64.40 -9.70
N PHE B 298 -75.66 -63.42 -10.33
CA PHE B 298 -74.37 -62.91 -9.89
C PHE B 298 -74.46 -61.39 -9.78
N LYS B 299 -74.50 -60.89 -8.55
CA LYS B 299 -74.59 -59.46 -8.27
C LYS B 299 -73.33 -59.03 -7.55
N GLU B 300 -72.64 -58.05 -8.10
CA GLU B 300 -71.47 -57.45 -7.46
C GLU B 300 -71.92 -56.18 -6.74
N LEU B 301 -71.50 -56.04 -5.49
CA LEU B 301 -71.87 -54.93 -4.63
C LEU B 301 -70.63 -54.08 -4.39
N ILE B 302 -70.62 -52.88 -4.94
CA ILE B 302 -69.49 -51.96 -4.87
C ILE B 302 -69.90 -50.80 -3.98
N LYS B 303 -69.43 -50.82 -2.73
CA LYS B 303 -69.63 -49.71 -1.82
C LYS B 303 -68.47 -48.72 -1.87
N ARG B 304 -67.25 -49.22 -2.02
CA ARG B 304 -66.07 -48.38 -2.11
C ARG B 304 -65.02 -49.18 -2.86
N ASP B 305 -64.72 -48.77 -4.10
CA ASP B 305 -63.90 -49.60 -4.97
C ASP B 305 -62.50 -49.78 -4.41
N LEU B 306 -61.81 -48.69 -4.09
CA LEU B 306 -60.48 -48.76 -3.49
C LEU B 306 -60.07 -47.37 -3.07
N THR B 307 -59.48 -47.27 -1.88
CA THR B 307 -58.98 -46.00 -1.37
C THR B 307 -57.73 -46.26 -0.56
N THR B 308 -56.63 -45.65 -0.96
CA THR B 308 -55.34 -45.79 -0.31
C THR B 308 -55.00 -44.50 0.42
N GLU B 309 -54.49 -44.62 1.64
CA GLU B 309 -54.17 -43.47 2.47
C GLU B 309 -52.86 -43.74 3.20
N VAL B 310 -52.19 -42.64 3.57
CA VAL B 310 -50.85 -42.67 4.14
C VAL B 310 -50.82 -41.72 5.34
N GLY B 311 -50.16 -42.13 6.41
CA GLY B 311 -50.08 -41.29 7.58
C GLY B 311 -48.95 -41.72 8.50
N ASN B 312 -48.43 -40.75 9.25
CA ASN B 312 -47.36 -40.97 10.23
C ASN B 312 -47.65 -40.21 11.51
N ALA B 313 -48.90 -40.29 11.98
CA ALA B 313 -49.32 -39.49 13.13
C ALA B 313 -48.57 -39.86 14.40
N ASP B 314 -48.40 -41.18 14.64
CA ASP B 314 -47.82 -41.66 15.89
C ASP B 314 -46.88 -42.84 15.67
N LEU B 315 -46.28 -42.93 14.49
CA LEU B 315 -45.42 -44.06 14.17
C LEU B 315 -44.02 -43.85 14.72
N SER B 316 -43.20 -44.90 14.61
CA SER B 316 -41.85 -44.87 15.12
C SER B 316 -40.99 -43.89 14.34
N LYS B 317 -39.88 -43.48 14.94
CA LYS B 317 -38.96 -42.58 14.27
C LYS B 317 -38.32 -43.26 13.06
N LEU B 318 -38.03 -44.55 13.16
CA LEU B 318 -37.40 -45.28 12.06
C LEU B 318 -38.39 -45.68 10.97
N VAL B 319 -39.69 -45.58 11.22
CA VAL B 319 -40.71 -46.00 10.26
C VAL B 319 -41.22 -44.77 9.53
N GLU B 320 -41.05 -44.74 8.21
CA GLU B 320 -41.69 -43.73 7.40
C GLU B 320 -43.19 -43.98 7.36
N ASN B 321 -43.92 -43.01 6.81
CA ASN B 321 -45.37 -43.07 6.78
C ASN B 321 -45.88 -44.32 6.09
N GLN B 322 -46.51 -45.22 6.84
CA GLN B 322 -47.00 -46.46 6.26
C GLN B 322 -48.21 -46.19 5.37
N ILE B 323 -48.38 -47.06 4.38
CA ILE B 323 -49.42 -46.92 3.36
C ILE B 323 -50.41 -48.06 3.54
N VAL B 324 -51.70 -47.73 3.56
CA VAL B 324 -52.77 -48.68 3.82
C VAL B 324 -53.86 -48.46 2.79
N GLY B 325 -54.40 -49.57 2.27
CA GLY B 325 -55.52 -49.51 1.35
C GLY B 325 -56.62 -50.44 1.79
N HIS B 326 -57.85 -50.04 1.51
CA HIS B 326 -59.02 -50.80 1.90
C HIS B 326 -60.13 -50.60 0.89
N CYS B 327 -61.09 -51.52 0.89
CA CYS B 327 -62.22 -51.43 -0.03
C CYS B 327 -63.39 -52.19 0.56
N TYR B 328 -64.57 -51.56 0.50
CA TYR B 328 -65.82 -52.20 0.88
C TYR B 328 -66.42 -52.86 -0.36
N ARG B 329 -66.66 -54.16 -0.28
CA ARG B 329 -67.10 -54.90 -1.46
C ARG B 329 -67.82 -56.16 -1.01
N GLY B 330 -68.68 -56.66 -1.90
CA GLY B 330 -69.41 -57.87 -1.62
C GLY B 330 -69.93 -58.47 -2.91
N ALA B 331 -70.04 -59.79 -2.92
CA ALA B 331 -70.46 -60.52 -4.11
C ALA B 331 -71.43 -61.61 -3.71
N PHE B 332 -72.47 -61.81 -4.53
CA PHE B 332 -73.50 -62.83 -4.30
C PHE B 332 -73.42 -63.85 -5.43
N ALA B 333 -73.03 -65.08 -5.08
CA ALA B 333 -72.90 -66.15 -6.05
C ALA B 333 -74.19 -66.97 -6.06
N ALA B 334 -74.18 -68.11 -6.75
CA ALA B 334 -75.37 -68.96 -6.78
C ALA B 334 -75.00 -70.33 -7.33
N VAL B 335 -75.90 -71.29 -7.09
CA VAL B 335 -75.87 -72.61 -7.73
C VAL B 335 -76.92 -72.73 -8.83
N GLU B 336 -77.84 -71.76 -8.95
CA GLU B 336 -78.84 -71.75 -10.00
C GLU B 336 -78.25 -71.60 -11.39
N GLU B 337 -76.97 -71.22 -11.52
CA GLU B 337 -76.40 -70.79 -12.78
C GLU B 337 -75.24 -71.63 -13.29
N ASN B 338 -74.60 -72.43 -12.45
CA ASN B 338 -73.33 -73.07 -12.80
C ASN B 338 -73.53 -74.55 -13.13
N VAL B 339 -72.82 -75.00 -14.17
CA VAL B 339 -72.67 -76.41 -14.50
C VAL B 339 -71.19 -76.69 -14.64
N GLN B 340 -70.72 -77.74 -13.98
CA GLN B 340 -69.30 -78.03 -13.84
C GLN B 340 -68.91 -79.11 -14.85
N GLU B 341 -68.08 -78.74 -15.81
CA GLU B 341 -67.59 -79.65 -16.84
C GLU B 341 -66.23 -80.23 -16.44
N ILE B 342 -65.93 -81.40 -17.00
CA ILE B 342 -64.63 -82.05 -16.86
C ILE B 342 -64.04 -82.21 -18.24
N SER B 343 -62.80 -81.78 -18.41
CA SER B 343 -62.13 -81.76 -19.71
C SER B 343 -62.96 -80.96 -20.72
N THR C 16 -11.82 26.72 47.19
CA THR C 16 -12.13 25.75 48.22
C THR C 16 -13.16 26.31 49.21
N ARG C 17 -14.00 25.43 49.75
CA ARG C 17 -15.02 25.81 50.72
C ARG C 17 -15.07 24.75 51.81
N ALA C 18 -15.13 25.20 53.06
CA ALA C 18 -15.26 24.26 54.17
C ALA C 18 -16.58 23.50 54.08
N LYS C 19 -17.67 24.21 53.80
CA LYS C 19 -18.97 23.57 53.65
C LYS C 19 -18.98 22.73 52.38
N ILE C 20 -19.39 21.47 52.51
CA ILE C 20 -19.41 20.54 51.39
C ILE C 20 -20.84 20.10 51.11
N SER C 21 -21.67 20.06 52.16
CA SER C 21 -23.07 19.72 52.00
C SER C 21 -23.84 20.36 53.14
N ASP C 22 -25.15 20.49 52.95
CA ASP C 22 -25.99 21.17 53.94
C ASP C 22 -26.10 20.40 55.24
N GLY C 23 -25.67 19.14 55.29
CA GLY C 23 -25.71 18.39 56.52
C GLY C 23 -27.08 17.83 56.87
N LYS C 24 -28.04 17.88 55.95
CA LYS C 24 -29.35 17.31 56.24
C LYS C 24 -29.28 15.80 56.35
N SER C 25 -28.35 15.16 55.62
CA SER C 25 -28.17 13.71 55.65
C SER C 25 -26.70 13.38 55.79
N VAL C 26 -26.43 12.23 56.38
CA VAL C 26 -25.08 11.77 56.67
C VAL C 26 -24.98 10.29 56.33
N ARG C 27 -23.89 9.90 55.68
CA ARG C 27 -23.64 8.52 55.33
C ARG C 27 -22.98 7.79 56.50
N VAL C 28 -23.26 6.50 56.61
CA VAL C 28 -22.65 5.63 57.61
C VAL C 28 -22.43 4.27 56.98
N ILE C 29 -21.66 3.43 57.69
CA ILE C 29 -21.35 2.07 57.27
C ILE C 29 -21.86 1.12 58.34
N LEU C 30 -22.65 0.14 57.93
CA LEU C 30 -23.25 -0.79 58.88
C LEU C 30 -22.18 -1.75 59.41
N SER C 31 -22.27 -2.05 60.70
CA SER C 31 -21.36 -2.99 61.35
C SER C 31 -21.88 -4.40 61.16
N GLU C 32 -21.28 -5.36 61.87
CA GLU C 32 -21.67 -6.75 61.76
C GLU C 32 -22.91 -7.10 62.58
N GLY C 33 -23.32 -6.24 63.51
CA GLY C 33 -24.50 -6.48 64.33
C GLY C 33 -25.62 -5.50 64.09
N GLU C 34 -25.64 -4.89 62.89
CA GLU C 34 -26.59 -3.84 62.56
C GLU C 34 -27.25 -4.14 61.22
N SER C 35 -28.53 -3.80 61.11
CA SER C 35 -29.25 -3.95 59.85
C SER C 35 -30.42 -2.98 59.88
N THR C 36 -30.57 -2.20 58.80
CA THR C 36 -31.52 -1.10 58.74
C THR C 36 -32.44 -1.26 57.54
N LYS C 37 -33.72 -0.95 57.76
CA LYS C 37 -34.74 -0.97 56.72
C LYS C 37 -35.25 0.45 56.49
N THR C 38 -35.88 0.65 55.35
CA THR C 38 -36.19 1.99 54.87
C THR C 38 -37.16 2.71 55.81
N GLN C 39 -36.87 3.98 56.06
CA GLN C 39 -37.73 4.88 56.83
C GLN C 39 -38.02 4.32 58.23
N GLN C 40 -36.93 4.12 58.98
CA GLN C 40 -37.03 3.75 60.38
C GLN C 40 -35.83 4.33 61.11
N PHE C 41 -35.99 4.48 62.42
CA PHE C 41 -34.96 5.12 63.23
C PHE C 41 -33.89 4.13 63.64
N TYR C 42 -32.63 4.53 63.50
CA TYR C 42 -31.51 3.65 63.81
C TYR C 42 -30.33 4.48 64.28
N LEU C 43 -29.80 4.13 65.44
CA LEU C 43 -28.61 4.79 65.99
C LEU C 43 -27.39 4.03 65.48
N ILE C 44 -26.70 4.62 64.52
CA ILE C 44 -25.56 3.98 63.86
C ILE C 44 -24.38 4.94 63.94
N ASN C 45 -23.29 4.48 64.56
CA ASN C 45 -22.04 5.25 64.64
C ASN C 45 -22.27 6.62 65.25
N GLY C 46 -23.03 6.66 66.33
CA GLY C 46 -23.27 7.90 67.04
C GLY C 46 -24.24 8.85 66.39
N PHE C 47 -24.78 8.52 65.22
CA PHE C 47 -25.75 9.34 64.52
C PHE C 47 -27.12 8.68 64.64
N PHE C 48 -28.11 9.45 65.07
CA PHE C 48 -29.48 8.99 65.18
C PHE C 48 -30.31 9.64 64.09
N GLY C 49 -30.84 8.83 63.18
CA GLY C 49 -31.56 9.38 62.06
C GLY C 49 -32.47 8.35 61.42
N VAL C 50 -33.09 8.77 60.32
CA VAL C 50 -34.02 7.93 59.56
C VAL C 50 -33.29 7.44 58.33
N ALA C 51 -33.18 6.13 58.20
CA ALA C 51 -32.42 5.54 57.10
C ALA C 51 -33.23 5.57 55.81
N MET C 52 -32.63 6.12 54.76
CA MET C 52 -33.28 6.21 53.46
C MET C 52 -33.05 4.99 52.58
N GLN C 53 -32.30 3.99 53.05
CA GLN C 53 -32.03 2.78 52.29
C GLN C 53 -32.13 1.57 53.20
N ASP C 54 -32.46 0.43 52.60
CA ASP C 54 -32.47 -0.84 53.30
C ASP C 54 -31.06 -1.40 53.28
N GLY C 55 -30.42 -1.45 54.45
CA GLY C 55 -29.00 -1.75 54.56
C GLY C 55 -28.73 -3.12 55.14
N GLU C 56 -27.60 -3.71 54.73
CA GLU C 56 -27.14 -5.01 55.18
C GLU C 56 -25.74 -4.80 55.76
N LYS C 57 -25.14 -5.87 56.30
CA LYS C 57 -23.85 -5.77 56.97
C LYS C 57 -22.80 -5.19 56.04
N GLY C 58 -22.02 -4.24 56.57
CA GLY C 58 -20.96 -3.62 55.79
C GLY C 58 -21.42 -2.80 54.62
N ASP C 59 -22.70 -2.45 54.54
CA ASP C 59 -23.25 -1.65 53.46
C ASP C 59 -23.35 -0.20 53.89
N GLU C 60 -23.41 0.68 52.90
CA GLU C 60 -23.49 2.12 53.11
C GLU C 60 -24.93 2.59 53.00
N VAL C 61 -25.41 3.31 54.00
CA VAL C 61 -26.74 3.88 54.01
C VAL C 61 -26.64 5.35 54.42
N THR C 62 -27.70 6.09 54.12
CA THR C 62 -27.79 7.51 54.42
C THR C 62 -28.87 7.74 55.46
N LEU C 63 -28.53 8.43 56.53
CA LEU C 63 -29.46 8.80 57.59
C LEU C 63 -29.94 10.23 57.40
N GLN C 64 -30.99 10.58 58.13
CA GLN C 64 -31.53 11.93 58.15
C GLN C 64 -31.31 12.54 59.54
N ILE C 65 -30.71 13.72 59.57
CA ILE C 65 -30.45 14.46 60.80
C ILE C 65 -31.03 15.85 60.67
N GLU C 66 -32.14 15.96 59.93
CA GLU C 66 -32.64 17.21 59.39
C GLU C 66 -33.20 18.18 60.44
N GLN C 67 -33.24 17.82 61.72
CA GLN C 67 -33.87 18.66 62.75
C GLN C 67 -35.35 18.86 62.47
N ALA C 68 -35.96 17.91 61.78
CA ALA C 68 -37.34 18.06 61.32
C ALA C 68 -38.30 17.40 62.29
N GLU C 69 -39.58 17.72 62.14
CA GLU C 69 -40.62 17.01 62.86
C GLU C 69 -40.81 15.64 62.23
N TYR C 70 -40.81 14.61 63.07
CA TYR C 70 -40.84 13.22 62.60
C TYR C 70 -41.98 12.46 63.26
N GLU C 71 -42.60 11.58 62.49
CA GLU C 71 -43.68 10.72 62.96
C GLU C 71 -43.14 9.33 63.25
N THR C 72 -43.65 8.72 64.31
CA THR C 72 -43.21 7.37 64.65
C THR C 72 -44.14 6.79 65.71
N ASP C 73 -44.36 5.49 65.62
CA ASP C 73 -45.05 4.72 66.65
C ASP C 73 -44.14 3.74 67.35
N ASN C 74 -42.85 3.70 67.01
CA ASN C 74 -41.90 2.76 67.61
C ASN C 74 -41.51 3.26 68.99
N ILE C 75 -42.47 3.16 69.91
CA ILE C 75 -42.33 3.69 71.26
C ILE C 75 -42.67 2.59 72.26
N VAL C 76 -42.17 2.77 73.48
CA VAL C 76 -42.64 1.96 74.59
C VAL C 76 -44.01 2.47 75.01
N THR C 77 -44.99 1.58 75.05
CA THR C 77 -46.39 1.96 75.20
C THR C 77 -46.83 1.95 76.66
N SER C 78 -45.91 2.16 77.60
CA SER C 78 -46.22 2.08 79.02
C SER C 78 -46.55 3.42 79.65
N GLU C 79 -45.95 4.51 79.16
CA GLU C 79 -46.09 5.83 79.78
C GLU C 79 -46.56 6.83 78.74
N ALA C 80 -47.29 7.85 79.22
CA ALA C 80 -47.86 8.86 78.35
C ALA C 80 -46.76 9.78 77.84
N PHE C 81 -46.77 10.02 76.53
CA PHE C 81 -45.82 10.94 75.90
C PHE C 81 -46.47 12.31 75.70
N GLU C 82 -46.83 12.94 76.80
CA GLU C 82 -47.52 14.23 76.71
C GLU C 82 -46.60 15.26 76.06
N ALA C 83 -47.22 16.19 75.33
CA ALA C 83 -46.47 17.11 74.49
C ALA C 83 -45.52 17.97 75.32
N GLY C 84 -44.31 18.15 74.80
CA GLY C 84 -43.26 18.89 75.45
C GLY C 84 -42.22 18.03 76.13
N LYS C 85 -42.59 16.81 76.54
CA LYS C 85 -41.65 15.95 77.22
C LYS C 85 -40.53 15.53 76.27
N LEU C 86 -39.32 15.44 76.81
CA LEU C 86 -38.18 15.00 76.02
C LEU C 86 -38.31 13.52 75.67
N ILE C 87 -37.82 13.17 74.48
CA ILE C 87 -37.86 11.79 73.98
C ILE C 87 -36.44 11.26 73.97
N TYR C 88 -36.24 10.12 74.62
CA TYR C 88 -34.95 9.47 74.69
C TYR C 88 -35.02 8.15 73.93
N TRP C 89 -33.95 7.84 73.20
CA TRP C 89 -33.87 6.66 72.37
C TRP C 89 -33.08 5.58 73.11
N ASP C 90 -33.70 4.43 73.31
CA ASP C 90 -33.09 3.30 74.01
C ASP C 90 -32.56 2.32 72.97
N ASN C 91 -31.23 2.28 72.82
CA ASN C 91 -30.64 1.46 71.77
C ASN C 91 -30.83 -0.03 72.04
N THR C 92 -30.89 -0.43 73.32
CA THR C 92 -31.07 -1.84 73.63
C THR C 92 -32.41 -2.34 73.13
N ALA C 93 -33.50 -1.76 73.65
CA ALA C 93 -34.83 -2.13 73.20
C ALA C 93 -35.21 -1.56 71.84
N LYS C 94 -34.44 -0.60 71.32
CA LYS C 94 -34.70 0.03 70.03
C LYS C 94 -36.09 0.67 70.02
N LYS C 95 -36.30 1.57 70.98
CA LYS C 95 -37.58 2.25 71.13
C LYS C 95 -37.35 3.63 71.73
N PHE C 96 -38.32 4.51 71.50
CA PHE C 96 -38.33 5.81 72.16
C PHE C 96 -38.91 5.66 73.56
N THR C 97 -38.50 6.55 74.45
CA THR C 97 -39.03 6.53 75.81
C THR C 97 -38.68 7.83 76.50
N THR C 98 -39.42 8.12 77.58
CA THR C 98 -39.19 9.28 78.41
C THR C 98 -38.49 8.92 79.71
N THR C 99 -37.67 7.87 79.69
CA THR C 99 -37.03 7.40 80.91
C THR C 99 -36.05 8.44 81.46
N SER C 100 -35.31 9.11 80.57
CA SER C 100 -34.25 10.05 80.96
C SER C 100 -33.09 9.36 81.66
N ALA C 101 -32.97 8.04 81.50
CA ALA C 101 -31.83 7.30 82.03
C ALA C 101 -30.66 7.46 81.08
N SER C 102 -29.64 6.60 81.19
CA SER C 102 -28.47 6.64 80.32
C SER C 102 -28.81 6.58 78.82
N ASN C 103 -30.04 6.24 78.45
CA ASN C 103 -30.46 6.29 77.05
C ASN C 103 -30.20 7.67 76.46
N ARG C 104 -29.97 7.69 75.15
CA ARG C 104 -29.59 8.91 74.45
C ARG C 104 -30.79 9.80 74.22
N LEU C 105 -30.56 11.12 74.31
CA LEU C 105 -31.60 12.10 74.03
C LEU C 105 -31.68 12.34 72.52
N VAL C 106 -32.88 12.34 71.98
CA VAL C 106 -33.08 12.46 70.53
C VAL C 106 -34.13 13.48 70.13
N GLY C 107 -35.06 13.89 70.97
CA GLY C 107 -36.07 14.81 70.50
C GLY C 107 -37.03 15.22 71.59
N ARG C 108 -38.04 16.00 71.18
CA ARG C 108 -39.08 16.49 72.07
C ARG C 108 -40.43 16.32 71.39
N VAL C 109 -41.43 15.90 72.15
CA VAL C 109 -42.75 15.60 71.58
C VAL C 109 -43.45 16.90 71.20
N THR C 110 -43.99 16.94 70.00
CA THR C 110 -44.85 18.03 69.54
C THR C 110 -46.33 17.69 69.70
N ASP C 111 -46.72 16.46 69.38
CA ASP C 111 -48.08 15.98 69.54
C ASP C 111 -48.06 14.71 70.39
N GLY C 112 -48.93 14.66 71.39
CA GLY C 112 -48.93 13.55 72.31
C GLY C 112 -49.40 12.26 71.66
N LYS C 113 -49.22 11.16 72.38
CA LYS C 113 -49.59 9.86 71.87
C LYS C 113 -51.10 9.78 71.71
N ASP C 114 -51.54 9.17 70.61
CA ASP C 114 -52.94 8.94 70.32
C ASP C 114 -53.30 7.51 70.69
N SER C 115 -54.54 7.11 70.39
CA SER C 115 -54.95 5.75 70.68
C SER C 115 -54.13 4.73 69.90
N ASN C 116 -53.64 5.11 68.73
CA ASN C 116 -52.80 4.24 67.92
C ASN C 116 -51.34 4.28 68.35
N ASN C 117 -50.99 5.04 69.38
CA ASN C 117 -49.61 5.14 69.87
C ASN C 117 -48.68 5.67 68.78
N VAL C 118 -49.04 6.85 68.27
CA VAL C 118 -48.26 7.55 67.26
C VAL C 118 -47.79 8.87 67.85
N ILE C 119 -46.54 9.21 67.58
CA ILE C 119 -45.86 10.36 68.19
C ILE C 119 -45.33 11.25 67.08
N TRP C 120 -45.48 12.56 67.26
CA TRP C 120 -44.79 13.55 66.47
C TRP C 120 -43.79 14.27 67.35
N PHE C 121 -42.54 14.31 66.91
CA PHE C 121 -41.47 14.87 67.72
C PHE C 121 -40.44 15.52 66.80
N ILE C 122 -39.66 16.42 67.38
CA ILE C 122 -38.65 17.18 66.66
C ILE C 122 -37.28 16.57 66.97
N LEU C 123 -36.52 16.28 65.93
CA LEU C 123 -35.19 15.73 66.12
C LEU C 123 -34.27 16.78 66.74
N LEU C 124 -33.10 16.34 67.18
CA LEU C 124 -32.15 17.15 67.91
C LEU C 124 -30.76 16.96 67.30
N PRO C 125 -29.83 17.92 67.54
CA PRO C 125 -28.64 18.02 66.69
C PRO C 125 -27.51 17.04 66.99
N GLN C 126 -27.80 15.96 67.70
CA GLN C 126 -26.85 14.87 67.91
C GLN C 126 -25.72 15.27 68.85
N GLN C 127 -25.93 16.23 69.74
CA GLN C 127 -24.92 16.59 70.71
C GLN C 127 -24.87 15.55 71.82
N PHE D 3 -41.41 62.44 58.88
CA PHE D 3 -41.58 63.65 58.07
C PHE D 3 -41.34 64.89 58.92
N LYS D 4 -40.21 65.55 58.70
CA LYS D 4 -39.91 66.76 59.45
C LYS D 4 -40.82 67.90 58.99
N GLY D 5 -41.22 68.73 59.94
CA GLY D 5 -42.10 69.84 59.61
C GLY D 5 -43.42 69.41 59.03
N GLN D 6 -43.96 68.28 59.48
CA GLN D 6 -45.24 67.83 58.99
C GLN D 6 -46.34 68.77 59.48
N PRO D 7 -47.45 68.90 58.73
CA PRO D 7 -48.48 69.86 59.16
C PRO D 7 -49.29 69.40 60.36
N THR D 8 -49.42 68.10 60.59
CA THR D 8 -50.31 67.55 61.60
C THR D 8 -49.56 66.50 62.44
N PRO D 9 -49.78 66.46 63.78
CA PRO D 9 -49.00 65.51 64.58
C PRO D 9 -49.46 64.06 64.40
N SER D 10 -48.95 63.41 63.36
CA SER D 10 -49.32 62.02 63.07
C SER D 10 -48.58 61.09 64.01
N THR D 11 -49.33 60.35 64.82
CA THR D 11 -48.74 59.36 65.71
C THR D 11 -48.17 58.19 64.90
N ILE D 12 -47.09 57.62 65.42
CA ILE D 12 -46.40 56.49 64.79
C ILE D 12 -46.57 55.27 65.69
N THR D 13 -47.01 54.17 65.10
CA THR D 13 -47.20 52.90 65.80
C THR D 13 -46.23 51.88 65.23
N GLN D 14 -45.43 51.28 66.11
CA GLN D 14 -44.42 50.30 65.71
C GLN D 14 -45.03 48.91 65.74
N ILE D 15 -44.93 48.20 64.63
CA ILE D 15 -45.37 46.81 64.55
C ILE D 15 -44.19 45.93 64.94
N THR D 16 -44.39 45.13 65.99
CA THR D 16 -43.28 44.37 66.55
C THR D 16 -42.78 43.31 65.57
N ARG D 17 -41.53 42.92 65.75
CA ARG D 17 -40.90 41.92 64.91
C ARG D 17 -39.74 41.31 65.68
N ALA D 18 -39.49 40.03 65.44
CA ALA D 18 -38.46 39.28 66.16
C ALA D 18 -37.37 38.77 65.24
N LYS D 19 -37.71 38.05 64.18
CA LYS D 19 -36.72 37.42 63.33
C LYS D 19 -35.95 38.48 62.56
N ILE D 20 -34.69 38.71 62.97
CA ILE D 20 -33.88 39.74 62.34
C ILE D 20 -33.09 39.20 61.15
N SER D 21 -32.76 37.91 61.15
CA SER D 21 -31.99 37.34 60.05
C SER D 21 -32.13 35.83 60.10
N ASP D 22 -31.60 35.17 59.08
CA ASP D 22 -31.68 33.72 59.00
C ASP D 22 -30.81 33.03 60.04
N GLY D 23 -29.76 33.68 60.50
CA GLY D 23 -28.85 33.08 61.47
C GLY D 23 -27.83 32.14 60.89
N LYS D 24 -27.65 32.14 59.56
CA LYS D 24 -26.63 31.29 58.96
C LYS D 24 -25.23 31.74 59.32
N SER D 25 -25.04 33.04 59.58
CA SER D 25 -23.73 33.58 59.89
C SER D 25 -23.88 34.79 60.79
N VAL D 26 -22.80 35.14 61.48
CA VAL D 26 -22.80 36.22 62.46
C VAL D 26 -21.54 37.06 62.27
N ARG D 27 -21.70 38.38 62.35
CA ARG D 27 -20.57 39.29 62.35
C ARG D 27 -19.94 39.32 63.73
N VAL D 28 -18.60 39.39 63.76
CA VAL D 28 -17.86 39.40 65.01
C VAL D 28 -16.65 40.32 64.87
N ILE D 29 -16.27 40.94 65.98
CA ILE D 29 -15.17 41.90 66.02
C ILE D 29 -13.92 41.17 66.48
N LEU D 30 -12.84 41.29 65.71
CA LEU D 30 -11.58 40.66 66.09
C LEU D 30 -11.04 41.25 67.37
N SER D 31 -10.47 40.40 68.21
CA SER D 31 -9.79 40.84 69.43
C SER D 31 -8.36 41.24 69.07
N GLU D 32 -7.52 41.44 70.09
CA GLU D 32 -6.16 41.92 69.84
C GLU D 32 -5.31 40.82 69.20
N GLY D 33 -5.12 39.71 69.92
CA GLY D 33 -4.26 38.64 69.43
C GLY D 33 -5.00 37.63 68.58
N GLU D 34 -5.68 38.10 67.55
CA GLU D 34 -6.45 37.25 66.66
C GLU D 34 -6.36 37.78 65.24
N SER D 35 -6.47 36.86 64.29
CA SER D 35 -6.47 37.20 62.87
C SER D 35 -6.88 35.96 62.10
N THR D 36 -7.74 36.15 61.10
CA THR D 36 -8.39 35.05 60.41
C THR D 36 -8.15 35.12 58.91
N LYS D 37 -8.03 33.96 58.29
CA LYS D 37 -8.00 33.82 56.84
C LYS D 37 -9.21 33.00 56.41
N THR D 38 -9.63 33.21 55.16
CA THR D 38 -10.93 32.74 54.71
C THR D 38 -10.97 31.22 54.67
N GLN D 39 -12.15 30.66 54.99
CA GLN D 39 -12.37 29.22 55.00
C GLN D 39 -11.48 28.50 56.00
N GLN D 40 -11.44 29.03 57.22
CA GLN D 40 -10.77 28.36 58.33
C GLN D 40 -11.57 28.60 59.59
N PHE D 41 -11.57 27.61 60.47
CA PHE D 41 -12.40 27.65 61.67
C PHE D 41 -11.74 28.48 62.76
N TYR D 42 -12.55 29.27 63.47
CA TYR D 42 -12.08 30.07 64.59
C TYR D 42 -13.16 30.16 65.64
N LEU D 43 -12.75 30.39 66.88
CA LEU D 43 -13.64 30.60 68.01
C LEU D 43 -13.42 32.03 68.48
N ILE D 44 -14.29 32.94 68.05
CA ILE D 44 -14.15 34.37 68.31
C ILE D 44 -15.41 34.84 69.00
N ASN D 45 -15.26 35.36 70.22
CA ASN D 45 -16.38 35.82 71.04
C ASN D 45 -17.44 34.72 71.16
N GLY D 46 -16.99 33.53 71.53
CA GLY D 46 -17.89 32.44 71.84
C GLY D 46 -18.57 31.78 70.66
N PHE D 47 -18.33 32.25 69.44
CA PHE D 47 -18.96 31.71 68.24
C PHE D 47 -17.92 30.93 67.46
N PHE D 48 -18.21 29.67 67.19
CA PHE D 48 -17.33 28.80 66.42
C PHE D 48 -17.92 28.62 65.04
N GLY D 49 -17.11 28.87 64.02
CA GLY D 49 -17.60 28.77 62.66
C GLY D 49 -16.50 29.04 61.66
N VAL D 50 -16.88 28.99 60.40
CA VAL D 50 -15.96 29.20 59.29
C VAL D 50 -15.93 30.68 58.95
N ALA D 51 -14.74 31.27 58.96
CA ALA D 51 -14.58 32.68 58.63
C ALA D 51 -14.69 32.85 57.11
N MET D 52 -15.62 33.70 56.67
CA MET D 52 -15.84 33.93 55.25
C MET D 52 -15.01 35.08 54.70
N GLN D 53 -14.30 35.82 55.53
CA GLN D 53 -13.49 36.95 55.08
C GLN D 53 -12.17 36.95 55.82
N ASP D 54 -11.16 37.54 55.20
CA ASP D 54 -9.82 37.62 55.78
C ASP D 54 -9.77 38.79 56.74
N GLY D 55 -9.95 38.52 58.03
CA GLY D 55 -9.84 39.53 59.05
C GLY D 55 -8.42 39.61 59.58
N GLU D 56 -7.93 40.84 59.74
CA GLU D 56 -6.54 41.07 60.14
C GLU D 56 -6.42 41.44 61.61
N LYS D 57 -7.08 42.50 62.06
CA LYS D 57 -6.95 42.97 63.43
C LYS D 57 -7.97 44.05 63.73
N GLY D 58 -8.72 43.90 64.82
CA GLY D 58 -9.64 44.94 65.25
C GLY D 58 -10.70 45.31 64.26
N ASP D 59 -11.03 44.42 63.33
CA ASP D 59 -12.02 44.65 62.29
C ASP D 59 -13.15 43.63 62.44
N GLU D 60 -14.14 43.74 61.56
CA GLU D 60 -15.35 42.93 61.62
C GLU D 60 -15.28 41.83 60.58
N VAL D 61 -15.56 40.59 61.02
CA VAL D 61 -15.53 39.41 60.16
C VAL D 61 -16.77 38.59 60.42
N THR D 62 -17.16 37.80 59.42
CA THR D 62 -18.36 36.96 59.49
C THR D 62 -17.95 35.50 59.66
N LEU D 63 -18.63 34.82 60.58
CA LEU D 63 -18.43 33.40 60.84
C LEU D 63 -19.68 32.63 60.45
N GLN D 64 -19.48 31.49 59.79
CA GLN D 64 -20.58 30.64 59.36
C GLN D 64 -20.89 29.62 60.44
N ILE D 65 -22.14 29.62 60.90
CA ILE D 65 -22.59 28.73 61.98
C ILE D 65 -23.78 27.91 61.50
N GLU D 66 -23.77 27.53 60.23
CA GLU D 66 -24.95 26.96 59.57
C GLU D 66 -25.37 25.61 60.12
N GLN D 67 -24.55 24.95 60.94
CA GLN D 67 -24.83 23.59 61.41
C GLN D 67 -24.89 22.59 60.25
N ALA D 68 -24.08 22.83 59.22
CA ALA D 68 -24.00 21.95 58.06
C ALA D 68 -22.79 21.04 58.19
N GLU D 69 -22.56 20.24 57.16
CA GLU D 69 -21.40 19.35 57.11
C GLU D 69 -20.22 20.09 56.52
N TYR D 70 -19.09 20.05 57.23
CA TYR D 70 -17.91 20.82 56.88
C TYR D 70 -16.71 19.90 56.70
N GLU D 71 -15.87 20.23 55.72
CA GLU D 71 -14.61 19.54 55.48
C GLU D 71 -13.48 20.40 56.01
N THR D 72 -12.58 19.82 56.79
CA THR D 72 -11.54 20.61 57.42
C THR D 72 -10.31 19.76 57.72
N ASP D 73 -9.15 20.37 57.44
CA ASP D 73 -7.86 19.95 57.98
C ASP D 73 -7.73 20.58 59.36
N ASN D 74 -6.50 20.67 59.89
CA ASN D 74 -6.25 21.32 61.18
C ASN D 74 -6.75 20.47 62.34
N ILE D 75 -6.46 19.18 62.27
CA ILE D 75 -6.77 18.23 63.33
C ILE D 75 -5.47 17.79 63.98
N VAL D 76 -5.53 17.48 65.27
CA VAL D 76 -4.36 16.93 65.95
C VAL D 76 -4.11 15.54 65.37
N THR D 77 -3.07 15.42 64.55
CA THR D 77 -2.85 14.19 63.79
C THR D 77 -2.47 13.02 64.68
N SER D 78 -2.06 13.27 65.92
CA SER D 78 -1.73 12.16 66.83
C SER D 78 -2.95 11.30 67.10
N GLU D 79 -4.10 11.94 67.33
CA GLU D 79 -5.32 11.21 67.64
C GLU D 79 -5.96 10.70 66.36
N ALA D 80 -6.77 9.64 66.52
CA ALA D 80 -7.54 9.05 65.44
C ALA D 80 -9.00 9.44 65.61
N PHE D 81 -9.59 9.96 64.53
CA PHE D 81 -10.97 10.44 64.54
C PHE D 81 -11.83 9.45 63.77
N GLU D 82 -12.39 8.48 64.49
CA GLU D 82 -13.36 7.59 63.88
C GLU D 82 -14.67 8.34 63.64
N ALA D 83 -15.45 7.86 62.67
CA ALA D 83 -16.75 8.43 62.43
C ALA D 83 -17.63 8.25 63.65
N GLY D 84 -18.34 9.31 64.03
CA GLY D 84 -19.24 9.29 65.16
C GLY D 84 -18.68 9.87 66.43
N LYS D 85 -17.36 10.00 66.54
CA LYS D 85 -16.76 10.57 67.74
C LYS D 85 -17.01 12.07 67.79
N LEU D 86 -17.29 12.58 68.99
CA LEU D 86 -17.48 14.01 69.15
C LEU D 86 -16.17 14.75 68.95
N ILE D 87 -16.25 15.85 68.21
CA ILE D 87 -15.11 16.72 67.95
C ILE D 87 -15.12 17.84 68.97
N TYR D 88 -13.94 18.26 69.40
CA TYR D 88 -13.77 19.39 70.30
C TYR D 88 -12.74 20.35 69.74
N TRP D 89 -12.86 21.62 70.12
CA TRP D 89 -11.99 22.68 69.64
C TRP D 89 -11.01 23.07 70.73
N ASP D 90 -9.73 22.86 70.48
CA ASP D 90 -8.67 23.25 71.41
C ASP D 90 -8.25 24.67 71.08
N ASN D 91 -8.78 25.63 71.84
CA ASN D 91 -8.51 27.03 71.54
C ASN D 91 -7.07 27.42 71.81
N THR D 92 -6.34 26.66 72.64
CA THR D 92 -4.94 26.98 72.88
C THR D 92 -4.09 26.64 71.66
N ALA D 93 -4.30 25.46 71.08
CA ALA D 93 -3.55 25.01 69.93
C ALA D 93 -4.22 25.35 68.60
N LYS D 94 -5.47 25.80 68.61
CA LYS D 94 -6.21 26.11 67.39
C LYS D 94 -6.31 24.89 66.49
N LYS D 95 -6.77 23.78 67.07
CA LYS D 95 -6.88 22.53 66.34
C LYS D 95 -8.04 21.72 66.90
N PHE D 96 -8.55 20.80 66.08
CA PHE D 96 -9.61 19.90 66.50
C PHE D 96 -9.05 18.74 67.29
N THR D 97 -9.84 18.23 68.22
CA THR D 97 -9.43 17.12 69.05
C THR D 97 -10.66 16.43 69.61
N THR D 98 -10.48 15.16 70.01
CA THR D 98 -11.52 14.40 70.68
C THR D 98 -11.45 14.51 72.19
N THR D 99 -10.49 15.25 72.73
CA THR D 99 -10.34 15.34 74.19
C THR D 99 -11.34 16.34 74.75
N SER D 100 -12.08 15.92 75.77
CA SER D 100 -13.14 16.71 76.38
C SER D 100 -12.73 17.29 77.73
N ALA D 101 -11.46 17.61 77.90
CA ALA D 101 -10.97 18.12 79.18
C ALA D 101 -11.66 19.42 79.55
N SER D 102 -11.41 20.47 78.75
CA SER D 102 -12.11 21.74 78.91
C SER D 102 -12.42 22.38 77.56
N ASN D 103 -12.24 21.66 76.46
CA ASN D 103 -12.46 22.22 75.14
C ASN D 103 -13.94 22.42 74.87
N ARG D 104 -14.23 23.10 73.78
CA ARG D 104 -15.59 23.39 73.36
C ARG D 104 -16.07 22.31 72.41
N LEU D 105 -17.25 21.75 72.70
CA LEU D 105 -17.85 20.77 71.80
C LEU D 105 -18.37 21.49 70.57
N VAL D 106 -17.91 21.05 69.39
CA VAL D 106 -18.18 21.80 68.16
C VAL D 106 -18.67 20.91 67.02
N GLY D 107 -18.61 19.60 67.16
CA GLY D 107 -19.11 18.79 66.06
C GLY D 107 -18.99 17.30 66.34
N ARG D 108 -19.45 16.54 65.35
CA ARG D 108 -19.37 15.09 65.34
C ARG D 108 -18.91 14.64 63.96
N VAL D 109 -18.02 13.66 63.93
CA VAL D 109 -17.39 13.24 62.67
C VAL D 109 -18.35 12.41 61.86
N THR D 110 -18.33 12.61 60.54
CA THR D 110 -19.04 11.76 59.59
C THR D 110 -18.06 10.81 58.88
N ASP D 111 -17.04 11.37 58.25
CA ASP D 111 -16.00 10.58 57.57
C ASP D 111 -14.77 10.50 58.47
N GLY D 112 -14.26 9.29 58.64
CA GLY D 112 -13.14 9.08 59.53
C GLY D 112 -11.89 9.80 59.05
N LYS D 113 -10.91 9.87 59.94
CA LYS D 113 -9.63 10.50 59.64
C LYS D 113 -8.93 9.74 58.52
N ASP D 114 -8.84 10.35 57.34
CA ASP D 114 -8.23 9.72 56.19
C ASP D 114 -6.72 9.97 56.20
N SER D 115 -6.04 9.52 55.14
CA SER D 115 -4.60 9.67 55.06
C SER D 115 -4.18 11.13 55.01
N ASN D 116 -4.98 11.99 54.39
CA ASN D 116 -4.66 13.40 54.24
C ASN D 116 -5.01 14.24 55.47
N ASN D 117 -5.37 13.60 56.59
CA ASN D 117 -5.74 14.32 57.81
C ASN D 117 -6.92 15.26 57.56
N VAL D 118 -7.93 14.74 56.86
CA VAL D 118 -9.13 15.49 56.49
C VAL D 118 -10.32 14.84 57.18
N ILE D 119 -11.19 15.66 57.76
CA ILE D 119 -12.37 15.21 58.48
C ILE D 119 -13.59 15.85 57.85
N TRP D 120 -14.66 15.08 57.74
CA TRP D 120 -15.99 15.59 57.45
C TRP D 120 -16.82 15.45 58.71
N PHE D 121 -17.40 16.57 59.17
CA PHE D 121 -18.09 16.58 60.46
C PHE D 121 -19.26 17.55 60.39
N ILE D 122 -20.21 17.35 61.31
CA ILE D 122 -21.43 18.14 61.38
C ILE D 122 -21.25 19.18 62.48
N LEU D 123 -21.30 20.45 62.11
CA LEU D 123 -21.17 21.51 63.09
C LEU D 123 -22.37 21.50 64.03
N LEU D 124 -22.16 21.98 65.25
CA LEU D 124 -23.11 21.88 66.34
C LEU D 124 -23.69 23.26 66.67
N PRO D 125 -24.74 23.32 67.53
CA PRO D 125 -25.53 24.58 67.63
C PRO D 125 -24.90 25.73 68.41
N GLN D 126 -23.59 25.72 68.64
CA GLN D 126 -22.91 26.84 69.30
C GLN D 126 -23.36 26.97 70.75
N GLN D 127 -23.26 25.86 71.49
CA GLN D 127 -23.57 25.85 72.91
C GLN D 127 -22.33 26.07 73.76
N MET E 57 86.08 31.27 -88.85
CA MET E 57 84.71 30.90 -88.41
C MET E 57 84.45 29.43 -88.70
N THR E 58 84.15 28.66 -87.65
CA THR E 58 83.88 27.25 -87.78
C THR E 58 82.85 26.83 -86.74
N PHE E 59 81.92 25.96 -87.13
CA PHE E 59 80.95 25.45 -86.17
C PHE E 59 81.62 24.62 -85.09
N SER E 60 82.78 24.04 -85.38
CA SER E 60 83.48 23.24 -84.40
C SER E 60 83.88 24.07 -83.18
N SER E 61 84.16 25.36 -83.39
CA SER E 61 84.53 26.22 -82.27
C SER E 61 83.38 26.38 -81.29
N THR E 62 82.16 26.57 -81.80
CA THR E 62 80.98 26.80 -80.97
C THR E 62 80.20 25.53 -80.70
N SER E 63 80.73 24.36 -81.06
CA SER E 63 79.97 23.12 -80.89
C SER E 63 79.72 22.82 -79.42
N ASN E 64 80.71 23.08 -78.56
CA ASN E 64 80.60 22.69 -77.16
C ASN E 64 79.56 23.50 -76.40
N LEU E 65 79.23 24.70 -76.87
CA LEU E 65 78.28 25.57 -76.17
C LEU E 65 76.86 25.12 -76.53
N LYS E 66 76.40 24.09 -75.83
CA LYS E 66 75.12 23.47 -76.17
C LYS E 66 73.96 24.43 -75.97
N GLU E 67 74.10 25.39 -75.04
CA GLU E 67 73.00 26.31 -74.77
C GLU E 67 72.71 27.22 -75.96
N LEU E 68 73.68 27.45 -76.84
CA LEU E 68 73.45 28.25 -78.03
C LEU E 68 72.68 27.50 -79.10
N LEU E 69 72.88 26.19 -79.19
CA LEU E 69 72.33 25.39 -80.28
C LEU E 69 70.92 24.91 -79.94
N ARG E 70 70.15 24.64 -80.98
CA ARG E 70 68.81 24.12 -80.80
C ARG E 70 68.87 22.67 -80.32
N LYS E 71 68.11 22.36 -79.28
CA LYS E 71 68.07 21.03 -78.71
C LYS E 71 66.93 20.24 -79.36
N VAL E 72 67.29 19.19 -80.08
CA VAL E 72 66.34 18.29 -80.73
C VAL E 72 66.61 16.88 -80.24
N VAL E 73 65.57 16.19 -79.78
CA VAL E 73 65.67 14.81 -79.31
C VAL E 73 64.76 13.97 -80.19
N LEU E 74 65.31 12.88 -80.73
CA LEU E 74 64.52 11.99 -81.57
C LEU E 74 63.69 11.05 -80.72
N ASP E 75 62.43 10.90 -81.09
CA ASP E 75 61.54 10.01 -80.36
C ASP E 75 61.99 8.56 -80.53
N VAL E 76 61.86 7.78 -79.46
CA VAL E 76 62.31 6.39 -79.44
C VAL E 76 61.18 5.45 -79.06
N GLU E 77 60.19 5.95 -78.31
CA GLU E 77 59.12 5.10 -77.79
C GLU E 77 59.71 3.97 -76.93
N LEU E 78 60.33 4.37 -75.83
CA LEU E 78 60.91 3.46 -74.85
C LEU E 78 60.01 3.40 -73.62
N GLY E 79 60.11 2.29 -72.90
CA GLY E 79 59.28 2.09 -71.73
C GLY E 79 59.19 0.61 -71.38
N ARG E 80 58.07 0.25 -70.76
CA ARG E 80 57.81 -1.12 -70.34
C ARG E 80 56.51 -1.58 -70.98
N GLU E 81 56.53 -2.79 -71.53
CA GLU E 81 55.33 -3.35 -72.15
C GLU E 81 54.25 -3.59 -71.09
N GLN E 82 53.01 -3.38 -71.49
CA GLN E 82 51.90 -3.66 -70.60
C GLN E 82 51.84 -5.16 -70.30
N VAL E 83 51.45 -5.49 -69.07
CA VAL E 83 51.39 -6.86 -68.59
C VAL E 83 49.91 -7.20 -68.44
N GLN E 84 49.36 -7.94 -69.40
CA GLN E 84 47.96 -8.34 -69.35
C GLN E 84 47.78 -9.51 -68.39
N LEU E 85 46.54 -9.71 -67.98
CA LEU E 85 46.16 -10.84 -67.13
C LEU E 85 45.75 -11.99 -68.04
N LEU E 86 46.66 -12.92 -68.27
CA LEU E 86 46.40 -14.06 -69.14
C LEU E 86 45.62 -15.16 -68.46
N TYR E 87 45.52 -15.16 -67.14
CA TYR E 87 44.93 -16.27 -66.41
C TYR E 87 43.41 -16.22 -66.35
N LYS E 88 42.79 -15.15 -66.84
CA LYS E 88 41.35 -14.99 -66.66
C LYS E 88 40.50 -16.11 -67.23
N PRO E 89 40.75 -16.62 -68.45
CA PRO E 89 39.87 -17.68 -68.97
C PRO E 89 39.87 -18.95 -68.15
N ILE E 90 40.94 -19.23 -67.41
CA ILE E 90 41.06 -20.52 -66.75
C ILE E 90 40.33 -20.53 -65.40
N TYR E 91 40.32 -19.42 -64.68
CA TYR E 91 39.90 -19.40 -63.29
C TYR E 91 38.48 -18.87 -63.12
N ASP E 92 37.83 -19.32 -62.05
CA ASP E 92 36.52 -18.85 -61.65
C ASP E 92 36.69 -17.93 -60.45
N SER E 93 36.25 -16.68 -60.58
CA SER E 93 36.47 -15.68 -59.54
C SER E 93 35.49 -15.88 -58.39
N ILE E 94 36.01 -15.74 -57.17
CA ILE E 94 35.19 -15.71 -55.96
C ILE E 94 35.62 -14.46 -55.20
N ALA E 95 34.95 -13.35 -55.45
CA ALA E 95 35.28 -12.07 -54.84
C ALA E 95 34.37 -11.88 -53.63
N ASP E 96 34.96 -11.93 -52.43
CA ASP E 96 34.21 -11.72 -51.21
C ASP E 96 35.12 -11.04 -50.21
N SER E 97 34.72 -9.86 -49.73
CA SER E 97 35.57 -9.06 -48.86
C SER E 97 35.73 -9.65 -47.47
N ASN E 98 34.95 -10.66 -47.11
CA ASN E 98 34.96 -11.24 -45.77
C ASN E 98 35.37 -12.71 -45.78
N LEU E 99 36.26 -13.09 -46.70
CA LEU E 99 36.74 -14.46 -46.71
C LEU E 99 37.62 -14.72 -45.49
N PRO E 100 37.77 -15.98 -45.08
CA PRO E 100 38.67 -16.30 -43.98
C PRO E 100 40.10 -16.50 -44.46
N GLN E 101 41.00 -16.67 -43.50
CA GLN E 101 42.39 -16.95 -43.83
C GLN E 101 42.51 -18.26 -44.59
N VAL E 102 41.75 -19.27 -44.19
CA VAL E 102 41.71 -20.57 -44.86
C VAL E 102 40.26 -20.98 -45.03
N MET E 103 39.93 -21.51 -46.19
CA MET E 103 38.56 -21.83 -46.53
C MET E 103 38.14 -23.09 -45.75
N ASP E 104 36.94 -23.58 -46.02
CA ASP E 104 36.39 -24.77 -45.38
C ASP E 104 35.87 -25.73 -46.43
N ALA E 105 36.06 -27.03 -46.18
CA ALA E 105 35.70 -28.05 -47.15
C ALA E 105 34.19 -28.22 -47.24
N LYS E 106 33.70 -28.45 -48.45
CA LYS E 106 32.28 -28.74 -48.66
C LYS E 106 32.00 -30.19 -48.33
N TRP E 107 30.87 -30.43 -47.66
CA TRP E 107 30.44 -31.75 -47.26
C TRP E 107 29.11 -32.08 -47.91
N ALA E 108 28.86 -33.37 -48.12
CA ALA E 108 27.60 -33.82 -48.68
C ALA E 108 27.47 -35.32 -48.47
N LEU E 109 26.23 -35.76 -48.21
CA LEU E 109 25.92 -37.17 -48.04
C LEU E 109 25.41 -37.76 -49.34
N GLN E 110 25.59 -39.07 -49.49
CA GLN E 110 25.14 -39.77 -50.68
C GLN E 110 24.66 -41.16 -50.29
N GLY E 111 23.52 -41.56 -50.84
CA GLY E 111 23.04 -42.92 -50.67
C GLY E 111 23.58 -43.83 -51.76
N ASN E 112 23.72 -45.11 -51.42
CA ASN E 112 24.17 -46.13 -52.35
C ASN E 112 23.21 -47.31 -52.28
N CYS E 113 22.72 -47.72 -53.45
CA CYS E 113 21.85 -48.89 -53.54
C CYS E 113 22.04 -49.50 -54.91
N VAL E 114 21.74 -50.79 -54.99
CA VAL E 114 21.77 -51.53 -56.25
C VAL E 114 20.52 -52.39 -56.34
N PHE E 115 19.91 -52.42 -57.51
CA PHE E 115 18.70 -53.20 -57.73
C PHE E 115 19.08 -54.64 -58.04
N LEU E 116 18.64 -55.56 -57.20
CA LEU E 116 18.84 -56.98 -57.40
C LEU E 116 17.55 -57.63 -57.86
N GLU E 117 17.68 -58.74 -58.57
CA GLU E 117 16.51 -59.53 -58.91
C GLU E 117 15.82 -60.01 -57.65
N HIS E 118 14.52 -59.75 -57.57
CA HIS E 118 13.74 -60.09 -56.38
C HIS E 118 12.74 -61.18 -56.76
N ILE E 119 13.05 -62.41 -56.38
CA ILE E 119 12.21 -63.57 -56.68
C ILE E 119 11.28 -63.75 -55.50
N GLU E 120 10.07 -64.28 -55.76
CA GLU E 120 8.94 -64.22 -54.84
C GLU E 120 9.28 -64.53 -53.39
N GLY E 121 9.02 -63.56 -52.52
CA GLY E 121 9.12 -63.78 -51.09
C GLY E 121 10.52 -63.80 -50.53
N GLU E 122 11.50 -63.23 -51.21
CA GLU E 122 12.84 -63.15 -50.64
C GLU E 122 13.02 -61.80 -49.97
N GLU E 123 14.05 -61.74 -49.13
CA GLU E 123 14.39 -60.52 -48.43
C GLU E 123 15.31 -59.67 -49.30
N ILE E 124 15.02 -58.38 -49.41
CA ILE E 124 15.81 -57.46 -50.22
C ILE E 124 16.92 -56.88 -49.37
N LYS E 125 18.11 -56.76 -49.95
CA LYS E 125 19.29 -56.31 -49.24
C LYS E 125 19.37 -54.79 -49.30
N PHE E 126 19.57 -54.16 -48.14
CA PHE E 126 19.50 -52.72 -48.05
C PHE E 126 20.75 -52.07 -48.65
N GLY E 127 20.70 -50.75 -48.76
CA GLY E 127 21.78 -49.96 -49.30
C GLY E 127 22.70 -49.43 -48.22
N THR E 128 23.40 -48.34 -48.55
CA THR E 128 24.37 -47.74 -47.66
C THR E 128 24.45 -46.25 -47.96
N ILE E 129 24.78 -45.48 -46.93
CA ILE E 129 24.96 -44.03 -47.04
C ILE E 129 26.43 -43.72 -46.76
N ASN E 130 26.98 -42.76 -47.50
CA ASN E 130 28.36 -42.35 -47.29
C ASN E 130 28.49 -40.87 -47.62
N ALA E 131 29.55 -40.26 -47.10
CA ALA E 131 29.79 -38.84 -47.21
C ALA E 131 31.16 -38.60 -47.82
N GLU E 132 31.27 -37.55 -48.64
CA GLU E 132 32.54 -37.08 -49.15
C GLU E 132 32.72 -35.61 -48.81
N ASN E 133 33.99 -35.20 -48.71
CA ASN E 133 34.36 -33.85 -48.34
C ASN E 133 35.26 -33.25 -49.41
N GLY E 134 35.14 -31.94 -49.60
CA GLY E 134 35.95 -31.25 -50.56
C GLY E 134 37.33 -30.92 -50.00
N PRO E 135 38.12 -30.21 -50.80
CA PRO E 135 39.44 -29.78 -50.35
C PRO E 135 39.37 -28.46 -49.60
N VAL E 136 40.54 -27.93 -49.23
CA VAL E 136 40.64 -26.66 -48.52
C VAL E 136 41.60 -25.77 -49.29
N ALA E 137 41.25 -24.48 -49.37
CA ALA E 137 42.07 -23.48 -50.03
C ALA E 137 42.28 -22.31 -49.09
N ARG E 138 43.39 -21.59 -49.32
CA ARG E 138 43.78 -20.50 -48.44
C ARG E 138 44.34 -19.35 -49.26
N ILE E 139 44.33 -18.17 -48.67
CA ILE E 139 44.67 -16.92 -49.34
C ILE E 139 45.80 -16.24 -48.58
N GLN E 140 46.80 -15.76 -49.32
CA GLN E 140 47.98 -15.13 -48.77
C GLN E 140 47.89 -13.62 -48.94
N THR E 141 48.96 -12.92 -48.58
CA THR E 141 49.06 -11.48 -48.68
C THR E 141 50.34 -11.09 -49.40
N TYR E 142 50.28 -10.03 -50.20
CA TYR E 142 51.43 -9.53 -50.93
C TYR E 142 51.42 -8.02 -50.87
N ALA E 143 52.61 -7.42 -50.90
CA ALA E 143 52.70 -5.97 -50.78
C ALA E 143 54.10 -5.50 -51.12
N THR E 144 54.20 -4.37 -51.82
CA THR E 144 55.45 -3.66 -52.05
C THR E 144 55.17 -2.17 -52.01
N GLY E 145 56.23 -1.37 -51.87
CA GLY E 145 56.07 0.07 -51.77
C GLY E 145 57.35 0.80 -52.13
N PHE E 146 57.29 2.12 -52.00
CA PHE E 146 58.40 3.01 -52.32
C PHE E 146 58.56 4.04 -51.22
N GLU E 147 59.79 4.57 -51.12
CA GLU E 147 60.10 5.70 -50.26
C GLU E 147 60.78 6.77 -51.10
N TYR E 148 60.39 8.03 -50.90
CA TYR E 148 60.98 9.11 -51.66
C TYR E 148 60.84 10.40 -50.87
N THR E 149 61.92 11.17 -50.79
CA THR E 149 61.89 12.43 -50.08
C THR E 149 61.01 13.44 -50.82
N LYS E 150 60.46 14.38 -50.05
CA LYS E 150 59.69 15.47 -50.66
C LYS E 150 60.52 16.24 -51.66
N GLU E 151 61.82 16.38 -51.40
CA GLU E 151 62.68 17.12 -52.30
C GLU E 151 62.79 16.42 -53.65
N MET E 152 62.86 15.10 -53.66
CA MET E 152 62.94 14.38 -54.93
C MET E 152 61.68 14.56 -55.75
N LYS E 153 60.50 14.47 -55.12
CA LYS E 153 59.26 14.67 -55.85
C LYS E 153 59.15 16.09 -56.36
N ASP E 154 59.54 17.07 -55.54
CA ASP E 154 59.27 18.46 -55.89
C ASP E 154 60.27 19.02 -56.89
N PHE E 155 61.54 18.65 -56.77
CA PHE E 155 62.57 19.19 -57.65
C PHE E 155 62.72 18.42 -58.94
N ASN E 156 62.49 17.11 -58.93
CA ASN E 156 62.68 16.29 -60.13
C ASN E 156 61.49 16.46 -61.05
N GLN E 157 61.75 16.93 -62.27
CA GLN E 157 60.67 17.24 -63.20
C GLN E 157 59.93 15.98 -63.64
N THR E 158 60.67 14.90 -63.92
CA THR E 158 60.08 13.70 -64.51
C THR E 158 59.48 12.76 -63.47
N PHE E 159 60.07 12.67 -62.28
CA PHE E 159 59.55 11.80 -61.24
C PHE E 159 58.15 12.25 -60.84
N SER E 160 57.30 11.29 -60.53
CA SER E 160 55.94 11.57 -60.08
C SER E 160 55.38 10.29 -59.51
N VAL E 161 54.27 10.44 -58.76
CA VAL E 161 53.61 9.26 -58.22
C VAL E 161 52.92 8.46 -59.31
N GLU E 162 52.72 9.05 -60.49
CA GLU E 162 52.07 8.32 -61.58
C GLU E 162 52.92 7.15 -62.05
N ILE E 163 54.23 7.37 -62.20
CA ILE E 163 55.08 6.26 -62.65
C ILE E 163 55.21 5.21 -61.56
N LEU E 164 55.20 5.61 -60.29
CA LEU E 164 55.20 4.63 -59.21
C LEU E 164 53.94 3.78 -59.24
N ASN E 165 52.78 4.40 -59.47
CA ASN E 165 51.55 3.63 -59.61
C ASN E 165 51.61 2.72 -60.82
N LYS E 166 52.23 3.18 -61.90
CA LYS E 166 52.38 2.33 -63.08
C LYS E 166 53.22 1.11 -62.76
N SER E 167 54.33 1.30 -62.04
CA SER E 167 55.17 0.17 -61.66
C SER E 167 54.42 -0.78 -60.74
N ILE E 168 53.65 -0.22 -59.80
CA ILE E 168 52.86 -1.05 -58.89
C ILE E 168 51.87 -1.89 -59.69
N GLY E 169 51.18 -1.27 -60.65
CA GLY E 169 50.20 -2.01 -61.43
C GLY E 169 50.84 -3.08 -62.29
N GLU E 170 51.98 -2.77 -62.91
CA GLU E 170 52.65 -3.77 -63.73
C GLU E 170 53.10 -4.96 -62.89
N SER E 171 53.75 -4.70 -61.76
CA SER E 171 54.17 -5.80 -60.90
C SER E 171 52.98 -6.56 -60.34
N TYR E 172 51.86 -5.86 -60.11
CA TYR E 172 50.67 -6.53 -59.60
C TYR E 172 50.09 -7.48 -60.64
N ASN E 173 50.00 -7.04 -61.89
CA ASN E 173 49.50 -7.92 -62.93
C ASN E 173 50.42 -9.11 -63.13
N ALA E 174 51.73 -8.88 -63.11
CA ALA E 174 52.66 -9.99 -63.22
C ALA E 174 52.54 -10.94 -62.04
N LEU E 175 52.31 -10.41 -60.83
CA LEU E 175 52.10 -11.26 -59.67
C LEU E 175 50.86 -12.11 -59.83
N LEU E 176 49.78 -11.53 -60.36
CA LEU E 176 48.56 -12.31 -60.56
C LEU E 176 48.81 -13.42 -61.58
N ASN E 177 49.50 -13.11 -62.66
CA ASN E 177 49.85 -14.14 -63.63
C ASN E 177 50.67 -15.24 -62.99
N HIS E 178 51.66 -14.88 -62.18
CA HIS E 178 52.48 -15.89 -61.54
C HIS E 178 51.67 -16.74 -60.58
N ILE E 179 50.85 -16.12 -59.74
CA ILE E 179 50.08 -16.87 -58.75
C ILE E 179 49.16 -17.85 -59.45
N HIS E 180 48.50 -17.41 -60.52
CA HIS E 180 47.48 -18.22 -61.15
C HIS E 180 47.99 -19.09 -62.30
N LEU E 181 49.28 -19.06 -62.60
CA LEU E 181 49.83 -19.94 -63.63
C LEU E 181 51.06 -20.73 -63.21
N SER E 182 51.71 -20.41 -62.10
CA SER E 182 52.81 -21.22 -61.62
C SER E 182 52.37 -22.56 -61.05
N PRO E 183 51.18 -22.69 -60.43
CA PRO E 183 50.74 -24.05 -60.07
C PRO E 183 50.61 -24.96 -61.27
N ILE E 184 50.20 -24.42 -62.42
CA ILE E 184 50.09 -25.23 -63.63
C ILE E 184 51.46 -25.64 -64.13
N ILE E 185 52.45 -24.77 -64.01
CA ILE E 185 53.75 -25.02 -64.62
C ILE E 185 54.62 -25.89 -63.73
N ASN E 186 54.73 -25.52 -62.45
CA ASN E 186 55.64 -26.21 -61.54
C ASN E 186 55.15 -27.57 -61.09
N PHE E 187 53.92 -27.95 -61.42
CA PHE E 187 53.39 -29.23 -60.96
C PHE E 187 54.20 -30.38 -61.55
N ASN E 188 54.45 -31.38 -60.71
CA ASN E 188 55.15 -32.59 -61.14
C ASN E 188 54.10 -33.51 -61.76
N TYR E 189 54.00 -33.48 -63.08
CA TYR E 189 52.97 -34.23 -63.79
C TYR E 189 53.32 -35.71 -63.85
N LYS E 190 52.36 -36.56 -63.49
CA LYS E 190 52.56 -37.99 -63.60
C LYS E 190 52.48 -38.41 -65.06
N ALA E 191 52.88 -39.66 -65.31
CA ALA E 191 52.84 -40.19 -66.68
C ALA E 191 51.43 -40.23 -67.24
N SER E 192 50.41 -40.31 -66.38
CA SER E 192 49.04 -40.29 -66.86
C SER E 192 48.72 -38.98 -67.57
N ASN E 193 49.13 -37.85 -66.99
CA ASN E 193 48.85 -36.56 -67.60
C ASN E 193 49.74 -36.30 -68.80
N LYS E 194 51.02 -36.64 -68.70
CA LYS E 194 51.97 -36.29 -69.74
C LYS E 194 51.66 -37.03 -71.05
N THR E 195 51.83 -36.32 -72.17
CA THR E 195 51.70 -36.89 -73.50
C THR E 195 52.95 -36.56 -74.29
N ALA E 196 53.57 -37.57 -74.89
CA ALA E 196 54.84 -37.37 -75.57
C ALA E 196 54.63 -36.63 -76.89
N PHE E 197 55.75 -36.25 -77.51
CA PHE E 197 55.70 -35.52 -78.77
C PHE E 197 55.08 -36.37 -79.87
N LYS E 198 55.56 -37.61 -80.02
CA LYS E 198 55.07 -38.59 -81.00
C LYS E 198 54.94 -38.00 -82.40
N GLY E 199 56.01 -37.32 -82.83
CA GLY E 199 56.13 -36.87 -84.21
C GLY E 199 56.83 -37.94 -85.04
N THR E 201 56.34 -38.12 -86.27
CA THR E 201 56.85 -39.18 -87.13
C THR E 201 58.17 -38.73 -87.78
N ASN E 202 58.63 -39.48 -88.78
CA ASN E 202 59.89 -39.13 -89.44
C ASN E 202 59.68 -37.95 -90.37
N ASP E 203 60.41 -36.86 -90.07
CA ASP E 203 60.44 -35.55 -90.74
C ASP E 203 59.09 -35.06 -91.28
N PRO E 204 58.12 -34.70 -90.42
CA PRO E 204 57.00 -33.89 -90.92
C PRO E 204 57.37 -32.42 -91.02
N ILE E 205 56.40 -31.60 -91.43
CA ILE E 205 56.48 -30.17 -91.18
C ILE E 205 56.16 -29.93 -89.71
N TRP E 206 56.61 -28.78 -89.20
CA TRP E 206 56.43 -28.46 -87.80
C TRP E 206 54.97 -28.20 -87.42
N LEU E 207 54.05 -28.17 -88.38
CA LEU E 207 52.64 -28.33 -88.07
C LEU E 207 52.27 -29.77 -87.75
N GLY E 208 53.25 -30.69 -87.68
CA GLY E 208 53.06 -32.00 -87.09
C GLY E 208 52.84 -31.99 -85.60
N ILE E 209 52.93 -30.82 -84.96
CA ILE E 209 52.39 -30.65 -83.61
C ILE E 209 50.89 -30.91 -83.59
N TRP E 210 50.22 -30.78 -84.74
CA TRP E 210 48.82 -31.18 -84.86
C TRP E 210 48.62 -32.60 -84.36
N ARG E 211 49.57 -33.50 -84.63
CA ARG E 211 49.48 -34.85 -84.10
C ARG E 211 49.46 -34.83 -82.57
N THR E 212 50.37 -34.07 -81.97
CA THR E 212 50.45 -34.03 -80.51
C THR E 212 49.21 -33.38 -79.90
N LEU E 213 48.73 -32.29 -80.49
CA LEU E 213 47.56 -31.61 -79.95
C LEU E 213 46.33 -32.50 -80.04
N THR E 214 46.17 -33.22 -81.15
CA THR E 214 45.06 -34.14 -81.26
C THR E 214 45.15 -35.25 -80.22
N GLN E 215 46.37 -35.76 -79.99
CA GLN E 215 46.55 -36.76 -78.95
C GLN E 215 46.21 -36.21 -77.58
N ALA E 216 46.62 -34.96 -77.31
CA ALA E 216 46.29 -34.34 -76.04
C ALA E 216 44.79 -34.21 -75.87
N GLN E 217 44.09 -33.81 -76.94
CA GLN E 217 42.63 -33.78 -76.89
C GLN E 217 42.07 -35.17 -76.67
N LYS E 218 42.62 -36.17 -77.36
CA LYS E 218 42.15 -37.53 -77.20
C LYS E 218 42.36 -38.03 -75.78
N ASP E 219 43.54 -37.76 -75.22
CA ASP E 219 43.83 -38.26 -73.88
C ASP E 219 43.01 -37.55 -72.81
N THR E 220 42.68 -36.28 -73.03
CA THR E 220 41.79 -35.59 -72.10
C THR E 220 40.43 -36.26 -72.07
N VAL E 221 39.88 -36.57 -73.24
CA VAL E 221 38.53 -37.13 -73.31
C VAL E 221 38.52 -38.55 -72.78
N ILE E 222 39.56 -39.33 -73.08
CA ILE E 222 39.62 -40.71 -72.58
C ILE E 222 39.66 -40.73 -71.06
N ALA E 223 40.27 -39.72 -70.45
CA ALA E 223 40.27 -39.58 -69.00
C ALA E 223 39.02 -38.88 -68.48
N LYS E 224 38.01 -38.66 -69.32
CA LYS E 224 36.73 -38.06 -68.95
C LYS E 224 36.80 -36.57 -68.66
N ARG E 225 38.00 -35.98 -68.71
CA ARG E 225 38.13 -34.53 -68.71
C ARG E 225 38.01 -34.05 -70.15
N GLN E 226 38.30 -32.78 -70.40
CA GLN E 226 38.32 -32.31 -71.77
C GLN E 226 39.12 -31.02 -71.83
N GLY E 227 39.91 -30.87 -72.88
CA GLY E 227 40.73 -29.69 -73.07
C GLY E 227 39.98 -28.63 -73.85
N ASN E 228 39.99 -27.41 -73.31
CA ASN E 228 39.36 -26.27 -73.97
C ASN E 228 40.32 -25.09 -74.08
N ILE E 229 41.24 -24.96 -73.13
CA ILE E 229 42.22 -23.89 -73.08
C ILE E 229 43.61 -24.51 -73.21
N LEU E 230 44.42 -23.96 -74.10
CA LEU E 230 45.78 -24.42 -74.33
C LEU E 230 46.75 -23.34 -73.86
N MET E 231 47.76 -23.75 -73.10
CA MET E 231 48.82 -22.86 -72.64
C MET E 231 50.14 -23.32 -73.24
N ALA E 232 50.90 -22.38 -73.78
CA ALA E 232 52.18 -22.68 -74.40
C ALA E 232 53.07 -21.45 -74.25
N SER E 233 54.22 -21.47 -74.92
CA SER E 233 55.14 -20.35 -74.94
C SER E 233 55.01 -19.59 -76.25
N SER E 234 55.44 -18.33 -76.23
CA SER E 234 55.44 -17.54 -77.46
C SER E 234 56.50 -18.01 -78.45
N ALA E 235 57.44 -18.85 -78.03
CA ALA E 235 58.48 -19.31 -78.94
C ALA E 235 57.95 -20.15 -80.08
N ASP E 236 56.75 -20.72 -79.95
CA ASP E 236 56.13 -21.53 -81.00
C ASP E 236 54.69 -21.07 -81.22
N GLN E 237 54.46 -19.77 -81.13
CA GLN E 237 53.13 -19.23 -81.43
C GLN E 237 52.78 -19.46 -82.89
N ILE E 238 53.71 -19.20 -83.80
CA ILE E 238 53.41 -19.34 -85.22
C ILE E 238 53.19 -20.80 -85.58
N GLU E 239 53.93 -21.72 -84.96
CA GLU E 239 53.74 -23.13 -85.24
C GLU E 239 52.41 -23.63 -84.69
N ILE E 240 52.08 -23.26 -83.46
CA ILE E 240 50.84 -23.72 -82.84
C ILE E 240 49.63 -23.12 -83.57
N GLU E 241 49.66 -21.81 -83.81
CA GLU E 241 48.54 -21.16 -84.47
C GLU E 241 48.35 -21.67 -85.89
N MET E 242 49.43 -22.11 -86.54
CA MET E 242 49.29 -22.76 -87.84
C MET E 242 48.73 -24.17 -87.68
N ALA E 243 48.99 -24.82 -86.55
CA ALA E 243 48.52 -26.19 -86.35
C ALA E 243 47.03 -26.23 -86.00
N LEU E 244 46.55 -25.25 -85.23
CA LEU E 244 45.13 -25.24 -84.89
C LEU E 244 44.27 -25.13 -86.13
N ASN E 245 44.62 -24.22 -87.03
CA ASN E 245 44.02 -24.23 -88.35
C ASN E 245 44.56 -25.42 -89.14
N GLY E 246 43.77 -25.87 -90.11
CA GLY E 246 44.20 -26.96 -90.95
C GLY E 246 45.46 -26.62 -91.71
N GLY E 247 46.50 -27.44 -91.54
CA GLY E 247 47.73 -27.20 -92.27
C GLY E 247 47.53 -27.33 -93.76
N HIS E 248 48.47 -26.76 -94.50
CA HIS E 248 48.41 -26.83 -95.96
C HIS E 248 48.51 -28.28 -96.42
N LEU E 249 48.07 -28.51 -97.66
CA LEU E 249 48.09 -29.84 -98.23
C LEU E 249 49.51 -30.38 -98.28
N LEU E 250 49.70 -31.60 -97.77
CA LEU E 250 51.01 -32.23 -97.67
C LEU E 250 50.91 -33.65 -98.21
N ASN E 251 51.47 -33.88 -99.40
CA ASN E 251 51.47 -35.20 -100.02
C ASN E 251 50.05 -35.73 -100.18
N GLY E 252 49.13 -34.85 -100.56
CA GLY E 252 47.74 -35.25 -100.70
C GLY E 252 47.12 -35.65 -99.38
N SER E 253 47.31 -34.84 -98.35
CA SER E 253 46.69 -35.08 -97.04
C SER E 253 46.31 -33.73 -96.42
N MET E 254 45.06 -33.35 -96.59
CA MET E 254 44.55 -32.08 -96.07
C MET E 254 44.04 -32.32 -94.66
N TYR E 255 44.86 -31.99 -93.67
CA TYR E 255 44.49 -32.24 -92.29
C TYR E 255 43.40 -31.26 -91.85
N PRO E 256 42.56 -31.63 -90.89
CA PRO E 256 41.51 -30.72 -90.44
C PRO E 256 41.96 -29.84 -89.29
N SER E 257 41.27 -28.71 -89.16
CA SER E 257 41.52 -27.82 -88.03
C SER E 257 41.11 -28.49 -86.72
N ILE E 258 41.84 -28.18 -85.67
CA ILE E 258 41.55 -28.74 -84.35
C ILE E 258 40.43 -27.94 -83.72
N LYS E 259 39.37 -28.64 -83.31
CA LYS E 259 38.21 -28.02 -82.68
C LYS E 259 38.27 -28.20 -81.18
N ASN E 260 37.31 -27.57 -80.49
CA ASN E 260 37.19 -27.63 -79.04
C ASN E 260 38.47 -27.15 -78.36
N ILE E 261 39.03 -26.05 -78.86
CA ILE E 261 40.06 -25.29 -78.16
C ILE E 261 39.64 -23.83 -78.29
N SER E 262 38.97 -23.32 -77.25
CA SER E 262 38.38 -21.99 -77.34
C SER E 262 39.43 -20.92 -77.53
N THR E 263 40.42 -20.89 -76.66
CA THR E 263 41.47 -19.88 -76.69
C THR E 263 42.81 -20.52 -76.37
N VAL E 264 43.87 -19.87 -76.82
CA VAL E 264 45.24 -20.26 -76.51
C VAL E 264 45.92 -19.04 -75.91
N ILE E 265 46.59 -19.23 -74.77
CA ILE E 265 47.25 -18.17 -74.04
C ILE E 265 48.73 -18.49 -73.93
N TYR E 266 49.58 -17.52 -74.28
CA TYR E 266 51.03 -17.68 -74.20
C TYR E 266 51.53 -16.88 -73.01
N TYR E 267 52.11 -17.58 -72.05
CA TYR E 267 52.59 -16.98 -70.80
C TYR E 267 54.11 -17.11 -70.75
N ASP E 268 54.80 -16.08 -71.21
CA ASP E 268 56.24 -16.01 -71.08
C ASP E 268 56.60 -15.49 -69.68
N GLY E 269 57.87 -15.63 -69.33
CA GLY E 269 58.31 -15.17 -68.04
C GLY E 269 58.28 -13.66 -67.93
N TRP E 270 58.28 -13.19 -66.69
CA TRP E 270 58.34 -11.76 -66.36
C TRP E 270 59.59 -11.51 -65.53
N GLU E 271 60.32 -10.44 -65.88
CA GLU E 271 61.58 -10.11 -65.26
C GLU E 271 61.57 -8.66 -64.80
N VAL E 272 62.19 -8.39 -63.66
CA VAL E 272 62.28 -7.05 -63.12
C VAL E 272 63.54 -6.96 -62.28
N THR E 273 64.20 -5.81 -62.34
CA THR E 273 65.45 -5.55 -61.63
C THR E 273 65.17 -4.50 -60.57
N VAL E 274 64.85 -4.94 -59.36
CA VAL E 274 64.59 -4.05 -58.23
C VAL E 274 65.93 -3.81 -57.54
N GLY E 275 66.47 -2.61 -57.71
CA GLY E 275 67.77 -2.30 -57.15
C GLY E 275 68.85 -3.15 -57.76
N LYS E 276 69.40 -4.08 -56.97
CA LYS E 276 70.41 -5.02 -57.43
C LYS E 276 69.96 -6.47 -57.42
N LYS E 277 68.79 -6.77 -56.88
CA LYS E 277 68.26 -8.12 -56.83
C LYS E 277 67.18 -8.26 -57.89
N THR E 278 67.46 -9.02 -58.95
CA THR E 278 66.47 -9.27 -59.98
C THR E 278 65.51 -10.35 -59.53
N TYR E 279 64.22 -10.14 -59.80
CA TYR E 279 63.16 -11.10 -59.53
C TYR E 279 62.56 -11.54 -60.85
N SER E 280 62.46 -12.85 -61.03
CA SER E 280 61.99 -13.43 -62.28
C SER E 280 60.86 -14.41 -61.98
N TYR E 281 59.81 -14.34 -62.78
CA TYR E 281 58.72 -15.32 -62.73
C TYR E 281 58.88 -16.27 -63.90
N LYS E 282 58.92 -17.56 -63.60
CA LYS E 282 59.16 -18.57 -64.63
C LYS E 282 57.92 -18.70 -65.52
N GLY E 283 58.11 -18.47 -66.81
CA GLY E 283 57.06 -18.67 -67.78
C GLY E 283 57.03 -20.10 -68.29
N VAL E 284 56.19 -20.32 -69.30
CA VAL E 284 56.08 -21.64 -69.90
C VAL E 284 57.36 -21.95 -70.65
N THR E 285 57.94 -23.12 -70.37
CA THR E 285 59.16 -23.52 -71.05
C THR E 285 58.87 -23.67 -72.54
N PRO E 286 59.81 -23.33 -73.43
CA PRO E 286 59.57 -23.56 -74.85
C PRO E 286 59.38 -25.03 -75.16
N GLY E 287 58.49 -25.31 -76.10
CA GLY E 287 58.15 -26.69 -76.44
C GLY E 287 57.02 -27.23 -75.59
N LYS E 288 57.19 -27.21 -74.28
CA LYS E 288 56.16 -27.74 -73.39
C LYS E 288 54.91 -26.86 -73.45
N GLY E 289 53.75 -27.51 -73.38
CA GLY E 289 52.49 -26.82 -73.32
C GLY E 289 51.52 -27.56 -72.42
N TYR E 290 50.49 -26.85 -71.98
CA TYR E 290 49.53 -27.37 -71.02
C TYR E 290 48.12 -27.12 -71.53
N LEU E 291 47.37 -28.20 -71.76
CA LEU E 291 45.97 -28.12 -72.18
C LEU E 291 45.09 -28.30 -70.96
N ILE E 292 44.19 -27.34 -70.75
CA ILE E 292 43.53 -27.13 -69.46
C ILE E 292 42.02 -27.19 -69.65
N ARG E 293 41.34 -27.80 -68.69
CA ARG E 293 39.89 -27.72 -68.60
C ARG E 293 39.55 -26.57 -67.66
N PRO E 294 38.99 -25.45 -68.14
CA PRO E 294 39.01 -24.24 -67.34
C PRO E 294 37.87 -24.13 -66.34
N LYS E 295 38.18 -23.44 -65.23
CA LYS E 295 37.22 -22.87 -64.30
C LYS E 295 36.18 -23.88 -63.82
N ARG E 296 36.64 -25.09 -63.54
CA ARG E 296 35.88 -26.07 -62.77
C ARG E 296 36.65 -26.56 -61.56
N GLY E 297 37.94 -26.81 -61.71
CA GLY E 297 38.82 -27.10 -60.59
C GLY E 297 39.70 -25.93 -60.21
N PHE E 298 39.70 -24.88 -61.01
CA PHE E 298 40.49 -23.68 -60.75
C PHE E 298 39.59 -22.60 -60.16
N LYS E 299 39.93 -22.14 -58.97
CA LYS E 299 39.16 -21.11 -58.27
C LYS E 299 40.09 -19.98 -57.88
N GLU E 300 39.68 -18.75 -58.19
CA GLU E 300 40.41 -17.55 -57.82
C GLU E 300 39.75 -16.94 -56.60
N LEU E 301 40.51 -16.85 -55.50
CA LEU E 301 40.01 -16.34 -54.24
C LEU E 301 40.55 -14.93 -54.03
N ILE E 302 39.65 -13.97 -53.81
CA ILE E 302 40.00 -12.57 -53.65
C ILE E 302 39.29 -12.03 -52.42
N LYS E 303 40.03 -11.36 -51.54
CA LYS E 303 39.47 -10.56 -50.46
C LYS E 303 39.65 -9.07 -50.70
N ARG E 304 40.86 -8.65 -51.06
CA ARG E 304 41.12 -7.28 -51.50
C ARG E 304 41.99 -7.38 -52.75
N ASP E 305 41.43 -6.99 -53.89
CA ASP E 305 42.16 -7.14 -55.15
C ASP E 305 43.44 -6.31 -55.16
N LEU E 306 43.32 -5.04 -54.78
CA LEU E 306 44.49 -4.16 -54.73
C LEU E 306 44.09 -2.88 -54.00
N THR E 307 44.99 -2.38 -53.16
CA THR E 307 44.72 -1.19 -52.37
C THR E 307 46.05 -0.46 -52.18
N THR E 308 46.23 0.64 -52.91
CA THR E 308 47.42 1.47 -52.79
C THR E 308 47.12 2.59 -51.79
N GLU E 309 47.51 2.38 -50.54
CA GLU E 309 47.30 3.35 -49.47
C GLU E 309 48.59 4.10 -49.20
N VAL E 310 48.48 5.39 -48.91
CA VAL E 310 49.65 6.17 -48.55
C VAL E 310 50.08 5.79 -47.14
N GLY E 311 51.37 5.45 -47.00
CA GLY E 311 51.89 4.96 -45.74
C GLY E 311 52.31 6.09 -44.81
N ASN E 312 52.80 5.68 -43.64
CA ASN E 312 53.27 6.64 -42.67
C ASN E 312 54.51 7.36 -43.17
N ALA E 313 54.63 8.64 -42.81
CA ALA E 313 55.73 9.49 -43.23
C ALA E 313 56.48 9.99 -42.01
N ASP E 314 57.80 10.14 -42.16
CA ASP E 314 58.64 10.77 -41.14
C ASP E 314 58.68 12.26 -41.46
N LEU E 315 57.81 13.02 -40.82
CA LEU E 315 57.78 14.46 -41.04
C LEU E 315 59.10 15.11 -40.65
N SER E 316 59.79 14.53 -39.66
CA SER E 316 61.04 15.11 -39.19
C SER E 316 62.13 15.08 -40.26
N LYS E 317 61.98 14.25 -41.30
CA LYS E 317 62.89 14.23 -42.44
C LYS E 317 62.29 14.84 -43.69
N LEU E 318 61.03 15.28 -43.64
CA LEU E 318 60.32 15.73 -44.84
C LEU E 318 60.34 14.66 -45.92
N VAL E 319 60.05 13.43 -45.52
CA VAL E 319 59.92 12.30 -46.45
C VAL E 319 58.44 12.06 -46.70
N GLU E 320 58.07 11.95 -47.97
CA GLU E 320 56.68 11.83 -48.33
C GLU E 320 56.15 10.46 -47.89
N ASN E 321 54.82 10.34 -47.84
CA ASN E 321 54.18 9.10 -47.43
C ASN E 321 54.61 7.94 -48.30
N GLN E 322 54.85 6.79 -47.65
CA GLN E 322 55.26 5.59 -48.34
C GLN E 322 54.08 5.06 -49.15
N ILE E 323 54.13 5.23 -50.47
CA ILE E 323 53.14 4.58 -51.32
C ILE E 323 53.42 3.08 -51.29
N VAL E 324 52.41 2.30 -50.91
CA VAL E 324 52.56 0.85 -50.74
C VAL E 324 51.33 0.17 -51.31
N GLY E 325 51.56 -0.84 -52.16
CA GLY E 325 50.48 -1.65 -52.67
C GLY E 325 50.22 -2.85 -51.78
N HIS E 326 49.02 -3.39 -51.88
CA HIS E 326 48.62 -4.49 -51.01
C HIS E 326 47.46 -5.23 -51.63
N CYS E 327 47.58 -6.55 -51.73
CA CYS E 327 46.52 -7.40 -52.25
C CYS E 327 46.46 -8.68 -51.43
N TYR E 328 45.25 -9.07 -51.05
CA TYR E 328 44.99 -10.29 -50.29
C TYR E 328 44.28 -11.25 -51.25
N ARG E 329 45.03 -12.20 -51.79
CA ARG E 329 44.54 -13.07 -52.85
C ARG E 329 44.98 -14.49 -52.56
N GLY E 330 44.59 -15.40 -53.45
CA GLY E 330 45.02 -16.78 -53.39
C GLY E 330 44.41 -17.53 -54.55
N ALA E 331 44.93 -18.73 -54.76
CA ALA E 331 44.53 -19.56 -55.89
C ALA E 331 44.37 -21.00 -55.44
N PHE E 332 43.52 -21.73 -56.15
CA PHE E 332 43.33 -23.16 -55.95
C PHE E 332 43.49 -23.84 -57.30
N ALA E 333 44.45 -24.76 -57.40
CA ALA E 333 44.79 -25.42 -58.65
C ALA E 333 44.34 -26.87 -58.60
N ALA E 334 44.72 -27.64 -59.61
CA ALA E 334 44.35 -29.05 -59.67
C ALA E 334 45.20 -29.76 -60.72
N VAL E 335 45.08 -31.09 -60.72
CA VAL E 335 45.72 -31.93 -61.71
C VAL E 335 44.72 -32.65 -62.59
N GLU E 336 43.48 -32.85 -62.13
CA GLU E 336 42.47 -33.50 -62.95
C GLU E 336 42.17 -32.70 -64.21
N GLU E 337 42.35 -31.39 -64.15
CA GLU E 337 41.98 -30.54 -65.28
C GLU E 337 43.01 -30.56 -66.40
N ASN E 338 44.29 -30.75 -66.07
CA ASN E 338 45.37 -30.38 -66.95
C ASN E 338 46.08 -31.59 -67.54
N VAL E 339 46.55 -31.43 -68.78
CA VAL E 339 47.30 -32.44 -69.50
C VAL E 339 48.49 -31.75 -70.16
N GLN E 340 49.68 -32.29 -69.94
CA GLN E 340 50.90 -31.72 -70.50
C GLN E 340 51.13 -32.23 -71.91
N GLU E 341 51.78 -31.41 -72.73
CA GLU E 341 52.24 -31.79 -74.05
C GLU E 341 53.74 -31.55 -74.16
N ILE E 342 54.32 -32.00 -75.26
CA ILE E 342 55.71 -31.74 -75.61
C ILE E 342 55.73 -31.22 -77.04
N SER E 343 56.35 -30.06 -77.24
CA SER E 343 56.39 -29.40 -78.53
C SER E 343 54.98 -29.17 -79.07
N LEU F 69 35.47 -15.92 -36.31
CA LEU F 69 35.39 -15.26 -37.60
C LEU F 69 34.38 -15.95 -38.51
N ARG F 70 34.08 -15.33 -39.63
CA ARG F 70 33.08 -15.88 -40.54
C ARG F 70 33.56 -17.18 -41.16
N LYS F 71 32.65 -18.14 -41.26
CA LYS F 71 32.93 -19.45 -41.85
C LYS F 71 32.36 -19.48 -43.25
N VAL F 72 33.23 -19.69 -44.25
CA VAL F 72 32.85 -19.75 -45.65
C VAL F 72 33.38 -21.06 -46.22
N VAL F 73 32.55 -21.75 -47.00
CA VAL F 73 32.87 -23.07 -47.53
C VAL F 73 33.29 -22.92 -48.98
N LEU F 74 34.27 -23.71 -49.40
CA LEU F 74 34.73 -23.70 -50.79
C LEU F 74 33.70 -24.43 -51.64
N ASP F 75 32.91 -23.67 -52.39
CA ASP F 75 31.79 -24.24 -53.15
C ASP F 75 32.34 -25.01 -54.34
N VAL F 76 32.81 -26.21 -54.05
CA VAL F 76 33.41 -27.07 -55.06
C VAL F 76 32.33 -27.98 -55.64
N GLU F 77 32.62 -28.53 -56.82
CA GLU F 77 31.69 -29.38 -57.56
C GLU F 77 32.00 -30.83 -57.23
N LEU F 78 31.17 -31.45 -56.40
CA LEU F 78 31.25 -32.86 -56.07
C LEU F 78 29.87 -33.47 -56.21
N GLY F 79 29.77 -34.76 -55.90
CA GLY F 79 28.56 -35.52 -56.08
C GLY F 79 28.68 -36.47 -57.25
N ARG F 80 27.99 -37.60 -57.16
CA ARG F 80 28.12 -38.63 -58.19
C ARG F 80 27.49 -38.16 -59.49
N GLU F 81 27.98 -38.73 -60.58
CA GLU F 81 27.54 -38.33 -61.91
C GLU F 81 26.12 -38.83 -62.18
N GLN F 82 25.38 -38.06 -62.98
CA GLN F 82 24.04 -38.46 -63.39
C GLN F 82 24.13 -39.56 -64.43
N VAL F 83 23.20 -40.52 -64.36
CA VAL F 83 23.15 -41.66 -65.26
C VAL F 83 21.95 -41.49 -66.18
N GLN F 84 22.18 -41.65 -67.48
CA GLN F 84 21.18 -41.47 -68.52
C GLN F 84 20.72 -42.82 -69.05
N LEU F 85 19.53 -42.83 -69.65
CA LEU F 85 18.96 -44.03 -70.24
C LEU F 85 19.46 -44.12 -71.68
N LEU F 86 20.40 -45.02 -71.93
CA LEU F 86 21.04 -45.16 -73.23
C LEU F 86 20.41 -46.22 -74.11
N TYR F 87 19.63 -47.14 -73.53
CA TYR F 87 19.07 -48.26 -74.28
C TYR F 87 17.91 -47.88 -75.19
N LYS F 88 17.28 -46.72 -74.95
CA LYS F 88 16.00 -46.43 -75.57
C LYS F 88 15.98 -46.49 -77.10
N PRO F 89 16.98 -45.97 -77.82
CA PRO F 89 16.92 -46.06 -79.29
C PRO F 89 16.87 -47.49 -79.82
N ILE F 90 17.33 -48.48 -79.06
CA ILE F 90 17.33 -49.85 -79.54
C ILE F 90 15.97 -50.50 -79.32
N TYR F 91 15.55 -50.61 -78.07
CA TYR F 91 14.40 -51.43 -77.73
C TYR F 91 13.10 -50.77 -78.15
N ASP F 92 12.11 -51.61 -78.47
CA ASP F 92 10.75 -51.19 -78.75
C ASP F 92 9.94 -51.34 -77.47
N SER F 93 9.55 -50.21 -76.88
CA SER F 93 8.89 -50.25 -75.58
C SER F 93 7.50 -50.87 -75.68
N ILE F 94 7.16 -51.70 -74.70
CA ILE F 94 5.82 -52.23 -74.52
C ILE F 94 5.41 -51.95 -73.08
N ALA F 95 4.38 -51.12 -72.91
CA ALA F 95 3.93 -50.67 -71.59
C ALA F 95 2.51 -51.18 -71.37
N ASP F 96 2.35 -52.08 -70.41
CA ASP F 96 1.02 -52.60 -70.06
C ASP F 96 1.12 -53.27 -68.71
N SER F 97 0.31 -52.82 -67.75
CA SER F 97 0.31 -53.45 -66.43
C SER F 97 -0.36 -54.82 -66.41
N ASN F 98 -1.03 -55.21 -67.49
CA ASN F 98 -1.72 -56.50 -67.56
C ASN F 98 -0.78 -57.65 -67.88
N LEU F 99 0.49 -57.39 -68.16
CA LEU F 99 1.36 -58.44 -68.66
C LEU F 99 1.58 -59.52 -67.60
N PRO F 100 1.63 -60.80 -67.98
CA PRO F 100 2.00 -61.85 -67.03
C PRO F 100 3.53 -61.96 -66.95
N GLN F 101 4.00 -62.86 -66.09
CA GLN F 101 5.44 -62.99 -65.92
C GLN F 101 6.10 -63.69 -67.11
N VAL F 102 5.35 -64.46 -67.89
CA VAL F 102 5.87 -65.13 -69.07
C VAL F 102 4.98 -64.78 -70.26
N MET F 103 5.59 -64.29 -71.32
CA MET F 103 4.84 -63.77 -72.45
C MET F 103 4.40 -64.89 -73.39
N ASP F 104 3.28 -64.66 -74.06
CA ASP F 104 2.78 -65.62 -75.04
C ASP F 104 3.75 -65.75 -76.21
N ALA F 105 3.75 -66.93 -76.83
CA ALA F 105 4.57 -67.20 -78.00
C ALA F 105 3.69 -67.08 -79.24
N LYS F 106 4.10 -66.23 -80.18
CA LYS F 106 3.35 -66.07 -81.42
C LYS F 106 3.47 -67.34 -82.26
N TRP F 107 2.36 -67.71 -82.91
CA TRP F 107 2.28 -68.92 -83.72
C TRP F 107 1.80 -68.56 -85.11
N ALA F 108 2.14 -69.41 -86.08
CA ALA F 108 1.70 -69.22 -87.45
C ALA F 108 1.75 -70.56 -88.17
N LEU F 109 0.88 -70.71 -89.16
CA LEU F 109 0.76 -71.92 -89.96
C LEU F 109 1.19 -71.62 -91.37
N GLN F 110 2.09 -72.45 -91.90
CA GLN F 110 2.67 -72.26 -93.22
C GLN F 110 2.60 -73.56 -94.00
N GLY F 111 2.23 -73.46 -95.28
CA GLY F 111 2.08 -74.61 -96.13
C GLY F 111 3.23 -74.72 -97.12
N ASN F 112 3.98 -75.81 -97.02
CA ASN F 112 5.14 -76.06 -97.87
C ASN F 112 4.74 -76.94 -99.05
N CYS F 113 5.24 -76.59 -100.23
CA CYS F 113 5.00 -77.36 -101.43
C CYS F 113 6.12 -77.10 -102.42
N VAL F 114 6.41 -78.10 -103.25
CA VAL F 114 7.50 -78.05 -104.22
C VAL F 114 6.99 -78.55 -105.56
N PHE F 115 7.32 -77.83 -106.63
CA PHE F 115 6.91 -78.20 -107.98
C PHE F 115 7.97 -79.11 -108.58
N LEU F 116 7.60 -80.36 -108.82
CA LEU F 116 8.40 -81.31 -109.57
C LEU F 116 7.73 -81.53 -110.92
N GLU F 117 8.50 -81.35 -111.99
CA GLU F 117 7.91 -81.42 -113.32
C GLU F 117 7.43 -82.83 -113.60
N HIS F 118 6.23 -82.92 -114.18
CA HIS F 118 5.47 -84.15 -114.26
C HIS F 118 5.61 -84.80 -115.63
N ILE F 119 5.92 -86.10 -115.63
CA ILE F 119 5.92 -86.91 -116.85
C ILE F 119 4.65 -87.73 -116.87
N GLU F 120 4.29 -88.20 -118.06
CA GLU F 120 3.08 -89.01 -118.24
C GLU F 120 3.08 -90.22 -117.30
N GLY F 121 2.12 -90.25 -116.38
CA GLY F 121 1.86 -91.43 -115.58
C GLY F 121 2.66 -91.60 -114.31
N GLU F 122 3.09 -90.51 -113.68
CA GLU F 122 3.70 -90.55 -112.35
C GLU F 122 2.82 -89.80 -111.37
N GLU F 123 2.55 -90.42 -110.23
CA GLU F 123 1.76 -89.78 -109.19
C GLU F 123 2.48 -88.53 -108.68
N ILE F 124 1.75 -87.44 -108.55
CA ILE F 124 2.31 -86.18 -108.08
C ILE F 124 2.45 -86.24 -106.56
N LYS F 125 3.64 -85.94 -106.07
CA LYS F 125 3.86 -85.91 -104.63
C LYS F 125 3.23 -84.68 -104.03
N PHE F 126 2.64 -84.85 -102.84
CA PHE F 126 1.92 -83.78 -102.17
C PHE F 126 2.79 -83.10 -101.13
N GLY F 127 2.50 -81.84 -100.86
CA GLY F 127 3.22 -81.06 -99.89
C GLY F 127 2.78 -81.37 -98.47
N THR F 128 3.28 -80.56 -97.54
CA THR F 128 2.95 -80.68 -96.13
C THR F 128 2.75 -79.29 -95.55
N ILE F 129 2.47 -79.24 -94.25
CA ILE F 129 2.23 -77.99 -93.53
C ILE F 129 3.14 -77.98 -92.30
N ASN F 130 3.77 -76.83 -92.06
CA ASN F 130 4.65 -76.63 -90.93
C ASN F 130 4.20 -75.41 -90.14
N ALA F 131 4.45 -75.44 -88.84
CA ALA F 131 4.02 -74.40 -87.92
C ALA F 131 5.22 -73.65 -87.36
N GLU F 132 5.17 -72.32 -87.46
CA GLU F 132 6.19 -71.47 -86.89
C GLU F 132 5.85 -71.14 -85.45
N ASN F 133 6.88 -71.02 -84.61
CA ASN F 133 6.74 -70.69 -83.21
C ASN F 133 7.63 -69.50 -82.89
N GLY F 134 7.07 -68.49 -82.23
CA GLY F 134 7.82 -67.32 -81.86
C GLY F 134 8.64 -67.54 -80.62
N PRO F 135 9.36 -66.51 -80.21
CA PRO F 135 10.17 -66.59 -78.99
C PRO F 135 9.32 -66.29 -77.75
N VAL F 136 9.88 -66.64 -76.59
CA VAL F 136 9.23 -66.48 -75.31
C VAL F 136 10.03 -65.48 -74.49
N ALA F 137 9.34 -64.50 -73.91
CA ALA F 137 9.95 -63.49 -73.06
C ALA F 137 9.39 -63.60 -71.66
N ARG F 138 10.20 -63.23 -70.68
CA ARG F 138 9.87 -63.34 -69.26
C ARG F 138 10.06 -62.00 -68.58
N ILE F 139 9.17 -61.70 -67.64
CA ILE F 139 9.22 -60.46 -66.85
C ILE F 139 9.70 -60.81 -65.46
N GLN F 140 10.65 -60.03 -64.94
CA GLN F 140 11.24 -60.24 -63.64
C GLN F 140 10.97 -59.04 -62.75
N THR F 141 11.15 -59.24 -61.45
CA THR F 141 10.94 -58.21 -60.44
C THR F 141 12.28 -57.84 -59.84
N TYR F 142 12.63 -56.55 -59.91
CA TYR F 142 13.84 -56.01 -59.32
C TYR F 142 13.45 -55.08 -58.19
N ALA F 143 14.26 -55.06 -57.12
CA ALA F 143 13.92 -54.23 -55.99
C ALA F 143 15.13 -54.04 -55.08
N THR F 144 15.13 -52.93 -54.36
CA THR F 144 16.12 -52.64 -53.33
C THR F 144 15.54 -51.56 -52.44
N GLY F 145 16.33 -51.09 -51.48
CA GLY F 145 15.86 -50.06 -50.59
C GLY F 145 16.92 -49.73 -49.56
N PHE F 146 16.56 -48.81 -48.67
CA PHE F 146 17.40 -48.39 -47.56
C PHE F 146 16.66 -48.63 -46.25
N GLU F 147 17.42 -48.62 -45.17
CA GLU F 147 16.89 -48.67 -43.80
C GLU F 147 17.62 -47.60 -43.02
N TYR F 148 17.09 -46.38 -43.04
CA TYR F 148 17.70 -45.27 -42.32
C TYR F 148 17.13 -45.22 -40.91
N THR F 149 18.02 -45.12 -39.93
CA THR F 149 17.65 -45.23 -38.53
C THR F 149 17.48 -43.85 -37.90
N LYS F 150 16.98 -43.85 -36.66
CA LYS F 150 16.92 -42.61 -35.90
C LYS F 150 18.32 -42.06 -35.66
N GLU F 151 19.28 -42.94 -35.35
CA GLU F 151 20.66 -42.49 -35.13
C GLU F 151 21.24 -41.87 -36.38
N MET F 152 21.02 -42.50 -37.54
CA MET F 152 21.50 -41.93 -38.80
C MET F 152 20.84 -40.59 -39.06
N LYS F 153 19.54 -40.48 -38.77
CA LYS F 153 18.83 -39.22 -38.96
C LYS F 153 19.35 -38.13 -38.04
N ASP F 154 19.78 -38.49 -36.83
CA ASP F 154 20.13 -37.51 -35.81
C ASP F 154 21.62 -37.16 -35.80
N PHE F 155 22.47 -37.95 -36.43
CA PHE F 155 23.89 -37.60 -36.48
C PHE F 155 24.12 -36.30 -37.24
N ASN F 156 23.81 -36.29 -38.54
CA ASN F 156 24.01 -35.14 -39.39
C ASN F 156 22.66 -34.55 -39.80
N GLN F 157 22.50 -33.25 -39.59
CA GLN F 157 21.26 -32.60 -39.96
C GLN F 157 21.10 -32.46 -41.47
N THR F 158 22.19 -32.58 -42.23
CA THR F 158 22.09 -32.53 -43.68
C THR F 158 21.34 -33.73 -44.24
N PHE F 159 21.23 -34.82 -43.49
CA PHE F 159 20.57 -36.02 -43.98
C PHE F 159 19.08 -35.78 -44.18
N SER F 160 18.54 -36.41 -45.22
CA SER F 160 17.10 -36.40 -45.48
C SER F 160 16.79 -37.58 -46.37
N VAL F 161 15.49 -37.83 -46.56
CA VAL F 161 15.08 -38.93 -47.43
C VAL F 161 15.33 -38.61 -48.89
N GLU F 162 15.54 -37.33 -49.23
CA GLU F 162 15.68 -36.94 -50.62
C GLU F 162 16.92 -37.58 -51.26
N ILE F 163 18.03 -37.65 -50.52
CA ILE F 163 19.22 -38.27 -51.08
C ILE F 163 18.99 -39.76 -51.29
N LEU F 164 18.22 -40.40 -50.41
CA LEU F 164 17.89 -41.81 -50.60
C LEU F 164 17.06 -42.00 -51.86
N ASN F 165 16.07 -41.13 -52.08
CA ASN F 165 15.27 -41.21 -53.30
C ASN F 165 16.14 -40.99 -54.54
N LYS F 166 17.06 -40.03 -54.46
CA LYS F 166 17.97 -39.79 -55.58
C LYS F 166 18.83 -41.00 -55.87
N SER F 167 19.33 -41.66 -54.83
CA SER F 167 20.11 -42.87 -55.02
C SER F 167 19.28 -43.97 -55.65
N ILE F 168 18.02 -44.10 -55.21
CA ILE F 168 17.12 -45.09 -55.80
C ILE F 168 16.95 -44.82 -57.29
N GLY F 169 16.72 -43.56 -57.66
CA GLY F 169 16.54 -43.23 -59.06
C GLY F 169 17.79 -43.50 -59.89
N GLU F 170 18.95 -43.15 -59.35
CA GLU F 170 20.20 -43.36 -60.06
C GLU F 170 20.45 -44.85 -60.28
N SER F 171 20.34 -45.64 -59.21
CA SER F 171 20.54 -47.08 -59.35
C SER F 171 19.51 -47.70 -60.26
N TYR F 172 18.28 -47.18 -60.27
CA TYR F 172 17.26 -47.71 -61.15
C TYR F 172 17.60 -47.46 -62.61
N ASN F 173 18.06 -46.25 -62.93
CA ASN F 173 18.45 -45.96 -64.31
C ASN F 173 19.63 -46.82 -64.73
N ALA F 174 20.60 -47.00 -63.84
CA ALA F 174 21.73 -47.87 -64.14
C ALA F 174 21.26 -49.29 -64.37
N LEU F 175 20.28 -49.75 -63.58
CA LEU F 175 19.75 -51.10 -63.78
C LEU F 175 19.05 -51.22 -65.12
N LEU F 176 18.32 -50.18 -65.53
CA LEU F 176 17.66 -50.23 -66.83
C LEU F 176 18.69 -50.40 -67.93
N ASN F 177 19.75 -49.59 -67.89
CA ASN F 177 20.81 -49.72 -68.87
C ASN F 177 21.42 -51.12 -68.83
N HIS F 178 21.64 -51.64 -67.62
CA HIS F 178 22.24 -52.97 -67.51
C HIS F 178 21.35 -54.03 -68.12
N ILE F 179 20.08 -54.07 -67.73
CA ILE F 179 19.15 -55.09 -68.22
C ILE F 179 19.07 -55.04 -69.73
N HIS F 180 19.00 -53.84 -70.29
CA HIS F 180 18.72 -53.72 -71.72
C HIS F 180 19.97 -53.88 -72.58
N LEU F 181 21.15 -53.56 -72.06
CA LEU F 181 22.38 -53.60 -72.86
C LEU F 181 23.26 -54.81 -72.59
N SER F 182 23.38 -55.25 -71.35
CA SER F 182 24.27 -56.34 -71.01
C SER F 182 23.96 -57.65 -71.71
N PRO F 183 22.73 -57.91 -72.18
CA PRO F 183 22.57 -59.03 -73.12
C PRO F 183 23.44 -58.89 -74.35
N ILE F 184 23.60 -57.67 -74.87
CA ILE F 184 24.49 -57.47 -76.01
C ILE F 184 25.95 -57.64 -75.59
N ILE F 185 26.30 -57.15 -74.40
CA ILE F 185 27.70 -57.14 -73.97
C ILE F 185 28.17 -58.57 -73.71
N ASN F 186 27.42 -59.33 -72.93
CA ASN F 186 27.88 -60.61 -72.40
C ASN F 186 27.59 -61.79 -73.31
N PHE F 187 26.94 -61.58 -74.45
CA PHE F 187 26.66 -62.71 -75.33
C PHE F 187 27.94 -63.31 -75.86
N ASN F 188 27.94 -64.63 -76.00
CA ASN F 188 29.07 -65.36 -76.57
C ASN F 188 28.90 -65.38 -78.08
N TYR F 189 29.37 -64.33 -78.75
CA TYR F 189 29.21 -64.23 -80.19
C TYR F 189 30.00 -65.33 -80.90
N LYS F 190 29.38 -65.93 -81.90
CA LYS F 190 30.04 -66.93 -82.71
C LYS F 190 30.83 -66.25 -83.83
N ALA F 191 31.48 -67.06 -84.66
CA ALA F 191 32.30 -66.51 -85.73
C ALA F 191 31.47 -65.74 -86.74
N SER F 192 30.19 -66.07 -86.88
CA SER F 192 29.36 -65.39 -87.85
C SER F 192 29.19 -63.92 -87.51
N ASN F 193 29.03 -63.60 -86.24
CA ASN F 193 28.73 -62.24 -85.80
C ASN F 193 29.95 -61.45 -85.37
N LYS F 194 31.16 -62.01 -85.50
CA LYS F 194 32.39 -61.36 -85.07
C LYS F 194 33.17 -60.91 -86.31
N THR F 195 33.58 -59.65 -86.31
CA THR F 195 34.45 -59.09 -87.33
C THR F 195 35.71 -58.54 -86.66
N ALA F 196 36.87 -58.94 -87.17
CA ALA F 196 38.14 -58.61 -86.55
C ALA F 196 38.64 -57.25 -87.01
N PHE F 197 39.45 -56.61 -86.17
CA PHE F 197 40.11 -55.38 -86.55
C PHE F 197 41.07 -55.64 -87.70
N LYS F 198 41.10 -54.71 -88.66
CA LYS F 198 41.79 -54.89 -89.92
C LYS F 198 42.72 -53.73 -90.23
N GLY F 199 43.49 -53.27 -89.24
CA GLY F 199 44.51 -52.28 -89.50
C GLY F 199 45.55 -52.82 -90.46
N THR F 201 45.55 -52.30 -91.69
CA THR F 201 46.36 -52.89 -92.75
C THR F 201 47.85 -52.77 -92.45
N ASN F 202 48.38 -51.55 -92.45
CA ASN F 202 49.79 -51.33 -92.15
C ASN F 202 49.98 -49.87 -91.79
N ASP F 203 50.47 -49.63 -90.56
CA ASP F 203 50.69 -48.33 -89.93
C ASP F 203 49.68 -47.26 -90.36
N PRO F 204 48.37 -47.52 -90.26
CA PRO F 204 47.41 -46.51 -90.68
C PRO F 204 47.14 -45.50 -89.57
N ILE F 205 46.69 -44.33 -89.99
CA ILE F 205 46.11 -43.40 -89.03
C ILE F 205 44.96 -44.08 -88.32
N TRP F 206 44.69 -43.69 -87.08
CA TRP F 206 43.75 -44.43 -86.24
C TRP F 206 42.31 -44.36 -86.76
N LEU F 207 42.01 -43.51 -87.75
CA LEU F 207 40.73 -43.56 -88.43
C LEU F 207 40.67 -44.67 -89.48
N GLY F 208 41.61 -45.64 -89.44
CA GLY F 208 41.42 -46.92 -90.10
C GLY F 208 40.39 -47.80 -89.43
N ILE F 209 39.82 -47.38 -88.31
CA ILE F 209 38.61 -47.99 -87.78
C ILE F 209 37.47 -47.86 -88.77
N TRP F 210 37.51 -46.84 -89.63
CA TRP F 210 36.50 -46.66 -90.68
C TRP F 210 36.34 -47.93 -91.51
N ARG F 211 37.45 -48.52 -91.94
CA ARG F 211 37.34 -49.71 -92.77
C ARG F 211 36.80 -50.89 -91.97
N THR F 212 37.06 -50.92 -90.65
CA THR F 212 36.46 -51.95 -89.82
C THR F 212 34.95 -51.79 -89.74
N LEU F 213 34.46 -50.56 -89.57
CA LEU F 213 33.02 -50.34 -89.49
C LEU F 213 32.34 -50.69 -90.82
N THR F 214 32.98 -50.34 -91.94
CA THR F 214 32.39 -50.71 -93.22
C THR F 214 32.32 -52.22 -93.38
N GLN F 215 33.35 -52.93 -92.93
CA GLN F 215 33.30 -54.39 -92.96
C GLN F 215 32.19 -54.91 -92.05
N ALA F 216 31.98 -54.26 -90.91
CA ALA F 216 30.84 -54.63 -90.07
C ALA F 216 29.53 -54.39 -90.79
N GLN F 217 29.42 -53.27 -91.51
CA GLN F 217 28.21 -53.03 -92.31
C GLN F 217 28.07 -54.08 -93.41
N LYS F 218 29.18 -54.46 -94.04
CA LYS F 218 29.12 -55.49 -95.06
C LYS F 218 28.66 -56.81 -94.48
N ASP F 219 29.12 -57.15 -93.28
CA ASP F 219 28.71 -58.40 -92.66
C ASP F 219 27.21 -58.42 -92.35
N THR F 220 26.67 -57.30 -91.88
CA THR F 220 25.24 -57.23 -91.62
C THR F 220 24.46 -57.36 -92.93
N VAL F 221 24.88 -56.64 -93.97
CA VAL F 221 24.11 -56.61 -95.20
C VAL F 221 24.20 -57.97 -95.91
N ILE F 222 25.39 -58.56 -95.97
CA ILE F 222 25.52 -59.85 -96.63
C ILE F 222 24.76 -60.92 -95.87
N ALA F 223 24.63 -60.77 -94.56
CA ALA F 223 23.80 -61.64 -93.73
C ALA F 223 22.36 -61.14 -93.62
N LYS F 224 21.97 -60.15 -94.42
CA LYS F 224 20.61 -59.60 -94.45
C LYS F 224 20.20 -59.00 -93.10
N ARG F 225 21.15 -58.58 -92.29
CA ARG F 225 20.92 -57.66 -91.19
C ARG F 225 21.22 -56.24 -91.65
N GLN F 226 20.89 -55.28 -90.80
CA GLN F 226 21.21 -53.87 -91.07
C GLN F 226 21.58 -53.23 -89.74
N GLY F 227 22.84 -52.84 -89.61
CA GLY F 227 23.32 -52.23 -88.39
C GLY F 227 23.06 -50.74 -88.32
N ASN F 228 21.81 -50.36 -88.06
CA ASN F 228 21.47 -48.95 -88.01
C ASN F 228 22.09 -48.26 -86.81
N ILE F 229 22.31 -48.98 -85.72
CA ILE F 229 22.83 -48.42 -84.48
C ILE F 229 24.18 -49.03 -84.19
N LEU F 230 25.04 -48.24 -83.55
CA LEU F 230 26.36 -48.66 -83.10
C LEU F 230 26.48 -48.44 -81.61
N MET F 231 27.16 -49.35 -80.92
CA MET F 231 27.44 -49.23 -79.50
C MET F 231 28.92 -49.48 -79.27
N ALA F 232 29.58 -48.56 -78.58
CA ALA F 232 31.00 -48.64 -78.32
C ALA F 232 31.29 -47.97 -76.99
N SER F 233 32.55 -48.01 -76.58
CA SER F 233 32.97 -47.39 -75.34
C SER F 233 33.14 -45.89 -75.53
N SER F 234 33.13 -45.17 -74.41
CA SER F 234 33.42 -43.74 -74.47
C SER F 234 34.88 -43.47 -74.82
N ALA F 235 35.76 -44.46 -74.65
CA ALA F 235 37.17 -44.25 -74.93
C ALA F 235 37.42 -43.95 -76.40
N ASP F 236 36.61 -44.52 -77.30
CA ASP F 236 36.80 -44.40 -78.74
C ASP F 236 35.78 -43.46 -79.37
N GLN F 237 35.20 -42.53 -78.60
CA GLN F 237 34.15 -41.68 -79.16
C GLN F 237 34.70 -40.71 -80.18
N ILE F 238 35.89 -40.15 -79.93
CA ILE F 238 36.46 -39.20 -80.88
C ILE F 238 36.80 -39.91 -82.19
N GLU F 239 37.45 -41.07 -82.10
CA GLU F 239 37.89 -41.74 -83.31
C GLU F 239 36.71 -42.30 -84.09
N ILE F 240 35.70 -42.82 -83.39
CA ILE F 240 34.52 -43.32 -84.08
C ILE F 240 33.80 -42.18 -84.78
N GLU F 241 33.64 -41.05 -84.09
CA GLU F 241 33.00 -39.90 -84.72
C GLU F 241 33.80 -39.40 -85.91
N MET F 242 35.13 -39.37 -85.78
CA MET F 242 35.97 -39.03 -86.92
C MET F 242 35.81 -40.07 -88.03
N ALA F 243 35.75 -41.35 -87.65
CA ALA F 243 35.59 -42.40 -88.66
C ALA F 243 34.21 -42.35 -89.30
N LEU F 244 33.17 -42.03 -88.50
CA LEU F 244 31.82 -41.98 -89.04
C LEU F 244 31.70 -40.92 -90.12
N ASN F 245 32.13 -39.70 -89.81
CA ASN F 245 32.19 -38.67 -90.84
C ASN F 245 33.23 -39.04 -91.87
N GLY F 246 33.15 -38.38 -93.03
CA GLY F 246 34.14 -38.59 -94.05
C GLY F 246 35.52 -38.19 -93.55
N GLY F 247 36.39 -39.18 -93.35
CA GLY F 247 37.72 -38.88 -92.87
C GLY F 247 38.46 -37.95 -93.80
N HIS F 248 39.35 -37.14 -93.23
CA HIS F 248 40.07 -36.15 -94.00
C HIS F 248 40.89 -36.82 -95.09
N LEU F 249 41.18 -36.05 -96.15
CA LEU F 249 42.00 -36.54 -97.24
C LEU F 249 43.35 -37.00 -96.72
N LEU F 250 43.82 -38.14 -97.24
CA LEU F 250 45.03 -38.76 -96.73
C LEU F 250 45.74 -39.48 -97.87
N ASN F 251 46.91 -38.98 -98.26
CA ASN F 251 47.73 -39.60 -99.28
C ASN F 251 46.97 -39.73 -100.60
N GLY F 252 46.17 -38.72 -100.93
CA GLY F 252 45.40 -38.76 -102.16
C GLY F 252 44.40 -39.89 -102.19
N SER F 253 43.74 -40.16 -101.06
CA SER F 253 42.73 -41.21 -100.97
C SER F 253 41.66 -40.72 -100.01
N MET F 254 40.53 -40.29 -100.55
CA MET F 254 39.42 -39.77 -99.77
C MET F 254 38.42 -40.91 -99.54
N TYR F 255 38.10 -41.17 -98.26
CA TYR F 255 37.15 -42.21 -97.89
C TYR F 255 35.79 -41.61 -97.61
N PRO F 256 34.69 -42.12 -98.17
CA PRO F 256 33.39 -41.50 -97.91
C PRO F 256 32.91 -41.76 -96.50
N SER F 257 31.99 -40.92 -96.06
CA SER F 257 31.41 -41.07 -94.73
C SER F 257 30.58 -42.35 -94.65
N ILE F 258 30.49 -42.90 -93.44
CA ILE F 258 29.62 -44.04 -93.18
C ILE F 258 28.20 -43.52 -92.99
N LYS F 259 27.29 -43.97 -93.84
CA LYS F 259 25.99 -43.32 -93.97
C LYS F 259 24.94 -43.92 -93.04
N ASN F 260 24.69 -45.22 -93.16
CA ASN F 260 23.49 -45.81 -92.57
C ASN F 260 23.52 -45.86 -91.05
N ILE F 261 24.66 -45.62 -90.40
CA ILE F 261 24.70 -45.62 -88.94
C ILE F 261 24.02 -44.36 -88.45
N SER F 262 22.77 -44.47 -88.03
CA SER F 262 22.00 -43.30 -87.64
C SER F 262 22.59 -42.64 -86.41
N THR F 263 22.99 -43.42 -85.42
CA THR F 263 23.51 -42.86 -84.18
C THR F 263 24.39 -43.89 -83.50
N VAL F 264 25.19 -43.42 -82.54
CA VAL F 264 26.12 -44.24 -81.79
C VAL F 264 25.87 -44.03 -80.31
N ILE F 265 25.87 -45.13 -79.56
CA ILE F 265 25.61 -45.12 -78.12
C ILE F 265 26.91 -45.41 -77.41
N TYR F 266 27.31 -44.53 -76.50
CA TYR F 266 28.53 -44.68 -75.73
C TYR F 266 28.15 -45.11 -74.32
N TYR F 267 28.21 -46.40 -74.06
CA TYR F 267 27.79 -47.00 -72.80
C TYR F 267 29.03 -47.50 -72.05
N ASP F 268 29.43 -46.74 -71.04
CA ASP F 268 30.39 -47.21 -70.06
C ASP F 268 29.66 -47.92 -68.93
N GLY F 269 30.43 -48.57 -68.07
CA GLY F 269 29.82 -49.32 -66.98
C GLY F 269 29.17 -48.45 -65.93
N TRP F 270 28.96 -49.01 -64.74
CA TRP F 270 28.45 -48.24 -63.63
C TRP F 270 28.78 -49.00 -62.35
N GLU F 271 29.69 -48.46 -61.54
CA GLU F 271 30.14 -49.10 -60.32
C GLU F 271 29.56 -48.37 -59.12
N VAL F 272 29.14 -49.14 -58.12
CA VAL F 272 28.63 -48.61 -56.87
C VAL F 272 29.20 -49.44 -55.73
N THR F 273 29.55 -48.77 -54.64
CA THR F 273 30.10 -49.42 -53.44
C THR F 273 29.04 -49.30 -52.35
N VAL F 274 28.35 -50.41 -52.09
CA VAL F 274 27.35 -50.51 -51.04
C VAL F 274 27.94 -51.34 -49.91
N GLY F 275 28.12 -50.73 -48.75
CA GLY F 275 28.74 -51.43 -47.65
C GLY F 275 30.14 -51.88 -48.03
N LYS F 276 30.39 -53.17 -47.83
CA LYS F 276 31.67 -53.79 -48.19
C LYS F 276 31.58 -54.60 -49.47
N LYS F 277 30.50 -54.45 -50.24
CA LYS F 277 30.34 -55.12 -51.52
C LYS F 277 30.31 -54.07 -52.63
N THR F 278 30.95 -54.39 -53.76
CA THR F 278 30.99 -53.53 -54.93
C THR F 278 30.26 -54.24 -56.07
N TYR F 279 29.22 -53.59 -56.60
CA TYR F 279 28.44 -54.11 -57.71
C TYR F 279 28.70 -53.25 -58.93
N SER F 280 29.19 -53.86 -59.99
CA SER F 280 29.59 -53.15 -61.21
C SER F 280 28.87 -53.76 -62.40
N TYR F 281 28.10 -52.94 -63.11
CA TYR F 281 27.51 -53.33 -64.39
C TYR F 281 28.55 -53.06 -65.46
N LYS F 282 29.18 -54.13 -65.95
CA LYS F 282 30.25 -53.98 -66.92
C LYS F 282 29.72 -53.38 -68.21
N GLY F 283 30.22 -52.21 -68.56
CA GLY F 283 29.85 -51.55 -69.79
C GLY F 283 30.59 -52.14 -70.97
N VAL F 284 30.62 -51.37 -72.06
CA VAL F 284 31.30 -51.82 -73.26
C VAL F 284 32.79 -51.89 -72.99
N THR F 285 33.41 -53.01 -73.31
CA THR F 285 34.85 -53.12 -73.16
C THR F 285 35.52 -52.14 -74.13
N PRO F 286 36.54 -51.40 -73.71
CA PRO F 286 37.18 -50.47 -74.64
C PRO F 286 37.81 -51.21 -75.81
N GLY F 287 37.73 -50.60 -76.98
CA GLY F 287 38.17 -51.24 -78.21
C GLY F 287 37.03 -51.95 -78.91
N LYS F 288 36.42 -52.91 -78.23
CA LYS F 288 35.31 -53.66 -78.82
C LYS F 288 34.09 -52.77 -79.00
N GLY F 289 33.35 -53.02 -80.07
CA GLY F 289 32.12 -52.31 -80.32
C GLY F 289 31.09 -53.23 -80.94
N TYR F 290 29.82 -52.84 -80.80
CA TYR F 290 28.69 -53.66 -81.23
C TYR F 290 27.80 -52.86 -82.17
N LEU F 291 27.35 -53.51 -83.23
CA LEU F 291 26.46 -52.92 -84.23
C LEU F 291 25.14 -53.67 -84.20
N ILE F 292 24.03 -52.92 -84.15
CA ILE F 292 22.74 -53.45 -83.74
C ILE F 292 21.70 -53.05 -84.78
N ARG F 293 20.77 -53.96 -85.07
CA ARG F 293 19.52 -53.61 -85.74
C ARG F 293 18.50 -53.31 -84.66
N PRO F 294 18.04 -52.05 -84.51
CA PRO F 294 17.50 -51.62 -83.21
C PRO F 294 16.23 -52.30 -82.74
N LYS F 295 15.15 -52.19 -83.51
CA LYS F 295 13.81 -52.39 -82.96
C LYS F 295 13.23 -53.77 -83.23
N ARG F 296 13.71 -54.48 -84.25
CA ARG F 296 13.07 -55.72 -84.66
C ARG F 296 13.19 -56.79 -83.57
N GLY F 297 14.41 -57.02 -83.08
CA GLY F 297 14.68 -58.12 -82.18
C GLY F 297 14.88 -57.74 -80.73
N PHE F 298 14.48 -56.52 -80.35
CA PHE F 298 14.66 -56.02 -78.99
C PHE F 298 13.33 -55.45 -78.52
N LYS F 299 12.72 -56.12 -77.55
CA LYS F 299 11.43 -55.72 -76.99
C LYS F 299 11.61 -55.48 -75.50
N GLU F 300 11.22 -54.29 -75.05
CA GLU F 300 11.21 -53.95 -73.63
C GLU F 300 9.80 -54.14 -73.10
N LEU F 301 9.69 -54.79 -71.95
CA LEU F 301 8.41 -55.11 -71.31
C LEU F 301 8.32 -54.32 -70.02
N ILE F 302 7.39 -53.37 -69.97
CA ILE F 302 7.23 -52.48 -68.81
C ILE F 302 5.90 -52.79 -68.14
N LYS F 303 5.91 -53.68 -67.15
CA LYS F 303 4.72 -53.93 -66.36
C LYS F 303 4.54 -52.86 -65.29
N ARG F 304 5.64 -52.40 -64.70
CA ARG F 304 5.59 -51.38 -63.67
C ARG F 304 6.94 -50.69 -63.65
N ASP F 305 6.99 -49.42 -64.07
CA ASP F 305 8.26 -48.76 -64.29
C ASP F 305 9.06 -48.62 -63.00
N LEU F 306 8.45 -48.06 -61.96
CA LEU F 306 9.10 -47.94 -60.67
C LEU F 306 8.09 -47.45 -59.65
N THR F 307 8.11 -48.05 -58.46
CA THR F 307 7.25 -47.62 -57.37
C THR F 307 8.02 -47.74 -56.08
N THR F 308 8.00 -46.68 -55.28
CA THR F 308 8.70 -46.62 -54.01
C THR F 308 7.67 -46.41 -52.90
N GLU F 309 7.89 -47.08 -51.76
CA GLU F 309 6.96 -47.02 -50.65
C GLU F 309 7.74 -47.08 -49.35
N VAL F 310 7.11 -46.55 -48.29
CA VAL F 310 7.74 -46.38 -46.99
C VAL F 310 6.76 -46.81 -45.91
N GLY F 311 7.25 -47.50 -44.90
CA GLY F 311 6.39 -47.95 -43.82
C GLY F 311 7.17 -48.35 -42.60
N ASN F 312 6.55 -48.20 -41.43
CA ASN F 312 7.12 -48.58 -40.14
C ASN F 312 6.07 -49.30 -39.29
N ALA F 313 5.36 -50.24 -39.91
CA ALA F 313 4.24 -50.88 -39.22
C ALA F 313 4.72 -51.70 -38.02
N ASP F 314 5.83 -52.44 -38.17
CA ASP F 314 6.29 -53.36 -37.14
C ASP F 314 7.80 -53.32 -36.99
N LEU F 315 8.43 -52.20 -37.31
CA LEU F 315 9.88 -52.10 -37.27
C LEU F 315 10.36 -51.74 -35.87
N SER F 316 11.68 -51.76 -35.71
CA SER F 316 12.28 -51.50 -34.41
C SER F 316 12.05 -50.05 -33.99
N LYS F 317 12.20 -49.82 -32.68
CA LYS F 317 12.06 -48.46 -32.16
C LYS F 317 13.18 -47.56 -32.64
N LEU F 318 14.37 -48.10 -32.83
CA LEU F 318 15.51 -47.32 -33.28
C LEU F 318 15.58 -47.13 -34.78
N VAL F 319 14.73 -47.82 -35.55
CA VAL F 319 14.74 -47.76 -37.01
C VAL F 319 13.58 -46.89 -37.46
N GLU F 320 13.90 -45.78 -38.12
CA GLU F 320 12.88 -45.01 -38.80
C GLU F 320 12.35 -45.80 -39.98
N ASN F 321 11.23 -45.36 -40.52
CA ASN F 321 10.53 -46.06 -41.59
C ASN F 321 11.44 -46.33 -42.78
N GLN F 322 11.71 -47.61 -43.05
CA GLN F 322 12.57 -47.98 -44.16
C GLN F 322 11.88 -47.74 -45.49
N ILE F 323 12.69 -47.48 -46.51
CA ILE F 323 12.21 -47.14 -47.85
C ILE F 323 12.60 -48.26 -48.79
N VAL F 324 11.64 -48.71 -49.60
CA VAL F 324 11.81 -49.83 -50.51
C VAL F 324 11.28 -49.45 -51.88
N GLY F 325 12.01 -49.80 -52.92
CA GLY F 325 11.57 -49.56 -54.28
C GLY F 325 11.64 -50.84 -55.08
N HIS F 326 10.68 -51.01 -55.99
CA HIS F 326 10.58 -52.21 -56.78
C HIS F 326 10.00 -51.87 -58.14
N CYS F 327 10.24 -52.77 -59.11
CA CYS F 327 9.73 -52.56 -60.45
C CYS F 327 9.63 -53.89 -61.17
N TYR F 328 8.51 -54.11 -61.85
CA TYR F 328 8.32 -55.27 -62.71
C TYR F 328 8.77 -54.90 -64.12
N ARG F 329 9.70 -55.66 -64.67
CA ARG F 329 10.29 -55.32 -65.95
C ARG F 329 10.87 -56.57 -66.58
N GLY F 330 11.02 -56.52 -67.90
CA GLY F 330 11.62 -57.62 -68.63
C GLY F 330 12.05 -57.15 -70.00
N ALA F 331 13.10 -57.78 -70.53
CA ALA F 331 13.68 -57.41 -71.80
C ALA F 331 14.03 -58.66 -72.58
N PHE F 332 13.74 -58.64 -73.87
CA PHE F 332 14.00 -59.76 -74.78
C PHE F 332 15.11 -59.35 -75.75
N ALA F 333 16.26 -59.98 -75.63
CA ALA F 333 17.41 -59.70 -76.48
C ALA F 333 17.39 -60.65 -77.68
N ALA F 334 18.47 -60.68 -78.45
CA ALA F 334 18.54 -61.58 -79.60
C ALA F 334 19.97 -61.64 -80.11
N VAL F 335 20.23 -62.68 -80.91
CA VAL F 335 21.45 -62.80 -81.71
C VAL F 335 21.21 -62.53 -83.18
N GLU F 336 19.95 -62.43 -83.61
CA GLU F 336 19.62 -62.13 -85.00
C GLU F 336 20.10 -60.74 -85.42
N GLU F 337 20.43 -59.86 -84.47
CA GLU F 337 20.62 -58.44 -84.74
C GLU F 337 22.03 -57.92 -84.52
N ASN F 338 22.84 -58.57 -83.70
CA ASN F 338 24.10 -58.00 -83.25
C ASN F 338 25.28 -58.51 -84.08
N VAL F 339 26.22 -57.61 -84.35
CA VAL F 339 27.52 -57.95 -84.92
C VAL F 339 28.58 -57.30 -84.05
N GLN F 340 29.58 -58.08 -83.65
CA GLN F 340 30.56 -57.67 -82.67
C GLN F 340 31.84 -57.21 -83.37
N GLU F 341 32.17 -55.94 -83.21
CA GLU F 341 33.34 -55.33 -83.80
C GLU F 341 34.47 -55.23 -82.78
N ILE F 342 35.70 -55.24 -83.29
CA ILE F 342 36.90 -55.03 -82.49
C ILE F 342 37.59 -53.78 -83.00
N SER F 343 37.90 -52.86 -82.08
CA SER F 343 38.46 -51.56 -82.43
C SER F 343 37.55 -50.83 -83.40
N THR G 16 -37.03 -28.82 29.64
CA THR G 16 -36.56 -30.21 29.76
C THR G 16 -37.73 -31.16 29.86
N ARG G 17 -37.56 -32.36 29.33
CA ARG G 17 -38.58 -33.41 29.36
C ARG G 17 -37.92 -34.74 29.64
N ALA G 18 -38.52 -35.52 30.54
CA ALA G 18 -37.99 -36.85 30.83
C ALA G 18 -38.05 -37.74 29.60
N LYS G 19 -39.17 -37.72 28.89
CA LYS G 19 -39.29 -38.51 27.67
C LYS G 19 -38.39 -37.95 26.59
N ILE G 20 -37.58 -38.81 25.98
CA ILE G 20 -36.61 -38.40 24.96
C ILE G 20 -36.97 -39.05 23.64
N SER G 21 -37.57 -40.24 23.68
CA SER G 21 -37.99 -40.93 22.48
C SER G 21 -39.14 -41.85 22.83
N ASP G 22 -39.90 -42.23 21.81
CA ASP G 22 -41.07 -43.08 22.02
C ASP G 22 -40.73 -44.46 22.53
N GLY G 23 -39.46 -44.88 22.48
CA GLY G 23 -39.08 -46.17 22.98
C GLY G 23 -39.42 -47.34 22.08
N LYS G 24 -39.80 -47.08 20.82
CA LYS G 24 -40.09 -48.17 19.91
C LYS G 24 -38.82 -48.95 19.58
N SER G 25 -37.67 -48.28 19.57
CA SER G 25 -36.38 -48.90 19.25
C SER G 25 -35.35 -48.47 20.29
N VAL G 26 -34.38 -49.36 20.51
CA VAL G 26 -33.33 -49.15 21.50
C VAL G 26 -32.00 -49.54 20.88
N ARG G 27 -30.98 -48.70 21.11
CA ARG G 27 -29.65 -48.98 20.61
C ARG G 27 -28.87 -49.84 21.59
N VAL G 28 -27.98 -50.66 21.05
CA VAL G 28 -27.09 -51.51 21.84
C VAL G 28 -25.74 -51.56 21.16
N ILE G 29 -24.76 -52.09 21.88
CA ILE G 29 -23.39 -52.24 21.39
C ILE G 29 -23.06 -53.73 21.40
N LEU G 30 -22.65 -54.26 20.25
CA LEU G 30 -22.36 -55.67 20.14
C LEU G 30 -21.12 -56.03 20.96
N SER G 31 -21.18 -57.19 21.62
CA SER G 31 -20.06 -57.68 22.41
C SER G 31 -19.10 -58.44 21.49
N GLU G 32 -18.14 -59.15 22.08
CA GLU G 32 -17.17 -59.90 21.30
C GLU G 32 -17.70 -61.23 20.82
N GLY G 33 -18.79 -61.74 21.41
CA GLY G 33 -19.37 -63.01 21.03
C GLY G 33 -20.72 -62.88 20.34
N GLU G 34 -21.03 -61.69 19.83
CA GLU G 34 -22.34 -61.39 19.27
C GLU G 34 -22.18 -60.74 17.90
N SER G 35 -23.02 -61.15 16.96
CA SER G 35 -23.05 -60.56 15.62
C SER G 35 -24.46 -60.72 15.08
N THR G 36 -25.01 -59.64 14.54
CA THR G 36 -26.41 -59.56 14.14
C THR G 36 -26.53 -59.15 12.69
N LYS G 37 -27.48 -59.76 11.99
CA LYS G 37 -27.81 -59.43 10.61
C LYS G 37 -29.21 -58.84 10.55
N THR G 38 -29.51 -58.20 9.43
CA THR G 38 -30.72 -57.38 9.31
C THR G 38 -31.98 -58.22 9.46
N GLN G 39 -32.93 -57.68 10.23
CA GLN G 39 -34.27 -58.25 10.38
C GLN G 39 -34.21 -59.69 10.90
N GLN G 40 -33.59 -59.85 12.06
CA GLN G 40 -33.58 -61.12 12.76
C GLN G 40 -33.57 -60.86 14.25
N PHE G 41 -34.02 -61.85 15.01
CA PHE G 41 -34.16 -61.69 16.45
C PHE G 41 -32.85 -61.97 17.15
N TYR G 42 -32.49 -61.10 18.10
CA TYR G 42 -31.25 -61.24 18.84
C TYR G 42 -31.44 -60.67 20.24
N LEU G 43 -31.02 -61.45 21.24
CA LEU G 43 -31.03 -61.01 22.63
C LEU G 43 -29.68 -60.40 22.95
N ILE G 44 -29.63 -59.07 23.05
CA ILE G 44 -28.40 -58.33 23.26
C ILE G 44 -28.60 -57.42 24.46
N ASN G 45 -27.77 -57.62 25.49
CA ASN G 45 -27.80 -56.78 26.70
C ASN G 45 -29.19 -56.74 27.32
N GLY G 46 -29.84 -57.90 27.38
CA GLY G 46 -31.14 -58.00 28.00
C GLY G 46 -32.29 -57.49 27.17
N PHE G 47 -32.02 -56.89 26.01
CA PHE G 47 -33.06 -56.41 25.11
C PHE G 47 -33.25 -57.42 24.00
N PHE G 48 -34.48 -57.89 23.82
CA PHE G 48 -34.83 -58.83 22.77
C PHE G 48 -35.61 -58.10 21.71
N GLY G 49 -35.11 -58.10 20.48
CA GLY G 49 -35.76 -57.33 19.45
C GLY G 49 -35.25 -57.70 18.07
N VAL G 50 -35.74 -56.97 17.08
CA VAL G 50 -35.39 -57.18 15.68
C VAL G 50 -34.36 -56.14 15.30
N ALA G 51 -33.19 -56.58 14.87
CA ALA G 51 -32.10 -55.68 14.54
C ALA G 51 -32.34 -55.03 13.18
N MET G 52 -32.25 -53.71 13.13
CA MET G 52 -32.44 -52.96 11.90
C MET G 52 -31.15 -52.73 11.13
N GLN G 53 -30.00 -53.20 11.64
CA GLN G 53 -28.72 -53.05 10.96
C GLN G 53 -27.92 -54.33 11.09
N ASP G 54 -27.10 -54.60 10.08
CA ASP G 54 -26.16 -55.73 10.12
C ASP G 54 -24.95 -55.30 10.92
N GLY G 55 -24.76 -55.88 12.11
CA GLY G 55 -23.76 -55.43 13.06
C GLY G 55 -22.61 -56.41 13.22
N GLU G 56 -21.44 -55.87 13.53
CA GLU G 56 -20.22 -56.61 13.76
C GLU G 56 -19.76 -56.30 15.20
N LYS G 57 -18.67 -56.95 15.63
CA LYS G 57 -18.22 -56.82 17.00
C LYS G 57 -17.93 -55.37 17.35
N GLY G 58 -18.39 -54.96 18.54
CA GLY G 58 -18.15 -53.60 18.98
C GLY G 58 -18.85 -52.53 18.17
N ASP G 59 -19.86 -52.91 17.39
CA ASP G 59 -20.61 -51.97 16.55
C ASP G 59 -21.96 -51.67 17.19
N GLU G 60 -22.53 -50.53 16.80
CA GLU G 60 -23.81 -50.07 17.32
C GLU G 60 -24.92 -50.45 16.36
N VAL G 61 -25.96 -51.09 16.89
CA VAL G 61 -27.14 -51.46 16.13
C VAL G 61 -28.37 -51.01 16.91
N THR G 62 -29.52 -51.05 16.25
CA THR G 62 -30.79 -50.66 16.83
C THR G 62 -31.75 -51.84 16.76
N LEU G 63 -32.36 -52.17 17.90
CA LEU G 63 -33.34 -53.23 17.99
C LEU G 63 -34.74 -52.64 18.00
N GLN G 64 -35.74 -53.51 17.86
CA GLN G 64 -37.14 -53.13 17.94
C GLN G 64 -37.77 -53.79 19.16
N ILE G 65 -38.45 -52.98 19.96
CA ILE G 65 -39.16 -53.46 21.16
C ILE G 65 -40.60 -52.98 21.08
N GLU G 66 -41.12 -52.90 19.85
CA GLU G 66 -42.34 -52.15 19.53
C GLU G 66 -43.62 -52.77 20.10
N GLN G 67 -43.57 -53.92 20.79
CA GLN G 67 -44.78 -54.59 21.27
C GLN G 67 -45.70 -54.96 20.12
N ALA G 68 -45.11 -55.23 18.96
CA ALA G 68 -45.86 -55.43 17.73
C ALA G 68 -45.99 -56.91 17.42
N GLU G 69 -46.88 -57.21 16.48
CA GLU G 69 -46.98 -58.57 15.96
C GLU G 69 -45.83 -58.81 15.00
N TYR G 70 -45.10 -59.91 15.21
CA TYR G 70 -43.89 -60.19 14.47
C TYR G 70 -43.97 -61.58 13.83
N GLU G 71 -43.40 -61.69 12.64
CA GLU G 71 -43.35 -62.93 11.88
C GLU G 71 -41.96 -63.55 12.02
N THR G 72 -41.92 -64.87 12.13
CA THR G 72 -40.63 -65.55 12.22
C THR G 72 -40.84 -67.05 12.02
N ASP G 73 -39.83 -67.68 11.44
CA ASP G 73 -39.75 -69.14 11.34
C ASP G 73 -38.58 -69.72 12.12
N ASN G 74 -37.80 -68.89 12.81
CA ASN G 74 -36.64 -69.34 13.57
C ASN G 74 -37.12 -69.98 14.88
N ILE G 75 -37.71 -71.18 14.73
CA ILE G 75 -38.35 -71.89 15.82
C ILE G 75 -37.81 -73.31 15.88
N VAL G 76 -37.93 -73.92 17.05
CA VAL G 76 -37.73 -75.36 17.17
C VAL G 76 -38.97 -76.05 16.62
N THR G 77 -38.76 -76.97 15.67
CA THR G 77 -39.84 -77.56 14.90
C THR G 77 -40.34 -78.86 15.51
N SER G 78 -40.22 -79.03 16.82
CA SER G 78 -40.57 -80.28 17.48
C SER G 78 -41.97 -80.28 18.08
N GLU G 79 -42.47 -79.13 18.52
CA GLU G 79 -43.75 -79.03 19.23
C GLU G 79 -44.65 -78.00 18.56
N ALA G 80 -45.95 -78.27 18.61
CA ALA G 80 -46.92 -77.39 17.98
C ALA G 80 -47.01 -76.06 18.71
N PHE G 81 -46.98 -74.97 17.96
CA PHE G 81 -47.10 -73.63 18.52
C PHE G 81 -48.54 -73.14 18.37
N GLU G 82 -49.47 -73.84 19.01
CA GLU G 82 -50.88 -73.48 18.90
C GLU G 82 -51.11 -72.08 19.45
N ALA G 83 -52.08 -71.39 18.87
CA ALA G 83 -52.29 -69.97 19.18
C ALA G 83 -52.62 -69.77 20.64
N GLY G 84 -52.01 -68.74 21.23
CA GLY G 84 -52.18 -68.41 22.62
C GLY G 84 -51.06 -68.87 23.52
N LYS G 85 -50.33 -69.90 23.13
CA LYS G 85 -49.24 -70.40 23.96
C LYS G 85 -48.11 -69.38 24.00
N LEU G 86 -47.51 -69.25 25.18
CA LEU G 86 -46.40 -68.31 25.36
C LEU G 86 -45.19 -68.79 24.58
N ILE G 87 -44.44 -67.83 24.04
CA ILE G 87 -43.23 -68.09 23.26
C ILE G 87 -42.04 -67.68 24.10
N TYR G 88 -41.11 -68.60 24.30
CA TYR G 88 -39.89 -68.37 25.05
C TYR G 88 -38.69 -68.44 24.13
N TRP G 89 -37.76 -67.51 24.29
CA TRP G 89 -36.58 -67.41 23.45
C TRP G 89 -35.41 -68.10 24.14
N ASP G 90 -34.81 -69.07 23.46
CA ASP G 90 -33.69 -69.84 23.99
C ASP G 90 -32.41 -69.26 23.41
N ASN G 91 -31.65 -68.56 24.26
CA ASN G 91 -30.46 -67.88 23.77
C ASN G 91 -29.36 -68.86 23.37
N THR G 92 -29.33 -70.05 23.96
CA THR G 92 -28.30 -71.02 23.60
C THR G 92 -28.47 -71.47 22.16
N ALA G 93 -29.61 -72.07 21.84
CA ALA G 93 -29.88 -72.53 20.49
C ALA G 93 -30.33 -71.40 19.56
N LYS G 94 -30.64 -70.22 20.09
CA LYS G 94 -31.09 -69.08 19.29
C LYS G 94 -32.36 -69.43 18.53
N LYS G 95 -33.39 -69.81 19.28
CA LYS G 95 -34.66 -70.22 18.70
C LYS G 95 -35.78 -69.91 19.67
N PHE G 96 -36.98 -69.78 19.12
CA PHE G 96 -38.18 -69.69 19.94
C PHE G 96 -38.64 -71.07 20.35
N THR G 97 -39.32 -71.15 21.48
CA THR G 97 -39.84 -72.43 21.93
C THR G 97 -40.87 -72.20 23.03
N THR G 98 -41.70 -73.23 23.24
CA THR G 98 -42.71 -73.23 24.29
C THR G 98 -42.27 -74.05 25.50
N THR G 99 -40.97 -74.14 25.74
CA THR G 99 -40.46 -74.98 26.83
C THR G 99 -40.90 -74.44 28.19
N SER G 100 -40.90 -73.12 28.36
CA SER G 100 -41.18 -72.47 29.64
C SER G 100 -40.12 -72.80 30.69
N ALA G 101 -38.94 -73.23 30.26
CA ALA G 101 -37.81 -73.47 31.17
C ALA G 101 -37.15 -72.14 31.47
N SER G 102 -35.91 -72.16 31.98
CA SER G 102 -35.16 -70.95 32.29
C SER G 102 -35.00 -70.01 31.09
N ASN G 103 -35.31 -70.44 29.87
CA ASN G 103 -35.31 -69.55 28.72
C ASN G 103 -36.19 -68.34 28.98
N ARG G 104 -35.87 -67.24 28.29
CA ARG G 104 -36.54 -65.97 28.52
C ARG G 104 -37.88 -65.92 27.80
N LEU G 105 -38.85 -65.28 28.44
CA LEU G 105 -40.17 -65.07 27.84
C LEU G 105 -40.12 -63.85 26.92
N VAL G 106 -40.65 -64.00 25.71
CA VAL G 106 -40.60 -62.94 24.71
C VAL G 106 -41.92 -62.65 24.03
N GLY G 107 -42.91 -63.54 24.03
CA GLY G 107 -44.13 -63.22 23.31
C GLY G 107 -45.16 -64.32 23.44
N ARG G 108 -46.28 -64.11 22.73
CA ARG G 108 -47.39 -65.04 22.68
C ARG G 108 -47.84 -65.22 21.24
N VAL G 109 -48.16 -66.46 20.87
CA VAL G 109 -48.50 -66.77 19.48
C VAL G 109 -49.87 -66.19 19.15
N THR G 110 -49.95 -65.47 18.03
CA THR G 110 -51.23 -65.02 17.50
C THR G 110 -51.79 -65.99 16.48
N ASP G 111 -50.95 -66.46 15.55
CA ASP G 111 -51.32 -67.45 14.55
C ASP G 111 -50.41 -68.66 14.70
N GLY G 112 -51.00 -69.84 14.70
CA GLY G 112 -50.25 -71.06 14.94
C GLY G 112 -49.30 -71.38 13.80
N LYS G 113 -48.44 -72.36 14.04
CA LYS G 113 -47.46 -72.75 13.05
C LYS G 113 -48.17 -73.37 11.84
N ASP G 114 -47.67 -73.02 10.65
CA ASP G 114 -48.18 -73.57 9.40
C ASP G 114 -47.26 -74.71 8.95
N SER G 115 -47.56 -75.27 7.78
CA SER G 115 -46.74 -76.34 7.23
C SER G 115 -45.31 -75.86 6.98
N ASN G 116 -45.14 -74.58 6.67
CA ASN G 116 -43.82 -74.01 6.46
C ASN G 116 -43.12 -73.62 7.75
N ASN G 117 -43.74 -73.85 8.91
CA ASN G 117 -43.16 -73.50 10.21
C ASN G 117 -42.90 -72.00 10.32
N VAL G 118 -43.98 -71.24 10.19
CA VAL G 118 -43.97 -69.79 10.31
C VAL G 118 -44.92 -69.40 11.44
N ILE G 119 -44.48 -68.46 12.26
CA ILE G 119 -45.18 -68.07 13.48
C ILE G 119 -45.45 -66.57 13.45
N TRP G 120 -46.65 -66.18 13.86
CA TRP G 120 -46.97 -64.80 14.17
C TRP G 120 -47.17 -64.69 15.68
N PHE G 121 -46.47 -63.75 16.30
CA PHE G 121 -46.51 -63.61 17.75
C PHE G 121 -46.35 -62.14 18.10
N ILE G 122 -46.82 -61.78 19.29
CA ILE G 122 -46.76 -60.42 19.80
C ILE G 122 -45.60 -60.33 20.77
N LEU G 123 -44.77 -59.31 20.59
CA LEU G 123 -43.63 -59.11 21.49
C LEU G 123 -44.14 -58.65 22.85
N LEU G 124 -43.24 -58.67 23.83
CA LEU G 124 -43.54 -58.39 25.23
C LEU G 124 -42.54 -57.39 25.78
N PRO G 125 -42.89 -56.71 26.89
CA PRO G 125 -42.19 -55.46 27.23
C PRO G 125 -40.84 -55.61 27.92
N GLN G 126 -40.23 -56.79 27.84
CA GLN G 126 -38.87 -57.02 28.33
C GLN G 126 -38.79 -57.03 29.84
N GLN G 127 -39.86 -57.35 30.54
CA GLN G 127 -39.81 -57.47 31.99
C GLN G 127 -39.12 -58.77 32.38
N PHE H 3 -84.17 -34.70 27.26
CA PHE H 3 -85.21 -33.71 27.04
C PHE H 3 -86.24 -33.77 28.15
N LYS H 4 -86.34 -32.71 28.92
CA LYS H 4 -87.33 -32.63 30.00
C LYS H 4 -88.68 -32.21 29.44
N GLY H 5 -89.74 -32.81 29.96
CA GLY H 5 -91.08 -32.48 29.49
C GLY H 5 -91.29 -32.82 28.03
N GLN H 6 -90.66 -33.91 27.56
CA GLN H 6 -90.88 -34.34 26.19
C GLN H 6 -92.33 -34.82 26.01
N PRO H 7 -92.88 -34.69 24.81
CA PRO H 7 -94.30 -35.05 24.65
C PRO H 7 -94.57 -36.54 24.74
N THR H 8 -93.63 -37.40 24.36
CA THR H 8 -93.84 -38.83 24.21
C THR H 8 -92.75 -39.60 24.95
N PRO H 9 -93.07 -40.70 25.64
CA PRO H 9 -92.01 -41.38 26.41
C PRO H 9 -91.03 -42.13 25.51
N SER H 10 -90.04 -41.41 25.02
CA SER H 10 -89.03 -42.00 24.15
C SER H 10 -88.04 -42.82 24.97
N THR H 11 -87.93 -44.10 24.65
CA THR H 11 -86.95 -44.96 25.32
C THR H 11 -85.54 -44.60 24.88
N ILE H 12 -84.59 -44.81 25.80
CA ILE H 12 -83.18 -44.52 25.56
C ILE H 12 -82.42 -45.84 25.59
N THR H 13 -81.60 -46.08 24.57
CA THR H 13 -80.78 -47.28 24.45
C THR H 13 -79.33 -46.88 24.46
N GLN H 14 -78.56 -47.46 25.38
CA GLN H 14 -77.15 -47.13 25.52
C GLN H 14 -76.32 -48.07 24.66
N ILE H 15 -75.44 -47.49 23.84
CA ILE H 15 -74.51 -48.26 23.03
C ILE H 15 -73.22 -48.40 23.83
N THR H 16 -72.85 -49.65 24.11
CA THR H 16 -71.74 -49.91 25.01
C THR H 16 -70.43 -49.42 24.42
N ARG H 17 -69.49 -49.12 25.31
CA ARG H 17 -68.16 -48.66 24.93
C ARG H 17 -67.20 -49.04 26.04
N ALA H 18 -65.96 -49.35 25.66
CA ALA H 18 -64.93 -49.80 26.60
C ALA H 18 -63.75 -48.84 26.66
N LYS H 19 -63.15 -48.51 25.53
CA LYS H 19 -61.94 -47.71 25.51
C LYS H 19 -62.26 -46.27 25.90
N ILE H 20 -61.84 -45.88 27.11
CA ILE H 20 -62.15 -44.55 27.62
C ILE H 20 -61.08 -43.53 27.24
N SER H 21 -59.83 -43.95 27.05
CA SER H 21 -58.76 -43.04 26.71
C SER H 21 -57.61 -43.85 26.14
N ASP H 22 -56.55 -43.15 25.75
CA ASP H 22 -55.36 -43.81 25.20
C ASP H 22 -54.51 -44.47 26.27
N GLY H 23 -54.61 -44.04 27.53
CA GLY H 23 -53.81 -44.61 28.59
C GLY H 23 -52.39 -44.11 28.65
N LYS H 24 -52.04 -43.07 27.90
CA LYS H 24 -50.70 -42.52 27.96
C LYS H 24 -50.40 -41.91 29.33
N SER H 25 -51.42 -41.42 30.02
CA SER H 25 -51.23 -40.79 31.31
C SER H 25 -52.48 -41.01 32.16
N VAL H 26 -52.30 -40.86 33.47
CA VAL H 26 -53.36 -41.11 34.45
C VAL H 26 -53.33 -40.02 35.51
N ARG H 27 -54.51 -39.52 35.86
CA ARG H 27 -54.64 -38.58 36.97
C ARG H 27 -54.61 -39.34 38.29
N VAL H 28 -54.02 -38.71 39.31
CA VAL H 28 -53.88 -39.33 40.62
C VAL H 28 -54.00 -38.26 41.68
N ILE H 29 -54.57 -38.64 42.83
CA ILE H 29 -54.79 -37.72 43.94
C ILE H 29 -53.62 -37.84 44.90
N LEU H 30 -53.02 -36.70 45.25
CA LEU H 30 -51.90 -36.69 46.18
C LEU H 30 -52.36 -37.14 47.57
N SER H 31 -51.49 -37.89 48.24
CA SER H 31 -51.72 -38.28 49.62
C SER H 31 -51.22 -37.17 50.54
N GLU H 32 -51.15 -37.44 51.84
CA GLU H 32 -50.77 -36.40 52.79
C GLU H 32 -49.30 -36.04 52.65
N GLY H 33 -48.42 -37.01 52.92
CA GLY H 33 -46.99 -36.76 52.89
C GLY H 33 -46.38 -36.92 51.51
N GLU H 34 -46.94 -36.23 50.53
CA GLU H 34 -46.47 -36.32 49.15
C GLU H 34 -46.58 -34.94 48.50
N SER H 35 -45.72 -34.70 47.52
CA SER H 35 -45.74 -33.48 46.73
C SER H 35 -44.80 -33.67 45.55
N THR H 36 -45.21 -33.19 44.39
CA THR H 36 -44.52 -33.47 43.13
C THR H 36 -44.20 -32.19 42.39
N LYS H 37 -43.05 -32.19 41.71
CA LYS H 37 -42.66 -31.15 40.79
C LYS H 37 -42.52 -31.74 39.39
N THR H 38 -42.63 -30.88 38.39
CA THR H 38 -42.81 -31.33 37.02
C THR H 38 -41.57 -32.05 36.49
N GLN H 39 -41.81 -33.06 35.66
CA GLN H 39 -40.74 -33.86 35.04
C GLN H 39 -39.87 -34.54 36.09
N GLN H 40 -40.52 -35.22 37.04
CA GLN H 40 -39.82 -36.06 37.99
C GLN H 40 -40.67 -37.29 38.26
N PHE H 41 -39.99 -38.41 38.55
CA PHE H 41 -40.67 -39.68 38.72
C PHE H 41 -41.23 -39.83 40.12
N TYR H 42 -42.43 -40.39 40.22
CA TYR H 42 -43.05 -40.65 41.51
C TYR H 42 -43.88 -41.92 41.42
N LEU H 43 -44.10 -42.55 42.57
CA LEU H 43 -44.96 -43.71 42.70
C LEU H 43 -46.12 -43.31 43.60
N ILE H 44 -47.25 -42.98 42.99
CA ILE H 44 -48.42 -42.45 43.69
C ILE H 44 -49.60 -43.34 43.36
N ASN H 45 -50.16 -43.98 44.39
CA ASN H 45 -51.27 -44.91 44.24
C ASN H 45 -50.93 -45.98 43.21
N GLY H 46 -49.79 -46.63 43.41
CA GLY H 46 -49.42 -47.77 42.61
C GLY H 46 -49.04 -47.49 41.18
N PHE H 47 -49.01 -46.23 40.76
CA PHE H 47 -48.67 -45.85 39.39
C PHE H 47 -47.34 -45.13 39.40
N PHE H 48 -46.40 -45.62 38.60
CA PHE H 48 -45.08 -45.04 38.47
C PHE H 48 -44.99 -44.33 37.13
N GLY H 49 -44.59 -43.07 37.15
CA GLY H 49 -44.53 -42.32 35.92
C GLY H 49 -43.99 -40.93 36.17
N VAL H 50 -43.90 -40.17 35.08
CA VAL H 50 -43.39 -38.81 35.11
C VAL H 50 -44.53 -37.85 35.38
N ALA H 51 -44.39 -37.03 36.42
CA ALA H 51 -45.42 -36.06 36.75
C ALA H 51 -45.35 -34.89 35.77
N MET H 52 -46.49 -34.56 35.18
CA MET H 52 -46.58 -33.48 34.20
C MET H 52 -46.99 -32.15 34.82
N GLN H 53 -47.35 -32.10 36.10
CA GLN H 53 -47.77 -30.88 36.75
C GLN H 53 -47.20 -30.84 38.16
N ASP H 54 -47.11 -29.63 38.71
CA ASP H 54 -46.59 -29.42 40.06
C ASP H 54 -47.73 -29.59 41.05
N GLY H 55 -47.75 -30.71 41.74
CA GLY H 55 -48.74 -30.99 42.77
C GLY H 55 -48.17 -30.70 44.15
N GLU H 56 -48.97 -30.05 44.99
CA GLU H 56 -48.54 -29.62 46.31
C GLU H 56 -49.07 -30.53 47.41
N LYS H 57 -50.38 -30.69 47.52
CA LYS H 57 -50.96 -31.46 48.61
C LYS H 57 -52.45 -31.67 48.37
N GLY H 58 -52.91 -32.92 48.44
CA GLY H 58 -54.33 -33.21 48.37
C GLY H 58 -55.00 -32.78 47.09
N ASP H 59 -54.24 -32.62 46.01
CA ASP H 59 -54.75 -32.17 44.71
C ASP H 59 -54.49 -33.27 43.68
N GLU H 60 -54.93 -33.00 42.44
CA GLU H 60 -54.88 -33.98 41.36
C GLU H 60 -53.72 -33.65 40.42
N VAL H 61 -52.91 -34.66 40.13
CA VAL H 61 -51.78 -34.54 39.23
C VAL H 61 -51.81 -35.71 38.25
N THR H 62 -51.22 -35.51 37.09
CA THR H 62 -51.20 -36.52 36.03
C THR H 62 -49.80 -37.11 35.91
N LEU H 63 -49.73 -38.43 35.85
CA LEU H 63 -48.49 -39.17 35.68
C LEU H 63 -48.45 -39.78 34.29
N GLN H 64 -47.26 -39.83 33.71
CA GLN H 64 -47.06 -40.37 32.36
C GLN H 64 -46.56 -41.80 32.48
N ILE H 65 -47.30 -42.74 31.88
CA ILE H 65 -47.00 -44.16 31.96
C ILE H 65 -46.84 -44.72 30.54
N GLU H 66 -46.29 -43.91 29.63
CA GLU H 66 -46.33 -44.22 28.21
C GLU H 66 -45.51 -45.45 27.81
N GLN H 67 -44.69 -46.00 28.70
CA GLN H 67 -43.79 -47.12 28.36
C GLN H 67 -42.78 -46.71 27.29
N ALA H 68 -42.42 -45.44 27.25
CA ALA H 68 -41.45 -44.92 26.30
C ALA H 68 -40.05 -44.96 26.92
N GLU H 69 -39.08 -44.32 26.27
CA GLU H 69 -37.73 -44.19 26.78
C GLU H 69 -37.58 -42.84 27.47
N TYR H 70 -37.08 -42.88 28.71
CA TYR H 70 -37.02 -41.70 29.56
C TYR H 70 -35.59 -41.45 30.03
N GLU H 71 -35.22 -40.17 30.11
CA GLU H 71 -33.97 -39.73 30.69
C GLU H 71 -34.23 -39.26 32.12
N THR H 72 -33.37 -39.68 33.04
CA THR H 72 -33.60 -39.36 34.44
C THR H 72 -32.30 -39.35 35.22
N ASP H 73 -32.16 -38.33 36.06
CA ASP H 73 -31.23 -38.32 37.19
C ASP H 73 -31.92 -39.01 38.36
N ASN H 74 -31.45 -38.78 39.59
CA ASN H 74 -32.07 -39.32 40.79
C ASN H 74 -31.86 -40.82 40.89
N ILE H 75 -30.63 -41.24 40.64
CA ILE H 75 -30.21 -42.64 40.77
C ILE H 75 -29.26 -42.74 41.96
N VAL H 76 -29.29 -43.89 42.63
CA VAL H 76 -28.34 -44.12 43.72
C VAL H 76 -26.96 -44.23 43.10
N THR H 77 -26.14 -43.18 43.27
CA THR H 77 -24.87 -43.11 42.58
C THR H 77 -23.87 -44.15 43.05
N SER H 78 -24.09 -44.76 44.22
CA SER H 78 -23.19 -45.80 44.68
C SER H 78 -23.19 -46.99 43.73
N GLU H 79 -24.37 -47.39 43.25
CA GLU H 79 -24.48 -48.51 42.33
C GLU H 79 -24.15 -48.07 40.91
N ALA H 80 -23.70 -49.03 40.11
CA ALA H 80 -23.40 -48.84 38.70
C ALA H 80 -24.52 -49.45 37.88
N PHE H 81 -25.07 -48.67 36.94
CA PHE H 81 -26.19 -49.09 36.10
C PHE H 81 -25.65 -49.34 34.69
N GLU H 82 -25.29 -50.59 34.42
CA GLU H 82 -24.92 -50.97 33.07
C GLU H 82 -26.18 -51.06 32.20
N ALA H 83 -25.99 -50.91 30.89
CA ALA H 83 -27.10 -51.09 29.97
C ALA H 83 -27.63 -52.51 30.05
N GLY H 84 -28.96 -52.65 30.13
CA GLY H 84 -29.61 -53.93 30.18
C GLY H 84 -30.03 -54.37 31.57
N LYS H 85 -29.47 -53.78 32.62
CA LYS H 85 -29.86 -54.16 33.97
C LYS H 85 -31.24 -53.61 34.29
N LEU H 86 -32.03 -54.40 34.99
CA LEU H 86 -33.35 -53.97 35.41
C LEU H 86 -33.23 -52.86 36.44
N ILE H 87 -34.08 -51.84 36.30
CA ILE H 87 -34.16 -50.73 37.23
C ILE H 87 -35.28 -50.99 38.21
N TYR H 88 -35.10 -50.57 39.45
CA TYR H 88 -36.12 -50.65 40.49
C TYR H 88 -36.27 -49.30 41.16
N TRP H 89 -37.44 -49.06 41.74
CA TRP H 89 -37.77 -47.81 42.40
C TRP H 89 -37.77 -48.02 43.91
N ASP H 90 -36.91 -47.28 44.60
CA ASP H 90 -36.84 -47.32 46.06
C ASP H 90 -37.75 -46.23 46.59
N ASN H 91 -38.97 -46.59 46.97
CA ASN H 91 -39.94 -45.61 47.41
C ASN H 91 -39.55 -44.95 48.73
N THR H 92 -38.73 -45.61 49.55
CA THR H 92 -38.29 -44.99 50.79
C THR H 92 -37.30 -43.88 50.53
N ALA H 93 -36.32 -44.13 49.65
CA ALA H 93 -35.31 -43.14 49.31
C ALA H 93 -35.69 -42.26 48.12
N LYS H 94 -36.76 -42.61 47.39
CA LYS H 94 -37.18 -41.84 46.22
C LYS H 94 -36.06 -41.77 45.18
N LYS H 95 -35.49 -42.92 44.87
CA LYS H 95 -34.38 -43.00 43.92
C LYS H 95 -34.43 -44.33 43.19
N PHE H 96 -33.78 -44.35 42.03
CA PHE H 96 -33.66 -45.58 41.25
C PHE H 96 -32.55 -46.46 41.79
N THR H 97 -32.74 -47.77 41.67
CA THR H 97 -31.75 -48.72 42.14
C THR H 97 -31.93 -50.03 41.40
N THR H 98 -30.88 -50.84 41.42
CA THR H 98 -30.93 -52.19 40.85
C THR H 98 -31.25 -53.25 41.89
N THR H 99 -31.43 -52.88 43.16
CA THR H 99 -31.72 -53.85 44.20
C THR H 99 -33.18 -54.30 44.11
N SER H 100 -33.40 -55.60 44.15
CA SER H 100 -34.73 -56.19 44.00
C SER H 100 -35.25 -56.78 45.31
N ALA H 101 -34.88 -56.17 46.44
CA ALA H 101 -35.31 -56.69 47.73
C ALA H 101 -36.82 -56.65 47.87
N SER H 102 -37.39 -55.45 47.87
CA SER H 102 -38.85 -55.28 47.84
C SER H 102 -39.26 -54.10 46.97
N ASN H 103 -38.36 -53.58 46.14
CA ASN H 103 -38.65 -52.42 45.33
C ASN H 103 -39.53 -52.80 44.14
N ARG H 104 -40.06 -51.77 43.48
CA ARG H 104 -40.95 -51.94 42.34
C ARG H 104 -40.12 -51.95 41.05
N LEU H 105 -40.30 -52.98 40.25
CA LEU H 105 -39.65 -53.04 38.95
C LEU H 105 -40.29 -52.02 38.02
N VAL H 106 -39.49 -51.08 37.51
CA VAL H 106 -40.01 -49.92 36.78
C VAL H 106 -39.31 -49.68 35.46
N GLY H 107 -38.28 -50.43 35.11
CA GLY H 107 -37.68 -50.21 33.81
C GLY H 107 -36.43 -51.04 33.61
N ARG H 108 -35.84 -50.85 32.42
CA ARG H 108 -34.59 -51.48 32.02
C ARG H 108 -33.73 -50.43 31.34
N VAL H 109 -32.44 -50.44 31.65
CA VAL H 109 -31.54 -49.38 31.18
C VAL H 109 -31.19 -49.61 29.72
N THR H 110 -31.15 -48.52 28.96
CA THR H 110 -30.62 -48.52 27.59
C THR H 110 -29.19 -47.99 27.56
N ASP H 111 -28.98 -46.79 28.08
CA ASP H 111 -27.67 -46.15 28.14
C ASP H 111 -27.12 -46.28 29.55
N GLY H 112 -25.87 -46.74 29.66
CA GLY H 112 -25.28 -46.98 30.97
C GLY H 112 -25.11 -45.69 31.76
N LYS H 113 -24.83 -45.87 33.04
CA LYS H 113 -24.61 -44.76 33.95
C LYS H 113 -23.40 -43.94 33.50
N ASP H 114 -23.64 -42.72 33.04
CA ASP H 114 -22.58 -41.85 32.56
C ASP H 114 -21.99 -41.06 33.72
N SER H 115 -21.12 -40.09 33.42
CA SER H 115 -20.48 -39.31 34.46
C SER H 115 -21.50 -38.46 35.22
N ASN H 116 -22.50 -37.94 34.53
CA ASN H 116 -23.49 -37.06 35.13
C ASN H 116 -24.59 -37.80 35.86
N ASN H 117 -24.45 -39.10 36.11
CA ASN H 117 -25.45 -39.90 36.80
C ASN H 117 -26.79 -39.85 36.07
N VAL H 118 -26.74 -39.94 34.74
CA VAL H 118 -27.90 -39.86 33.87
C VAL H 118 -28.12 -41.24 33.27
N ILE H 119 -29.37 -41.69 33.28
CA ILE H 119 -29.76 -43.00 32.76
C ILE H 119 -30.82 -42.80 31.69
N TRP H 120 -30.72 -43.57 30.61
CA TRP H 120 -31.80 -43.74 29.65
C TRP H 120 -32.35 -45.14 29.81
N PHE H 121 -33.66 -45.23 30.03
CA PHE H 121 -34.28 -46.51 30.35
C PHE H 121 -35.67 -46.57 29.76
N ILE H 122 -36.18 -47.78 29.59
CA ILE H 122 -37.49 -48.04 29.01
C ILE H 122 -38.45 -48.32 30.16
N LEU H 123 -39.46 -47.46 30.30
CA LEU H 123 -40.45 -47.65 31.34
C LEU H 123 -41.25 -48.91 31.08
N LEU H 124 -41.75 -49.52 32.15
CA LEU H 124 -42.38 -50.82 32.12
C LEU H 124 -43.89 -50.71 32.35
N PRO H 125 -44.67 -51.81 32.18
CA PRO H 125 -46.13 -51.67 32.10
C PRO H 125 -46.88 -51.42 33.39
N GLN H 126 -46.21 -50.99 34.46
CA GLN H 126 -46.88 -50.66 35.72
C GLN H 126 -47.47 -51.92 36.36
N GLN H 127 -46.64 -52.94 36.55
CA GLN H 127 -47.06 -54.17 37.22
C GLN H 127 -46.52 -54.21 38.65
N MET I 57 35.72 121.53 15.22
CA MET I 57 35.21 120.40 14.39
C MET I 57 36.35 119.81 13.57
N THR I 58 36.63 118.52 13.78
CA THR I 58 37.69 117.84 13.06
C THR I 58 37.29 116.40 12.84
N PHE I 59 37.59 115.86 11.66
CA PHE I 59 37.31 114.46 11.39
C PHE I 59 38.15 113.55 12.28
N SER I 60 39.30 114.02 12.75
CA SER I 60 40.14 113.20 13.62
C SER I 60 39.43 112.86 14.92
N SER I 61 38.56 113.76 15.40
CA SER I 61 37.84 113.49 16.64
C SER I 61 36.91 112.29 16.48
N THR I 62 36.20 112.20 15.36
CA THR I 62 35.25 111.12 15.11
C THR I 62 35.85 109.97 14.31
N SER I 63 37.18 109.97 14.11
CA SER I 63 37.79 108.92 13.29
C SER I 63 37.65 107.55 13.95
N ASN I 64 37.79 107.49 15.28
CA ASN I 64 37.78 106.20 15.97
C ASN I 64 36.41 105.53 15.95
N LEU I 65 35.34 106.30 15.78
CA LEU I 65 33.98 105.75 15.81
C LEU I 65 33.67 105.15 14.44
N LYS I 66 34.16 103.92 14.25
CA LYS I 66 34.04 103.28 12.93
C LYS I 66 32.60 103.03 12.55
N GLU I 67 31.72 102.83 13.52
CA GLU I 67 30.32 102.55 13.20
C GLU I 67 29.64 103.74 12.54
N LEU I 68 30.13 104.96 12.76
CA LEU I 68 29.55 106.12 12.10
C LEU I 68 29.99 106.22 10.65
N LEU I 69 31.20 105.80 10.33
CA LEU I 69 31.78 105.98 9.01
C LEU I 69 31.37 104.86 8.07
N ARG I 70 31.42 105.15 6.78
CA ARG I 70 31.09 104.16 5.78
C ARG I 70 32.22 103.13 5.67
N LYS I 71 31.85 101.86 5.68
CA LYS I 71 32.82 100.77 5.58
C LYS I 71 32.99 100.39 4.12
N VAL I 72 34.20 100.60 3.60
CA VAL I 72 34.55 100.25 2.22
C VAL I 72 35.78 99.35 2.28
N VAL I 73 35.70 98.20 1.62
CA VAL I 73 36.80 97.24 1.53
C VAL I 73 37.17 97.09 0.07
N LEU I 74 38.46 97.24 -0.23
CA LEU I 74 38.94 97.13 -1.60
C LEU I 74 39.14 95.66 -1.95
N ASP I 75 38.70 95.29 -3.16
CA ASP I 75 38.85 93.92 -3.61
C ASP I 75 40.31 93.59 -3.83
N VAL I 76 40.70 92.35 -3.50
CA VAL I 76 42.08 91.90 -3.60
C VAL I 76 42.19 90.66 -4.46
N GLU I 77 41.12 89.86 -4.53
CA GLU I 77 41.15 88.59 -5.24
C GLU I 77 42.25 87.69 -4.65
N LEU I 78 42.03 87.32 -3.39
CA LEU I 78 42.92 86.43 -2.64
C LEU I 78 42.28 85.06 -2.52
N GLY I 79 43.12 84.06 -2.37
CA GLY I 79 42.65 82.69 -2.27
C GLY I 79 43.77 81.71 -2.59
N ARG I 80 43.36 80.56 -3.11
CA ARG I 80 44.28 79.48 -3.46
C ARG I 80 44.07 79.14 -4.94
N GLU I 81 45.17 79.02 -5.67
CA GLU I 81 45.09 78.67 -7.08
C GLU I 81 44.55 77.26 -7.25
N GLN I 82 43.79 77.06 -8.32
CA GLN I 82 43.30 75.73 -8.64
C GLN I 82 44.47 74.81 -8.97
N VAL I 83 44.32 73.54 -8.61
CA VAL I 83 45.34 72.52 -8.81
C VAL I 83 44.80 71.55 -9.85
N GLN I 84 45.28 71.67 -11.09
CA GLN I 84 44.85 70.80 -12.16
C GLN I 84 45.58 69.46 -12.09
N LEU I 85 44.97 68.45 -12.69
CA LEU I 85 45.58 67.12 -12.78
C LEU I 85 46.47 67.10 -14.01
N LEU I 86 47.77 67.29 -13.79
CA LEU I 86 48.72 67.30 -14.90
C LEU I 86 49.11 65.91 -15.37
N TYR I 87 48.85 64.88 -14.58
CA TYR I 87 49.31 63.54 -14.89
C TYR I 87 48.46 62.82 -15.92
N LYS I 88 47.33 63.39 -16.34
CA LYS I 88 46.40 62.66 -17.19
C LYS I 88 46.98 62.19 -18.51
N PRO I 89 47.74 63.00 -19.28
CA PRO I 89 48.24 62.51 -20.57
C PRO I 89 49.14 61.29 -20.48
N ILE I 90 49.80 61.07 -19.34
CA ILE I 90 50.81 60.01 -19.26
C ILE I 90 50.19 58.66 -18.92
N TYR I 91 49.13 58.62 -18.15
CA TYR I 91 48.63 57.38 -17.55
C TYR I 91 47.40 56.85 -18.28
N ASP I 92 47.22 55.53 -18.20
CA ASP I 92 46.04 54.85 -18.72
C ASP I 92 45.15 54.47 -17.55
N SER I 93 43.91 54.97 -17.57
CA SER I 93 43.01 54.75 -16.44
C SER I 93 42.47 53.33 -16.45
N ILE I 94 42.35 52.76 -15.25
CA ILE I 94 41.69 51.46 -15.05
C ILE I 94 40.75 51.67 -13.87
N ALA I 95 39.50 52.01 -14.15
CA ALA I 95 38.49 52.25 -13.13
C ALA I 95 37.67 50.98 -12.97
N ASP I 96 37.80 50.35 -11.80
CA ASP I 96 37.04 49.15 -11.50
C ASP I 96 36.78 49.11 -10.00
N SER I 97 35.50 49.17 -9.62
CA SER I 97 35.15 49.25 -8.21
C SER I 97 35.49 47.99 -7.42
N ASN I 98 35.76 46.88 -8.10
CA ASN I 98 36.05 45.60 -7.44
C ASN I 98 37.49 45.16 -7.64
N LEU I 99 38.43 46.11 -7.69
CA LEU I 99 39.82 45.74 -7.82
C LEU I 99 40.30 45.07 -6.52
N PRO I 100 41.38 44.30 -6.59
CA PRO I 100 41.93 43.70 -5.37
C PRO I 100 42.94 44.63 -4.70
N GLN I 101 43.36 44.22 -3.51
CA GLN I 101 44.38 44.97 -2.79
C GLN I 101 45.68 45.01 -3.57
N VAL I 102 46.03 43.90 -4.22
CA VAL I 102 47.21 43.80 -5.06
C VAL I 102 46.82 43.10 -6.35
N MET I 103 47.30 43.62 -7.48
CA MET I 103 46.96 43.07 -8.77
C MET I 103 47.64 41.70 -8.95
N ASP I 104 47.44 41.10 -10.11
CA ASP I 104 47.99 39.80 -10.45
C ASP I 104 48.71 39.88 -11.79
N ALA I 105 49.85 39.20 -11.88
CA ALA I 105 50.69 39.28 -13.07
C ALA I 105 50.04 38.55 -14.23
N LYS I 106 50.17 39.14 -15.42
CA LYS I 106 49.70 38.51 -16.65
C LYS I 106 50.71 37.45 -17.10
N TRP I 107 50.19 36.35 -17.62
CA TRP I 107 51.00 35.23 -18.11
C TRP I 107 50.71 34.98 -19.57
N ALA I 108 51.68 34.42 -20.28
CA ALA I 108 51.51 34.07 -21.68
C ALA I 108 52.65 33.17 -22.12
N LEU I 109 52.32 32.18 -22.94
CA LEU I 109 53.29 31.25 -23.49
C LEU I 109 53.73 31.70 -24.88
N GLN I 110 54.95 31.32 -25.25
CA GLN I 110 55.52 31.69 -26.54
C GLN I 110 56.36 30.54 -27.07
N GLY I 111 56.19 30.24 -28.34
CA GLY I 111 57.06 29.28 -29.00
C GLY I 111 58.29 29.95 -29.57
N ASN I 112 59.34 29.14 -29.72
CA ASN I 112 60.61 29.61 -30.28
C ASN I 112 61.08 28.59 -31.31
N CYS I 113 61.44 29.08 -32.50
CA CYS I 113 61.98 28.22 -33.54
C CYS I 113 62.81 29.06 -34.49
N VAL I 114 63.72 28.38 -35.18
CA VAL I 114 64.61 29.00 -36.15
C VAL I 114 64.66 28.09 -37.38
N PHE I 115 64.70 28.70 -38.55
CA PHE I 115 64.70 27.95 -39.81
C PHE I 115 66.14 27.72 -40.25
N LEU I 116 66.57 26.47 -40.16
CA LEU I 116 67.88 26.04 -40.63
C LEU I 116 67.76 25.50 -42.04
N GLU I 117 68.90 25.50 -42.74
CA GLU I 117 68.94 24.85 -44.05
C GLU I 117 68.66 23.36 -43.90
N HIS I 118 67.78 22.85 -44.75
CA HIS I 118 67.38 21.45 -44.75
C HIS I 118 67.91 20.81 -46.03
N ILE I 119 68.94 20.00 -45.88
CA ILE I 119 69.50 19.27 -47.00
C ILE I 119 68.86 17.89 -47.03
N GLU I 120 69.06 17.19 -48.15
CA GLU I 120 68.40 15.94 -48.49
C GLU I 120 68.34 14.94 -47.34
N GLY I 121 67.12 14.62 -46.91
CA GLY I 121 66.89 13.57 -45.94
C GLY I 121 67.57 13.69 -44.60
N GLU I 122 67.79 14.91 -44.10
CA GLU I 122 68.33 15.08 -42.76
C GLU I 122 67.20 15.24 -41.75
N GLU I 123 67.59 15.27 -40.48
CA GLU I 123 66.65 15.44 -39.38
C GLU I 123 66.59 16.91 -38.97
N ILE I 124 65.37 17.43 -38.84
CA ILE I 124 65.17 18.82 -38.46
C ILE I 124 65.19 18.93 -36.95
N LYS I 125 65.71 20.06 -36.45
CA LYS I 125 65.85 20.28 -35.02
C LYS I 125 64.65 21.05 -34.50
N PHE I 126 64.02 20.53 -33.46
CA PHE I 126 62.77 21.09 -32.97
C PHE I 126 63.01 22.41 -32.26
N GLY I 127 61.92 23.10 -31.97
CA GLY I 127 61.94 24.37 -31.28
C GLY I 127 61.74 24.21 -29.78
N THR I 128 61.30 25.29 -29.15
CA THR I 128 61.12 25.32 -27.72
C THR I 128 60.02 26.32 -27.37
N ILE I 129 59.31 26.03 -26.29
CA ILE I 129 58.27 26.90 -25.75
C ILE I 129 58.77 27.51 -24.45
N ASN I 130 58.35 28.74 -24.18
CA ASN I 130 58.71 29.40 -22.93
C ASN I 130 57.61 30.39 -22.58
N ALA I 131 57.60 30.78 -21.30
CA ALA I 131 56.56 31.63 -20.74
C ALA I 131 57.20 32.84 -20.08
N GLU I 132 56.49 33.97 -20.15
CA GLU I 132 56.87 35.17 -19.43
C GLU I 132 55.70 35.69 -18.62
N ASN I 133 56.02 36.42 -17.56
CA ASN I 133 55.04 36.98 -16.64
C ASN I 133 55.27 38.47 -16.48
N GLY I 134 54.17 39.20 -16.35
CA GLY I 134 54.25 40.63 -16.12
C GLY I 134 54.52 40.94 -14.67
N PRO I 135 54.59 42.24 -14.36
CA PRO I 135 54.81 42.66 -12.97
C PRO I 135 53.50 42.74 -12.21
N VAL I 136 53.58 43.19 -10.95
CA VAL I 136 52.43 43.33 -10.08
C VAL I 136 52.36 44.77 -9.59
N ALA I 137 51.13 45.24 -9.39
CA ALA I 137 50.86 46.58 -8.89
C ALA I 137 49.84 46.50 -7.77
N ARG I 138 49.84 47.51 -6.91
CA ARG I 138 48.98 47.53 -5.74
C ARG I 138 48.47 48.94 -5.51
N ILE I 139 47.37 49.03 -4.79
CA ILE I 139 46.63 50.27 -4.58
C ILE I 139 46.51 50.54 -3.08
N GLN I 140 46.76 51.78 -2.69
CA GLN I 140 46.76 52.21 -1.30
C GLN I 140 45.48 52.98 -1.00
N THR I 141 45.41 53.54 0.21
CA THR I 141 44.28 54.32 0.68
C THR I 141 44.78 55.63 1.27
N TYR I 142 44.00 56.69 1.06
CA TYR I 142 44.32 58.01 1.60
C TYR I 142 43.05 58.66 2.12
N ALA I 143 43.19 59.52 3.12
CA ALA I 143 42.01 60.15 3.71
C ALA I 143 42.44 61.28 4.64
N THR I 144 41.69 62.38 4.61
CA THR I 144 41.80 63.46 5.58
C THR I 144 40.41 64.00 5.86
N GLY I 145 40.29 64.72 6.97
CA GLY I 145 38.99 65.24 7.37
C GLY I 145 39.13 66.44 8.28
N PHE I 146 37.98 66.90 8.76
CA PHE I 146 37.89 68.07 9.63
C PHE I 146 36.93 67.79 10.77
N GLU I 147 37.14 68.52 11.88
CA GLU I 147 36.21 68.54 13.00
C GLU I 147 35.83 69.99 13.27
N TYR I 148 34.54 70.23 13.49
CA TYR I 148 34.08 71.58 13.76
C TYR I 148 32.80 71.52 14.57
N THR I 149 32.73 72.32 15.62
CA THR I 149 31.54 72.38 16.45
C THR I 149 30.37 72.96 15.66
N LYS I 150 29.16 72.56 16.05
CA LYS I 150 27.96 73.14 15.45
C LYS I 150 27.94 74.65 15.66
N GLU I 151 28.46 75.11 16.78
CA GLU I 151 28.48 76.54 17.07
C GLU I 151 29.36 77.28 16.07
N MET I 152 30.50 76.69 15.69
CA MET I 152 31.37 77.33 14.72
C MET I 152 30.69 77.44 13.35
N LYS I 153 30.02 76.38 12.91
CA LYS I 153 29.33 76.44 11.63
C LYS I 153 28.20 77.45 11.66
N ASP I 154 27.46 77.51 12.76
CA ASP I 154 26.24 78.31 12.78
C ASP I 154 26.53 79.79 13.03
N PHE I 155 27.37 80.09 14.01
CA PHE I 155 27.62 81.48 14.36
C PHE I 155 28.56 82.16 13.38
N ASN I 156 29.52 81.43 12.82
CA ASN I 156 30.53 82.03 11.94
C ASN I 156 29.92 82.27 10.56
N GLN I 157 29.96 83.52 10.12
CA GLN I 157 29.30 83.89 8.86
C GLN I 157 30.02 83.30 7.66
N THR I 158 31.35 83.35 7.66
CA THR I 158 32.13 82.97 6.48
C THR I 158 32.42 81.47 6.42
N PHE I 159 32.59 80.82 7.56
CA PHE I 159 32.85 79.39 7.56
C PHE I 159 31.67 78.64 6.96
N SER I 160 31.96 77.56 6.25
CA SER I 160 30.93 76.72 5.66
C SER I 160 31.57 75.42 5.23
N VAL I 161 30.73 74.43 4.96
CA VAL I 161 31.24 73.15 4.47
C VAL I 161 31.73 73.29 3.03
N GLU I 162 31.34 74.35 2.33
CA GLU I 162 31.80 74.53 0.96
C GLU I 162 33.30 74.75 0.90
N ILE I 163 33.84 75.58 1.79
CA ILE I 163 35.28 75.81 1.77
C ILE I 163 36.04 74.56 2.21
N LEU I 164 35.47 73.78 3.12
CA LEU I 164 36.10 72.51 3.49
C LEU I 164 36.15 71.56 2.31
N ASN I 165 35.06 71.47 1.55
CA ASN I 165 35.07 70.64 0.35
C ASN I 165 36.05 71.17 -0.68
N LYS I 166 36.20 72.50 -0.78
CA LYS I 166 37.20 73.05 -1.68
C LYS I 166 38.60 72.64 -1.27
N SER I 167 38.91 72.72 0.03
CA SER I 167 40.22 72.29 0.50
C SER I 167 40.44 70.81 0.25
N ILE I 168 39.41 69.99 0.48
CA ILE I 168 39.52 68.57 0.23
C ILE I 168 39.81 68.31 -1.24
N GLY I 169 39.11 68.99 -2.13
CA GLY I 169 39.34 68.80 -3.55
C GLY I 169 40.72 69.24 -3.98
N GLU I 170 41.20 70.37 -3.46
CA GLU I 170 42.53 70.84 -3.83
C GLU I 170 43.60 69.87 -3.36
N SER I 171 43.52 69.44 -2.10
CA SER I 171 44.50 68.48 -1.61
C SER I 171 44.39 67.16 -2.35
N TYR I 172 43.18 66.78 -2.77
CA TYR I 172 43.01 65.54 -3.53
C TYR I 172 43.70 65.63 -4.88
N ASN I 173 43.51 66.75 -5.59
CA ASN I 173 44.17 66.90 -6.88
C ASN I 173 45.68 66.92 -6.72
N ALA I 174 46.18 67.62 -5.70
CA ALA I 174 47.62 67.62 -5.48
C ALA I 174 48.13 66.24 -5.11
N LEU I 175 47.36 65.47 -4.35
CA LEU I 175 47.74 64.10 -4.04
C LEU I 175 47.82 63.26 -5.30
N LEU I 176 46.85 63.41 -6.20
CA LEU I 176 46.91 62.65 -7.45
C LEU I 176 48.13 63.02 -8.27
N ASN I 177 48.43 64.31 -8.36
CA ASN I 177 49.63 64.73 -9.07
C ASN I 177 50.88 64.13 -8.43
N HIS I 178 50.96 64.14 -7.11
CA HIS I 178 52.13 63.58 -6.45
C HIS I 178 52.22 62.08 -6.69
N ILE I 179 51.12 61.35 -6.53
CA ILE I 179 51.17 59.90 -6.69
C ILE I 179 51.61 59.54 -8.09
N HIS I 180 51.10 60.24 -9.10
CA HIS I 180 51.33 59.86 -10.48
C HIS I 180 52.53 60.55 -11.12
N LEU I 181 53.24 61.43 -10.40
CA LEU I 181 54.44 62.07 -10.94
C LEU I 181 55.68 61.93 -10.07
N SER I 182 55.57 61.66 -8.78
CA SER I 182 56.74 61.45 -7.96
C SER I 182 57.48 60.15 -8.28
N PRO I 183 56.82 59.08 -8.76
CA PRO I 183 57.63 57.95 -9.24
C PRO I 183 58.57 58.33 -10.37
N ILE I 184 58.14 59.24 -11.23
CA ILE I 184 58.98 59.69 -12.33
C ILE I 184 60.14 60.52 -11.81
N ILE I 185 59.91 61.32 -10.78
CA ILE I 185 60.91 62.28 -10.34
C ILE I 185 61.92 61.61 -9.40
N ASN I 186 61.43 60.88 -8.41
CA ASN I 186 62.29 60.30 -7.39
C ASN I 186 63.10 59.10 -7.88
N PHE I 187 62.82 58.59 -9.09
CA PHE I 187 63.52 57.42 -9.57
C PHE I 187 65.00 57.70 -9.73
N ASN I 188 65.82 56.71 -9.37
CA ASN I 188 67.27 56.80 -9.52
C ASN I 188 67.59 56.36 -10.94
N TYR I 189 67.71 57.34 -11.84
CA TYR I 189 67.91 57.04 -13.24
C TYR I 189 69.34 56.56 -13.49
N LYS I 190 69.46 55.45 -14.21
CA LYS I 190 70.77 54.95 -14.58
C LYS I 190 71.37 55.80 -15.68
N ALA I 191 72.66 55.60 -15.94
CA ALA I 191 73.34 56.36 -16.98
C ALA I 191 72.75 56.10 -18.36
N SER I 192 72.11 54.94 -18.56
CA SER I 192 71.47 54.67 -19.84
C SER I 192 70.36 55.67 -20.13
N ASN I 193 69.53 55.96 -19.14
CA ASN I 193 68.43 56.89 -19.35
C ASN I 193 68.92 58.33 -19.40
N LYS I 194 69.83 58.70 -18.51
CA LYS I 194 70.23 60.10 -18.38
C LYS I 194 70.93 60.59 -19.63
N THR I 195 70.63 61.83 -20.02
CA THR I 195 71.28 62.51 -21.13
C THR I 195 71.80 63.84 -20.64
N ALA I 196 73.09 64.10 -20.87
CA ALA I 196 73.72 65.29 -20.32
C ALA I 196 73.22 66.55 -21.03
N PHE I 197 73.62 67.70 -20.49
CA PHE I 197 73.22 68.97 -21.07
C PHE I 197 73.78 69.14 -22.48
N LYS I 198 75.08 68.88 -22.65
CA LYS I 198 75.80 68.95 -23.93
C LYS I 198 75.47 70.22 -24.71
N GLY I 199 75.52 71.35 -24.01
CA GLY I 199 75.45 72.65 -24.66
C GLY I 199 76.84 73.12 -25.02
N THR I 201 76.96 73.73 -26.20
CA THR I 201 78.25 74.17 -26.71
C THR I 201 78.64 75.47 -26.01
N ASN I 202 79.69 76.13 -26.50
CA ASN I 202 80.15 77.37 -25.90
C ASN I 202 79.24 78.52 -26.27
N ASP I 203 78.78 79.25 -25.24
CA ASP I 203 77.90 80.43 -25.27
C ASP I 203 76.86 80.42 -26.40
N PRO I 204 75.89 79.51 -26.39
CA PRO I 204 74.74 79.67 -27.29
C PRO I 204 73.69 80.55 -26.60
N ILE I 205 72.58 80.75 -27.31
CA ILE I 205 71.38 81.25 -26.66
C ILE I 205 70.74 80.12 -25.88
N TRP I 206 69.94 80.48 -24.87
CA TRP I 206 69.34 79.47 -24.01
C TRP I 206 68.28 78.63 -24.71
N LEU I 207 67.96 78.91 -25.98
CA LEU I 207 67.30 77.93 -26.82
C LEU I 207 68.25 76.85 -27.33
N GLY I 208 69.50 76.83 -26.85
CA GLY I 208 70.38 75.70 -27.04
C GLY I 208 69.97 74.45 -26.27
N ILE I 209 68.93 74.56 -25.44
CA ILE I 209 68.24 73.38 -24.93
C ILE I 209 67.68 72.55 -26.08
N TRP I 210 67.43 73.18 -27.24
CA TRP I 210 67.07 72.44 -28.45
C TRP I 210 68.05 71.32 -28.73
N ARG I 211 69.33 71.55 -28.49
CA ARG I 211 70.31 70.48 -28.65
C ARG I 211 70.00 69.32 -27.71
N THR I 212 69.73 69.62 -26.44
CA THR I 212 69.48 68.56 -25.47
C THR I 212 68.17 67.84 -25.78
N LEU I 213 67.13 68.58 -26.14
CA LEU I 213 65.85 67.94 -26.43
C LEU I 213 65.95 67.03 -27.64
N THR I 214 66.66 67.46 -28.67
CA THR I 214 66.86 66.60 -29.84
C THR I 214 67.63 65.35 -29.46
N GLN I 215 68.65 65.48 -28.60
CA GLN I 215 69.39 64.31 -28.16
C GLN I 215 68.49 63.37 -27.37
N ALA I 216 67.63 63.92 -26.51
CA ALA I 216 66.70 63.07 -25.77
C ALA I 216 65.76 62.33 -26.71
N GLN I 217 65.26 63.02 -27.73
CA GLN I 217 64.45 62.34 -28.74
C GLN I 217 65.28 61.27 -29.45
N LYS I 218 66.52 61.59 -29.78
CA LYS I 218 67.38 60.62 -30.44
C LYS I 218 67.62 59.40 -29.55
N ASP I 219 67.91 59.64 -28.27
CA ASP I 219 68.23 58.54 -27.38
C ASP I 219 67.01 57.68 -27.07
N THR I 220 65.83 58.28 -27.03
CA THR I 220 64.62 57.50 -26.83
C THR I 220 64.42 56.53 -27.99
N VAL I 221 64.59 57.01 -29.22
CA VAL I 221 64.36 56.18 -30.39
C VAL I 221 65.44 55.12 -30.53
N ILE I 222 66.68 55.47 -30.22
CA ILE I 222 67.77 54.50 -30.31
C ILE I 222 67.54 53.36 -29.34
N ALA I 223 66.94 53.65 -28.18
CA ALA I 223 66.57 52.60 -27.24
C ALA I 223 65.23 51.95 -27.57
N LYS I 224 64.66 52.22 -28.74
CA LYS I 224 63.41 51.66 -29.24
C LYS I 224 62.17 52.17 -28.51
N ARG I 225 62.32 53.01 -27.50
CA ARG I 225 61.20 53.74 -26.93
C ARG I 225 61.00 55.00 -27.76
N GLN I 226 60.15 55.92 -27.29
CA GLN I 226 60.00 57.18 -28.00
C GLN I 226 59.39 58.20 -27.07
N GLY I 227 59.88 59.44 -27.18
CA GLY I 227 59.38 60.52 -26.34
C GLY I 227 58.25 61.26 -27.03
N ASN I 228 57.14 61.39 -26.31
CA ASN I 228 55.97 62.10 -26.81
C ASN I 228 55.51 63.17 -25.82
N ILE I 229 55.75 62.94 -24.53
CA ILE I 229 55.37 63.85 -23.45
C ILE I 229 56.64 64.30 -22.75
N LEU I 230 56.79 65.60 -22.58
CA LEU I 230 57.93 66.19 -21.90
C LEU I 230 57.47 66.76 -20.57
N MET I 231 58.24 66.49 -19.51
CA MET I 231 57.98 67.03 -18.19
C MET I 231 59.17 67.88 -17.77
N ALA I 232 58.88 69.07 -17.24
CA ALA I 232 59.91 70.00 -16.81
C ALA I 232 59.34 70.86 -15.70
N SER I 233 60.08 71.90 -15.32
CA SER I 233 59.63 72.87 -14.32
C SER I 233 59.18 74.14 -15.01
N SER I 234 58.35 74.91 -14.30
CA SER I 234 57.91 76.20 -14.82
C SER I 234 59.04 77.22 -14.84
N ALA I 235 60.17 76.96 -14.17
CA ALA I 235 61.25 77.92 -14.13
C ALA I 235 61.87 78.16 -15.50
N ASP I 236 61.69 77.25 -16.45
CA ASP I 236 62.21 77.39 -17.80
C ASP I 236 61.12 77.09 -18.82
N GLN I 237 59.89 77.51 -18.53
CA GLN I 237 58.81 77.37 -19.48
C GLN I 237 59.07 78.19 -20.73
N ILE I 238 59.51 79.44 -20.55
CA ILE I 238 59.72 80.31 -21.71
C ILE I 238 60.88 79.81 -22.56
N GLU I 239 61.91 79.25 -21.93
CA GLU I 239 63.04 78.74 -22.69
C GLU I 239 62.66 77.47 -23.44
N ILE I 240 61.96 76.55 -22.78
CA ILE I 240 61.59 75.30 -23.42
C ILE I 240 60.58 75.56 -24.53
N GLU I 241 59.55 76.36 -24.26
CA GLU I 241 58.55 76.63 -25.27
C GLU I 241 59.12 77.38 -26.45
N MET I 242 60.18 78.16 -26.23
CA MET I 242 60.89 78.77 -27.36
C MET I 242 61.70 77.73 -28.11
N ALA I 243 62.17 76.69 -27.43
CA ALA I 243 62.99 75.67 -28.08
C ALA I 243 62.16 74.73 -28.94
N LEU I 244 60.97 74.35 -28.47
CA LEU I 244 60.12 73.47 -29.24
C LEU I 244 59.76 74.08 -30.58
N ASN I 245 59.37 75.35 -30.57
CA ASN I 245 59.27 76.10 -31.81
C ASN I 245 60.67 76.39 -32.34
N GLY I 246 60.77 76.60 -33.64
CA GLY I 246 62.04 76.88 -34.25
C GLY I 246 62.65 78.16 -33.71
N GLY I 247 63.86 78.07 -33.17
CA GLY I 247 64.53 79.26 -32.68
C GLY I 247 64.81 80.24 -33.79
N HIS I 248 64.93 81.51 -33.40
CA HIS I 248 65.19 82.56 -34.37
C HIS I 248 66.55 82.34 -35.04
N LEU I 249 66.73 83.03 -36.17
CA LEU I 249 67.93 82.87 -36.96
C LEU I 249 69.17 83.30 -36.19
N LEU I 250 70.07 82.35 -35.92
CA LEU I 250 71.30 82.59 -35.17
C LEU I 250 72.49 82.30 -36.07
N ASN I 251 73.19 83.37 -36.46
CA ASN I 251 74.42 83.24 -37.26
C ASN I 251 74.17 82.49 -38.55
N GLY I 252 73.04 82.79 -39.19
CA GLY I 252 72.68 82.09 -40.41
C GLY I 252 72.42 80.62 -40.19
N SER I 253 71.64 80.28 -39.17
CA SER I 253 71.28 78.89 -38.90
C SER I 253 69.85 78.86 -38.36
N MET I 254 68.89 78.57 -39.24
CA MET I 254 67.48 78.51 -38.86
C MET I 254 67.18 77.08 -38.41
N TYR I 255 67.14 76.88 -37.09
CA TYR I 255 66.92 75.55 -36.56
C TYR I 255 65.46 75.14 -36.74
N PRO I 256 65.17 73.84 -36.86
CA PRO I 256 63.80 73.40 -37.05
C PRO I 256 63.08 73.15 -35.73
N SER I 257 61.76 73.24 -35.78
CA SER I 257 60.94 72.93 -34.62
C SER I 257 61.04 71.44 -34.30
N ILE I 258 61.02 71.12 -33.01
CA ILE I 258 61.10 69.74 -32.56
C ILE I 258 59.72 69.12 -32.70
N LYS I 259 59.64 68.00 -33.41
CA LYS I 259 58.39 67.30 -33.63
C LYS I 259 58.28 66.10 -32.68
N ASN I 260 57.12 65.45 -32.73
CA ASN I 260 56.83 64.28 -31.90
C ASN I 260 56.98 64.60 -30.42
N ILE I 261 56.45 65.75 -30.01
CA ILE I 261 56.23 66.07 -28.60
C ILE I 261 54.82 66.61 -28.52
N SER I 262 53.86 65.75 -28.18
CA SER I 262 52.46 66.13 -28.22
C SER I 262 52.17 67.26 -27.23
N THR I 263 52.55 67.07 -25.97
CA THR I 263 52.28 68.04 -24.92
C THR I 263 53.50 68.14 -24.02
N VAL I 264 53.61 69.27 -23.34
CA VAL I 264 54.61 69.51 -22.32
C VAL I 264 53.87 69.93 -21.05
N ILE I 265 54.22 69.31 -19.92
CA ILE I 265 53.54 69.55 -18.65
C ILE I 265 54.58 70.02 -17.65
N TYR I 266 54.27 71.09 -16.94
CA TYR I 266 55.13 71.65 -15.90
C TYR I 266 54.52 71.33 -14.56
N TYR I 267 55.28 70.66 -13.69
CA TYR I 267 54.80 70.20 -12.40
C TYR I 267 55.70 70.79 -11.32
N ASP I 268 55.28 71.92 -10.76
CA ASP I 268 55.96 72.50 -9.62
C ASP I 268 55.44 71.87 -8.34
N GLY I 269 56.18 72.07 -7.26
CA GLY I 269 55.79 71.51 -5.98
C GLY I 269 54.52 72.14 -5.45
N TRP I 270 53.83 71.37 -4.61
CA TRP I 270 52.62 71.82 -3.92
C TRP I 270 52.92 71.91 -2.43
N GLU I 271 52.50 73.00 -1.81
CA GLU I 271 52.79 73.29 -0.41
C GLU I 271 51.49 73.59 0.31
N VAL I 272 51.38 73.10 1.54
CA VAL I 272 50.21 73.35 2.38
C VAL I 272 50.67 73.35 3.83
N THR I 273 50.07 74.23 4.62
CA THR I 273 50.40 74.38 6.04
C THR I 273 49.19 73.95 6.85
N VAL I 274 49.15 72.65 7.17
CA VAL I 274 48.08 72.09 7.99
C VAL I 274 48.48 72.29 9.45
N GLY I 275 47.82 73.22 10.12
CA GLY I 275 48.19 73.52 11.49
C GLY I 275 49.60 74.08 11.53
N LYS I 276 50.43 73.52 12.42
CA LYS I 276 51.82 73.92 12.54
C LYS I 276 52.78 73.04 11.74
N LYS I 277 52.29 71.94 11.17
CA LYS I 277 53.10 71.06 10.34
C LYS I 277 52.81 71.33 8.87
N THR I 278 53.85 71.61 8.10
CA THR I 278 53.73 71.87 6.67
C THR I 278 54.04 70.59 5.90
N TYR I 279 53.20 70.29 4.92
CA TYR I 279 53.39 69.15 4.03
C TYR I 279 53.67 69.67 2.63
N SER I 280 54.74 69.18 2.02
CA SER I 280 55.21 69.65 0.72
C SER I 280 55.38 68.46 -0.20
N TYR I 281 54.85 68.58 -1.41
CA TYR I 281 55.07 67.60 -2.47
C TYR I 281 56.15 68.13 -3.40
N LYS I 282 57.19 67.32 -3.60
CA LYS I 282 58.33 67.75 -4.39
C LYS I 282 57.98 67.80 -5.86
N GLY I 283 58.15 68.96 -6.47
CA GLY I 283 57.94 69.13 -7.90
C GLY I 283 59.19 68.82 -8.69
N VAL I 284 59.12 69.10 -9.98
CA VAL I 284 60.27 68.88 -10.85
C VAL I 284 61.35 69.90 -10.52
N THR I 285 62.56 69.42 -10.31
CA THR I 285 63.67 70.31 -10.01
C THR I 285 63.91 71.23 -11.20
N PRO I 286 64.27 72.51 -11.00
CA PRO I 286 64.59 73.36 -12.15
C PRO I 286 65.79 72.82 -12.90
N GLY I 287 65.75 72.98 -14.23
CA GLY I 287 66.78 72.45 -15.10
C GLY I 287 66.47 71.05 -15.56
N LYS I 288 66.30 70.12 -14.61
CA LYS I 288 66.03 68.74 -14.96
C LYS I 288 64.66 68.61 -15.63
N GLY I 289 64.58 67.72 -16.60
CA GLY I 289 63.33 67.42 -17.27
C GLY I 289 63.28 65.95 -17.63
N TYR I 290 62.05 65.48 -17.84
CA TYR I 290 61.79 64.06 -18.09
C TYR I 290 60.92 63.92 -19.33
N LEU I 291 61.44 63.23 -20.34
CA LEU I 291 60.72 62.95 -21.57
C LEU I 291 60.17 61.53 -21.51
N ILE I 292 58.86 61.41 -21.70
CA ILE I 292 58.12 60.22 -21.30
C ILE I 292 57.42 59.63 -22.51
N ARG I 293 57.35 58.29 -22.53
CA ARG I 293 56.51 57.58 -23.48
C ARG I 293 55.20 57.24 -22.80
N PRO I 294 54.07 57.84 -23.16
CA PRO I 294 52.92 57.83 -22.27
C PRO I 294 52.04 56.59 -22.41
N LYS I 295 51.45 56.22 -21.27
CA LYS I 295 50.30 55.30 -21.18
C LYS I 295 50.52 54.00 -21.94
N ARG I 296 51.73 53.45 -21.83
CA ARG I 296 52.00 52.07 -22.18
C ARG I 296 52.60 51.28 -21.04
N GLY I 297 53.52 51.88 -20.29
CA GLY I 297 54.02 51.36 -19.04
C GLY I 297 53.48 52.05 -17.81
N PHE I 298 52.65 53.07 -17.97
CA PHE I 298 52.05 53.80 -16.87
C PHE I 298 50.58 53.45 -16.78
N LYS I 299 50.15 52.96 -15.62
CA LYS I 299 48.77 52.56 -15.41
C LYS I 299 48.25 53.24 -14.15
N GLU I 300 47.06 53.82 -14.26
CA GLU I 300 46.37 54.45 -13.14
C GLU I 300 45.30 53.48 -12.64
N LEU I 301 45.45 53.02 -11.40
CA LEU I 301 44.55 52.04 -10.81
C LEU I 301 43.65 52.76 -9.83
N ILE I 302 42.33 52.62 -10.03
CA ILE I 302 41.32 53.31 -9.23
C ILE I 302 40.28 52.29 -8.80
N LYS I 303 39.96 52.28 -7.51
CA LYS I 303 38.82 51.55 -6.98
C LYS I 303 37.71 52.48 -6.51
N ARG I 304 38.05 53.53 -5.77
CA ARG I 304 37.14 54.62 -5.44
C ARG I 304 37.91 55.91 -5.64
N ASP I 305 37.49 56.70 -6.63
CA ASP I 305 38.24 57.92 -6.95
C ASP I 305 38.21 58.91 -5.79
N LEU I 306 37.04 59.16 -5.23
CA LEU I 306 36.91 60.08 -4.10
C LEU I 306 35.53 59.94 -3.52
N THR I 307 35.44 59.97 -2.19
CA THR I 307 34.17 59.81 -1.50
C THR I 307 34.25 60.62 -0.21
N THR I 308 33.54 61.74 -0.17
CA THR I 308 33.45 62.58 1.01
C THR I 308 32.18 62.19 1.76
N GLU I 309 32.33 61.37 2.80
CA GLU I 309 31.22 60.91 3.61
C GLU I 309 31.21 61.65 4.93
N VAL I 310 30.03 61.97 5.43
CA VAL I 310 29.91 62.60 6.74
C VAL I 310 30.25 61.57 7.81
N GLY I 311 31.17 61.93 8.69
CA GLY I 311 31.65 61.01 9.71
C GLY I 311 30.76 60.99 10.94
N ASN I 312 31.13 60.12 11.87
CA ASN I 312 30.41 60.01 13.12
C ASN I 312 30.58 61.29 13.94
N ALA I 313 29.50 61.71 14.59
CA ALA I 313 29.46 62.93 15.39
C ALA I 313 29.26 62.59 16.85
N ASP I 314 29.81 63.42 17.73
CA ASP I 314 29.57 63.33 19.16
C ASP I 314 28.40 64.26 19.47
N LEU I 315 27.20 63.71 19.52
CA LEU I 315 26.02 64.52 19.83
C LEU I 315 26.13 65.12 21.22
N SER I 316 26.80 64.44 22.14
CA SER I 316 26.91 64.92 23.50
C SER I 316 27.68 66.22 23.60
N LYS I 317 28.49 66.56 22.59
CA LYS I 317 29.19 67.83 22.52
C LYS I 317 28.59 68.80 21.51
N LEU I 318 27.55 68.39 20.77
CA LEU I 318 27.02 69.18 19.66
C LEU I 318 28.12 69.52 18.66
N VAL I 319 28.93 68.52 18.33
CA VAL I 319 29.95 68.65 17.29
C VAL I 319 29.42 68.01 16.01
N GLU I 320 29.56 68.72 14.90
CA GLU I 320 28.98 68.28 13.64
C GLU I 320 29.74 67.06 13.13
N ASN I 321 29.12 66.36 12.17
CA ASN I 321 29.73 65.18 11.57
C ASN I 321 31.10 65.52 10.98
N GLN I 322 32.06 64.63 11.21
CA GLN I 322 33.40 64.80 10.66
C GLN I 322 33.35 64.62 9.15
N ILE I 323 33.47 65.72 8.41
CA ILE I 323 33.64 65.60 6.96
C ILE I 323 35.01 65.01 6.71
N VAL I 324 35.06 63.91 5.98
CA VAL I 324 36.29 63.16 5.74
C VAL I 324 36.31 62.68 4.30
N GLY I 325 37.40 62.96 3.60
CA GLY I 325 37.59 62.45 2.26
C GLY I 325 38.29 61.11 2.25
N HIS I 326 38.13 60.37 1.16
CA HIS I 326 38.68 59.03 1.08
C HIS I 326 38.81 58.63 -0.38
N CYS I 327 39.99 58.13 -0.76
CA CYS I 327 40.23 57.65 -2.11
C CYS I 327 41.12 56.42 -2.05
N TYR I 328 40.75 55.39 -2.81
CA TYR I 328 41.48 54.14 -2.90
C TYR I 328 42.08 54.08 -4.30
N ARG I 329 43.37 54.41 -4.41
CA ARG I 329 44.02 54.59 -5.69
C ARG I 329 45.40 53.96 -5.65
N GLY I 330 46.08 54.00 -6.79
CA GLY I 330 47.44 53.54 -6.88
C GLY I 330 47.96 53.76 -8.28
N ALA I 331 49.28 53.67 -8.41
CA ALA I 331 49.96 53.94 -9.66
C ALA I 331 51.00 52.86 -9.91
N PHE I 332 51.32 52.66 -11.19
CA PHE I 332 52.33 51.70 -11.62
C PHE I 332 53.24 52.41 -12.64
N ALA I 333 54.40 52.85 -12.18
CA ALA I 333 55.33 53.61 -13.01
C ALA I 333 56.28 52.65 -13.73
N ALA I 334 57.33 53.18 -14.34
CA ALA I 334 58.30 52.36 -15.05
C ALA I 334 59.53 53.21 -15.36
N VAL I 335 60.56 52.53 -15.86
CA VAL I 335 61.80 53.17 -16.30
C VAL I 335 62.03 53.02 -17.79
N GLU I 336 61.45 52.00 -18.44
CA GLU I 336 61.63 51.86 -19.88
C GLU I 336 61.05 53.03 -20.65
N GLU I 337 60.04 53.69 -20.09
CA GLU I 337 59.36 54.76 -20.80
C GLU I 337 60.14 56.06 -20.80
N ASN I 338 60.92 56.32 -19.74
CA ASN I 338 61.34 57.67 -19.42
C ASN I 338 62.83 57.89 -19.66
N VAL I 339 63.16 59.11 -20.06
CA VAL I 339 64.53 59.54 -20.33
C VAL I 339 64.70 60.91 -19.68
N GLN I 340 65.71 61.04 -18.82
CA GLN I 340 65.99 62.29 -18.13
C GLN I 340 66.82 63.21 -19.02
N GLU I 341 66.62 64.51 -18.84
CA GLU I 341 67.43 65.54 -19.46
C GLU I 341 68.04 66.43 -18.38
N ILE I 342 68.92 67.32 -18.82
CA ILE I 342 69.49 68.36 -17.96
C ILE I 342 69.33 69.69 -18.68
N SER I 343 68.73 70.65 -18.00
CA SER I 343 68.42 71.96 -18.58
C SER I 343 67.58 71.81 -19.84
N LEU J 69 38.39 36.50 -2.55
CA LEU J 69 38.02 37.75 -3.19
C LEU J 69 38.26 37.66 -4.69
N ARG J 70 37.80 38.69 -5.42
CA ARG J 70 37.92 38.67 -6.87
C ARG J 70 39.38 38.76 -7.30
N LYS J 71 39.71 38.04 -8.38
CA LYS J 71 41.05 37.99 -8.93
C LYS J 71 41.07 38.77 -10.23
N VAL J 72 41.91 39.80 -10.30
CA VAL J 72 42.03 40.67 -11.46
C VAL J 72 43.50 40.71 -11.87
N VAL J 73 43.76 40.57 -13.16
CA VAL J 73 45.10 40.52 -13.71
C VAL J 73 45.45 41.88 -14.30
N LEU J 74 46.71 42.28 -14.14
CA LEU J 74 47.19 43.54 -14.68
C LEU J 74 47.41 43.39 -16.18
N ASP J 75 46.51 43.93 -16.98
CA ASP J 75 46.53 43.75 -18.43
C ASP J 75 47.68 44.57 -19.01
N VAL J 76 48.89 44.05 -18.85
CA VAL J 76 50.09 44.70 -19.30
C VAL J 76 50.40 44.22 -20.72
N GLU J 77 51.24 44.99 -21.42
CA GLU J 77 51.59 44.72 -22.81
C GLU J 77 52.90 43.93 -22.83
N LEU J 78 52.81 42.64 -23.12
CA LEU J 78 53.97 41.78 -23.30
C LEU J 78 53.77 40.97 -24.59
N GLY J 79 54.72 40.11 -24.89
CA GLY J 79 54.73 39.34 -26.11
C GLY J 79 55.81 39.85 -27.05
N ARG J 80 56.33 38.93 -27.86
CA ARG J 80 57.44 39.27 -28.75
C ARG J 80 56.96 40.18 -29.87
N GLU J 81 57.89 40.94 -30.41
CA GLU J 81 57.58 41.93 -31.44
C GLU J 81 57.31 41.26 -32.78
N GLN J 82 56.40 41.86 -33.55
CA GLN J 82 56.12 41.35 -34.88
C GLN J 82 57.27 41.70 -35.83
N VAL J 83 57.56 40.78 -36.74
CA VAL J 83 58.66 40.92 -37.70
C VAL J 83 58.05 41.13 -39.09
N GLN J 84 58.51 42.17 -39.77
CA GLN J 84 58.02 42.54 -41.08
C GLN J 84 59.01 42.12 -42.16
N LEU J 85 58.50 41.99 -43.39
CA LEU J 85 59.31 41.63 -44.54
C LEU J 85 59.90 42.90 -45.13
N LEU J 86 61.20 43.12 -44.89
CA LEU J 86 61.87 44.33 -45.31
C LEU J 86 62.59 44.21 -46.64
N TYR J 87 62.82 42.99 -47.14
CA TYR J 87 63.59 42.77 -48.35
C TYR J 87 62.83 43.11 -49.62
N LYS J 88 61.49 43.16 -49.57
CA LYS J 88 60.69 43.18 -50.79
C LYS J 88 61.01 44.31 -51.76
N PRO J 89 61.25 45.55 -51.34
CA PRO J 89 61.56 46.60 -52.32
C PRO J 89 62.80 46.33 -53.15
N ILE J 90 63.72 45.50 -52.68
CA ILE J 90 64.95 45.22 -53.41
C ILE J 90 64.72 44.13 -54.43
N TYR J 91 64.36 42.94 -53.96
CA TYR J 91 64.38 41.76 -54.80
C TYR J 91 63.23 41.76 -55.79
N ASP J 92 63.44 41.11 -56.93
CA ASP J 92 62.42 40.89 -57.94
C ASP J 92 61.90 39.47 -57.78
N SER J 93 60.65 39.35 -57.34
CA SER J 93 60.09 38.04 -57.04
C SER J 93 59.90 37.21 -58.31
N ILE J 94 60.15 35.91 -58.19
CA ILE J 94 59.89 34.94 -59.26
C ILE J 94 59.15 33.79 -58.60
N ALA J 95 57.84 33.72 -58.79
CA ALA J 95 56.98 32.71 -58.16
C ALA J 95 56.66 31.64 -59.19
N ASP J 96 57.16 30.43 -58.97
CA ASP J 96 56.86 29.30 -59.85
C ASP J 96 57.22 28.03 -59.12
N SER J 97 56.25 27.14 -58.95
CA SER J 97 56.51 25.87 -58.28
C SER J 97 57.28 24.89 -59.14
N ASN J 98 57.49 25.17 -60.43
CA ASN J 98 58.16 24.27 -61.34
C ASN J 98 59.67 24.44 -61.35
N LEU J 99 60.22 25.32 -60.52
CA LEU J 99 61.64 25.63 -60.63
C LEU J 99 62.48 24.43 -60.18
N PRO J 100 63.64 24.19 -60.80
CA PRO J 100 64.56 23.17 -60.29
C PRO J 100 65.48 23.75 -59.23
N GLN J 101 66.23 22.86 -58.58
CA GLN J 101 67.09 23.31 -57.49
C GLN J 101 68.25 24.17 -57.97
N VAL J 102 68.60 24.12 -59.25
CA VAL J 102 69.65 24.95 -59.82
C VAL J 102 69.09 25.62 -61.07
N MET J 103 69.16 26.95 -61.10
CA MET J 103 68.54 27.70 -62.18
C MET J 103 69.42 27.70 -63.43
N ASP J 104 68.76 27.74 -64.58
CA ASP J 104 69.47 27.77 -65.85
C ASP J 104 70.30 29.05 -65.97
N ALA J 105 71.46 28.93 -66.60
CA ALA J 105 72.33 30.07 -66.87
C ALA J 105 71.98 30.66 -68.23
N LYS J 106 71.66 31.95 -68.25
CA LYS J 106 71.34 32.61 -69.51
C LYS J 106 72.59 32.71 -70.38
N TRP J 107 72.40 32.54 -71.70
CA TRP J 107 73.48 32.56 -72.66
C TRP J 107 73.17 33.55 -73.77
N ALA J 108 74.21 34.10 -74.38
CA ALA J 108 74.05 35.00 -75.50
C ALA J 108 75.33 34.98 -76.34
N LEU J 109 75.17 35.29 -77.62
CA LEU J 109 76.25 35.27 -78.59
C LEU J 109 76.51 36.68 -79.09
N GLN J 110 77.77 37.10 -79.06
CA GLN J 110 78.17 38.46 -79.43
C GLN J 110 79.35 38.39 -80.38
N GLY J 111 79.30 39.22 -81.43
CA GLY J 111 80.36 39.26 -82.43
C GLY J 111 81.24 40.48 -82.28
N ASN J 112 82.53 40.26 -81.99
CA ASN J 112 83.48 41.33 -81.77
C ASN J 112 84.24 41.61 -83.06
N CYS J 113 84.37 42.89 -83.40
CA CYS J 113 85.13 43.31 -84.56
C CYS J 113 85.73 44.69 -84.29
N VAL J 114 86.80 45.00 -85.00
CA VAL J 114 87.54 46.25 -84.82
C VAL J 114 87.88 46.82 -86.19
N PHE J 115 87.70 48.12 -86.36
CA PHE J 115 88.00 48.81 -87.62
C PHE J 115 89.42 49.34 -87.56
N LEU J 116 90.28 48.80 -88.42
CA LEU J 116 91.63 49.30 -88.63
C LEU J 116 91.72 49.90 -90.02
N GLU J 117 92.24 51.13 -90.11
CA GLU J 117 92.23 51.84 -91.37
C GLU J 117 93.20 51.19 -92.35
N HIS J 118 92.70 50.87 -93.53
CA HIS J 118 93.44 50.16 -94.55
C HIS J 118 94.53 51.04 -95.14
N ILE J 119 95.64 50.41 -95.57
CA ILE J 119 96.78 51.11 -96.16
C ILE J 119 96.86 50.90 -97.66
N GLU J 120 95.84 50.30 -98.28
CA GLU J 120 95.91 49.95 -99.69
C GLU J 120 97.05 48.98 -99.92
N GLY J 121 96.90 47.74 -99.43
CA GLY J 121 97.92 46.72 -99.60
C GLY J 121 98.05 45.71 -98.48
N GLU J 122 97.35 45.90 -97.36
CA GLU J 122 97.41 44.97 -96.23
C GLU J 122 96.13 44.14 -96.19
N GLU J 123 96.28 42.85 -95.88
CA GLU J 123 95.12 42.01 -95.63
C GLU J 123 94.35 42.53 -94.42
N ILE J 124 93.03 42.61 -94.55
CA ILE J 124 92.19 43.09 -93.47
C ILE J 124 92.03 41.98 -92.45
N LYS J 125 92.27 42.31 -91.18
CA LYS J 125 92.11 41.34 -90.11
C LYS J 125 90.64 41.12 -89.82
N PHE J 126 90.27 39.88 -89.49
CA PHE J 126 88.90 39.50 -89.23
C PHE J 126 88.64 39.40 -87.73
N GLY J 127 87.40 39.69 -87.34
CA GLY J 127 87.01 39.64 -85.96
C GLY J 127 86.74 38.21 -85.50
N THR J 128 86.16 38.12 -84.31
CA THR J 128 85.82 36.84 -83.71
C THR J 128 84.46 36.95 -83.04
N ILE J 129 84.04 35.87 -82.39
CA ILE J 129 82.76 35.79 -81.71
C ILE J 129 83.00 35.32 -80.29
N ASN J 130 82.25 35.89 -79.35
CA ASN J 130 82.35 35.55 -77.94
C ASN J 130 80.95 35.30 -77.40
N ALA J 131 80.88 34.50 -76.33
CA ALA J 131 79.62 34.08 -75.73
C ALA J 131 79.52 34.61 -74.31
N GLU J 132 78.42 35.29 -74.01
CA GLU J 132 78.13 35.75 -72.66
C GLU J 132 77.45 34.63 -71.88
N ASN J 133 77.84 34.47 -70.63
CA ASN J 133 77.27 33.48 -69.73
C ASN J 133 76.71 34.20 -68.51
N GLY J 134 75.45 33.92 -68.20
CA GLY J 134 74.81 34.51 -67.04
C GLY J 134 75.22 33.82 -65.76
N PRO J 135 74.68 34.30 -64.65
CA PRO J 135 74.95 33.68 -63.36
C PRO J 135 74.03 32.48 -63.12
N VAL J 136 74.33 31.76 -62.04
CA VAL J 136 73.60 30.56 -61.65
C VAL J 136 73.04 30.78 -60.25
N ALA J 137 71.76 30.47 -60.08
CA ALA J 137 71.08 30.58 -58.79
C ALA J 137 70.62 29.20 -58.34
N ARG J 138 70.60 29.00 -57.04
CA ARG J 138 70.25 27.72 -56.42
C ARG J 138 69.09 27.91 -55.46
N ILE J 139 68.18 26.94 -55.45
CA ILE J 139 67.02 26.93 -54.56
C ILE J 139 67.29 25.91 -53.46
N GLN J 140 67.11 26.32 -52.21
CA GLN J 140 67.35 25.49 -51.04
C GLN J 140 66.06 25.26 -50.29
N THR J 141 66.11 24.35 -49.33
CA THR J 141 64.98 23.99 -48.49
C THR J 141 65.31 24.31 -47.05
N TYR J 142 64.37 24.96 -46.36
CA TYR J 142 64.48 25.26 -44.94
C TYR J 142 63.30 24.64 -44.22
N ALA J 143 63.47 24.31 -42.94
CA ALA J 143 62.39 23.66 -42.23
C ALA J 143 62.66 23.66 -40.74
N THR J 144 61.58 23.67 -39.95
CA THR J 144 61.64 23.54 -38.50
C THR J 144 60.28 23.10 -38.02
N GLY J 145 60.24 22.52 -36.83
CA GLY J 145 58.99 22.10 -36.24
C GLY J 145 59.07 22.14 -34.73
N PHE J 146 57.94 21.82 -34.11
CA PHE J 146 57.84 21.62 -32.67
C PHE J 146 57.39 20.20 -32.40
N GLU J 147 57.63 19.74 -31.18
CA GLU J 147 57.14 18.45 -30.69
C GLU J 147 56.47 18.71 -29.36
N TYR J 148 55.18 19.04 -29.40
CA TYR J 148 54.42 19.30 -28.19
C TYR J 148 53.80 17.99 -27.69
N THR J 149 53.98 17.72 -26.41
CA THR J 149 53.64 16.43 -25.83
C THR J 149 52.29 16.48 -25.13
N LYS J 150 51.80 15.30 -24.74
CA LYS J 150 50.58 15.23 -23.95
C LYS J 150 50.77 15.90 -22.60
N GLU J 151 51.90 15.66 -21.95
CA GLU J 151 52.14 16.27 -20.64
C GLU J 151 52.24 17.78 -20.75
N MET J 152 52.96 18.28 -21.76
CA MET J 152 53.08 19.71 -21.95
C MET J 152 51.72 20.32 -22.28
N LYS J 153 50.91 19.60 -23.05
CA LYS J 153 49.55 20.06 -23.35
C LYS J 153 48.72 20.15 -22.07
N ASP J 154 48.87 19.18 -21.18
CA ASP J 154 48.03 19.07 -20.00
C ASP J 154 48.53 19.89 -18.82
N PHE J 155 49.75 20.43 -18.87
CA PHE J 155 50.23 21.27 -17.78
C PHE J 155 49.44 22.56 -17.70
N ASN J 156 49.50 23.38 -18.74
CA ASN J 156 48.83 24.67 -18.78
C ASN J 156 47.72 24.64 -19.83
N GLN J 157 46.51 25.01 -19.41
CA GLN J 157 45.38 25.02 -20.33
C GLN J 157 45.48 26.16 -21.33
N THR J 158 46.28 27.19 -21.05
CA THR J 158 46.46 28.27 -22.01
C THR J 158 47.19 27.81 -23.26
N PHE J 159 47.92 26.70 -23.19
CA PHE J 159 48.69 26.23 -24.33
C PHE J 159 47.77 25.79 -25.46
N SER J 160 48.19 26.05 -26.69
CA SER J 160 47.49 25.59 -27.88
C SER J 160 48.48 25.56 -29.03
N VAL J 161 48.06 24.99 -30.15
CA VAL J 161 48.91 24.93 -31.33
C VAL J 161 49.03 26.30 -32.00
N GLU J 162 48.13 27.23 -31.68
CA GLU J 162 48.12 28.53 -32.35
C GLU J 162 49.41 29.30 -32.08
N ILE J 163 49.90 29.25 -30.84
CA ILE J 163 51.15 29.94 -30.55
C ILE J 163 52.31 29.31 -31.29
N LEU J 164 52.29 27.99 -31.47
CA LEU J 164 53.32 27.33 -32.25
C LEU J 164 53.28 27.79 -33.71
N ASN J 165 52.08 27.89 -34.27
CA ASN J 165 51.96 28.39 -35.64
C ASN J 165 52.44 29.83 -35.75
N LYS J 166 52.13 30.64 -34.74
CA LYS J 166 52.58 32.03 -34.74
C LYS J 166 54.10 32.10 -34.69
N SER J 167 54.73 31.25 -33.88
CA SER J 167 56.18 31.21 -33.82
C SER J 167 56.76 30.78 -35.16
N ILE J 168 56.12 29.81 -35.82
CA ILE J 168 56.59 29.39 -37.13
C ILE J 168 56.53 30.55 -38.11
N GLY J 169 55.44 31.30 -38.11
CA GLY J 169 55.34 32.43 -39.03
C GLY J 169 56.36 33.50 -38.74
N GLU J 170 56.59 33.80 -37.45
CA GLU J 170 57.56 34.82 -37.09
C GLU J 170 58.96 34.41 -37.52
N SER J 171 59.37 33.18 -37.19
CA SER J 171 60.69 32.72 -37.57
C SER J 171 60.83 32.66 -39.08
N TYR J 172 59.75 32.33 -39.78
CA TYR J 172 59.80 32.27 -41.23
C TYR J 172 60.04 33.65 -41.83
N ASN J 173 59.33 34.67 -41.33
CA ASN J 173 59.54 36.03 -41.82
C ASN J 173 60.96 36.50 -41.53
N ALA J 174 61.45 36.20 -40.32
CA ALA J 174 62.83 36.56 -39.99
C ALA J 174 63.81 35.85 -40.92
N LEU J 175 63.53 34.60 -41.28
CA LEU J 175 64.39 33.89 -42.20
C LEU J 175 64.36 34.52 -43.58
N LEU J 176 63.19 34.96 -44.04
CA LEU J 176 63.12 35.61 -45.34
C LEU J 176 63.98 36.85 -45.35
N ASN J 177 63.87 37.66 -44.30
CA ASN J 177 64.73 38.84 -44.20
C ASN J 177 66.19 38.45 -44.19
N HIS J 178 66.53 37.38 -43.46
CA HIS J 178 67.93 36.96 -43.37
C HIS J 178 68.46 36.53 -44.72
N ILE J 179 67.76 35.62 -45.40
CA ILE J 179 68.22 35.09 -46.68
C ILE J 179 68.39 36.22 -47.68
N HIS J 180 67.44 37.15 -47.70
CA HIS J 180 67.46 38.17 -48.74
C HIS J 180 68.41 39.32 -48.45
N LEU J 181 68.65 39.65 -47.19
CA LEU J 181 69.47 40.82 -46.84
C LEU J 181 70.89 40.45 -46.43
N SER J 182 71.09 39.39 -45.67
CA SER J 182 72.41 39.04 -45.15
C SER J 182 73.45 38.81 -46.24
N PRO J 183 73.10 38.45 -47.48
CA PRO J 183 74.12 38.55 -48.54
C PRO J 183 74.69 39.95 -48.67
N ILE J 184 73.86 40.99 -48.51
CA ILE J 184 74.38 42.35 -48.56
C ILE J 184 75.21 42.65 -47.31
N ILE J 185 74.78 42.13 -46.16
CA ILE J 185 75.44 42.47 -44.90
C ILE J 185 76.83 41.83 -44.83
N ASN J 186 76.89 40.52 -45.02
CA ASN J 186 78.11 39.76 -44.75
C ASN J 186 79.10 39.76 -45.91
N PHE J 187 78.79 40.40 -47.03
CA PHE J 187 79.71 40.41 -48.15
C PHE J 187 81.00 41.13 -47.77
N ASN J 188 82.12 40.64 -48.28
CA ASN J 188 83.42 41.26 -48.06
C ASN J 188 83.62 42.30 -49.14
N TYR J 189 83.13 43.51 -48.88
CA TYR J 189 83.21 44.58 -49.87
C TYR J 189 84.66 44.99 -50.09
N LYS J 190 85.02 45.17 -51.35
CA LYS J 190 86.37 45.60 -51.70
C LYS J 190 86.46 47.12 -51.64
N ALA J 191 87.63 47.65 -51.96
CA ALA J 191 87.83 49.10 -51.88
C ALA J 191 86.94 49.84 -52.87
N SER J 192 86.56 49.19 -53.97
CA SER J 192 85.73 49.87 -54.97
C SER J 192 84.37 50.24 -54.40
N ASN J 193 83.77 49.35 -53.62
CA ASN J 193 82.41 49.52 -53.13
C ASN J 193 82.33 50.14 -51.73
N LYS J 194 83.46 50.51 -51.14
CA LYS J 194 83.50 51.06 -49.79
C LYS J 194 83.77 52.55 -49.87
N THR J 195 82.93 53.34 -49.19
CA THR J 195 83.12 54.77 -49.05
C THR J 195 83.20 55.11 -47.56
N ALA J 196 84.20 55.89 -47.19
CA ALA J 196 84.49 56.16 -45.79
C ALA J 196 83.70 57.37 -45.29
N PHE J 197 83.46 57.39 -43.99
CA PHE J 197 82.84 58.55 -43.36
C PHE J 197 83.75 59.76 -43.48
N LYS J 198 83.17 60.91 -43.77
CA LYS J 198 83.92 62.11 -44.14
C LYS J 198 83.50 63.31 -43.31
N GLY J 199 83.32 63.12 -42.00
CA GLY J 199 83.07 64.24 -41.12
C GLY J 199 84.24 65.21 -41.12
N THR J 201 84.06 66.38 -41.73
CA THR J 201 85.17 67.29 -41.97
C THR J 201 85.78 67.80 -40.68
N ASN J 202 85.04 68.60 -39.93
CA ASN J 202 85.53 69.11 -38.64
C ASN J 202 84.35 69.62 -37.84
N ASP J 203 84.16 69.05 -36.64
CA ASP J 203 83.08 69.29 -35.69
C ASP J 203 81.74 69.61 -36.36
N PRO J 204 81.25 68.80 -37.30
CA PRO J 204 79.98 69.11 -37.93
C PRO J 204 78.82 68.59 -37.10
N ILE J 205 77.67 69.24 -37.27
CA ILE J 205 76.42 68.67 -36.78
C ILE J 205 76.27 67.28 -37.37
N TRP J 206 75.58 66.40 -36.64
CA TRP J 206 75.53 65.00 -37.00
C TRP J 206 74.83 64.74 -38.34
N LEU J 207 74.17 65.74 -38.93
CA LEU J 207 73.70 65.63 -40.31
C LEU J 207 74.80 65.89 -41.34
N GLY J 208 76.07 65.82 -40.92
CA GLY J 208 77.16 65.66 -41.86
C GLY J 208 77.24 64.28 -42.49
N ILE J 209 76.38 63.35 -42.06
CA ILE J 209 76.15 62.12 -42.82
C ILE J 209 75.61 62.41 -44.21
N TRP J 210 74.96 63.57 -44.38
CA TRP J 210 74.46 63.97 -45.69
C TRP J 210 75.55 63.92 -46.75
N ARG J 211 76.72 64.47 -46.44
CA ARG J 211 77.78 64.49 -47.44
C ARG J 211 78.32 63.09 -47.69
N THR J 212 78.26 62.21 -46.69
CA THR J 212 78.63 60.82 -46.91
C THR J 212 77.68 60.14 -47.89
N LEU J 213 76.38 60.36 -47.73
CA LEU J 213 75.42 59.74 -48.64
C LEU J 213 75.58 60.27 -50.05
N THR J 214 75.82 61.57 -50.21
CA THR J 214 76.04 62.10 -51.54
C THR J 214 77.28 61.51 -52.18
N GLN J 215 78.35 61.34 -51.40
CA GLN J 215 79.53 60.68 -51.91
C GLN J 215 79.24 59.24 -52.31
N ALA J 216 78.40 58.55 -51.52
CA ALA J 216 77.96 57.23 -51.92
C ALA J 216 77.17 57.27 -53.23
N GLN J 217 76.32 58.28 -53.39
CA GLN J 217 75.60 58.43 -54.64
C GLN J 217 76.56 58.70 -55.80
N LYS J 218 77.58 59.53 -55.54
CA LYS J 218 78.57 59.80 -56.58
C LYS J 218 79.32 58.53 -56.97
N ASP J 219 79.64 57.69 -55.98
CA ASP J 219 80.35 56.45 -56.27
C ASP J 219 79.51 55.51 -57.13
N THR J 220 78.21 55.42 -56.85
CA THR J 220 77.34 54.58 -57.68
C THR J 220 77.25 55.14 -59.09
N VAL J 221 77.06 56.46 -59.22
CA VAL J 221 76.85 57.04 -60.54
C VAL J 221 78.14 57.00 -61.35
N ILE J 222 79.28 57.33 -60.73
CA ILE J 222 80.53 57.31 -61.47
C ILE J 222 80.89 55.88 -61.88
N ALA J 223 80.47 54.90 -61.09
CA ALA J 223 80.60 53.49 -61.45
C ALA J 223 79.40 52.96 -62.22
N LYS J 224 78.50 53.84 -62.65
CA LYS J 224 77.32 53.47 -63.45
C LYS J 224 76.39 52.52 -62.70
N ARG J 225 76.41 52.58 -61.37
CA ARG J 225 75.35 52.06 -60.54
C ARG J 225 74.39 53.20 -60.19
N GLN J 226 73.30 52.87 -59.50
CA GLN J 226 72.38 53.87 -59.00
C GLN J 226 71.86 53.42 -57.64
N GLY J 227 71.96 54.29 -56.66
CA GLY J 227 71.53 53.98 -55.31
C GLY J 227 70.10 54.36 -55.04
N ASN J 228 69.15 53.67 -55.67
CA ASN J 228 67.75 54.00 -55.46
C ASN J 228 67.30 53.63 -54.05
N ILE J 229 67.85 52.57 -53.48
CA ILE J 229 67.47 52.09 -52.16
C ILE J 229 68.67 52.19 -51.23
N LEU J 230 68.40 52.54 -49.97
CA LEU J 230 69.39 52.62 -48.92
C LEU J 230 69.00 51.66 -47.80
N MET J 231 69.99 51.04 -47.18
CA MET J 231 69.79 50.16 -46.04
C MET J 231 70.72 50.58 -44.92
N ALA J 232 70.17 50.74 -43.72
CA ALA J 232 70.94 51.16 -42.56
C ALA J 232 70.29 50.57 -41.32
N SER J 233 70.86 50.89 -40.17
CA SER J 233 70.34 50.41 -38.90
C SER J 233 69.25 51.34 -38.39
N SER J 234 68.42 50.80 -37.50
CA SER J 234 67.39 51.63 -36.88
C SER J 234 67.99 52.69 -35.96
N ALA J 235 69.24 52.52 -35.53
CA ALA J 235 69.86 53.49 -34.63
C ALA J 235 70.00 54.85 -35.28
N ASP J 236 70.23 54.90 -36.59
CA ASP J 236 70.48 56.14 -37.31
C ASP J 236 69.28 56.60 -38.13
N GLN J 237 68.08 56.16 -37.78
CA GLN J 237 66.92 56.48 -38.61
C GLN J 237 66.58 57.97 -38.55
N ILE J 238 66.67 58.58 -37.37
CA ILE J 238 66.37 59.99 -37.26
C ILE J 238 67.38 60.81 -38.05
N GLU J 239 68.66 60.48 -37.90
CA GLU J 239 69.69 61.28 -38.54
C GLU J 239 69.68 61.09 -40.05
N ILE J 240 69.46 59.85 -40.51
CA ILE J 240 69.40 59.61 -41.95
C ILE J 240 68.20 60.32 -42.55
N GLU J 241 67.04 60.24 -41.88
CA GLU J 241 65.86 60.94 -42.37
C GLU J 241 66.08 62.44 -42.39
N MET J 242 66.74 62.97 -41.36
CA MET J 242 67.12 64.39 -41.38
C MET J 242 68.09 64.66 -42.53
N ALA J 243 69.04 63.75 -42.75
CA ALA J 243 70.00 63.95 -43.82
C ALA J 243 69.35 63.82 -45.19
N LEU J 244 68.40 62.90 -45.33
CA LEU J 244 67.74 62.71 -46.62
C LEU J 244 66.98 63.97 -47.03
N ASN J 245 66.14 64.49 -46.13
CA ASN J 245 65.50 65.76 -46.40
C ASN J 245 66.54 66.87 -46.42
N GLY J 246 66.15 68.01 -46.97
CA GLY J 246 67.02 69.16 -46.98
C GLY J 246 67.35 69.58 -45.56
N GLY J 247 68.60 69.37 -45.15
CA GLY J 247 69.00 69.77 -43.81
C GLY J 247 68.81 71.25 -43.59
N HIS J 248 68.52 71.60 -42.34
CA HIS J 248 68.21 72.98 -42.01
C HIS J 248 69.40 73.89 -42.31
N LEU J 249 69.09 75.17 -42.52
CA LEU J 249 70.12 76.15 -42.81
C LEU J 249 71.14 76.20 -41.66
N LEU J 250 72.41 76.32 -42.01
CA LEU J 250 73.48 76.22 -41.02
C LEU J 250 74.66 77.07 -41.48
N ASN J 251 74.93 78.14 -40.75
CA ASN J 251 76.07 79.03 -41.02
C ASN J 251 76.03 79.56 -42.45
N GLY J 252 74.84 79.89 -42.92
CA GLY J 252 74.71 80.42 -44.27
C GLY J 252 75.12 79.44 -45.34
N SER J 253 74.71 78.17 -45.20
CA SER J 253 75.05 77.14 -46.17
C SER J 253 73.91 76.13 -46.17
N MET J 254 72.99 76.27 -47.12
CA MET J 254 71.85 75.38 -47.26
C MET J 254 72.23 74.24 -48.18
N TYR J 255 72.02 73.00 -47.71
CA TYR J 255 72.34 71.80 -48.47
C TYR J 255 71.07 71.21 -49.08
N PRO J 256 71.03 70.90 -50.38
CA PRO J 256 69.79 70.39 -50.96
C PRO J 256 69.51 68.96 -50.50
N SER J 257 68.23 68.58 -50.59
CA SER J 257 67.81 67.25 -50.20
C SER J 257 68.40 66.21 -51.16
N ILE J 258 68.60 65.00 -50.64
CA ILE J 258 69.01 63.86 -51.46
C ILE J 258 67.74 63.27 -52.06
N LYS J 259 67.62 63.33 -53.39
CA LYS J 259 66.35 63.06 -54.06
C LYS J 259 66.23 61.63 -54.56
N ASN J 260 67.27 61.09 -55.19
CA ASN J 260 67.12 59.83 -55.91
C ASN J 260 66.93 58.63 -54.99
N ILE J 261 67.18 58.76 -53.70
CA ILE J 261 66.96 57.66 -52.75
C ILE J 261 65.46 57.56 -52.54
N SER J 262 64.82 56.59 -53.19
CA SER J 262 63.37 56.46 -53.11
C SER J 262 62.92 56.13 -51.70
N THR J 263 63.61 55.21 -51.04
CA THR J 263 63.23 54.81 -49.69
C THR J 263 64.45 54.23 -48.98
N VAL J 264 64.33 54.13 -47.66
CA VAL J 264 65.38 53.61 -46.80
C VAL J 264 64.81 52.47 -45.97
N ILE J 265 65.57 51.38 -45.86
CA ILE J 265 65.16 50.19 -45.16
C ILE J 265 65.98 50.09 -43.87
N TYR J 266 65.29 50.04 -42.73
CA TYR J 266 65.93 49.94 -41.42
C TYR J 266 65.80 48.49 -40.95
N TYR J 267 66.87 47.72 -41.14
CA TYR J 267 66.89 46.29 -40.85
C TYR J 267 67.81 46.04 -39.67
N ASP J 268 67.21 45.81 -38.50
CA ASP J 268 67.92 45.30 -37.34
C ASP J 268 67.93 43.77 -37.39
N GLY J 269 68.73 43.18 -36.52
CA GLY J 269 68.85 41.73 -36.50
C GLY J 269 67.60 41.03 -36.02
N TRP J 270 67.75 39.78 -35.61
CA TRP J 270 66.64 39.03 -35.02
C TRP J 270 67.23 37.89 -34.23
N GLU J 271 67.09 37.95 -32.91
CA GLU J 271 67.63 36.95 -32.01
C GLU J 271 66.50 36.12 -31.42
N VAL J 272 66.71 34.82 -31.35
CA VAL J 272 65.77 33.89 -30.72
C VAL J 272 66.55 32.90 -29.88
N THR J 273 66.01 32.58 -28.71
CA THR J 273 66.60 31.62 -27.80
C THR J 273 65.75 30.36 -27.85
N VAL J 274 66.28 29.32 -28.48
CA VAL J 274 65.64 28.01 -28.57
C VAL J 274 66.44 27.06 -27.70
N GLY J 275 65.78 26.48 -26.70
CA GLY J 275 66.47 25.58 -25.79
C GLY J 275 67.62 26.29 -25.12
N LYS J 276 68.82 25.74 -25.29
CA LYS J 276 70.06 26.33 -24.79
C LYS J 276 70.92 26.90 -25.90
N LYS J 277 70.33 27.17 -27.07
CA LYS J 277 71.04 27.73 -28.21
C LYS J 277 70.36 29.03 -28.60
N THR J 278 71.18 30.03 -28.93
CA THR J 278 70.71 31.35 -29.35
C THR J 278 71.13 31.56 -30.81
N TYR J 279 70.15 31.66 -31.69
CA TYR J 279 70.39 31.89 -33.11
C TYR J 279 70.03 33.33 -33.42
N SER J 280 70.99 34.08 -33.96
CA SER J 280 70.85 35.51 -34.19
C SER J 280 71.19 35.82 -35.64
N TYR J 281 70.20 36.30 -36.38
CA TYR J 281 70.43 36.81 -37.74
C TYR J 281 70.93 38.24 -37.59
N LYS J 282 72.24 38.42 -37.76
CA LYS J 282 72.84 39.73 -37.55
C LYS J 282 72.33 40.72 -38.57
N GLY J 283 71.72 41.79 -38.09
CA GLY J 283 71.21 42.83 -38.94
C GLY J 283 72.29 43.80 -39.36
N VAL J 284 71.87 45.00 -39.77
CA VAL J 284 72.82 46.02 -40.18
C VAL J 284 73.60 46.48 -38.96
N THR J 285 74.92 46.50 -39.07
CA THR J 285 75.74 47.00 -37.99
C THR J 285 75.45 48.49 -37.80
N PRO J 286 75.30 48.99 -36.56
CA PRO J 286 75.05 50.42 -36.40
C PRO J 286 76.22 51.24 -36.91
N GLY J 287 75.90 52.37 -37.51
CA GLY J 287 76.90 53.20 -38.16
C GLY J 287 77.02 52.88 -39.64
N LYS J 288 77.35 51.63 -39.97
CA LYS J 288 77.50 51.26 -41.36
C LYS J 288 76.14 51.25 -42.07
N GLY J 289 76.16 51.59 -43.35
CA GLY J 289 74.97 51.58 -44.17
C GLY J 289 75.31 51.13 -45.58
N TYR J 290 74.30 50.60 -46.25
CA TYR J 290 74.44 50.01 -47.58
C TYR J 290 73.48 50.66 -48.55
N LEU J 291 73.97 50.95 -49.75
CA LEU J 291 73.19 51.57 -50.82
C LEU J 291 73.10 50.59 -51.98
N ILE J 292 71.88 50.39 -52.49
CA ILE J 292 71.55 49.25 -53.33
C ILE J 292 70.84 49.74 -54.59
N ARG J 293 71.12 49.06 -55.71
CA ARG J 293 70.30 49.16 -56.91
C ARG J 293 69.31 48.01 -56.88
N PRO J 294 68.00 48.26 -56.69
CA PRO J 294 67.14 47.20 -56.12
C PRO J 294 66.92 45.97 -56.98
N LYS J 295 66.38 46.12 -58.18
CA LYS J 295 65.72 45.01 -58.86
C LYS J 295 66.60 44.33 -59.91
N ARG J 296 67.69 44.96 -60.34
CA ARG J 296 68.45 44.41 -61.45
C ARG J 296 69.16 43.13 -61.05
N GLY J 297 70.07 43.20 -60.08
CA GLY J 297 70.91 42.08 -59.73
C GLY J 297 70.45 41.27 -58.52
N PHE J 298 69.20 41.43 -58.12
CA PHE J 298 68.61 40.70 -57.01
C PHE J 298 67.36 39.99 -57.49
N LYS J 299 67.33 38.67 -57.30
CA LYS J 299 66.22 37.84 -57.75
C LYS J 299 65.82 36.91 -56.60
N GLU J 300 64.54 36.91 -56.26
CA GLU J 300 63.98 35.99 -55.28
C GLU J 300 63.29 34.87 -56.04
N LEU J 301 63.55 33.63 -55.60
CA LEU J 301 63.01 32.44 -56.23
C LEU J 301 62.08 31.77 -55.22
N ILE J 302 60.79 31.72 -55.54
CA ILE J 302 59.78 31.15 -54.66
C ILE J 302 59.22 29.89 -55.28
N LYS J 303 59.82 28.75 -54.97
CA LYS J 303 59.24 27.47 -55.38
C LYS J 303 58.07 27.10 -54.48
N ARG J 304 58.16 27.40 -53.19
CA ARG J 304 57.11 27.06 -52.25
C ARG J 304 57.25 28.01 -51.06
N ASP J 305 56.28 28.91 -50.90
CA ASP J 305 56.43 29.99 -49.92
C ASP J 305 56.52 29.44 -48.50
N LEU J 306 55.55 28.62 -48.10
CA LEU J 306 55.57 28.01 -46.77
C LEU J 306 54.45 26.98 -46.70
N THR J 307 54.75 25.83 -46.11
CA THR J 307 53.76 24.79 -45.90
C THR J 307 54.02 24.13 -44.56
N THR J 308 52.96 23.93 -43.79
CA THR J 308 53.02 23.31 -42.47
C THR J 308 52.13 22.08 -42.45
N GLU J 309 52.56 21.05 -41.74
CA GLU J 309 51.83 19.80 -41.69
C GLU J 309 52.04 19.14 -40.33
N VAL J 310 51.10 18.28 -39.97
CA VAL J 310 51.04 17.67 -38.64
C VAL J 310 50.68 16.21 -38.81
N GLY J 311 51.33 15.34 -38.04
CA GLY J 311 51.04 13.92 -38.12
C GLY J 311 51.54 13.17 -36.91
N ASN J 312 50.84 12.08 -36.58
CA ASN J 312 51.20 11.20 -35.47
C ASN J 312 51.04 9.73 -35.87
N ALA J 313 51.49 9.39 -37.08
CA ALA J 313 51.29 8.03 -37.58
C ALA J 313 52.07 7.01 -36.77
N ASP J 314 53.29 7.36 -36.33
CA ASP J 314 54.18 6.40 -35.67
C ASP J 314 54.91 7.00 -34.48
N LEU J 315 54.35 8.03 -33.85
CA LEU J 315 55.02 8.72 -32.76
C LEU J 315 54.72 8.04 -31.42
N SER J 316 55.39 8.53 -30.38
CA SER J 316 55.26 7.95 -29.06
C SER J 316 53.86 8.19 -28.50
N LYS J 317 53.49 7.37 -27.51
CA LYS J 317 52.20 7.54 -26.86
C LYS J 317 52.15 8.85 -26.08
N LEU J 318 53.27 9.28 -25.51
CA LEU J 318 53.31 10.52 -24.73
C LEU J 318 53.48 11.77 -25.58
N VAL J 319 53.75 11.63 -26.88
CA VAL J 319 53.99 12.76 -27.77
C VAL J 319 52.74 12.97 -28.62
N GLU J 320 52.11 14.12 -28.48
CA GLU J 320 51.06 14.50 -29.40
C GLU J 320 51.67 14.78 -30.78
N ASN J 321 50.80 14.89 -31.77
CA ASN J 321 51.22 15.06 -33.15
C ASN J 321 52.15 16.25 -33.34
N GLN J 322 53.40 15.98 -33.71
CA GLN J 322 54.37 17.04 -33.91
C GLN J 322 54.04 17.84 -35.16
N ILE J 323 54.37 19.14 -35.11
CA ILE J 323 54.12 20.08 -36.20
C ILE J 323 55.44 20.42 -36.85
N VAL J 324 55.46 20.43 -38.18
CA VAL J 324 56.66 20.70 -38.97
C VAL J 324 56.29 21.62 -40.11
N GLY J 325 57.15 22.61 -40.35
CA GLY J 325 56.98 23.50 -41.48
C GLY J 325 58.23 23.54 -42.31
N HIS J 326 58.05 23.85 -43.60
CA HIS J 326 59.16 23.87 -44.53
C HIS J 326 58.83 24.79 -45.70
N CYS J 327 59.87 25.17 -46.44
CA CYS J 327 59.67 26.03 -47.60
C CYS J 327 60.87 25.90 -48.53
N TYR J 328 60.59 25.76 -49.82
CA TYR J 328 61.60 25.80 -50.86
C TYR J 328 61.78 27.24 -51.30
N ARG J 329 63.03 27.71 -51.28
CA ARG J 329 63.29 29.11 -51.57
C ARG J 329 64.73 29.28 -51.96
N GLY J 330 65.01 30.36 -52.68
CA GLY J 330 66.36 30.68 -53.08
C GLY J 330 66.45 32.13 -53.50
N ALA J 331 67.61 32.73 -53.24
CA ALA J 331 67.84 34.15 -53.49
C ALA J 331 69.21 34.32 -54.13
N PHE J 332 69.30 35.21 -55.11
CA PHE J 332 70.52 35.48 -55.86
C PHE J 332 70.95 36.92 -55.59
N ALA J 333 72.04 37.10 -54.85
CA ALA J 333 72.56 38.41 -54.51
C ALA J 333 73.58 38.83 -55.58
N ALA J 334 74.31 39.91 -55.32
CA ALA J 334 75.32 40.38 -56.28
C ALA J 334 76.19 41.43 -55.60
N VAL J 335 77.33 41.69 -56.24
CA VAL J 335 78.21 42.81 -55.91
C VAL J 335 78.12 43.93 -56.93
N GLU J 336 77.46 43.71 -58.06
CA GLU J 336 77.30 44.75 -59.08
C GLU J 336 76.48 45.92 -58.57
N GLU J 337 75.74 45.77 -57.46
CA GLU J 337 74.70 46.71 -57.06
C GLU J 337 74.96 47.43 -55.75
N ASN J 338 75.82 46.91 -54.87
CA ASN J 338 75.94 47.42 -53.52
C ASN J 338 77.13 48.36 -53.36
N VAL J 339 76.95 49.40 -52.56
CA VAL J 339 78.02 50.27 -52.10
C VAL J 339 77.90 50.41 -50.60
N GLN J 340 79.01 50.22 -49.90
CA GLN J 340 79.03 50.12 -48.44
C GLN J 340 79.45 51.46 -47.84
N GLU J 341 78.54 52.08 -47.10
CA GLU J 341 78.77 53.37 -46.45
C GLU J 341 79.07 53.15 -44.97
N ILE J 342 79.80 54.11 -44.40
CA ILE J 342 80.08 54.16 -42.97
C ILE J 342 79.49 55.45 -42.43
N SER J 343 78.67 55.34 -41.39
CA SER J 343 77.94 56.47 -40.84
C SER J 343 77.06 57.10 -41.91
N THR K 16 -1.01 -52.83 -16.86
CA THR K 16 0.32 -53.43 -16.82
C THR K 16 0.46 -54.48 -17.90
N ARG K 17 1.64 -54.53 -18.50
CA ARG K 17 1.96 -55.51 -19.54
C ARG K 17 3.37 -56.02 -19.32
N ALA K 18 3.55 -57.34 -19.42
CA ALA K 18 4.88 -57.92 -19.26
C ALA K 18 5.82 -57.44 -20.35
N LYS K 19 5.34 -57.41 -21.59
CA LYS K 19 6.16 -56.90 -22.69
C LYS K 19 6.35 -55.40 -22.55
N ILE K 20 7.60 -54.96 -22.68
CA ILE K 20 7.95 -53.55 -22.51
C ILE K 20 8.56 -53.01 -23.79
N SER K 21 9.21 -53.88 -24.55
CA SER K 21 9.79 -53.48 -25.83
C SER K 21 9.90 -54.73 -26.71
N ASP K 22 9.99 -54.49 -28.01
CA ASP K 22 10.04 -55.58 -28.97
C ASP K 22 11.28 -56.44 -28.85
N GLY K 23 12.30 -55.99 -28.13
CA GLY K 23 13.50 -56.78 -27.93
C GLY K 23 14.44 -56.79 -29.12
N LYS K 24 14.24 -55.92 -30.10
CA LYS K 24 15.16 -55.86 -31.23
C LYS K 24 16.53 -55.36 -30.80
N SER K 25 16.58 -54.53 -29.76
CA SER K 25 17.82 -53.98 -29.23
C SER K 25 17.84 -54.09 -27.72
N VAL K 26 19.04 -54.17 -27.15
CA VAL K 26 19.23 -54.34 -25.72
C VAL K 26 20.36 -53.43 -25.27
N ARG K 27 20.17 -52.77 -24.13
CA ARG K 27 21.17 -51.89 -23.56
C ARG K 27 22.15 -52.69 -22.72
N VAL K 28 23.40 -52.23 -22.69
CA VAL K 28 24.43 -52.82 -21.85
C VAL K 28 25.34 -51.70 -21.34
N ILE K 29 26.11 -52.01 -20.31
CA ILE K 29 27.05 -51.09 -19.69
C ILE K 29 28.44 -51.63 -19.93
N LEU K 30 29.30 -50.82 -20.53
CA LEU K 30 30.66 -51.26 -20.86
C LEU K 30 31.48 -51.45 -19.59
N SER K 31 32.21 -52.55 -19.54
CA SER K 31 33.06 -52.85 -18.39
C SER K 31 34.36 -52.08 -18.54
N GLU K 32 35.34 -52.38 -17.68
CA GLU K 32 36.62 -51.69 -17.71
C GLU K 32 37.53 -52.16 -18.83
N GLY K 33 37.30 -53.36 -19.36
CA GLY K 33 38.14 -53.91 -20.42
C GLY K 33 37.46 -53.97 -21.77
N GLU K 34 36.37 -53.21 -21.94
CA GLU K 34 35.56 -53.24 -23.14
C GLU K 34 35.37 -51.84 -23.68
N SER K 35 35.42 -51.71 -25.01
CA SER K 35 35.17 -50.45 -25.67
C SER K 35 34.68 -50.74 -27.07
N THR K 36 33.59 -50.09 -27.47
CA THR K 36 32.87 -50.40 -28.69
C THR K 36 32.73 -49.17 -29.57
N LYS K 37 32.83 -49.38 -30.88
CA LYS K 37 32.65 -48.34 -31.88
C LYS K 37 31.45 -48.67 -32.75
N THR K 38 30.98 -47.66 -33.47
CA THR K 38 29.69 -47.74 -34.15
C THR K 38 29.68 -48.83 -35.20
N GLN K 39 28.60 -49.61 -35.22
CA GLN K 39 28.33 -50.61 -36.25
C GLN K 39 29.46 -51.64 -36.34
N GLN K 40 29.71 -52.31 -35.23
CA GLN K 40 30.64 -53.42 -35.18
C GLN K 40 30.14 -54.42 -34.15
N PHE K 41 30.61 -55.65 -34.28
CA PHE K 41 30.13 -56.75 -33.45
C PHE K 41 30.93 -56.81 -32.16
N TYR K 42 30.22 -56.98 -31.04
CA TYR K 42 30.86 -57.03 -29.73
C TYR K 42 30.04 -57.92 -28.82
N LEU K 43 30.72 -58.85 -28.13
CA LEU K 43 30.09 -59.70 -27.13
C LEU K 43 30.24 -59.02 -25.78
N ILE K 44 29.17 -58.41 -25.30
CA ILE K 44 29.17 -57.64 -24.06
C ILE K 44 28.11 -58.22 -23.14
N ASN K 45 28.54 -58.69 -21.97
CA ASN K 45 27.63 -59.19 -20.94
C ASN K 45 26.73 -60.30 -21.49
N GLY K 46 27.32 -61.20 -22.26
CA GLY K 46 26.57 -62.33 -22.80
C GLY K 46 25.68 -62.01 -23.98
N PHE K 47 25.58 -60.74 -24.37
CA PHE K 47 24.80 -60.34 -25.53
C PHE K 47 25.74 -60.05 -26.67
N PHE K 48 25.52 -60.70 -27.81
CA PHE K 48 26.30 -60.51 -29.02
C PHE K 48 25.46 -59.73 -30.02
N GLY K 49 25.93 -58.55 -30.40
CA GLY K 49 25.14 -57.71 -31.27
C GLY K 49 25.97 -56.62 -31.89
N VAL K 50 25.28 -55.77 -32.65
CA VAL K 50 25.90 -54.65 -33.36
C VAL K 50 25.63 -53.39 -32.54
N ALA K 51 26.69 -52.69 -32.16
CA ALA K 51 26.56 -51.53 -31.30
C ALA K 51 26.18 -50.30 -32.10
N MET K 52 25.11 -49.63 -31.69
CA MET K 52 24.62 -48.44 -32.38
C MET K 52 25.25 -47.15 -31.86
N GLN K 53 26.15 -47.23 -30.87
CA GLN K 53 26.82 -46.05 -30.34
C GLN K 53 28.28 -46.38 -30.08
N ASP K 54 29.12 -45.35 -30.20
CA ASP K 54 30.54 -45.48 -29.90
C ASP K 54 30.72 -45.34 -28.39
N GLY K 55 31.06 -46.44 -27.73
CA GLY K 55 31.05 -46.51 -26.29
C GLY K 55 32.41 -46.42 -25.64
N GLU K 56 32.41 -45.99 -24.38
CA GLU K 56 33.60 -45.86 -23.56
C GLU K 56 33.33 -46.57 -22.24
N LYS K 57 34.37 -46.72 -21.42
CA LYS K 57 34.26 -47.46 -20.16
C LYS K 57 33.14 -46.89 -19.30
N GLY K 58 32.32 -47.78 -18.74
CA GLY K 58 31.24 -47.36 -17.88
C GLY K 58 30.16 -46.57 -18.56
N ASP K 59 30.03 -46.69 -19.88
CA ASP K 59 29.05 -45.97 -20.67
C ASP K 59 27.98 -46.93 -21.19
N GLU K 60 26.78 -46.41 -21.37
CA GLU K 60 25.64 -47.19 -21.82
C GLU K 60 25.54 -47.13 -23.34
N VAL K 61 25.53 -48.30 -23.98
CA VAL K 61 25.35 -48.41 -25.42
C VAL K 61 24.15 -49.29 -25.69
N THR K 62 23.82 -49.49 -26.96
CA THR K 62 22.71 -50.33 -27.38
C THR K 62 23.19 -51.29 -28.45
N LEU K 63 22.91 -52.58 -28.26
CA LEU K 63 23.26 -53.61 -29.21
C LEU K 63 22.03 -54.02 -30.02
N GLN K 64 22.27 -54.79 -31.08
CA GLN K 64 21.21 -55.33 -31.92
C GLN K 64 21.20 -56.85 -31.80
N ILE K 65 20.02 -57.41 -31.53
CA ILE K 65 19.83 -58.85 -31.44
C ILE K 65 18.69 -59.23 -32.38
N GLU K 66 18.57 -58.50 -33.49
CA GLU K 66 17.37 -58.48 -34.33
C GLU K 66 17.12 -59.78 -35.08
N GLN K 67 17.95 -60.82 -34.95
CA GLN K 67 17.75 -62.07 -35.69
C GLN K 67 17.77 -61.86 -37.19
N ALA K 68 18.48 -60.82 -37.64
CA ALA K 68 18.43 -60.39 -39.03
C ALA K 68 19.71 -60.78 -39.74
N GLU K 69 19.69 -60.62 -41.07
CA GLU K 69 20.87 -60.86 -41.87
C GLU K 69 21.84 -59.71 -41.69
N TYR K 70 23.10 -60.02 -41.44
CA TYR K 70 24.12 -59.02 -41.14
C TYR K 70 25.33 -59.21 -42.04
N GLU K 71 25.96 -58.09 -42.39
CA GLU K 71 27.16 -58.08 -43.22
C GLU K 71 28.37 -57.83 -42.34
N THR K 72 29.49 -58.48 -42.68
CA THR K 72 30.72 -58.26 -41.93
C THR K 72 31.87 -58.90 -42.67
N ASP K 73 33.05 -58.29 -42.53
CA ASP K 73 34.31 -58.85 -43.00
C ASP K 73 35.26 -59.19 -41.87
N ASN K 74 34.87 -58.95 -40.61
CA ASN K 74 35.73 -59.24 -39.47
C ASN K 74 35.78 -60.73 -39.22
N ILE K 75 36.50 -61.46 -40.08
CA ILE K 75 36.53 -62.91 -40.05
C ILE K 75 37.98 -63.38 -40.08
N VAL K 76 38.19 -64.61 -39.61
CA VAL K 76 39.46 -65.28 -39.86
C VAL K 76 39.48 -65.74 -41.32
N THR K 77 40.53 -65.34 -42.05
CA THR K 77 40.58 -65.53 -43.48
C THR K 77 41.27 -66.82 -43.89
N SER K 78 41.23 -67.84 -43.04
CA SER K 78 41.93 -69.09 -43.30
C SER K 78 41.03 -70.17 -43.92
N GLU K 79 39.78 -70.26 -43.50
CA GLU K 79 38.88 -71.33 -43.93
C GLU K 79 37.68 -70.74 -44.66
N ALA K 80 37.20 -71.48 -45.66
CA ALA K 80 36.09 -71.03 -46.48
C ALA K 80 34.81 -71.00 -45.66
N PHE K 81 34.07 -69.91 -45.77
CA PHE K 81 32.78 -69.76 -45.10
C PHE K 81 31.64 -70.08 -46.07
N GLU K 82 31.61 -71.32 -46.53
CA GLU K 82 30.59 -71.70 -47.50
C GLU K 82 29.20 -71.60 -46.89
N ALA K 83 28.22 -71.33 -47.74
CA ALA K 83 26.87 -71.02 -47.25
C ALA K 83 26.28 -72.21 -46.49
N GLY K 84 25.65 -71.90 -45.36
CA GLY K 84 25.04 -72.88 -44.50
C GLY K 84 25.86 -73.23 -43.27
N LYS K 85 27.18 -73.06 -43.34
CA LYS K 85 28.02 -73.40 -42.21
C LYS K 85 27.78 -72.45 -41.06
N LEU K 86 27.76 -72.99 -39.84
CA LEU K 86 27.56 -72.18 -38.66
C LEU K 86 28.74 -71.24 -38.44
N ILE K 87 28.44 -70.05 -37.92
CA ILE K 87 29.43 -69.02 -37.64
C ILE K 87 29.57 -68.92 -36.14
N TYR K 88 30.80 -69.07 -35.65
CA TYR K 88 31.11 -68.97 -34.24
C TYR K 88 31.99 -67.74 -34.00
N TRP K 89 31.68 -67.01 -32.93
CA TRP K 89 32.37 -65.78 -32.60
C TRP K 89 33.44 -66.07 -31.54
N ASP K 90 34.68 -65.73 -31.86
CA ASP K 90 35.81 -65.96 -30.96
C ASP K 90 36.11 -64.66 -30.23
N ASN K 91 35.73 -64.60 -28.95
CA ASN K 91 35.88 -63.37 -28.20
C ASN K 91 37.34 -63.01 -27.96
N THR K 92 38.22 -64.01 -27.85
CA THR K 92 39.63 -63.73 -27.61
C THR K 92 40.24 -62.97 -28.78
N ALA K 93 40.08 -63.50 -29.99
CA ALA K 93 40.60 -62.85 -31.19
C ALA K 93 39.63 -61.83 -31.78
N LYS K 94 38.39 -61.77 -31.29
CA LYS K 94 37.39 -60.82 -31.78
C LYS K 94 37.16 -61.00 -33.28
N LYS K 95 36.75 -62.22 -33.65
CA LYS K 95 36.53 -62.56 -35.05
C LYS K 95 35.49 -63.66 -35.14
N PHE K 96 34.91 -63.79 -36.33
CA PHE K 96 34.04 -64.91 -36.65
C PHE K 96 34.88 -66.07 -37.16
N THR K 97 34.38 -67.29 -36.97
CA THR K 97 35.09 -68.46 -37.44
C THR K 97 34.14 -69.65 -37.40
N THR K 98 34.54 -70.72 -38.09
CA THR K 98 33.78 -71.97 -38.14
C THR K 98 34.47 -73.07 -37.34
N THR K 99 35.18 -72.70 -36.27
CA THR K 99 35.92 -73.68 -35.50
C THR K 99 34.99 -74.67 -34.81
N SER K 100 33.86 -74.19 -34.28
CA SER K 100 32.94 -74.97 -33.47
C SER K 100 33.56 -75.42 -32.16
N ALA K 101 34.63 -74.76 -31.72
CA ALA K 101 35.24 -75.01 -30.43
C ALA K 101 34.43 -74.28 -29.36
N SER K 102 35.00 -74.10 -28.16
CA SER K 102 34.33 -73.39 -27.07
C SER K 102 33.88 -71.97 -27.43
N ASN K 103 34.29 -71.43 -28.57
CA ASN K 103 33.78 -70.14 -29.04
C ASN K 103 32.26 -70.18 -29.13
N ARG K 104 31.65 -69.01 -28.95
CA ARG K 104 30.20 -68.90 -28.90
C ARG K 104 29.61 -68.97 -30.30
N LEU K 105 28.43 -69.60 -30.40
CA LEU K 105 27.69 -69.67 -31.65
C LEU K 105 26.88 -68.39 -31.82
N VAL K 106 26.95 -67.80 -33.01
CA VAL K 106 26.29 -66.51 -33.26
C VAL K 106 25.48 -66.48 -34.55
N GLY K 107 25.70 -67.35 -35.53
CA GLY K 107 24.93 -67.22 -36.75
C GLY K 107 25.25 -68.32 -37.74
N ARG K 108 24.62 -68.20 -38.91
CA ARG K 108 24.79 -69.12 -40.02
C ARG K 108 24.96 -68.34 -41.31
N VAL K 109 25.89 -68.78 -42.16
CA VAL K 109 26.22 -68.03 -43.36
C VAL K 109 25.08 -68.15 -44.37
N THR K 110 24.65 -67.02 -44.91
CA THR K 110 23.68 -67.00 -46.00
C THR K 110 24.38 -66.95 -47.36
N ASP K 111 25.34 -66.03 -47.51
CA ASP K 111 26.14 -65.90 -48.71
C ASP K 111 27.59 -66.17 -48.37
N GLY K 112 28.24 -67.01 -49.18
CA GLY K 112 29.60 -67.40 -48.90
C GLY K 112 30.57 -66.25 -49.02
N LYS K 113 31.79 -66.48 -48.55
CA LYS K 113 32.82 -65.45 -48.58
C LYS K 113 33.19 -65.13 -50.03
N ASP K 114 33.36 -63.84 -50.30
CA ASP K 114 33.80 -63.35 -51.60
C ASP K 114 35.31 -63.13 -51.57
N SER K 115 35.85 -62.64 -52.69
CA SER K 115 37.27 -62.36 -52.75
C SER K 115 37.68 -61.29 -51.75
N ASN K 116 36.77 -60.37 -51.43
CA ASN K 116 37.03 -59.32 -50.47
C ASN K 116 36.84 -59.77 -49.03
N ASN K 117 36.53 -61.05 -48.79
CA ASN K 117 36.33 -61.59 -47.45
C ASN K 117 35.17 -60.87 -46.75
N VAL K 118 33.99 -60.96 -47.36
CA VAL K 118 32.76 -60.39 -46.83
C VAL K 118 31.75 -61.50 -46.68
N ILE K 119 31.02 -61.49 -45.55
CA ILE K 119 30.12 -62.55 -45.15
C ILE K 119 28.75 -61.95 -44.91
N TRP K 120 27.71 -62.66 -45.35
CA TRP K 120 26.33 -62.40 -44.95
C TRP K 120 25.84 -63.57 -44.12
N PHE K 121 25.34 -63.28 -42.93
CA PHE K 121 24.92 -64.32 -42.01
C PHE K 121 23.75 -63.83 -41.20
N ILE K 122 22.99 -64.78 -40.66
CA ILE K 122 21.79 -64.52 -39.88
C ILE K 122 22.13 -64.68 -38.41
N LEU K 123 21.79 -63.67 -37.61
CA LEU K 123 22.05 -63.73 -36.18
C LEU K 123 21.18 -64.81 -35.53
N LEU K 124 21.49 -65.12 -34.29
CA LEU K 124 20.86 -66.20 -33.54
C LEU K 124 20.45 -65.70 -32.16
N PRO K 125 19.51 -66.39 -31.49
CA PRO K 125 18.78 -65.74 -30.37
C PRO K 125 19.51 -65.72 -29.03
N GLN K 126 20.82 -65.88 -29.03
CA GLN K 126 21.64 -65.71 -27.83
C GLN K 126 21.43 -66.81 -26.81
N GLN K 127 21.03 -68.00 -27.25
CA GLN K 127 20.91 -69.14 -26.35
C GLN K 127 22.25 -69.82 -26.19
N PHE L 3 -20.64 -75.87 -53.72
CA PHE L 3 -21.96 -75.59 -54.27
C PHE L 3 -22.76 -76.89 -54.40
N LYS L 4 -23.66 -77.12 -53.46
CA LYS L 4 -24.47 -78.32 -53.49
C LYS L 4 -25.42 -78.29 -54.67
N GLY L 5 -25.62 -79.45 -55.29
CA GLY L 5 -26.51 -79.53 -56.43
C GLY L 5 -26.06 -78.67 -57.60
N GLN L 6 -24.76 -78.56 -57.80
CA GLN L 6 -24.26 -77.80 -58.92
C GLN L 6 -24.63 -78.52 -60.23
N PRO L 7 -24.78 -77.78 -61.33
CA PRO L 7 -25.24 -78.43 -62.57
C PRO L 7 -24.18 -79.22 -63.31
N THR L 8 -22.89 -79.09 -62.96
CA THR L 8 -21.82 -79.70 -63.73
C THR L 8 -20.70 -80.11 -62.78
N PRO L 9 -20.09 -81.30 -62.93
CA PRO L 9 -19.09 -81.72 -61.93
C PRO L 9 -17.80 -80.93 -62.03
N SER L 10 -17.78 -79.76 -61.41
CA SER L 10 -16.59 -78.90 -61.44
C SER L 10 -15.55 -79.44 -60.46
N THR L 11 -14.37 -79.76 -60.97
CA THR L 11 -13.28 -80.21 -60.13
C THR L 11 -12.74 -79.05 -59.29
N ILE L 12 -12.24 -79.40 -58.11
CA ILE L 12 -11.70 -78.44 -57.15
C ILE L 12 -10.21 -78.72 -56.99
N THR L 13 -9.39 -77.67 -57.11
CA THR L 13 -7.94 -77.77 -57.00
C THR L 13 -7.50 -76.90 -55.83
N GLN L 14 -6.83 -77.52 -54.87
CA GLN L 14 -6.35 -76.82 -53.69
C GLN L 14 -4.97 -76.24 -53.96
N ILE L 15 -4.80 -74.96 -53.65
CA ILE L 15 -3.53 -74.27 -53.76
C ILE L 15 -2.84 -74.35 -52.41
N THR L 16 -1.66 -74.96 -52.37
CA THR L 16 -1.01 -75.24 -51.11
C THR L 16 -0.61 -73.95 -50.40
N ARG L 17 -0.46 -74.06 -49.08
CA ARG L 17 -0.09 -72.94 -48.24
C ARG L 17 0.52 -73.48 -46.96
N ALA L 18 1.48 -72.75 -46.42
CA ALA L 18 2.24 -73.18 -45.24
C ALA L 18 2.05 -72.25 -44.06
N LYS L 19 2.26 -70.95 -44.24
CA LYS L 19 2.26 -70.00 -43.12
C LYS L 19 0.82 -69.81 -42.64
N ILE L 20 0.51 -70.38 -41.47
CA ILE L 20 -0.85 -70.30 -40.95
C ILE L 20 -1.07 -69.05 -40.10
N SER L 21 -0.03 -68.51 -39.49
CA SER L 21 -0.16 -67.33 -38.65
C SER L 21 1.21 -66.69 -38.48
N ASP L 22 1.25 -65.65 -37.64
CA ASP L 22 2.51 -64.96 -37.36
C ASP L 22 3.36 -65.67 -36.32
N GLY L 23 2.74 -66.46 -35.44
CA GLY L 23 3.48 -67.13 -34.40
C GLY L 23 3.78 -66.28 -33.18
N LYS L 24 3.14 -65.11 -33.05
CA LYS L 24 3.38 -64.29 -31.87
C LYS L 24 2.81 -64.93 -30.62
N SER L 25 1.72 -65.68 -30.75
CA SER L 25 1.07 -66.29 -29.60
C SER L 25 0.43 -67.60 -30.03
N VAL L 26 0.15 -68.45 -29.04
CA VAL L 26 -0.38 -69.78 -29.27
C VAL L 26 -1.46 -70.08 -28.24
N ARG L 27 -2.57 -70.67 -28.69
CA ARG L 27 -3.61 -71.15 -27.80
C ARG L 27 -3.19 -72.46 -27.17
N VAL L 28 -3.61 -72.67 -25.92
CA VAL L 28 -3.26 -73.87 -25.18
C VAL L 28 -4.41 -74.24 -24.25
N ILE L 29 -4.59 -75.54 -24.05
CA ILE L 29 -5.66 -76.07 -23.21
C ILE L 29 -5.11 -76.30 -21.81
N LEU L 30 -5.79 -75.77 -20.81
CA LEU L 30 -5.36 -75.97 -19.43
C LEU L 30 -5.51 -77.42 -19.01
N SER L 31 -4.58 -77.87 -18.18
CA SER L 31 -4.65 -79.21 -17.59
C SER L 31 -5.49 -79.14 -16.32
N GLU L 32 -5.51 -80.22 -15.55
CA GLU L 32 -6.36 -80.28 -14.36
C GLU L 32 -5.85 -79.33 -13.27
N GLY L 33 -4.64 -79.57 -12.78
CA GLY L 33 -4.09 -78.77 -11.70
C GLY L 33 -3.37 -77.53 -12.20
N GLU L 34 -4.06 -76.70 -12.98
CA GLU L 34 -3.48 -75.49 -13.54
C GLU L 34 -4.53 -74.41 -13.59
N SER L 35 -4.08 -73.16 -13.54
CA SER L 35 -4.94 -72.00 -13.67
C SER L 35 -4.06 -70.77 -13.82
N THR L 36 -4.42 -69.89 -14.74
CA THR L 36 -3.58 -68.78 -15.15
C THR L 36 -4.34 -67.46 -15.03
N LYS L 37 -3.63 -66.43 -14.59
CA LYS L 37 -4.13 -65.07 -14.57
C LYS L 37 -3.30 -64.22 -15.53
N THR L 38 -3.87 -63.07 -15.91
CA THR L 38 -3.35 -62.31 -17.04
C THR L 38 -2.00 -61.69 -16.72
N GLN L 39 -1.15 -61.61 -17.74
CA GLN L 39 0.18 -61.01 -17.65
C GLN L 39 1.04 -61.71 -16.59
N GLN L 40 1.09 -63.04 -16.66
CA GLN L 40 2.00 -63.82 -15.84
C GLN L 40 2.53 -64.98 -16.66
N PHE L 41 3.76 -65.38 -16.36
CA PHE L 41 4.43 -66.41 -17.14
C PHE L 41 4.00 -67.80 -16.70
N TYR L 42 3.83 -68.69 -17.66
CA TYR L 42 3.49 -70.08 -17.39
C TYR L 42 4.14 -70.98 -18.42
N LEU L 43 4.24 -72.25 -18.07
CA LEU L 43 4.74 -73.29 -18.97
C LEU L 43 3.61 -74.31 -19.12
N ILE L 44 2.83 -74.18 -20.19
CA ILE L 44 1.64 -74.99 -20.42
C ILE L 44 1.84 -75.72 -21.73
N ASN L 45 1.88 -77.05 -21.67
CA ASN L 45 2.11 -77.91 -22.83
C ASN L 45 3.38 -77.48 -23.57
N GLY L 46 4.47 -77.39 -22.83
CA GLY L 46 5.77 -77.15 -23.43
C GLY L 46 6.01 -75.76 -23.97
N PHE L 47 5.05 -74.85 -23.84
CA PHE L 47 5.18 -73.49 -24.35
C PHE L 47 5.29 -72.53 -23.19
N PHE L 48 6.36 -71.73 -23.19
CA PHE L 48 6.59 -70.74 -22.16
C PHE L 48 6.28 -69.36 -22.71
N GLY L 49 5.45 -68.62 -22.01
CA GLY L 49 5.05 -67.31 -22.50
C GLY L 49 4.16 -66.61 -21.50
N VAL L 50 3.72 -65.42 -21.88
CA VAL L 50 2.89 -64.57 -21.05
C VAL L 50 1.43 -64.87 -21.38
N ALA L 51 0.65 -65.27 -20.38
CA ALA L 51 -0.76 -65.53 -20.60
C ALA L 51 -1.51 -64.23 -20.78
N MET L 52 -2.34 -64.16 -21.83
CA MET L 52 -3.10 -62.96 -22.16
C MET L 52 -4.55 -63.02 -21.70
N GLN L 53 -4.98 -64.13 -21.08
CA GLN L 53 -6.34 -64.25 -20.57
C GLN L 53 -6.31 -65.02 -19.26
N ASP L 54 -7.35 -64.82 -18.46
CA ASP L 54 -7.49 -65.50 -17.17
C ASP L 54 -8.14 -66.86 -17.43
N GLY L 55 -7.34 -67.91 -17.39
CA GLY L 55 -7.82 -69.27 -17.54
C GLY L 55 -8.00 -69.93 -16.19
N GLU L 56 -9.12 -70.62 -16.03
CA GLU L 56 -9.49 -71.24 -14.75
C GLU L 56 -9.22 -72.74 -14.72
N LYS L 57 -9.80 -73.50 -15.64
CA LYS L 57 -9.68 -74.95 -15.60
C LYS L 57 -10.22 -75.56 -16.89
N GLY L 58 -9.40 -76.36 -17.57
CA GLY L 58 -9.87 -77.11 -18.73
C GLY L 58 -10.38 -76.25 -19.86
N ASP L 59 -9.95 -75.01 -19.94
CA ASP L 59 -10.37 -74.06 -20.98
C ASP L 59 -9.15 -73.66 -21.80
N GLU L 60 -9.37 -72.79 -22.77
CA GLU L 60 -8.36 -72.40 -23.74
C GLU L 60 -7.84 -71.01 -23.42
N VAL L 61 -6.52 -70.87 -23.35
CA VAL L 61 -5.85 -69.61 -23.07
C VAL L 61 -4.72 -69.44 -24.07
N THR L 62 -4.35 -68.17 -24.32
CA THR L 62 -3.31 -67.83 -25.28
C THR L 62 -2.06 -67.38 -24.55
N LEU L 63 -0.91 -67.91 -24.95
CA LEU L 63 0.38 -67.56 -24.40
C LEU L 63 1.17 -66.78 -25.45
N GLN L 64 1.91 -65.76 -25.00
CA GLN L 64 2.69 -64.91 -25.88
C GLN L 64 4.14 -65.40 -25.91
N ILE L 65 4.62 -65.73 -27.10
CA ILE L 65 5.96 -66.29 -27.27
C ILE L 65 6.76 -65.43 -28.24
N GLU L 66 6.56 -64.11 -28.18
CA GLU L 66 7.06 -63.20 -29.21
C GLU L 66 8.58 -63.10 -29.27
N GLN L 67 9.30 -63.63 -28.28
CA GLN L 67 10.76 -63.46 -28.20
C GLN L 67 11.15 -62.00 -28.04
N ALA L 68 10.32 -61.22 -27.37
CA ALA L 68 10.58 -59.82 -27.12
C ALA L 68 11.20 -59.66 -25.73
N GLU L 69 11.33 -58.41 -25.29
CA GLU L 69 11.85 -58.10 -23.96
C GLU L 69 10.69 -57.94 -23.00
N TYR L 70 10.75 -58.66 -21.87
CA TYR L 70 9.65 -58.72 -20.92
C TYR L 70 10.12 -58.31 -19.54
N GLU L 71 9.26 -57.60 -18.83
CA GLU L 71 9.45 -57.25 -17.42
C GLU L 71 8.67 -58.26 -16.58
N THR L 72 9.30 -58.75 -15.51
CA THR L 72 8.67 -59.78 -14.71
C THR L 72 9.17 -59.75 -13.28
N ASP L 73 8.23 -59.87 -12.35
CA ASP L 73 8.48 -60.28 -10.97
C ASP L 73 8.49 -61.82 -10.95
N ASN L 74 8.32 -62.43 -9.78
CA ASN L 74 8.22 -63.87 -9.65
C ASN L 74 9.57 -64.54 -9.90
N ILE L 75 10.61 -63.97 -9.31
CA ILE L 75 11.96 -64.51 -9.38
C ILE L 75 12.34 -65.00 -7.99
N VAL L 76 13.15 -66.06 -7.95
CA VAL L 76 13.64 -66.55 -6.66
C VAL L 76 14.59 -65.49 -6.10
N THR L 77 14.12 -64.75 -5.09
CA THR L 77 14.86 -63.60 -4.61
C THR L 77 16.16 -63.98 -3.90
N SER L 78 16.33 -65.25 -3.52
CA SER L 78 17.58 -65.66 -2.90
C SER L 78 18.75 -65.50 -3.86
N GLU L 79 18.56 -65.89 -5.12
CA GLU L 79 19.61 -65.74 -6.12
C GLU L 79 19.67 -64.31 -6.64
N ALA L 80 20.85 -63.92 -7.10
CA ALA L 80 21.10 -62.62 -7.69
C ALA L 80 21.19 -62.78 -9.20
N PHE L 81 20.37 -62.01 -9.92
CA PHE L 81 20.29 -62.09 -11.38
C PHE L 81 21.05 -60.90 -11.97
N GLU L 82 22.32 -61.12 -12.27
CA GLU L 82 23.08 -60.09 -12.98
C GLU L 82 22.66 -60.05 -14.44
N ALA L 83 22.87 -58.90 -15.06
CA ALA L 83 22.58 -58.76 -16.48
C ALA L 83 23.47 -59.72 -17.28
N GLY L 84 22.87 -60.41 -18.23
CA GLY L 84 23.57 -61.34 -19.10
C GLY L 84 23.48 -62.78 -18.69
N LYS L 85 23.10 -63.07 -17.44
CA LYS L 85 22.96 -64.45 -17.02
C LYS L 85 21.74 -65.09 -17.67
N LEU L 86 21.84 -66.37 -17.96
CA LEU L 86 20.71 -67.11 -18.51
C LEU L 86 19.66 -67.33 -17.43
N ILE L 87 18.40 -67.22 -17.83
CA ILE L 87 17.26 -67.42 -16.95
C ILE L 87 16.69 -68.81 -17.22
N TYR L 88 16.19 -69.45 -16.17
CA TYR L 88 15.52 -70.74 -16.28
C TYR L 88 14.21 -70.69 -15.52
N TRP L 89 13.28 -71.55 -15.92
CA TRP L 89 11.95 -71.61 -15.34
C TRP L 89 11.84 -72.84 -14.46
N ASP L 90 11.56 -72.62 -13.17
CA ASP L 90 11.36 -73.71 -12.21
C ASP L 90 9.87 -74.04 -12.18
N ASN L 91 9.49 -75.06 -12.93
CA ASN L 91 8.08 -75.41 -13.02
C ASN L 91 7.52 -75.92 -11.71
N THR L 92 8.37 -76.47 -10.83
CA THR L 92 7.88 -76.93 -9.53
C THR L 92 7.53 -75.75 -8.64
N ALA L 93 8.41 -74.75 -8.59
CA ALA L 93 8.18 -73.56 -7.78
C ALA L 93 7.46 -72.44 -8.53
N LYS L 94 7.29 -72.57 -9.85
CA LYS L 94 6.64 -71.54 -10.66
C LYS L 94 7.34 -70.19 -10.51
N LYS L 95 8.66 -70.22 -10.60
CA LYS L 95 9.46 -69.01 -10.44
C LYS L 95 10.69 -69.09 -11.34
N PHE L 96 11.24 -67.92 -11.66
CA PHE L 96 12.45 -67.83 -12.45
C PHE L 96 13.66 -68.16 -11.59
N THR L 97 14.69 -68.73 -12.21
CA THR L 97 15.91 -69.08 -11.51
C THR L 97 17.04 -69.22 -12.51
N THR L 98 18.27 -69.10 -12.01
CA THR L 98 19.46 -69.33 -12.81
C THR L 98 19.99 -70.76 -12.71
N THR L 99 19.36 -71.61 -11.93
CA THR L 99 19.83 -72.99 -11.78
C THR L 99 19.44 -73.80 -13.00
N SER L 100 20.40 -74.55 -13.54
CA SER L 100 20.22 -75.33 -14.77
C SER L 100 20.18 -76.83 -14.49
N ALA L 101 19.67 -77.23 -13.33
CA ALA L 101 19.64 -78.65 -12.99
C ALA L 101 18.77 -79.42 -13.97
N SER L 102 17.47 -79.13 -14.00
CA SER L 102 16.57 -79.68 -15.00
C SER L 102 15.56 -78.65 -15.47
N ASN L 103 15.74 -77.37 -15.14
CA ASN L 103 14.78 -76.35 -15.51
C ASN L 103 14.86 -76.05 -17.00
N ARG L 104 13.82 -75.40 -17.50
CA ARG L 104 13.72 -75.04 -18.90
C ARG L 104 14.38 -73.69 -19.13
N LEU L 105 15.31 -73.63 -20.07
CA LEU L 105 15.93 -72.37 -20.45
C LEU L 105 14.90 -71.51 -21.17
N VAL L 106 14.68 -70.30 -20.66
CA VAL L 106 13.62 -69.44 -21.17
C VAL L 106 14.07 -68.03 -21.51
N GLY L 107 15.22 -67.55 -21.05
CA GLY L 107 15.58 -66.19 -21.39
C GLY L 107 16.96 -65.82 -20.90
N ARG L 108 17.33 -64.58 -21.19
CA ARG L 108 18.59 -64.00 -20.76
C ARG L 108 18.29 -62.59 -20.22
N VAL L 109 18.96 -62.23 -19.13
CA VAL L 109 18.65 -60.99 -18.43
C VAL L 109 19.28 -59.83 -19.17
N THR L 110 18.55 -58.71 -19.23
CA THR L 110 19.06 -57.44 -19.70
C THR L 110 19.36 -56.48 -18.55
N ASP L 111 18.39 -56.26 -17.67
CA ASP L 111 18.55 -55.41 -16.49
C ASP L 111 18.70 -56.29 -15.26
N GLY L 112 19.71 -55.99 -14.45
CA GLY L 112 19.98 -56.80 -13.29
C GLY L 112 18.86 -56.74 -12.26
N LYS L 113 18.93 -57.66 -11.30
CA LYS L 113 17.97 -57.73 -10.22
C LYS L 113 17.99 -56.45 -9.40
N ASP L 114 16.91 -55.68 -9.45
CA ASP L 114 16.83 -54.41 -8.75
C ASP L 114 16.21 -54.64 -7.37
N SER L 115 15.91 -53.55 -6.66
CA SER L 115 15.37 -53.66 -5.31
C SER L 115 14.00 -54.34 -5.30
N ASN L 116 13.17 -54.06 -6.30
CA ASN L 116 11.82 -54.58 -6.36
C ASN L 116 11.76 -56.00 -6.94
N ASN L 117 12.88 -56.70 -7.06
CA ASN L 117 12.91 -58.06 -7.59
C ASN L 117 12.32 -58.10 -9.01
N VAL L 118 12.65 -57.09 -9.81
CA VAL L 118 12.15 -56.93 -11.16
C VAL L 118 13.29 -57.21 -12.12
N ILE L 119 13.02 -58.02 -13.15
CA ILE L 119 14.01 -58.38 -14.16
C ILE L 119 13.46 -57.98 -15.52
N TRP L 120 14.34 -57.46 -16.37
CA TRP L 120 14.08 -57.29 -17.79
C TRP L 120 14.92 -58.31 -18.54
N PHE L 121 14.26 -59.15 -19.34
CA PHE L 121 14.93 -60.28 -19.97
C PHE L 121 14.34 -60.51 -21.35
N ILE L 122 15.12 -61.19 -22.18
CA ILE L 122 14.74 -61.49 -23.56
C ILE L 122 14.25 -62.92 -23.62
N LEU L 123 12.99 -63.10 -23.98
CA LEU L 123 12.43 -64.43 -24.11
C LEU L 123 13.11 -65.18 -25.26
N LEU L 124 13.14 -66.50 -25.14
CA LEU L 124 13.89 -67.38 -26.01
C LEU L 124 12.97 -68.19 -26.92
N PRO L 125 13.51 -68.92 -27.92
CA PRO L 125 12.66 -69.49 -28.98
C PRO L 125 11.81 -70.71 -28.62
N GLN L 126 11.60 -70.99 -27.34
CA GLN L 126 10.75 -72.11 -26.92
C GLN L 126 11.37 -73.44 -27.35
N GLN L 127 12.59 -73.71 -26.88
CA GLN L 127 13.26 -74.98 -27.13
C GLN L 127 13.28 -75.83 -25.86
N MET M 57 -84.83 61.10 73.58
CA MET M 57 -83.98 60.95 72.37
C MET M 57 -82.74 61.83 72.49
N THR M 58 -81.56 61.22 72.36
CA THR M 58 -80.30 61.94 72.43
C THR M 58 -79.29 61.27 71.53
N PHE M 59 -78.48 62.09 70.84
CA PHE M 59 -77.42 61.52 70.01
C PHE M 59 -76.37 60.81 70.86
N SER M 60 -76.20 61.21 72.12
CA SER M 60 -75.22 60.58 72.98
C SER M 60 -75.52 59.10 73.16
N SER M 61 -76.80 58.71 73.10
CA SER M 61 -77.15 57.30 73.26
C SER M 61 -76.58 56.45 72.14
N THR M 62 -76.66 56.95 70.90
CA THR M 62 -76.23 56.20 69.73
C THR M 62 -74.81 56.54 69.28
N SER M 63 -74.07 57.30 70.09
CA SER M 63 -72.74 57.72 69.67
C SER M 63 -71.78 56.53 69.56
N ASN M 64 -71.94 55.55 70.44
CA ASN M 64 -70.98 54.44 70.47
C ASN M 64 -71.15 53.51 69.27
N LEU M 65 -72.34 53.44 68.68
CA LEU M 65 -72.61 52.53 67.57
C LEU M 65 -72.04 53.14 66.30
N LYS M 66 -70.74 52.94 66.12
CA LYS M 66 -70.04 53.60 65.02
C LYS M 66 -70.53 53.12 63.66
N GLU M 67 -71.00 51.88 63.57
CA GLU M 67 -71.44 51.36 62.27
C GLU M 67 -72.66 52.10 61.75
N LEU M 68 -73.49 52.65 62.64
CA LEU M 68 -74.63 53.44 62.19
C LEU M 68 -74.18 54.76 61.60
N LEU M 69 -73.17 55.38 62.19
CA LEU M 69 -72.77 56.73 61.82
C LEU M 69 -71.88 56.72 60.59
N ARG M 70 -71.90 57.83 59.86
CA ARG M 70 -71.05 57.97 58.69
C ARG M 70 -69.59 58.13 59.10
N LYS M 71 -68.71 57.41 58.43
CA LYS M 71 -67.28 57.43 58.71
C LYS M 71 -66.62 58.45 57.79
N VAL M 72 -66.06 59.51 58.39
CA VAL M 72 -65.33 60.54 57.66
C VAL M 72 -63.96 60.67 58.29
N VAL M 73 -62.91 60.61 57.46
CA VAL M 73 -61.53 60.76 57.89
C VAL M 73 -60.95 61.97 57.18
N LEU M 74 -60.37 62.89 57.96
CA LEU M 74 -59.78 64.09 57.38
C LEU M 74 -58.39 63.77 56.84
N ASP M 75 -58.11 64.28 55.64
CA ASP M 75 -56.81 64.06 55.02
C ASP M 75 -55.74 64.76 55.83
N VAL M 76 -54.58 64.11 55.96
CA VAL M 76 -53.49 64.60 56.79
C VAL M 76 -52.22 64.74 55.96
N GLU M 77 -52.07 63.95 54.90
CA GLU M 77 -50.85 63.94 54.10
C GLU M 77 -49.64 63.58 54.97
N LEU M 78 -49.68 62.35 55.47
CA LEU M 78 -48.62 61.76 56.28
C LEU M 78 -47.82 60.78 55.45
N GLY M 79 -46.54 60.63 55.79
CA GLY M 79 -45.68 59.74 55.04
C GLY M 79 -44.23 60.00 55.35
N ARG M 80 -43.38 59.67 54.38
CA ARG M 80 -41.94 59.86 54.49
C ARG M 80 -41.47 60.72 53.32
N GLU M 81 -40.62 61.71 53.63
CA GLU M 81 -40.10 62.59 52.60
C GLU M 81 -39.22 61.82 51.63
N GLN M 82 -39.27 62.20 50.36
CA GLN M 82 -38.40 61.60 49.38
C GLN M 82 -36.94 61.94 49.68
N VAL M 83 -36.05 61.01 49.38
CA VAL M 83 -34.62 61.15 49.64
C VAL M 83 -33.92 61.21 48.29
N GLN M 84 -33.49 62.41 47.90
CA GLN M 84 -32.81 62.59 46.63
C GLN M 84 -31.33 62.28 46.77
N LEU M 85 -30.69 62.03 45.64
CA LEU M 85 -29.25 61.78 45.59
C LEU M 85 -28.54 63.12 45.43
N LEU M 86 -28.02 63.63 46.53
CA LEU M 86 -27.32 64.91 46.52
C LEU M 86 -25.88 64.82 46.06
N TYR M 87 -25.31 63.61 46.02
CA TYR M 87 -23.89 63.44 45.73
C TYR M 87 -23.55 63.49 44.25
N LYS M 88 -24.56 63.55 43.37
CA LYS M 88 -24.29 63.42 41.94
C LYS M 88 -23.36 64.49 41.38
N PRO M 89 -23.50 65.77 41.70
CA PRO M 89 -22.60 66.77 41.08
C PRO M 89 -21.13 66.57 41.42
N ILE M 90 -20.81 65.91 42.52
CA ILE M 90 -19.42 65.82 42.96
C ILE M 90 -18.67 64.67 42.30
N TYR M 91 -19.34 63.55 42.04
CA TYR M 91 -18.67 62.31 41.66
C TYR M 91 -18.74 62.07 40.16
N ASP M 92 -17.78 61.28 39.68
CA ASP M 92 -17.71 60.83 38.30
C ASP M 92 -18.08 59.35 38.26
N SER M 93 -19.18 59.03 37.58
CA SER M 93 -19.68 57.67 37.55
C SER M 93 -18.77 56.78 36.71
N ILE M 94 -18.53 55.57 37.18
CA ILE M 94 -17.84 54.53 36.43
C ILE M 94 -18.72 53.28 36.51
N ALA M 95 -19.64 53.14 35.56
CA ALA M 95 -20.56 52.01 35.53
C ALA M 95 -19.95 50.90 34.67
N ASP M 96 -19.61 49.78 35.30
CA ASP M 96 -19.07 48.64 34.59
C ASP M 96 -19.47 47.38 35.34
N SER M 97 -20.17 46.47 34.66
CA SER M 97 -20.72 45.30 35.32
C SER M 97 -19.67 44.26 35.68
N ASN M 98 -18.43 44.42 35.23
CA ASN M 98 -17.37 43.44 35.44
C ASN M 98 -16.17 44.06 36.15
N LEU M 99 -16.42 44.94 37.11
CA LEU M 99 -15.33 45.48 37.89
C LEU M 99 -14.77 44.41 38.83
N PRO M 100 -13.54 44.58 39.30
CA PRO M 100 -12.99 43.64 40.27
C PRO M 100 -13.36 44.04 41.70
N GLN M 101 -13.05 43.14 42.63
CA GLN M 101 -13.29 43.43 44.04
C GLN M 101 -12.48 44.62 44.49
N VAL M 102 -11.25 44.76 43.98
CA VAL M 102 -10.39 45.90 44.26
C VAL M 102 -9.77 46.36 42.94
N MET M 103 -9.76 47.68 42.74
CA MET M 103 -9.25 48.23 41.51
C MET M 103 -7.74 48.05 41.43
N ASP M 104 -7.14 48.56 40.35
CA ASP M 104 -5.71 48.46 40.10
C ASP M 104 -5.15 49.85 39.81
N ALA M 105 -3.97 50.12 40.36
CA ALA M 105 -3.38 51.45 40.24
C ALA M 105 -2.90 51.71 38.81
N LYS M 106 -3.13 52.93 38.33
CA LYS M 106 -2.60 53.34 37.04
C LYS M 106 -1.09 53.56 37.16
N TRP M 107 -0.40 53.35 36.05
CA TRP M 107 1.05 53.55 35.96
C TRP M 107 1.38 54.38 34.73
N ALA M 108 2.47 55.14 34.82
CA ALA M 108 2.91 55.95 33.70
C ALA M 108 4.33 56.42 33.95
N LEU M 109 5.15 56.43 32.91
CA LEU M 109 6.52 56.91 32.98
C LEU M 109 6.60 58.37 32.59
N GLN M 110 7.64 59.04 33.09
CA GLN M 110 7.88 60.44 32.78
C GLN M 110 9.38 60.68 32.68
N GLY M 111 9.77 61.48 31.69
CA GLY M 111 11.14 61.91 31.57
C GLY M 111 11.37 63.22 32.30
N ASN M 112 12.62 63.44 32.71
CA ASN M 112 13.01 64.65 33.40
C ASN M 112 14.29 65.18 32.78
N CYS M 113 14.32 66.47 32.47
CA CYS M 113 15.50 67.11 31.93
C CYS M 113 15.41 68.60 32.17
N VAL M 114 16.58 69.23 32.20
CA VAL M 114 16.71 70.66 32.41
C VAL M 114 17.70 71.20 31.41
N PHE M 115 17.40 72.35 30.83
CA PHE M 115 18.24 72.95 29.79
C PHE M 115 19.29 73.82 30.45
N LEU M 116 20.53 73.37 30.41
CA LEU M 116 21.67 74.12 30.91
C LEU M 116 22.33 74.88 29.79
N GLU M 117 23.06 75.94 30.16
CA GLU M 117 23.85 76.66 29.17
C GLU M 117 24.93 75.77 28.61
N HIS M 118 25.12 75.84 27.30
CA HIS M 118 26.11 75.05 26.58
C HIS M 118 27.13 75.98 25.98
N ILE M 119 28.40 75.80 26.34
CA ILE M 119 29.49 76.67 25.93
C ILE M 119 30.48 75.86 25.12
N GLU M 120 30.68 76.26 23.86
CA GLU M 120 31.55 75.62 22.89
C GLU M 120 31.49 74.09 22.95
N GLY M 121 32.60 73.42 23.26
CA GLY M 121 32.67 71.99 23.12
C GLY M 121 32.53 71.23 24.42
N GLU M 122 31.65 71.68 25.31
CA GLU M 122 31.49 70.99 26.59
C GLU M 122 30.58 69.79 26.40
N GLU M 123 30.46 69.00 27.46
CA GLU M 123 29.61 67.82 27.47
C GLU M 123 28.28 68.15 28.13
N ILE M 124 27.18 67.74 27.50
CA ILE M 124 25.85 67.98 28.03
C ILE M 124 25.51 66.91 29.05
N LYS M 125 24.71 67.28 30.05
CA LYS M 125 24.34 66.39 31.14
C LYS M 125 22.96 65.81 30.86
N PHE M 126 22.86 64.48 30.95
CA PHE M 126 21.65 63.79 30.54
C PHE M 126 20.53 63.96 31.57
N GLY M 127 19.33 63.56 31.15
CA GLY M 127 18.15 63.60 31.99
C GLY M 127 17.88 62.29 32.69
N THR M 128 16.65 62.13 33.16
CA THR M 128 16.27 60.99 33.98
C THR M 128 14.82 60.64 33.68
N ILE M 129 14.49 59.36 33.88
CA ILE M 129 13.15 58.85 33.70
C ILE M 129 12.66 58.33 35.04
N ASN M 130 11.39 58.58 35.36
CA ASN M 130 10.81 58.10 36.59
C ASN M 130 9.34 57.79 36.38
N ALA M 131 8.79 56.95 37.25
CA ALA M 131 7.43 56.46 37.15
C ALA M 131 6.65 56.87 38.38
N GLU M 132 5.35 57.09 38.20
CA GLU M 132 4.43 57.30 39.31
C GLU M 132 3.21 56.41 39.14
N ASN M 133 2.57 56.13 40.27
CA ASN M 133 1.41 55.26 40.32
C ASN M 133 0.30 55.93 41.11
N GLY M 134 -0.94 55.69 40.67
CA GLY M 134 -2.09 56.20 41.36
C GLY M 134 -2.49 55.31 42.52
N PRO M 135 -3.54 55.72 43.22
CA PRO M 135 -4.02 54.92 44.35
C PRO M 135 -4.98 53.84 43.89
N VAL M 136 -5.54 53.10 44.86
CA VAL M 136 -6.44 51.98 44.60
C VAL M 136 -7.75 52.24 45.32
N ALA M 137 -8.83 51.70 44.75
CA ALA M 137 -10.16 51.80 45.33
C ALA M 137 -10.82 50.43 45.26
N ARG M 138 -11.79 50.23 46.15
CA ARG M 138 -12.48 48.95 46.25
C ARG M 138 -13.97 49.20 46.47
N ILE M 139 -14.76 48.18 46.16
CA ILE M 139 -16.22 48.25 46.16
C ILE M 139 -16.75 47.18 47.09
N GLN M 140 -17.73 47.56 47.91
CA GLN M 140 -18.34 46.69 48.92
C GLN M 140 -19.70 46.23 48.44
N THR M 141 -20.41 45.53 49.32
CA THR M 141 -21.76 45.01 49.06
C THR M 141 -22.68 45.43 50.18
N TYR M 142 -23.94 45.70 49.83
CA TYR M 142 -24.95 46.08 50.81
C TYR M 142 -26.25 45.38 50.44
N ALA M 143 -27.09 45.12 51.45
CA ALA M 143 -28.34 44.42 51.21
C ALA M 143 -29.23 44.47 52.43
N THR M 144 -30.53 44.62 52.20
CA THR M 144 -31.55 44.47 53.24
C THR M 144 -32.78 43.83 52.62
N GLY M 145 -33.64 43.27 53.46
CA GLY M 145 -34.81 42.58 52.96
C GLY M 145 -35.90 42.50 54.01
N PHE M 146 -36.99 41.81 53.65
CA PHE M 146 -38.15 41.65 54.50
C PHE M 146 -38.64 40.22 54.45
N GLU M 147 -39.31 39.80 55.51
CA GLU M 147 -40.02 38.53 55.56
C GLU M 147 -41.47 38.82 55.91
N TYR M 148 -42.39 38.20 55.17
CA TYR M 148 -43.81 38.41 55.43
C TYR M 148 -44.59 37.18 55.02
N THR M 149 -45.48 36.73 55.90
CA THR M 149 -46.30 35.57 55.61
C THR M 149 -47.27 35.87 54.47
N LYS M 150 -47.64 34.83 53.73
CA LYS M 150 -48.65 34.98 52.69
C LYS M 150 -49.96 35.49 53.27
N GLU M 151 -50.27 35.10 54.51
CA GLU M 151 -51.48 35.57 55.14
C GLU M 151 -51.45 37.08 55.36
N MET M 152 -50.30 37.62 55.75
CA MET M 152 -50.21 39.05 55.99
C MET M 152 -50.41 39.84 54.70
N LYS M 153 -49.82 39.38 53.60
CA LYS M 153 -50.03 40.07 52.33
C LYS M 153 -51.47 39.95 51.87
N ASP M 154 -52.06 38.76 52.01
CA ASP M 154 -53.37 38.52 51.41
C ASP M 154 -54.51 39.15 52.22
N PHE M 155 -54.42 39.10 53.54
CA PHE M 155 -55.50 39.58 54.38
C PHE M 155 -55.40 41.06 54.71
N ASN M 156 -54.19 41.60 54.76
CA ASN M 156 -54.00 43.01 55.13
C ASN M 156 -54.26 43.88 53.91
N GLN M 157 -55.26 44.76 54.02
CA GLN M 157 -55.68 45.57 52.89
C GLN M 157 -54.59 46.56 52.47
N THR M 158 -53.95 47.21 53.44
CA THR M 158 -53.02 48.30 53.14
C THR M 158 -51.62 47.80 52.80
N PHE M 159 -51.19 46.70 53.43
CA PHE M 159 -49.86 46.18 53.15
C PHE M 159 -49.75 45.73 51.70
N SER M 160 -48.58 45.91 51.13
CA SER M 160 -48.32 45.49 49.77
C SER M 160 -46.81 45.52 49.54
N VAL M 161 -46.37 44.87 48.46
CA VAL M 161 -44.96 44.89 48.12
C VAL M 161 -44.54 46.27 47.62
N GLU M 162 -45.50 47.12 47.23
CA GLU M 162 -45.16 48.46 46.75
C GLU M 162 -44.53 49.28 47.86
N ILE M 163 -45.08 49.23 49.08
CA ILE M 163 -44.51 50.01 50.16
C ILE M 163 -43.15 49.45 50.57
N LEU M 164 -42.97 48.13 50.49
CA LEU M 164 -41.66 47.56 50.77
C LEU M 164 -40.64 48.03 49.76
N ASN M 165 -41.00 48.07 48.48
CA ASN M 165 -40.09 48.59 47.47
C ASN M 165 -39.81 50.07 47.70
N LYS M 166 -40.81 50.83 48.16
CA LYS M 166 -40.58 52.23 48.48
C LYS M 166 -39.57 52.38 49.60
N SER M 167 -39.71 51.57 50.65
CA SER M 167 -38.75 51.61 51.76
C SER M 167 -37.36 51.22 51.28
N ILE M 168 -37.28 50.20 50.44
CA ILE M 168 -35.98 49.79 49.89
C ILE M 168 -35.36 50.94 49.11
N GLY M 169 -36.15 51.60 48.26
CA GLY M 169 -35.61 52.69 47.48
C GLY M 169 -35.15 53.87 48.33
N GLU M 170 -35.94 54.21 49.35
CA GLU M 170 -35.56 55.32 50.22
C GLU M 170 -34.27 55.02 50.96
N SER M 171 -34.19 53.83 51.57
CA SER M 171 -32.96 53.46 52.27
C SER M 171 -31.80 53.36 51.31
N TYR M 172 -32.04 52.96 50.07
CA TYR M 172 -30.97 52.85 49.09
C TYR M 172 -30.42 54.23 48.74
N ASN M 173 -31.31 55.19 48.50
CA ASN M 173 -30.86 56.54 48.18
C ASN M 173 -30.10 57.14 49.36
N ALA M 174 -30.61 56.93 50.58
CA ALA M 174 -29.90 57.44 51.73
C ALA M 174 -28.55 56.76 51.91
N LEU M 175 -28.47 55.47 51.58
CA LEU M 175 -27.19 54.78 51.64
C LEU M 175 -26.21 55.37 50.64
N LEU M 176 -26.67 55.68 49.43
CA LEU M 176 -25.79 56.28 48.45
C LEU M 176 -25.29 57.64 48.91
N ASN M 177 -26.19 58.45 49.47
CA ASN M 177 -25.77 59.74 50.01
C ASN M 177 -24.73 59.55 51.11
N HIS M 178 -24.96 58.61 52.01
CA HIS M 178 -24.01 58.39 53.09
C HIS M 178 -22.66 57.93 52.55
N ILE M 179 -22.67 56.95 51.64
CA ILE M 179 -21.42 56.41 51.12
C ILE M 179 -20.62 57.50 50.43
N HIS M 180 -21.28 58.34 49.65
CA HIS M 180 -20.57 59.29 48.81
C HIS M 180 -20.36 60.65 49.47
N LEU M 181 -20.88 60.88 50.69
CA LEU M 181 -20.67 62.13 51.39
C LEU M 181 -20.08 62.00 52.78
N SER M 182 -20.14 60.83 53.40
CA SER M 182 -19.51 60.65 54.70
C SER M 182 -17.98 60.63 54.63
N PRO M 183 -17.33 60.21 53.53
CA PRO M 183 -15.88 60.44 53.47
C PRO M 183 -15.50 61.89 53.57
N ILE M 184 -16.32 62.77 53.00
CA ILE M 184 -16.04 64.20 53.07
C ILE M 184 -16.23 64.72 54.49
N ILE M 185 -17.23 64.20 55.20
CA ILE M 185 -17.57 64.75 56.51
C ILE M 185 -16.65 64.20 57.59
N ASN M 186 -16.47 62.88 57.62
CA ASN M 186 -15.71 62.24 58.68
C ASN M 186 -14.20 62.46 58.56
N PHE M 187 -13.73 63.01 57.45
CA PHE M 187 -12.29 63.18 57.27
C PHE M 187 -11.72 64.12 58.32
N ASN M 188 -10.52 63.79 58.80
CA ASN M 188 -9.81 64.62 59.77
C ASN M 188 -9.02 65.65 58.98
N TYR M 189 -9.61 66.82 58.77
CA TYR M 189 -8.98 67.85 57.94
C TYR M 189 -7.79 68.44 58.67
N LYS M 190 -6.67 68.55 57.95
CA LYS M 190 -5.49 69.19 58.50
C LYS M 190 -5.67 70.70 58.52
N ALA M 191 -4.75 71.38 59.21
CA ALA M 191 -4.81 72.83 59.29
C ALA M 191 -4.65 73.49 57.92
N SER M 192 -4.00 72.81 56.97
CA SER M 192 -3.87 73.36 55.63
C SER M 192 -5.23 73.55 54.97
N ASN M 193 -6.10 72.55 55.07
CA ASN M 193 -7.42 72.65 54.46
C ASN M 193 -8.32 73.60 55.24
N LYS M 194 -8.33 73.49 56.56
CA LYS M 194 -9.32 74.21 57.36
C LYS M 194 -9.14 75.72 57.24
N THR M 195 -10.28 76.43 57.22
CA THR M 195 -10.31 77.89 57.21
C THR M 195 -11.23 78.36 58.31
N ALA M 196 -10.76 79.30 59.11
CA ALA M 196 -11.52 79.74 60.28
C ALA M 196 -12.69 80.62 59.86
N PHE M 197 -13.54 80.95 60.84
CA PHE M 197 -14.70 81.79 60.59
C PHE M 197 -14.28 83.18 60.17
N LYS M 198 -13.36 83.79 60.91
CA LYS M 198 -12.79 85.12 60.65
C LYS M 198 -13.86 86.17 60.33
N GLY M 199 -14.89 86.19 61.16
CA GLY M 199 -15.88 87.26 61.13
C GLY M 199 -15.44 88.40 62.04
N THR M 201 -15.70 89.63 61.59
CA THR M 201 -15.30 90.81 62.34
C THR M 201 -16.31 91.04 63.46
N ASN M 202 -16.22 92.21 64.10
CA ASN M 202 -17.13 92.54 65.20
C ASN M 202 -18.50 92.93 64.65
N ASP M 203 -19.54 92.31 65.20
CA ASP M 203 -20.97 92.48 64.90
C ASP M 203 -21.28 92.81 63.43
N PRO M 204 -21.04 91.91 62.49
CA PRO M 204 -21.60 92.07 61.15
C PRO M 204 -23.00 91.48 61.12
N ILE M 205 -23.62 91.57 59.94
CA ILE M 205 -24.78 90.75 59.66
C ILE M 205 -24.31 89.33 59.37
N TRP M 206 -25.22 88.37 59.55
CA TRP M 206 -24.85 86.97 59.37
C TRP M 206 -24.54 86.62 57.92
N LEU M 207 -24.76 87.52 56.97
CA LEU M 207 -24.18 87.40 55.65
C LEU M 207 -22.68 87.77 55.64
N GLY M 208 -22.08 88.00 56.81
CA GLY M 208 -20.65 88.05 56.96
C GLY M 208 -19.96 86.70 56.77
N ILE M 209 -20.74 85.64 56.60
CA ILE M 209 -20.20 84.38 56.07
C ILE M 209 -19.61 84.59 54.68
N TRP M 210 -20.05 85.63 53.97
CA TRP M 210 -19.43 86.01 52.71
C TRP M 210 -17.93 86.16 52.84
N ARG M 211 -17.47 86.70 53.98
CA ARG M 211 -16.04 86.78 54.23
C ARG M 211 -15.42 85.39 54.23
N THR M 212 -16.02 84.46 54.98
CA THR M 212 -15.47 83.11 55.07
C THR M 212 -15.52 82.40 53.72
N LEU M 213 -16.63 82.53 53.00
CA LEU M 213 -16.74 81.87 51.70
C LEU M 213 -15.71 82.42 50.72
N THR M 214 -15.52 83.74 50.72
CA THR M 214 -14.49 84.32 49.85
C THR M 214 -13.11 83.81 50.23
N GLN M 215 -12.84 83.71 51.53
CA GLN M 215 -11.55 83.18 51.97
C GLN M 215 -11.38 81.74 51.54
N ALA M 216 -12.43 80.93 51.65
CA ALA M 216 -12.35 79.55 51.22
C ALA M 216 -12.07 79.47 49.72
N GLN M 217 -12.72 80.33 48.92
CA GLN M 217 -12.40 80.38 47.51
C GLN M 217 -10.95 80.81 47.29
N LYS M 218 -10.49 81.79 48.06
CA LYS M 218 -9.11 82.24 47.91
C LYS M 218 -8.14 81.14 48.27
N ASP M 219 -8.38 80.42 49.37
CA ASP M 219 -7.45 79.40 49.81
C ASP M 219 -7.43 78.21 48.87
N THR M 220 -8.58 77.89 48.25
CA THR M 220 -8.60 76.81 47.26
C THR M 220 -7.69 77.15 46.09
N VAL M 221 -7.77 78.38 45.60
CA VAL M 221 -7.02 78.76 44.40
C VAL M 221 -5.54 78.90 44.72
N ILE M 222 -5.21 79.41 45.92
CA ILE M 222 -3.81 79.52 46.30
C ILE M 222 -3.17 78.15 46.39
N ALA M 223 -3.93 77.14 46.79
CA ALA M 223 -3.45 75.77 46.80
C ALA M 223 -3.59 75.08 45.44
N LYS M 224 -3.92 75.83 44.38
CA LYS M 224 -4.02 75.34 43.00
C LYS M 224 -5.20 74.42 42.76
N ARG M 225 -6.01 74.15 43.78
CA ARG M 225 -7.31 73.54 43.58
C ARG M 225 -8.31 74.66 43.32
N GLN M 226 -9.61 74.35 43.29
CA GLN M 226 -10.60 75.40 43.14
C GLN M 226 -11.95 74.88 43.60
N GLY M 227 -12.70 75.74 44.27
CA GLY M 227 -14.01 75.39 44.78
C GLY M 227 -15.09 75.70 43.77
N ASN M 228 -15.92 74.71 43.48
CA ASN M 228 -17.05 74.88 42.58
C ASN M 228 -18.35 74.39 43.21
N ILE M 229 -18.26 73.41 44.11
CA ILE M 229 -19.40 72.84 44.81
C ILE M 229 -19.22 73.11 46.29
N LEU M 230 -20.25 73.68 46.92
CA LEU M 230 -20.25 73.98 48.35
C LEU M 230 -21.21 73.03 49.05
N MET M 231 -20.75 72.44 50.14
CA MET M 231 -21.58 71.57 50.98
C MET M 231 -21.75 72.21 52.35
N ALA M 232 -22.97 72.22 52.85
CA ALA M 232 -23.28 72.81 54.14
C ALA M 232 -24.48 72.09 54.72
N SER M 233 -25.02 72.60 55.81
CA SER M 233 -26.24 72.09 56.42
C SER M 233 -27.41 73.00 56.09
N SER M 234 -28.61 72.43 56.16
CA SER M 234 -29.81 73.22 55.93
C SER M 234 -30.08 74.22 57.05
N ALA M 235 -29.38 74.12 58.18
CA ALA M 235 -29.62 75.02 59.30
C ALA M 235 -29.26 76.46 58.96
N ASP M 236 -28.45 76.70 57.93
CA ASP M 236 -28.06 78.03 57.49
C ASP M 236 -28.20 78.15 55.98
N GLN M 237 -29.25 77.53 55.42
CA GLN M 237 -29.51 77.69 54.00
C GLN M 237 -29.83 79.13 53.66
N ILE M 238 -30.67 79.78 54.46
CA ILE M 238 -31.06 81.15 54.16
C ILE M 238 -29.87 82.10 54.30
N GLU M 239 -28.99 81.84 55.25
CA GLU M 239 -27.82 82.69 55.43
C GLU M 239 -26.83 82.52 54.29
N ILE M 240 -26.56 81.27 53.92
CA ILE M 240 -25.59 81.01 52.85
C ILE M 240 -26.13 81.51 51.52
N GLU M 241 -27.39 81.18 51.21
CA GLU M 241 -27.96 81.60 49.94
C GLU M 241 -28.05 83.11 49.84
N MET M 242 -28.23 83.80 50.96
CA MET M 242 -28.16 85.25 50.95
C MET M 242 -26.74 85.73 50.74
N ALA M 243 -25.75 84.97 51.21
CA ALA M 243 -24.36 85.38 51.08
C ALA M 243 -23.83 85.20 49.67
N LEU M 244 -24.24 84.12 48.99
CA LEU M 244 -23.80 83.90 47.62
C LEU M 244 -24.23 85.05 46.71
N ASN M 245 -25.50 85.43 46.80
CA ASN M 245 -25.92 86.68 46.19
C ASN M 245 -25.33 87.84 46.96
N GLY M 246 -25.20 88.98 46.28
CA GLY M 246 -24.66 90.16 46.91
C GLY M 246 -25.53 90.62 48.06
N GLY M 247 -24.95 90.70 49.25
CA GLY M 247 -25.69 91.19 50.39
C GLY M 247 -26.13 92.62 50.20
N HIS M 248 -27.18 92.99 50.93
CA HIS M 248 -27.73 94.34 50.83
C HIS M 248 -26.69 95.36 51.29
N LEU M 249 -26.91 96.61 50.90
CA LEU M 249 -25.99 97.70 51.18
C LEU M 249 -25.85 97.92 52.69
N LEU M 250 -24.66 97.63 53.22
CA LEU M 250 -24.37 97.75 54.65
C LEU M 250 -23.36 98.86 54.86
N ASN M 251 -23.79 99.95 55.51
CA ASN M 251 -22.89 101.06 55.87
C ASN M 251 -22.19 101.62 54.65
N GLY M 252 -22.93 101.74 53.55
CA GLY M 252 -22.32 102.20 52.31
C GLY M 252 -21.29 101.23 51.75
N SER M 253 -21.61 99.95 51.70
CA SER M 253 -20.72 98.95 51.12
C SER M 253 -21.56 97.88 50.45
N MET M 254 -21.59 97.88 49.12
CA MET M 254 -22.37 96.93 48.34
C MET M 254 -21.44 95.78 47.95
N TYR M 255 -21.47 94.71 48.72
CA TYR M 255 -20.58 93.59 48.48
C TYR M 255 -20.99 92.86 47.20
N PRO M 256 -20.06 92.19 46.52
CA PRO M 256 -20.41 91.48 45.29
C PRO M 256 -20.79 90.03 45.55
N SER M 257 -21.56 89.49 44.60
CA SER M 257 -21.93 88.09 44.66
C SER M 257 -20.70 87.21 44.45
N ILE M 258 -20.67 86.08 45.14
CA ILE M 258 -19.56 85.14 45.01
C ILE M 258 -19.78 84.31 43.74
N LYS M 259 -18.76 84.27 42.89
CA LYS M 259 -18.80 83.55 41.63
C LYS M 259 -18.03 82.24 41.75
N ASN M 260 -18.10 81.44 40.69
CA ASN M 260 -17.44 80.14 40.63
C ASN M 260 -17.89 79.23 41.78
N ILE M 261 -19.21 79.20 42.01
CA ILE M 261 -19.84 78.19 42.84
C ILE M 261 -21.06 77.72 42.04
N SER M 262 -20.92 76.61 41.33
CA SER M 262 -21.99 76.16 40.44
C SER M 262 -23.25 75.82 41.22
N THR M 263 -23.12 74.96 42.23
CA THR M 263 -24.25 74.51 43.02
C THR M 263 -23.85 74.43 44.48
N VAL M 264 -24.85 74.49 45.34
CA VAL M 264 -24.70 74.27 46.77
C VAL M 264 -25.66 73.16 47.16
N ILE M 265 -25.16 72.17 47.90
CA ILE M 265 -25.92 71.00 48.30
C ILE M 265 -25.94 70.92 49.82
N TYR M 266 -27.13 70.75 50.38
CA TYR M 266 -27.32 70.64 51.83
C TYR M 266 -27.63 69.18 52.14
N TYR M 267 -26.81 68.56 52.99
CA TYR M 267 -26.92 67.14 53.32
C TYR M 267 -27.13 67.01 54.82
N ASP M 268 -28.39 66.98 55.22
CA ASP M 268 -28.73 66.69 56.60
C ASP M 268 -28.72 65.18 56.84
N GLY M 269 -28.71 64.80 58.10
CA GLY M 269 -28.67 63.39 58.44
C GLY M 269 -29.96 62.68 58.06
N TRP M 270 -29.84 61.36 57.89
CA TRP M 270 -30.97 60.49 57.62
C TRP M 270 -31.14 59.54 58.79
N GLU M 271 -32.39 59.38 59.23
CA GLU M 271 -32.73 58.58 60.40
C GLU M 271 -33.82 57.59 60.04
N VAL M 272 -33.68 56.38 60.57
CA VAL M 272 -34.68 55.33 60.34
C VAL M 272 -34.69 54.43 61.57
N THR M 273 -35.88 53.95 61.91
CA THR M 273 -36.09 53.09 63.09
C THR M 273 -36.51 51.71 62.57
N VAL M 274 -35.53 50.83 62.40
CA VAL M 274 -35.77 49.47 61.96
C VAL M 274 -35.99 48.63 63.21
N GLY M 275 -37.26 48.30 63.48
CA GLY M 275 -37.56 47.58 64.72
C GLY M 275 -37.24 48.46 65.91
N LYS M 276 -36.53 47.90 66.88
CA LYS M 276 -36.15 48.62 68.08
C LYS M 276 -34.76 49.26 67.98
N LYS M 277 -34.03 49.04 66.88
CA LYS M 277 -32.72 49.63 66.66
C LYS M 277 -32.83 50.72 65.61
N THR M 278 -32.36 51.91 65.95
CA THR M 278 -32.38 53.05 65.04
C THR M 278 -31.00 53.21 64.39
N TYR M 279 -31.00 53.36 63.07
CA TYR M 279 -29.79 53.60 62.30
C TYR M 279 -29.82 55.02 61.78
N SER M 280 -28.74 55.77 62.02
CA SER M 280 -28.66 57.17 61.67
C SER M 280 -27.41 57.41 60.84
N TYR M 281 -27.57 58.11 59.72
CA TYR M 281 -26.44 58.57 58.91
C TYR M 281 -26.15 60.02 59.28
N LYS M 282 -24.93 60.29 59.68
CA LYS M 282 -24.55 61.62 60.14
C LYS M 282 -24.49 62.58 58.96
N GLY M 283 -25.26 63.66 59.05
CA GLY M 283 -25.23 64.70 58.05
C GLY M 283 -24.17 65.74 58.35
N VAL M 284 -24.19 66.82 57.58
CA VAL M 284 -23.25 67.91 57.79
C VAL M 284 -23.61 68.63 59.08
N THR M 285 -22.61 68.81 59.94
CA THR M 285 -22.82 69.52 61.18
C THR M 285 -23.22 70.96 60.88
N PRO M 286 -24.13 71.57 61.66
CA PRO M 286 -24.46 72.98 61.40
C PRO M 286 -23.24 73.87 61.63
N GLY M 287 -23.16 74.92 60.82
CA GLY M 287 -22.02 75.81 60.85
C GLY M 287 -20.92 75.37 59.91
N LYS M 288 -20.42 74.16 60.10
CA LYS M 288 -19.34 73.66 59.26
C LYS M 288 -19.84 73.46 57.83
N GLY M 289 -18.94 73.72 56.87
CA GLY M 289 -19.24 73.50 55.48
C GLY M 289 -18.00 73.03 54.75
N TYR M 290 -18.20 72.44 53.59
CA TYR M 290 -17.13 71.85 52.79
C TYR M 290 -17.25 72.32 51.36
N LEU M 291 -16.23 73.03 50.89
CA LEU M 291 -16.15 73.49 49.52
C LEU M 291 -15.29 72.53 48.72
N ILE M 292 -15.85 72.01 47.64
CA ILE M 292 -15.34 70.81 46.97
C ILE M 292 -15.00 71.14 45.52
N ARG M 293 -13.95 70.50 45.03
CA ARG M 293 -13.62 70.52 43.61
C ARG M 293 -14.13 69.24 42.97
N PRO M 294 -15.16 69.27 42.14
CA PRO M 294 -15.92 68.05 41.86
C PRO M 294 -15.31 67.17 40.78
N LYS M 295 -15.54 65.87 40.94
CA LYS M 295 -15.41 64.85 39.89
C LYS M 295 -14.07 64.91 39.17
N ARG M 296 -13.01 65.14 39.92
CA ARG M 296 -11.64 64.89 39.45
C ARG M 296 -10.93 63.90 40.35
N GLY M 297 -11.00 64.10 41.66
CA GLY M 297 -10.53 63.12 42.63
C GLY M 297 -11.61 62.28 43.26
N PHE M 298 -12.88 62.49 42.90
CA PHE M 298 -14.00 61.73 43.40
C PHE M 298 -14.51 60.81 42.30
N LYS M 299 -14.58 59.52 42.59
CA LYS M 299 -15.02 58.51 41.63
C LYS M 299 -16.09 57.64 42.26
N GLU M 300 -17.15 57.39 41.49
CA GLU M 300 -18.24 56.52 41.90
C GLU M 300 -18.10 55.21 41.15
N LEU M 301 -17.91 54.12 41.90
CA LEU M 301 -17.67 52.80 41.33
C LEU M 301 -18.93 51.96 41.51
N ILE M 302 -19.47 51.45 40.40
CA ILE M 302 -20.71 50.69 40.40
C ILE M 302 -20.49 49.41 39.60
N LYS M 303 -20.88 48.28 40.19
CA LYS M 303 -21.01 47.02 39.47
C LYS M 303 -22.46 46.64 39.26
N ARG M 304 -23.27 46.69 40.32
CA ARG M 304 -24.73 46.56 40.22
C ARG M 304 -25.34 47.69 41.04
N ASP M 305 -26.01 48.61 40.37
CA ASP M 305 -26.57 49.76 41.07
C ASP M 305 -27.61 49.33 42.10
N LEU M 306 -28.54 48.46 41.71
CA LEU M 306 -29.55 47.97 42.63
C LEU M 306 -30.27 46.80 41.97
N THR M 307 -30.60 45.80 42.77
CA THR M 307 -31.25 44.60 42.26
C THR M 307 -32.12 44.05 43.37
N THR M 308 -33.44 44.15 43.21
CA THR M 308 -34.39 43.57 44.15
C THR M 308 -34.88 42.25 43.58
N GLU M 309 -34.37 41.15 44.14
CA GLU M 309 -34.72 39.81 43.69
C GLU M 309 -35.56 39.12 44.76
N VAL M 310 -36.57 38.36 44.33
CA VAL M 310 -37.37 37.59 45.26
C VAL M 310 -36.52 36.48 45.84
N GLY M 311 -36.49 36.39 47.17
CA GLY M 311 -35.65 35.44 47.86
C GLY M 311 -36.31 34.08 48.03
N ASN M 312 -35.55 33.17 48.61
CA ASN M 312 -36.07 31.83 48.88
C ASN M 312 -37.20 31.90 49.89
N ALA M 313 -38.21 31.07 49.68
CA ALA M 313 -39.39 31.01 50.53
C ALA M 313 -39.48 29.65 51.20
N ASP M 314 -40.06 29.64 52.40
CA ASP M 314 -40.38 28.39 53.09
C ASP M 314 -41.82 28.06 52.73
N LEU M 315 -41.99 27.21 51.71
CA LEU M 315 -43.34 26.79 51.33
C LEU M 315 -44.03 26.06 52.46
N SER M 316 -43.27 25.35 53.29
CA SER M 316 -43.86 24.60 54.40
C SER M 316 -44.52 25.50 55.42
N LYS M 317 -44.18 26.79 55.45
CA LYS M 317 -44.83 27.77 56.31
C LYS M 317 -45.77 28.70 55.57
N LEU M 318 -45.85 28.60 54.25
CA LEU M 318 -46.59 29.55 53.43
C LEU M 318 -46.13 30.98 53.70
N VAL M 319 -44.81 31.16 53.77
CA VAL M 319 -44.19 32.47 53.88
C VAL M 319 -43.72 32.89 52.50
N GLU M 320 -44.05 34.12 52.12
CA GLU M 320 -43.76 34.59 50.78
C GLU M 320 -42.26 34.76 50.59
N ASN M 321 -41.86 34.91 49.34
CA ASN M 321 -40.44 35.09 49.01
C ASN M 321 -39.88 36.33 49.70
N GLN M 322 -38.67 36.18 50.24
CA GLN M 322 -38.00 37.28 50.90
C GLN M 322 -37.60 38.32 49.86
N ILE M 323 -38.31 39.45 49.83
CA ILE M 323 -37.87 40.57 49.01
C ILE M 323 -36.61 41.14 49.64
N VAL M 324 -35.54 41.19 48.87
CA VAL M 324 -34.22 41.61 49.37
C VAL M 324 -33.56 42.51 48.33
N GLY M 325 -33.11 43.69 48.78
CA GLY M 325 -32.36 44.57 47.93
C GLY M 325 -30.87 44.27 47.98
N HIS M 326 -30.15 44.70 46.94
CA HIS M 326 -28.73 44.39 46.85
C HIS M 326 -28.08 45.38 45.90
N CYS M 327 -26.94 45.93 46.33
CA CYS M 327 -26.18 46.85 45.50
C CYS M 327 -24.70 46.67 45.79
N TYR M 328 -23.90 46.63 44.72
CA TYR M 328 -22.45 46.43 44.80
C TYR M 328 -21.81 47.72 44.29
N ARG M 329 -21.40 48.58 45.21
CA ARG M 329 -20.95 49.92 44.89
C ARG M 329 -19.69 50.24 45.69
N GLY M 330 -19.17 51.44 45.48
CA GLY M 330 -18.03 51.91 46.23
C GLY M 330 -17.70 53.32 45.82
N ALA M 331 -16.90 53.98 46.65
CA ALA M 331 -16.53 55.37 46.45
C ALA M 331 -15.04 55.53 46.70
N PHE M 332 -14.49 56.58 46.10
CA PHE M 332 -13.07 56.92 46.24
C PHE M 332 -12.98 58.43 46.44
N ALA M 333 -12.86 58.85 47.69
CA ALA M 333 -12.84 60.26 48.05
C ALA M 333 -11.41 60.78 48.02
N ALA M 334 -11.20 61.99 48.53
CA ALA M 334 -9.86 62.58 48.53
C ALA M 334 -9.85 63.78 49.48
N VAL M 335 -8.65 64.32 49.68
CA VAL M 335 -8.44 65.51 50.48
C VAL M 335 -7.91 66.68 49.67
N GLU M 336 -7.27 66.43 48.52
CA GLU M 336 -6.77 67.51 47.69
C GLU M 336 -7.90 68.39 47.18
N GLU M 337 -9.10 67.83 47.04
CA GLU M 337 -10.21 68.57 46.43
C GLU M 337 -10.90 69.50 47.40
N ASN M 338 -10.87 69.20 48.70
CA ASN M 338 -11.82 69.74 49.65
C ASN M 338 -11.18 70.74 50.61
N VAL M 339 -11.97 71.73 50.98
CA VAL M 339 -11.58 72.78 51.92
C VAL M 339 -12.74 72.97 52.89
N GLN M 340 -12.44 72.86 54.19
CA GLN M 340 -13.46 73.02 55.22
C GLN M 340 -13.62 74.49 55.56
N GLU M 341 -14.83 74.85 56.00
CA GLU M 341 -15.15 76.18 56.49
C GLU M 341 -15.76 76.08 57.88
N ILE M 342 -15.97 77.24 58.50
CA ILE M 342 -16.69 77.36 59.75
C ILE M 342 -17.75 78.45 59.58
N SER M 343 -19.00 78.10 59.86
CA SER M 343 -20.12 79.00 59.65
C SER M 343 -20.19 79.46 58.20
N LEU N 69 -9.74 36.50 37.44
CA LEU N 69 -10.85 37.40 37.11
C LEU N 69 -10.35 38.60 36.31
N ARG N 70 -11.28 39.40 35.81
CA ARG N 70 -10.92 40.53 34.96
C ARG N 70 -10.12 41.58 35.74
N LYS N 71 -9.20 42.23 35.04
CA LYS N 71 -8.33 43.24 35.60
C LYS N 71 -8.72 44.60 35.02
N VAL N 72 -9.02 45.56 35.90
CA VAL N 72 -9.42 46.90 35.52
C VAL N 72 -8.59 47.89 36.32
N VAL N 73 -8.14 48.95 35.64
CA VAL N 73 -7.27 49.96 36.24
C VAL N 73 -8.09 51.19 36.55
N LEU N 74 -7.76 51.86 37.65
CA LEU N 74 -8.46 53.08 38.06
C LEU N 74 -7.92 54.22 37.23
N ASP N 75 -8.70 54.65 36.23
CA ASP N 75 -8.26 55.67 35.28
C ASP N 75 -8.27 57.03 35.98
N VAL N 76 -7.26 57.23 36.81
CA VAL N 76 -7.12 58.45 37.58
C VAL N 76 -6.24 59.44 36.81
N GLU N 77 -6.35 60.71 37.19
CA GLU N 77 -5.65 61.79 36.49
C GLU N 77 -4.30 62.03 37.15
N LEU N 78 -3.23 61.63 36.47
CA LEU N 78 -1.86 61.89 36.90
C LEU N 78 -1.06 62.37 35.69
N GLY N 79 0.18 62.70 35.93
CA GLY N 79 1.06 63.29 34.93
C GLY N 79 1.39 64.73 35.27
N ARG N 80 2.57 65.16 34.83
CA ARG N 80 3.03 66.50 35.15
C ARG N 80 2.21 67.55 34.40
N GLU N 81 2.17 68.75 34.97
CA GLU N 81 1.36 69.82 34.41
C GLU N 81 2.02 70.40 33.15
N GLN N 82 1.18 70.87 32.23
CA GLN N 82 1.70 71.53 31.04
C GLN N 82 2.21 72.92 31.37
N VAL N 83 3.27 73.32 30.68
CA VAL N 83 3.92 74.61 30.89
C VAL N 83 3.66 75.49 29.68
N GLN N 84 3.29 76.74 29.92
CA GLN N 84 2.92 77.69 28.88
C GLN N 84 3.95 78.81 28.80
N LEU N 85 4.06 79.39 27.61
CA LEU N 85 5.02 80.46 27.34
C LEU N 85 4.38 81.78 27.73
N LEU N 86 4.71 82.28 28.92
CA LEU N 86 4.10 83.49 29.45
C LEU N 86 4.88 84.76 29.10
N TYR N 87 6.09 84.64 28.56
CA TYR N 87 6.92 85.80 28.29
C TYR N 87 6.51 86.56 27.04
N LYS N 88 5.73 85.94 26.15
CA LYS N 88 5.51 86.50 24.82
C LYS N 88 4.94 87.91 24.80
N PRO N 89 3.97 88.28 25.63
CA PRO N 89 3.45 89.65 25.57
C PRO N 89 4.49 90.72 25.85
N ILE N 90 5.56 90.40 26.56
CA ILE N 90 6.58 91.40 26.88
C ILE N 90 7.56 91.54 25.72
N TYR N 91 8.28 90.47 25.41
CA TYR N 91 9.42 90.58 24.51
C TYR N 91 8.98 90.78 23.08
N ASP N 92 9.84 91.46 22.31
CA ASP N 92 9.65 91.65 20.87
C ASP N 92 10.51 90.62 20.14
N SER N 93 9.86 89.64 19.51
CA SER N 93 10.58 88.55 18.89
C SER N 93 11.39 89.04 17.69
N ILE N 94 12.57 88.46 17.51
CA ILE N 94 13.42 88.71 16.36
C ILE N 94 13.89 87.34 15.86
N ALA N 95 13.23 86.82 14.83
CA ALA N 95 13.52 85.49 14.29
C ALA N 95 14.42 85.64 13.09
N ASP N 96 15.66 85.16 13.21
CA ASP N 96 16.61 85.19 12.11
C ASP N 96 17.72 84.20 12.40
N SER N 97 17.88 83.20 11.55
CA SER N 97 18.93 82.20 11.75
C SER N 97 20.32 82.74 11.46
N ASN N 98 20.45 83.94 10.89
CA ASN N 98 21.73 84.49 10.49
C ASN N 98 22.41 85.29 11.59
N LEU N 99 21.83 85.36 12.79
CA LEU N 99 22.36 86.24 13.80
C LEU N 99 23.72 85.74 14.30
N PRO N 100 24.64 86.63 14.67
CA PRO N 100 25.89 86.21 15.31
C PRO N 100 25.71 86.08 16.81
N GLN N 101 26.75 85.55 17.47
CA GLN N 101 26.64 85.33 18.91
C GLN N 101 26.59 86.63 19.70
N VAL N 102 27.07 87.74 19.13
CA VAL N 102 27.02 89.05 19.77
C VAL N 102 26.41 90.04 18.80
N MET N 103 25.35 90.73 19.24
CA MET N 103 24.59 91.59 18.36
C MET N 103 25.27 92.93 18.18
N ASP N 104 25.07 93.52 17.01
CA ASP N 104 25.64 94.83 16.70
C ASP N 104 25.05 95.89 17.63
N ALA N 105 25.90 96.84 18.03
CA ALA N 105 25.47 97.98 18.83
C ALA N 105 25.00 99.10 17.92
N LYS N 106 23.79 99.58 18.14
CA LYS N 106 23.26 100.69 17.33
C LYS N 106 23.99 101.98 17.69
N TRP N 107 24.28 102.79 16.68
CA TRP N 107 25.02 104.04 16.84
C TRP N 107 24.25 105.18 16.21
N ALA N 108 24.43 106.37 16.76
CA ALA N 108 23.82 107.57 16.21
C ALA N 108 24.66 108.78 16.59
N LEU N 109 24.54 109.84 15.81
CA LEU N 109 25.31 111.06 15.96
C LEU N 109 24.37 112.21 16.30
N GLN N 110 24.70 112.98 17.33
CA GLN N 110 23.87 114.06 17.81
C GLN N 110 24.73 115.29 18.03
N GLY N 111 24.24 116.45 17.57
CA GLY N 111 24.96 117.70 17.71
C GLY N 111 24.38 118.59 18.79
N ASN N 112 25.16 118.85 19.83
CA ASN N 112 24.71 119.61 20.99
C ASN N 112 25.13 121.07 20.82
N CYS N 113 24.18 121.98 21.05
CA CYS N 113 24.45 123.41 20.99
C CYS N 113 23.55 124.11 22.02
N VAL N 114 24.02 125.27 22.49
CA VAL N 114 23.32 126.05 23.50
C VAL N 114 23.31 127.50 23.08
N PHE N 115 22.15 128.15 23.21
CA PHE N 115 22.00 129.56 22.87
C PHE N 115 22.28 130.40 24.11
N LEU N 116 23.36 131.19 24.04
CA LEU N 116 23.67 132.19 25.06
C LEU N 116 23.43 133.57 24.48
N GLU N 117 22.70 134.41 25.20
CA GLU N 117 22.31 135.69 24.66
C GLU N 117 23.53 136.59 24.52
N HIS N 118 23.72 137.12 23.32
CA HIS N 118 24.87 137.95 22.97
C HIS N 118 24.72 139.33 23.61
N ILE N 119 25.87 139.97 23.88
CA ILE N 119 25.89 141.27 24.56
C ILE N 119 26.09 142.39 23.55
N GLU N 120 27.18 142.33 22.77
CA GLU N 120 27.69 143.35 21.85
C GLU N 120 29.21 143.38 21.91
N GLY N 121 29.87 142.38 21.33
CA GLY N 121 31.31 142.28 21.29
C GLY N 121 31.91 141.10 22.02
N GLU N 122 31.16 140.02 22.22
CA GLU N 122 31.67 138.78 22.82
C GLU N 122 31.65 137.68 21.78
N GLU N 123 32.73 136.91 21.72
CA GLU N 123 32.78 135.77 20.80
C GLU N 123 31.72 134.76 21.17
N ILE N 124 30.98 134.28 20.17
CA ILE N 124 29.94 133.29 20.39
C ILE N 124 30.59 131.92 20.56
N LYS N 125 30.28 131.25 21.66
CA LYS N 125 30.83 129.93 21.90
C LYS N 125 30.16 128.91 20.97
N PHE N 126 30.93 127.92 20.56
CA PHE N 126 30.48 126.91 19.62
C PHE N 126 30.14 125.60 20.34
N GLY N 127 29.21 124.85 19.76
CA GLY N 127 28.79 123.60 20.31
C GLY N 127 29.75 122.48 19.98
N THR N 128 29.31 121.26 20.29
CA THR N 128 30.08 120.05 20.04
C THR N 128 29.14 118.98 19.51
N ILE N 129 29.68 117.78 19.32
CA ILE N 129 28.94 116.63 18.81
C ILE N 129 29.19 115.45 19.72
N ASN N 130 28.14 114.67 19.97
CA ASN N 130 28.22 113.47 20.80
C ASN N 130 27.57 112.32 20.05
N ALA N 131 27.97 111.11 20.42
CA ALA N 131 27.54 109.89 19.74
C ALA N 131 26.78 109.00 20.72
N GLU N 132 25.56 108.63 20.35
CA GLU N 132 24.79 107.66 21.12
C GLU N 132 25.28 106.26 20.78
N ASN N 133 25.35 105.42 21.81
CA ASN N 133 25.75 104.02 21.66
C ASN N 133 24.66 103.14 22.27
N GLY N 134 24.12 102.22 21.48
CA GLY N 134 23.09 101.34 21.94
C GLY N 134 23.66 100.22 22.78
N PRO N 135 22.77 99.38 23.29
CA PRO N 135 23.19 98.23 24.10
C PRO N 135 23.64 97.07 23.20
N VAL N 136 24.22 96.07 23.86
CA VAL N 136 24.76 94.89 23.20
C VAL N 136 24.05 93.66 23.74
N ALA N 137 23.58 92.80 22.85
CA ALA N 137 22.92 91.55 23.22
C ALA N 137 23.74 90.38 22.72
N ARG N 138 23.67 89.28 23.46
CA ARG N 138 24.45 88.07 23.18
C ARG N 138 23.51 86.89 23.03
N ILE N 139 23.81 86.02 22.06
CA ILE N 139 23.04 84.81 21.81
C ILE N 139 23.82 83.63 22.38
N GLN N 140 23.14 82.80 23.17
CA GLN N 140 23.75 81.68 23.87
C GLN N 140 23.13 80.39 23.36
N THR N 141 23.74 79.27 23.78
CA THR N 141 23.32 77.94 23.37
C THR N 141 22.94 77.12 24.61
N TYR N 142 21.81 76.44 24.53
CA TYR N 142 21.34 75.55 25.59
C TYR N 142 21.10 74.18 24.98
N ALA N 143 21.26 73.14 25.80
CA ALA N 143 21.09 71.79 25.28
C ALA N 143 20.95 70.80 26.41
N THR N 144 20.25 69.70 26.13
CA THR N 144 20.10 68.58 27.06
C THR N 144 19.56 67.40 26.28
N GLY N 145 19.87 66.20 26.77
CA GLY N 145 19.45 64.99 26.12
C GLY N 145 19.19 63.89 27.13
N PHE N 146 18.84 62.73 26.61
CA PHE N 146 18.68 61.52 27.39
C PHE N 146 19.56 60.43 26.82
N GLU N 147 19.84 59.43 27.65
CA GLU N 147 20.57 58.23 27.23
C GLU N 147 19.75 57.03 27.70
N TYR N 148 18.80 56.61 26.87
CA TYR N 148 17.97 55.46 27.20
C TYR N 148 18.62 54.21 26.63
N THR N 149 18.74 53.19 27.48
CA THR N 149 19.47 51.97 27.15
C THR N 149 18.51 50.90 26.64
N LYS N 150 19.11 49.78 26.20
CA LYS N 150 18.30 48.62 25.85
C LYS N 150 17.58 48.07 27.07
N GLU N 151 18.24 48.08 28.23
CA GLU N 151 17.61 47.59 29.46
C GLU N 151 16.42 48.44 29.85
N MET N 152 16.55 49.76 29.77
CA MET N 152 15.42 50.64 30.04
C MET N 152 14.29 50.38 29.05
N LYS N 153 14.63 50.16 27.79
CA LYS N 153 13.61 49.88 26.78
C LYS N 153 12.89 48.57 27.08
N ASP N 154 13.61 47.57 27.59
CA ASP N 154 13.08 46.22 27.74
C ASP N 154 12.45 45.97 29.11
N PHE N 155 12.63 46.86 30.08
CA PHE N 155 11.98 46.67 31.38
C PHE N 155 10.47 46.84 31.26
N ASN N 156 10.02 48.03 30.90
CA ASN N 156 8.60 48.36 30.82
C ASN N 156 8.22 48.57 29.35
N GLN N 157 7.19 47.84 28.91
CA GLN N 157 6.72 47.99 27.54
C GLN N 157 6.04 49.32 27.31
N THR N 158 5.56 49.98 28.36
CA THR N 158 4.97 51.30 28.22
C THR N 158 5.99 52.35 27.77
N PHE N 159 7.29 52.09 27.96
CA PHE N 159 8.30 53.07 27.62
C PHE N 159 8.37 53.28 26.12
N SER N 160 8.64 54.52 25.72
CA SER N 160 8.90 54.86 24.34
C SER N 160 9.74 56.14 24.33
N VAL N 161 10.09 56.59 23.12
CA VAL N 161 10.83 57.85 23.00
C VAL N 161 9.90 59.06 23.09
N GLU N 162 8.59 58.85 22.93
CA GLU N 162 7.66 59.97 22.92
C GLU N 162 7.65 60.70 24.26
N ILE N 163 7.75 59.95 25.37
CA ILE N 163 7.79 60.60 26.67
C ILE N 163 9.07 61.43 26.81
N LEU N 164 10.18 60.95 26.25
CA LEU N 164 11.41 61.73 26.28
C LEU N 164 11.26 63.02 25.49
N ASN N 165 10.63 62.94 24.31
CA ASN N 165 10.40 64.15 23.53
C ASN N 165 9.48 65.11 24.26
N LYS N 166 8.46 64.58 24.93
CA LYS N 166 7.55 65.42 25.70
C LYS N 166 8.29 66.12 26.84
N SER N 167 9.18 65.40 27.52
CA SER N 167 9.97 66.01 28.58
C SER N 167 10.89 67.09 28.02
N ILE N 168 11.47 66.85 26.84
CA ILE N 168 12.31 67.86 26.21
C ILE N 168 11.50 69.11 25.94
N GLY N 169 10.30 68.95 25.38
CA GLY N 169 9.48 70.12 25.07
C GLY N 169 9.08 70.88 26.33
N GLU N 170 8.72 70.15 27.39
CA GLU N 170 8.32 70.81 28.63
C GLU N 170 9.48 71.59 29.23
N SER N 171 10.65 70.96 29.33
CA SER N 171 11.80 71.64 29.89
C SER N 171 12.21 72.83 29.02
N TYR N 172 12.04 72.70 27.70
CA TYR N 172 12.38 73.80 26.81
C TYR N 172 11.47 74.99 27.03
N ASN N 173 10.16 74.75 27.16
CA ASN N 173 9.24 75.85 27.42
C ASN N 173 9.53 76.51 28.76
N ALA N 174 9.82 75.70 29.77
CA ALA N 174 10.19 76.25 31.07
C ALA N 174 11.45 77.08 30.96
N LEU N 175 12.41 76.64 30.14
CA LEU N 175 13.63 77.41 29.95
C LEU N 175 13.35 78.73 29.26
N LEU N 176 12.45 78.74 28.28
CA LEU N 176 12.11 79.99 27.61
C LEU N 176 11.54 80.97 28.61
N ASN N 177 10.60 80.50 29.45
CA ASN N 177 10.06 81.37 30.48
C ASN N 177 11.16 81.85 31.42
N HIS N 178 12.08 80.97 31.79
CA HIS N 178 13.14 81.36 32.71
C HIS N 178 14.03 82.43 32.10
N ILE N 179 14.54 82.19 30.89
CA ILE N 179 15.46 83.12 30.25
C ILE N 179 14.80 84.48 30.10
N HIS N 180 13.53 84.51 29.72
CA HIS N 180 12.90 85.78 29.39
C HIS N 180 12.38 86.51 30.62
N LEU N 181 12.00 85.81 31.68
CA LEU N 181 11.40 86.46 32.84
C LEU N 181 12.37 86.64 34.00
N SER N 182 13.23 85.67 34.28
CA SER N 182 14.12 85.73 35.42
C SER N 182 15.07 86.93 35.42
N PRO N 183 15.40 87.55 34.28
CA PRO N 183 16.05 88.87 34.37
C PRO N 183 15.23 89.87 35.15
N ILE N 184 13.91 89.86 35.00
CA ILE N 184 13.07 90.75 35.79
C ILE N 184 13.05 90.31 37.25
N ILE N 185 13.01 89.00 37.50
CA ILE N 185 12.85 88.50 38.85
C ILE N 185 14.11 88.78 39.68
N ASN N 186 15.27 88.42 39.15
CA ASN N 186 16.51 88.42 39.93
C ASN N 186 17.23 89.76 39.92
N PHE N 187 16.73 90.77 39.22
CA PHE N 187 17.41 92.05 39.19
C PHE N 187 17.43 92.67 40.56
N ASN N 188 18.53 93.38 40.87
CA ASN N 188 18.67 94.09 42.13
C ASN N 188 18.10 95.49 41.94
N TYR N 189 16.80 95.62 42.15
CA TYR N 189 16.14 96.90 41.95
C TYR N 189 16.60 97.91 42.98
N LYS N 190 16.79 99.15 42.54
CA LYS N 190 17.18 100.23 43.41
C LYS N 190 15.93 100.93 43.97
N ALA N 191 16.16 101.99 44.75
CA ALA N 191 15.04 102.68 45.38
C ALA N 191 14.13 103.34 44.35
N SER N 192 14.66 103.67 43.17
CA SER N 192 13.85 104.34 42.15
C SER N 192 12.72 103.43 41.67
N ASN N 193 13.01 102.14 41.48
CA ASN N 193 12.07 101.21 40.88
C ASN N 193 11.27 100.40 41.90
N LYS N 194 11.40 100.71 43.19
CA LYS N 194 10.73 99.96 44.25
C LYS N 194 9.65 100.83 44.88
N THR N 195 8.45 100.27 44.98
CA THR N 195 7.33 100.90 45.67
C THR N 195 6.82 99.94 46.74
N ALA N 196 6.64 100.46 47.96
CA ALA N 196 6.30 99.65 49.11
C ALA N 196 4.79 99.49 49.25
N PHE N 197 4.38 98.38 49.85
CA PHE N 197 2.97 98.17 50.15
C PHE N 197 2.49 99.25 51.11
N LYS N 198 1.26 99.72 50.89
CA LYS N 198 0.71 100.89 51.57
C LYS N 198 -0.66 100.59 52.16
N GLY N 199 -0.79 99.47 52.86
CA GLY N 199 -2.01 99.21 53.59
C GLY N 199 -2.18 100.22 54.71
N THR N 201 -3.14 101.14 54.55
CA THR N 201 -3.27 102.27 55.47
C THR N 201 -3.60 101.82 56.89
N ASN N 202 -4.80 101.26 57.08
CA ASN N 202 -5.20 100.79 58.40
C ASN N 202 -6.37 99.83 58.23
N ASP N 203 -6.18 98.58 58.68
CA ASP N 203 -7.11 97.45 58.58
C ASP N 203 -7.97 97.47 57.32
N PRO N 204 -7.39 97.60 56.13
CA PRO N 204 -8.21 97.65 54.92
C PRO N 204 -8.55 96.24 54.44
N ILE N 205 -9.64 96.17 53.67
CA ILE N 205 -9.91 94.96 52.91
C ILE N 205 -8.71 94.69 52.01
N TRP N 206 -8.49 93.42 51.69
CA TRP N 206 -7.27 93.02 51.00
C TRP N 206 -7.16 93.60 49.59
N LEU N 207 -8.22 94.18 49.03
CA LEU N 207 -8.12 94.94 47.80
C LEU N 207 -7.59 96.34 48.02
N GLY N 208 -6.97 96.62 49.16
CA GLY N 208 -6.09 97.77 49.31
C GLY N 208 -4.80 97.66 48.53
N ILE N 209 -4.53 96.51 47.92
CA ILE N 209 -3.48 96.39 46.91
C ILE N 209 -3.76 97.31 45.73
N TRP N 210 -5.03 97.67 45.50
CA TRP N 210 -5.38 98.59 44.42
C TRP N 210 -4.57 99.87 44.51
N ARG N 211 -4.48 100.46 45.70
CA ARG N 211 -3.76 101.73 45.81
C ARG N 211 -2.26 101.52 45.63
N THR N 212 -1.75 100.33 45.93
CA THR N 212 -0.35 100.04 45.63
C THR N 212 -0.11 100.00 44.13
N LEU N 213 -1.00 99.37 43.37
CA LEU N 213 -0.83 99.31 41.92
C LEU N 213 -0.90 100.68 41.30
N THR N 214 -1.83 101.53 41.77
CA THR N 214 -1.91 102.88 41.24
C THR N 214 -0.64 103.66 41.55
N GLN N 215 -0.09 103.49 42.76
CA GLN N 215 1.17 104.14 43.09
C GLN N 215 2.29 103.64 42.18
N ALA N 216 2.28 102.35 41.86
CA ALA N 216 3.24 101.85 40.89
C ALA N 216 3.04 102.51 39.53
N GLN N 217 1.79 102.68 39.11
CA GLN N 217 1.53 103.38 37.85
C GLN N 217 2.01 104.82 37.92
N LYS N 218 1.79 105.49 39.06
CA LYS N 218 2.28 106.85 39.19
C LYS N 218 3.80 106.90 39.13
N ASP N 219 4.47 105.89 39.70
CA ASP N 219 5.93 105.87 39.66
C ASP N 219 6.44 105.71 38.23
N THR N 220 5.78 104.87 37.43
CA THR N 220 6.19 104.73 36.04
C THR N 220 5.93 106.02 35.26
N VAL N 221 4.73 106.59 35.41
CA VAL N 221 4.36 107.75 34.61
C VAL N 221 5.19 108.96 35.01
N ILE N 222 5.41 109.17 36.31
CA ILE N 222 6.23 110.30 36.71
C ILE N 222 7.67 110.10 36.28
N ALA N 223 8.11 108.85 36.15
CA ALA N 223 9.42 108.52 35.59
C ALA N 223 9.38 108.31 34.08
N LYS N 224 8.25 108.62 33.44
CA LYS N 224 8.10 108.50 31.99
C LYS N 224 8.26 107.07 31.50
N ARG N 225 7.92 106.10 32.35
CA ARG N 225 7.65 104.74 31.93
C ARG N 225 6.13 104.55 31.86
N GLN N 226 5.70 103.37 31.44
CA GLN N 226 4.29 103.02 31.42
C GLN N 226 4.16 101.54 31.75
N GLY N 227 3.32 101.23 32.72
CA GLY N 227 3.13 99.87 33.16
C GLY N 227 2.01 99.16 32.43
N ASN N 228 2.18 98.95 31.13
CA ASN N 228 1.13 98.28 30.36
C ASN N 228 0.97 96.82 30.75
N ILE N 229 2.02 96.20 31.29
CA ILE N 229 2.01 94.79 31.67
C ILE N 229 2.36 94.69 33.15
N LEU N 230 1.70 93.77 33.84
CA LEU N 230 1.97 93.45 35.23
C LEU N 230 2.38 91.98 35.33
N MET N 231 3.26 91.68 36.28
CA MET N 231 3.68 90.32 36.55
C MET N 231 3.63 90.08 38.05
N ALA N 232 2.96 89.00 38.45
CA ALA N 232 2.82 88.65 39.86
C ALA N 232 2.74 87.14 39.97
N SER N 233 2.56 86.66 41.19
CA SER N 233 2.46 85.24 41.45
C SER N 233 1.02 84.78 41.26
N SER N 234 0.85 83.46 41.12
CA SER N 234 -0.49 82.91 41.06
C SER N 234 -1.22 83.02 42.39
N ALA N 235 -0.49 83.21 43.49
CA ALA N 235 -1.13 83.30 44.79
C ALA N 235 -2.07 84.50 44.88
N ASP N 236 -1.67 85.63 44.30
CA ASP N 236 -2.43 86.87 44.39
C ASP N 236 -3.30 87.12 43.16
N GLN N 237 -3.64 86.07 42.42
CA GLN N 237 -4.37 86.29 41.18
C GLN N 237 -5.80 86.77 41.45
N ILE N 238 -6.46 86.20 42.45
CA ILE N 238 -7.83 86.62 42.75
C ILE N 238 -7.83 88.07 43.23
N GLU N 239 -6.91 88.39 44.13
CA GLU N 239 -6.93 89.73 44.71
C GLU N 239 -6.52 90.78 43.69
N ILE N 240 -5.53 90.48 42.86
CA ILE N 240 -5.13 91.42 41.82
C ILE N 240 -6.27 91.61 40.81
N GLU N 241 -6.93 90.51 40.42
CA GLU N 241 -8.06 90.62 39.51
C GLU N 241 -9.17 91.46 40.12
N MET N 242 -9.46 91.25 41.40
CA MET N 242 -10.43 92.10 42.09
C MET N 242 -9.95 93.54 42.13
N ALA N 243 -8.66 93.74 42.39
CA ALA N 243 -8.12 95.09 42.47
C ALA N 243 -8.13 95.77 41.11
N LEU N 244 -7.83 95.03 40.05
CA LEU N 244 -7.79 95.62 38.71
C LEU N 244 -9.17 96.14 38.31
N ASN N 245 -10.19 95.31 38.44
CA ASN N 245 -11.55 95.77 38.19
C ASN N 245 -11.95 96.81 39.24
N GLY N 246 -13.06 97.47 38.99
CA GLY N 246 -13.57 98.41 39.96
C GLY N 246 -13.93 97.71 41.25
N GLY N 247 -13.14 97.95 42.30
CA GLY N 247 -13.45 97.35 43.58
C GLY N 247 -14.82 97.76 44.07
N HIS N 248 -15.47 96.84 44.79
CA HIS N 248 -16.84 97.09 45.22
C HIS N 248 -16.90 98.31 46.14
N LEU N 249 -18.07 98.95 46.16
CA LEU N 249 -18.28 100.10 47.02
C LEU N 249 -18.00 99.72 48.46
N LEU N 250 -17.35 100.62 49.19
CA LEU N 250 -16.88 100.31 50.54
C LEU N 250 -16.86 101.59 51.36
N ASN N 251 -17.72 101.66 52.38
CA ASN N 251 -17.79 102.78 53.31
C ASN N 251 -18.02 104.10 52.56
N GLY N 252 -18.87 104.05 51.54
CA GLY N 252 -19.16 105.25 50.77
C GLY N 252 -17.95 105.80 50.05
N SER N 253 -17.13 104.92 49.47
CA SER N 253 -15.95 105.32 48.72
C SER N 253 -15.75 104.31 47.60
N MET N 254 -16.05 104.71 46.38
CA MET N 254 -15.92 103.86 45.21
C MET N 254 -14.60 104.18 44.51
N TYR N 255 -13.73 103.17 44.39
CA TYR N 255 -12.43 103.33 43.75
C TYR N 255 -12.52 102.94 42.27
N PRO N 256 -12.10 103.78 41.32
CA PRO N 256 -12.23 103.40 39.92
C PRO N 256 -11.27 102.29 39.55
N SER N 257 -11.63 101.57 38.48
CA SER N 257 -10.82 100.47 38.02
C SER N 257 -9.48 100.97 37.47
N ILE N 258 -8.47 100.11 37.52
CA ILE N 258 -7.18 100.38 36.91
C ILE N 258 -7.26 99.97 35.46
N LYS N 259 -7.10 100.93 34.55
CA LYS N 259 -7.40 100.72 33.13
C LYS N 259 -6.18 100.41 32.28
N ASN N 260 -5.07 101.11 32.50
CA ASN N 260 -3.96 101.04 31.56
C ASN N 260 -3.22 99.71 31.58
N ILE N 261 -3.45 98.86 32.58
CA ILE N 261 -2.82 97.54 32.62
C ILE N 261 -3.56 96.66 31.62
N SER N 262 -2.95 96.40 30.47
CA SER N 262 -3.61 95.62 29.44
C SER N 262 -3.84 94.18 29.90
N THR N 263 -2.84 93.58 30.54
CA THR N 263 -2.96 92.20 31.00
C THR N 263 -1.94 91.97 32.12
N VAL N 264 -2.14 90.87 32.83
CA VAL N 264 -1.28 90.48 33.95
C VAL N 264 -0.81 89.05 33.71
N ILE N 265 0.47 88.82 33.96
CA ILE N 265 1.11 87.52 33.72
C ILE N 265 1.38 86.89 35.08
N TYR N 266 0.78 85.73 35.32
CA TYR N 266 0.98 84.98 36.56
C TYR N 266 2.03 83.91 36.29
N TYR N 267 3.24 84.14 36.79
CA TYR N 267 4.39 83.29 36.52
C TYR N 267 4.87 82.68 37.84
N ASP N 268 4.46 81.45 38.11
CA ASP N 268 5.08 80.66 39.16
C ASP N 268 6.36 80.03 38.63
N GLY N 269 7.14 79.48 39.55
CA GLY N 269 8.40 78.89 39.16
C GLY N 269 8.26 77.61 38.36
N TRP N 270 9.30 76.78 38.36
CA TRP N 270 9.23 75.47 37.71
C TRP N 270 10.35 74.62 38.27
N GLU N 271 9.99 73.55 38.96
CA GLU N 271 10.95 72.66 39.60
C GLU N 271 10.93 71.31 38.91
N VAL N 272 12.11 70.74 38.72
CA VAL N 272 12.26 69.40 38.16
C VAL N 272 13.36 68.68 38.92
N THR N 273 13.12 67.41 39.20
CA THR N 273 14.09 66.54 39.87
C THR N 273 14.68 65.61 38.83
N VAL N 274 15.95 65.83 38.50
CA VAL N 274 16.69 64.98 37.57
C VAL N 274 17.75 64.25 38.37
N GLY N 275 17.74 62.93 38.28
CA GLY N 275 18.65 62.11 39.04
C GLY N 275 18.58 62.39 40.52
N LYS N 276 19.66 62.96 41.08
CA LYS N 276 19.72 63.41 42.46
C LYS N 276 19.90 64.91 42.56
N LYS N 277 19.60 65.65 41.50
CA LYS N 277 19.71 67.10 41.46
C LYS N 277 18.36 67.70 41.16
N THR N 278 18.01 68.76 41.88
CA THR N 278 16.77 69.50 41.68
C THR N 278 17.10 70.88 41.13
N TYR N 279 16.60 71.17 39.93
CA TYR N 279 16.80 72.45 39.27
C TYR N 279 15.49 73.20 39.28
N SER N 280 15.48 74.38 39.88
CA SER N 280 14.26 75.16 40.09
C SER N 280 14.44 76.54 39.51
N TYR N 281 13.59 76.90 38.55
CA TYR N 281 13.53 78.26 38.04
C TYR N 281 12.61 79.05 38.95
N LYS N 282 13.19 79.86 39.82
CA LYS N 282 12.42 80.60 40.81
C LYS N 282 11.51 81.61 40.13
N GLY N 283 10.21 81.38 40.23
CA GLY N 283 9.23 82.28 39.66
C GLY N 283 9.07 83.53 40.51
N VAL N 284 7.92 84.18 40.33
CA VAL N 284 7.65 85.40 41.09
C VAL N 284 7.44 85.04 42.56
N THR N 285 8.16 85.73 43.43
CA THR N 285 7.95 85.52 44.85
C THR N 285 6.53 85.94 45.22
N PRO N 286 5.81 85.16 46.03
CA PRO N 286 4.45 85.60 46.40
C PRO N 286 4.48 86.90 47.17
N GLY N 287 3.48 87.74 46.92
CA GLY N 287 3.44 89.08 47.47
C GLY N 287 4.06 90.10 46.53
N LYS N 288 5.32 89.92 46.19
CA LYS N 288 5.99 90.85 45.30
C LYS N 288 5.44 90.75 43.89
N GLY N 289 5.38 91.91 43.21
CA GLY N 289 4.92 91.96 41.84
C GLY N 289 5.76 92.93 41.04
N TYR N 290 5.73 92.76 39.73
CA TYR N 290 6.56 93.54 38.81
C TYR N 290 5.68 94.13 37.72
N LEU N 291 5.96 95.39 37.38
CA LEU N 291 5.22 96.13 36.37
C LEU N 291 6.18 96.51 35.25
N ILE N 292 5.77 96.26 34.01
CA ILE N 292 6.67 96.20 32.87
C ILE N 292 6.14 97.09 31.75
N ARG N 293 7.05 97.75 31.03
CA ARG N 293 6.74 98.32 29.72
C ARG N 293 7.17 97.31 28.67
N PRO N 294 6.25 96.69 27.92
CA PRO N 294 6.55 95.38 27.33
C PRO N 294 7.64 95.33 26.27
N LYS N 295 7.48 96.08 25.18
CA LYS N 295 8.22 95.76 23.96
C LYS N 295 9.43 96.65 23.73
N ARG N 296 9.51 97.81 24.36
CA ARG N 296 10.56 98.77 24.03
C ARG N 296 11.94 98.23 24.41
N GLY N 297 12.09 97.76 25.65
CA GLY N 297 13.39 97.38 26.18
C GLY N 297 13.60 95.89 26.36
N PHE N 298 12.77 95.07 25.72
CA PHE N 298 12.86 93.62 25.82
C PHE N 298 12.86 93.04 24.42
N LYS N 299 13.96 92.39 24.04
CA LYS N 299 14.14 91.83 22.71
C LYS N 299 14.50 90.36 22.85
N GLU N 300 13.70 89.50 22.23
CA GLU N 300 14.00 88.08 22.12
C GLU N 300 14.72 87.83 20.81
N LEU N 301 15.73 86.96 20.85
CA LEU N 301 16.58 86.66 19.70
C LEU N 301 16.49 85.17 19.42
N ILE N 302 15.77 84.81 18.37
CA ILE N 302 15.52 83.42 18.02
C ILE N 302 16.42 83.08 16.84
N LYS N 303 17.61 82.54 17.13
CA LYS N 303 18.48 82.05 16.07
C LYS N 303 18.06 80.64 15.67
N ARG N 304 17.64 79.82 16.63
CA ARG N 304 17.22 78.45 16.34
C ARG N 304 16.30 78.04 17.48
N ASP N 305 15.01 77.86 17.19
CA ASP N 305 14.04 77.68 18.27
C ASP N 305 14.30 76.39 19.05
N LEU N 306 14.39 75.26 18.35
CA LEU N 306 14.68 73.99 19.00
C LEU N 306 14.92 72.94 17.92
N THR N 307 15.94 72.12 18.12
CA THR N 307 16.25 71.04 17.19
C THR N 307 16.72 69.83 17.97
N THR N 308 16.07 68.70 17.76
CA THR N 308 16.38 67.45 18.42
C THR N 308 16.93 66.46 17.40
N GLU N 309 17.91 65.67 17.82
CA GLU N 309 18.55 64.72 16.92
C GLU N 309 18.97 63.48 17.71
N VAL N 310 19.11 62.38 16.99
CA VAL N 310 19.34 61.07 17.57
C VAL N 310 20.41 60.35 16.75
N GLY N 311 21.32 59.66 17.43
CA GLY N 311 22.37 58.94 16.74
C GLY N 311 22.99 57.87 17.61
N ASN N 312 23.46 56.80 16.97
CA ASN N 312 24.15 55.70 17.63
C ASN N 312 25.35 55.25 16.81
N ALA N 313 26.12 56.22 16.31
CA ALA N 313 27.24 55.87 15.43
C ALA N 313 28.34 55.12 16.18
N ASP N 314 28.62 55.51 17.43
CA ASP N 314 29.76 54.99 18.18
C ASP N 314 29.42 54.71 19.64
N LEU N 315 28.17 54.42 19.93
CA LEU N 315 27.73 54.20 21.30
C LEU N 315 27.92 52.74 21.70
N SER N 316 27.71 52.48 22.99
CA SER N 316 27.90 51.14 23.53
C SER N 316 26.83 50.19 22.98
N LYS N 317 27.11 48.89 23.09
CA LYS N 317 26.14 47.90 22.66
C LYS N 317 24.89 47.94 23.52
N LEU N 318 25.03 48.22 24.82
CA LEU N 318 23.88 48.25 25.72
C LEU N 318 23.11 49.56 25.66
N VAL N 319 23.66 50.61 25.06
CA VAL N 319 23.03 51.93 25.00
C VAL N 319 22.36 52.07 23.65
N GLU N 320 21.04 52.26 23.66
CA GLU N 320 20.33 52.61 22.45
C GLU N 320 20.67 54.06 22.08
N ASN N 321 20.24 54.46 20.88
CA ASN N 321 20.57 55.78 20.34
C ASN N 321 20.14 56.91 21.26
N GLN N 322 21.10 57.63 21.82
CA GLN N 322 20.78 58.73 22.71
C GLN N 322 20.18 59.90 21.94
N ILE N 323 19.27 60.61 22.61
CA ILE N 323 18.53 61.73 22.04
C ILE N 323 19.06 63.01 22.68
N VAL N 324 19.30 64.02 21.86
CA VAL N 324 19.87 65.29 22.30
C VAL N 324 19.12 66.42 21.61
N GLY N 325 18.83 67.47 22.37
CA GLY N 325 18.20 68.66 21.82
C GLY N 325 18.96 69.89 22.23
N HIS N 326 18.86 70.92 21.38
CA HIS N 326 19.60 72.15 21.61
C HIS N 326 18.87 73.30 20.93
N CYS N 327 19.25 74.52 21.31
CA CYS N 327 18.63 75.71 20.73
C CYS N 327 19.53 76.91 20.95
N TYR N 328 19.74 77.68 19.89
CA TYR N 328 20.44 78.96 19.97
C TYR N 328 19.41 80.03 20.29
N ARG N 329 19.68 80.82 21.33
CA ARG N 329 18.71 81.80 21.78
C ARG N 329 19.42 82.86 22.61
N GLY N 330 18.78 84.02 22.70
CA GLY N 330 19.32 85.11 23.49
C GLY N 330 18.25 86.13 23.77
N ALA N 331 18.31 86.73 24.96
CA ALA N 331 17.33 87.70 25.42
C ALA N 331 18.06 88.90 26.02
N PHE N 332 17.45 90.07 25.86
CA PHE N 332 18.01 91.33 26.32
C PHE N 332 17.01 92.02 27.22
N ALA N 333 17.27 92.03 28.52
CA ALA N 333 16.40 92.65 29.51
C ALA N 333 16.81 94.11 29.71
N ALA N 334 16.24 94.76 30.73
CA ALA N 334 16.58 96.14 31.01
C ALA N 334 16.04 96.52 32.38
N VAL N 335 16.55 97.65 32.88
CA VAL N 335 16.00 98.34 34.05
C VAL N 335 15.23 99.60 33.67
N GLU N 336 15.25 99.99 32.40
CA GLU N 336 14.49 101.15 31.95
C GLU N 336 12.98 100.95 32.08
N GLU N 337 12.52 99.71 32.26
CA GLU N 337 11.11 99.36 32.11
C GLU N 337 10.45 98.83 33.37
N ASN N 338 11.20 98.33 34.34
CA ASN N 338 10.64 97.58 35.46
C ASN N 338 10.39 98.47 36.67
N VAL N 339 9.29 98.21 37.37
CA VAL N 339 9.02 98.76 38.69
C VAL N 339 8.57 97.61 39.57
N GLN N 340 9.19 97.47 40.73
CA GLN N 340 8.99 96.31 41.60
C GLN N 340 8.02 96.68 42.71
N GLU N 341 6.87 96.00 42.73
CA GLU N 341 5.82 96.22 43.71
C GLU N 341 5.88 95.16 44.79
N ILE N 342 5.37 95.51 45.97
CA ILE N 342 5.22 94.59 47.10
C ILE N 342 3.74 94.50 47.43
N SER N 343 3.23 93.27 47.48
CA SER N 343 1.80 93.03 47.69
C SER N 343 1.00 93.71 46.59
N THR O 16 46.37 -12.08 -27.90
CA THR O 16 47.58 -11.81 -27.14
C THR O 16 48.71 -11.38 -28.07
N ARG O 17 49.48 -10.38 -27.64
CA ARG O 17 50.62 -9.87 -28.40
C ARG O 17 51.77 -9.64 -27.44
N ALA O 18 52.96 -10.09 -27.82
CA ALA O 18 54.13 -9.87 -26.98
C ALA O 18 54.44 -8.38 -26.85
N LYS O 19 54.35 -7.64 -27.94
CA LYS O 19 54.59 -6.21 -27.89
C LYS O 19 53.41 -5.53 -27.20
N ILE O 20 53.71 -4.69 -26.21
CA ILE O 20 52.70 -4.01 -25.41
C ILE O 20 52.80 -2.51 -25.62
N SER O 21 54.00 -2.01 -25.89
CA SER O 21 54.20 -0.59 -26.14
C SER O 21 55.45 -0.44 -27.00
N ASP O 22 55.54 0.71 -27.68
CA ASP O 22 56.63 0.94 -28.61
C ASP O 22 57.99 1.04 -27.94
N GLY O 23 58.04 1.17 -26.61
CA GLY O 23 59.30 1.21 -25.92
C GLY O 23 60.03 2.54 -26.00
N LYS O 24 59.37 3.59 -26.46
CA LYS O 24 60.01 4.91 -26.50
C LYS O 24 60.24 5.45 -25.10
N SER O 25 59.39 5.06 -24.15
CA SER O 25 59.50 5.50 -22.76
C SER O 25 59.32 4.32 -21.83
N VAL O 26 59.92 4.41 -20.65
CA VAL O 26 59.89 3.34 -19.66
C VAL O 26 59.64 3.94 -18.28
N ARG O 27 58.77 3.29 -17.51
CA ARG O 27 58.48 3.73 -16.15
C ARG O 27 59.51 3.19 -15.18
N VAL O 28 59.77 3.94 -14.12
CA VAL O 28 60.65 3.51 -13.05
C VAL O 28 60.10 4.04 -11.74
N ILE O 29 60.57 3.46 -10.64
CA ILE O 29 60.20 3.85 -9.28
C ILE O 29 61.43 4.42 -8.60
N LEU O 30 61.34 5.65 -8.13
CA LEU O 30 62.47 6.31 -7.50
C LEU O 30 62.82 5.63 -6.18
N SER O 31 64.12 5.47 -5.92
CA SER O 31 64.58 4.87 -4.69
C SER O 31 64.64 5.94 -3.60
N GLU O 32 65.25 5.60 -2.47
CA GLU O 32 65.36 6.53 -1.35
C GLU O 32 66.47 7.55 -1.51
N GLY O 33 67.39 7.35 -2.47
CA GLY O 33 68.49 8.27 -2.69
C GLY O 33 68.47 8.90 -4.06
N GLU O 34 67.28 8.97 -4.68
CA GLU O 34 67.12 9.48 -6.02
C GLU O 34 65.99 10.51 -6.04
N SER O 35 66.16 11.54 -6.87
CA SER O 35 65.12 12.55 -7.07
C SER O 35 65.34 13.18 -8.42
N THR O 36 64.28 13.27 -9.22
CA THR O 36 64.36 13.68 -10.61
C THR O 36 63.42 14.86 -10.87
N LYS O 37 63.91 15.80 -11.68
CA LYS O 37 63.15 16.95 -12.11
C LYS O 37 62.94 16.91 -13.62
N THR O 38 61.96 17.68 -14.08
CA THR O 38 61.48 17.55 -15.45
C THR O 38 62.56 17.87 -16.46
N GLN O 39 62.65 17.02 -17.49
CA GLN O 39 63.53 17.23 -18.64
C GLN O 39 64.99 17.37 -18.21
N GLN O 40 65.49 16.34 -17.53
CA GLN O 40 66.89 16.24 -17.20
C GLN O 40 67.29 14.77 -17.22
N PHE O 41 68.58 14.53 -17.39
CA PHE O 41 69.08 13.17 -17.55
C PHE O 41 69.32 12.53 -16.20
N TYR O 42 68.89 11.28 -16.06
CA TYR O 42 69.04 10.55 -14.81
C TYR O 42 69.20 9.08 -15.12
N LEU O 43 70.08 8.42 -14.38
CA LEU O 43 70.30 6.97 -14.47
C LEU O 43 69.58 6.33 -13.30
N ILE O 44 68.41 5.76 -13.58
CA ILE O 44 67.54 5.18 -12.57
C ILE O 44 67.30 3.72 -12.92
N ASN O 45 67.69 2.82 -12.02
CA ASN O 45 67.44 1.39 -12.18
C ASN O 45 68.00 0.86 -13.49
N GLY O 46 69.21 1.27 -13.84
CA GLY O 46 69.86 0.79 -15.03
C GLY O 46 69.36 1.40 -16.33
N PHE O 47 68.36 2.27 -16.28
CA PHE O 47 67.85 2.97 -17.45
C PHE O 47 68.34 4.41 -17.41
N PHE O 48 68.89 4.88 -18.53
CA PHE O 48 69.36 6.24 -18.67
C PHE O 48 68.44 6.96 -19.65
N GLY O 49 67.79 8.02 -19.19
CA GLY O 49 66.83 8.70 -20.01
C GLY O 49 66.51 10.08 -19.48
N VAL O 50 65.52 10.70 -20.11
CA VAL O 50 65.06 12.04 -19.79
C VAL O 50 63.72 11.90 -19.08
N ALA O 51 63.63 12.43 -17.86
CA ALA O 51 62.44 12.26 -17.05
C ALA O 51 61.36 13.26 -17.46
N MET O 52 60.18 12.75 -17.77
CA MET O 52 59.04 13.60 -18.16
C MET O 52 58.24 14.11 -16.97
N GLN O 53 58.56 13.70 -15.75
CA GLN O 53 57.86 14.14 -14.55
C GLN O 53 58.86 14.49 -13.47
N ASP O 54 58.45 15.40 -12.59
CA ASP O 54 59.25 15.77 -11.43
C ASP O 54 58.98 14.74 -10.33
N GLY O 55 59.99 13.94 -10.00
CA GLY O 55 59.82 12.78 -9.15
C GLY O 55 60.25 13.00 -7.71
N GLU O 56 59.69 12.17 -6.83
CA GLU O 56 59.99 12.16 -5.42
C GLU O 56 60.26 10.72 -5.01
N LYS O 57 60.71 10.53 -3.77
CA LYS O 57 61.06 9.21 -3.28
C LYS O 57 59.86 8.27 -3.38
N GLY O 58 60.10 7.07 -3.91
CA GLY O 58 59.04 6.10 -4.04
C GLY O 58 57.93 6.48 -4.99
N ASP O 59 58.18 7.43 -5.90
CA ASP O 59 57.19 7.90 -6.86
C ASP O 59 57.52 7.35 -8.24
N GLU O 60 56.47 7.16 -9.03
CA GLU O 60 56.61 6.61 -10.38
C GLU O 60 56.76 7.74 -11.38
N VAL O 61 57.85 7.70 -12.16
CA VAL O 61 58.09 8.67 -13.22
C VAL O 61 58.25 7.90 -14.53
N THR O 62 58.48 8.63 -15.61
CA THR O 62 58.67 8.04 -16.93
C THR O 62 59.93 8.64 -17.56
N LEU O 63 60.80 7.77 -18.05
CA LEU O 63 62.03 8.19 -18.73
C LEU O 63 61.85 8.05 -20.24
N GLN O 64 62.76 8.66 -20.98
CA GLN O 64 62.81 8.56 -22.43
C GLN O 64 64.04 7.77 -22.84
N ILE O 65 63.84 6.76 -23.67
CA ILE O 65 64.92 5.93 -24.19
C ILE O 65 64.82 5.92 -25.72
N GLU O 66 64.35 7.04 -26.28
CA GLU O 66 63.84 7.12 -27.64
C GLU O 66 64.92 6.96 -28.71
N GLN O 67 66.19 6.76 -28.37
CA GLN O 67 67.26 6.64 -29.37
C GLN O 67 67.40 7.88 -30.23
N ALA O 68 66.97 9.03 -29.72
CA ALA O 68 66.86 10.25 -30.50
C ALA O 68 68.01 11.19 -30.19
N GLU O 69 68.11 12.25 -30.98
CA GLU O 69 69.10 13.28 -30.73
C GLU O 69 68.63 14.14 -29.57
N TYR O 70 69.50 14.36 -28.60
CA TYR O 70 69.16 15.08 -27.38
C TYR O 70 70.13 16.22 -27.15
N GLU O 71 69.62 17.31 -26.58
CA GLU O 71 70.40 18.49 -26.24
C GLU O 71 70.67 18.51 -24.75
N THR O 72 71.85 18.98 -24.37
CA THR O 72 72.19 19.09 -22.96
C THR O 72 73.47 19.90 -22.80
N ASP O 73 73.54 20.64 -21.70
CA ASP O 73 74.75 21.32 -21.26
C ASP O 73 75.32 20.74 -19.97
N ASN O 74 74.65 19.75 -19.38
CA ASN O 74 75.10 19.15 -18.14
C ASN O 74 76.32 18.28 -18.39
N ILE O 75 77.47 18.90 -18.64
CA ILE O 75 78.69 18.21 -19.04
C ILE O 75 79.84 18.70 -18.18
N VAL O 76 80.89 17.89 -18.13
CA VAL O 76 82.16 18.36 -17.60
C VAL O 76 82.81 19.27 -18.62
N THR O 77 83.13 20.50 -18.20
CA THR O 77 83.57 21.55 -19.12
C THR O 77 85.08 21.59 -19.28
N SER O 78 85.76 20.47 -19.08
CA SER O 78 87.21 20.42 -19.14
C SER O 78 87.73 19.94 -20.50
N GLU O 79 87.17 18.86 -21.03
CA GLU O 79 87.62 18.27 -22.29
C GLU O 79 86.65 18.60 -23.41
N ALA O 80 87.20 18.69 -24.62
CA ALA O 80 86.41 19.06 -25.79
C ALA O 80 85.55 17.88 -26.24
N PHE O 81 84.28 18.16 -26.50
CA PHE O 81 83.34 17.15 -27.00
C PHE O 81 83.21 17.27 -28.51
N GLU O 82 84.30 17.01 -29.22
CA GLU O 82 84.26 17.12 -30.67
C GLU O 82 83.32 16.06 -31.24
N ALA O 83 82.73 16.37 -32.39
CA ALA O 83 81.68 15.53 -32.95
C ALA O 83 82.21 14.14 -33.27
N GLY O 84 81.39 13.13 -32.94
CA GLY O 84 81.73 11.75 -33.15
C GLY O 84 82.25 11.02 -31.93
N LYS O 85 82.80 11.74 -30.97
CA LYS O 85 83.33 11.11 -29.77
C LYS O 85 82.19 10.54 -28.93
N LEU O 86 82.43 9.37 -28.35
CA LEU O 86 81.43 8.75 -27.49
C LEU O 86 81.25 9.57 -26.21
N ILE O 87 80.02 9.58 -25.71
CA ILE O 87 79.65 10.29 -24.49
C ILE O 87 79.35 9.25 -23.41
N TYR O 88 80.04 9.37 -22.28
CA TYR O 88 79.85 8.49 -21.14
C TYR O 88 79.24 9.27 -19.99
N TRP O 89 78.28 8.66 -19.31
CA TRP O 89 77.57 9.30 -18.22
C TRP O 89 78.18 8.87 -16.89
N ASP O 90 78.62 9.85 -16.10
CA ASP O 90 79.23 9.61 -14.81
C ASP O 90 78.17 9.79 -13.73
N ASN O 91 77.70 8.67 -13.17
CA ASN O 91 76.60 8.74 -12.21
C ASN O 91 77.02 9.43 -10.92
N THR O 92 78.28 9.29 -10.50
CA THR O 92 78.72 9.91 -9.26
C THR O 92 78.66 11.43 -9.37
N ALA O 93 79.27 11.99 -10.41
CA ALA O 93 79.22 13.44 -10.61
C ALA O 93 77.95 13.90 -11.32
N LYS O 94 77.16 12.98 -11.87
CA LYS O 94 75.92 13.32 -12.58
C LYS O 94 76.21 14.27 -13.73
N LYS O 95 77.08 13.82 -14.64
CA LYS O 95 77.50 14.63 -15.76
C LYS O 95 77.91 13.71 -16.91
N PHE O 96 77.89 14.27 -18.11
CA PHE O 96 78.45 13.60 -19.28
C PHE O 96 79.95 13.85 -19.35
N THR O 97 80.66 12.91 -19.97
CA THR O 97 82.11 13.04 -20.12
C THR O 97 82.58 11.99 -21.12
N THR O 98 83.84 12.14 -21.53
CA THR O 98 84.47 11.24 -22.49
C THR O 98 85.62 10.47 -21.83
N THR O 99 85.47 10.12 -20.55
CA THR O 99 86.54 9.41 -19.86
C THR O 99 86.77 8.03 -20.44
N SER O 100 85.69 7.33 -20.81
CA SER O 100 85.72 5.93 -21.21
C SER O 100 86.13 5.00 -20.08
N ALA O 101 86.07 5.48 -18.84
CA ALA O 101 86.30 4.65 -17.66
C ALA O 101 85.03 3.86 -17.36
N SER O 102 84.92 3.33 -16.15
CA SER O 102 83.74 2.58 -15.73
C SER O 102 82.42 3.34 -15.87
N ASN O 103 82.46 4.65 -16.14
CA ASN O 103 81.23 5.40 -16.43
C ASN O 103 80.46 4.75 -17.57
N ARG O 104 79.14 4.73 -17.44
CA ARG O 104 78.29 4.07 -18.41
C ARG O 104 78.30 4.82 -19.74
N LEU O 105 78.25 4.07 -20.83
CA LEU O 105 78.15 4.64 -22.17
C LEU O 105 76.70 4.97 -22.47
N VAL O 106 76.47 6.19 -22.97
CA VAL O 106 75.11 6.67 -23.22
C VAL O 106 74.89 7.25 -24.61
N GLY O 107 75.91 7.72 -25.32
CA GLY O 107 75.62 8.34 -26.60
C GLY O 107 76.87 8.74 -27.35
N ARG O 108 76.65 9.35 -28.51
CA ARG O 108 77.70 9.87 -29.37
C ARG O 108 77.36 11.29 -29.80
N VAL O 109 78.36 12.15 -29.81
CA VAL O 109 78.13 13.57 -30.09
C VAL O 109 77.83 13.75 -31.58
N THR O 110 76.75 14.47 -31.87
CA THR O 110 76.44 14.86 -33.24
C THR O 110 77.01 16.24 -33.57
N ASP O 111 76.80 17.21 -32.68
CA ASP O 111 77.31 18.57 -32.83
C ASP O 111 78.26 18.87 -31.68
N GLY O 112 79.43 19.40 -32.00
CA GLY O 112 80.43 19.67 -30.99
C GLY O 112 80.00 20.75 -30.03
N LYS O 113 80.74 20.85 -28.92
CA LYS O 113 80.41 21.83 -27.90
C LYS O 113 80.60 23.24 -28.44
N ASP O 114 79.71 24.13 -28.03
CA ASP O 114 79.78 25.54 -28.37
C ASP O 114 80.34 26.33 -27.20
N SER O 115 80.41 27.65 -27.36
CA SER O 115 80.93 28.50 -26.28
C SER O 115 80.09 28.38 -25.03
N ASN O 116 78.79 28.15 -25.18
CA ASN O 116 77.89 27.99 -24.04
C ASN O 116 77.92 26.59 -23.45
N ASN O 117 78.78 25.70 -23.95
CA ASN O 117 78.89 24.33 -23.46
C ASN O 117 77.57 23.59 -23.61
N VAL O 118 77.11 23.50 -24.85
CA VAL O 118 75.89 22.79 -25.22
C VAL O 118 76.25 21.69 -26.20
N ILE O 119 75.65 20.52 -26.00
CA ILE O 119 75.99 19.31 -26.73
C ILE O 119 74.73 18.74 -27.35
N TRP O 120 74.86 18.27 -28.59
CA TRP O 120 73.84 17.44 -29.23
C TRP O 120 74.41 16.05 -29.43
N PHE O 121 73.69 15.04 -28.95
CA PHE O 121 74.17 13.68 -29.00
C PHE O 121 72.98 12.74 -29.18
N ILE O 122 73.28 11.55 -29.66
CA ILE O 122 72.27 10.51 -29.94
C ILE O 122 72.32 9.50 -28.80
N LEU O 123 71.16 9.19 -28.24
CA LEU O 123 71.09 8.20 -27.18
C LEU O 123 71.41 6.82 -27.74
N LEU O 124 71.61 5.87 -26.84
CA LEU O 124 72.06 4.52 -27.17
C LEU O 124 71.20 3.51 -26.44
N PRO O 125 71.16 2.25 -26.92
CA PRO O 125 70.05 1.35 -26.55
C PRO O 125 70.11 0.72 -25.16
N GLN O 126 70.94 1.24 -24.26
CA GLN O 126 71.00 0.80 -22.87
C GLN O 126 71.63 -0.57 -22.72
N GLN O 127 72.46 -0.98 -23.66
CA GLN O 127 73.19 -2.24 -23.52
C GLN O 127 74.45 -2.01 -22.69
N PHE P 3 61.83 -3.81 -72.41
CA PHE P 3 60.98 -3.93 -73.60
C PHE P 3 61.64 -4.83 -74.63
N LYS P 4 61.15 -6.06 -74.75
CA LYS P 4 61.71 -6.99 -75.70
C LYS P 4 61.43 -6.53 -77.12
N GLY P 5 62.42 -6.69 -77.99
CA GLY P 5 62.26 -6.29 -79.38
C GLY P 5 61.99 -4.81 -79.55
N GLN P 6 62.59 -3.98 -78.70
CA GLN P 6 62.41 -2.55 -78.82
C GLN P 6 63.06 -2.06 -80.11
N PRO P 7 62.52 -0.99 -80.71
CA PRO P 7 63.04 -0.58 -82.03
C PRO P 7 64.41 0.09 -81.98
N THR P 8 64.88 0.55 -80.82
CA THR P 8 66.09 1.35 -80.71
C THR P 8 66.86 0.95 -79.46
N PRO P 9 68.19 0.83 -79.51
CA PRO P 9 68.90 0.34 -78.31
C PRO P 9 68.98 1.39 -77.21
N SER P 10 67.92 1.47 -76.40
CA SER P 10 67.88 2.41 -75.31
C SER P 10 68.68 1.91 -74.12
N THR P 11 69.61 2.72 -73.65
CA THR P 11 70.40 2.38 -72.48
C THR P 11 69.58 2.54 -71.21
N ILE P 12 69.87 1.68 -70.23
CA ILE P 12 69.19 1.67 -68.94
C ILE P 12 70.19 2.09 -67.87
N THR P 13 69.81 3.06 -67.06
CA THR P 13 70.64 3.59 -65.98
C THR P 13 69.96 3.31 -64.66
N GLN P 14 70.65 2.61 -63.77
CA GLN P 14 70.11 2.25 -62.46
C GLN P 14 70.41 3.34 -61.47
N ILE P 15 69.38 3.80 -60.77
CA ILE P 15 69.52 4.78 -59.70
C ILE P 15 69.67 4.03 -58.39
N THR P 16 70.79 4.26 -57.71
CA THR P 16 71.12 3.47 -56.54
C THR P 16 70.13 3.71 -55.41
N ARG P 17 70.07 2.74 -54.50
CA ARG P 17 69.18 2.80 -53.36
C ARG P 17 69.73 1.89 -52.28
N ALA P 18 69.55 2.29 -51.02
CA ALA P 18 70.08 1.55 -49.88
C ALA P 18 68.98 1.00 -48.98
N LYS P 19 68.09 1.86 -48.50
CA LYS P 19 67.07 1.44 -47.54
C LYS P 19 66.08 0.50 -48.22
N ILE P 20 66.14 -0.78 -47.89
CA ILE P 20 65.29 -1.77 -48.53
C ILE P 20 63.98 -1.97 -47.77
N SER P 21 63.96 -1.74 -46.46
CA SER P 21 62.76 -1.92 -45.67
C SER P 21 62.91 -1.11 -44.39
N ASP P 22 61.94 -1.26 -43.48
CA ASP P 22 61.98 -0.56 -42.20
C ASP P 22 62.83 -1.26 -41.17
N GLY P 23 63.05 -2.56 -41.31
CA GLY P 23 63.80 -3.31 -40.33
C GLY P 23 63.02 -3.71 -39.10
N LYS P 24 61.70 -3.57 -39.11
CA LYS P 24 60.91 -3.99 -37.96
C LYS P 24 60.94 -5.51 -37.79
N SER P 25 61.04 -6.26 -38.88
CA SER P 25 61.01 -7.70 -38.82
C SER P 25 61.83 -8.28 -39.97
N VAL P 26 62.20 -9.55 -39.83
CA VAL P 26 63.04 -10.24 -40.79
C VAL P 26 62.51 -11.64 -41.01
N ARG P 27 62.47 -12.06 -42.28
CA ARG P 27 62.14 -13.44 -42.61
C ARG P 27 63.32 -14.35 -42.34
N VAL P 28 63.04 -15.55 -41.83
CA VAL P 28 64.08 -16.51 -41.48
C VAL P 28 63.58 -17.91 -41.80
N ILE P 29 64.51 -18.78 -42.18
CA ILE P 29 64.22 -20.16 -42.57
C ILE P 29 64.44 -21.07 -41.37
N LEU P 30 63.43 -21.87 -41.05
CA LEU P 30 63.55 -22.81 -39.94
C LEU P 30 64.59 -23.87 -40.25
N SER P 31 65.29 -24.31 -39.20
CA SER P 31 66.25 -25.40 -39.31
C SER P 31 65.52 -26.73 -39.10
N GLU P 32 66.29 -27.81 -38.96
CA GLU P 32 65.68 -29.13 -38.83
C GLU P 32 64.98 -29.26 -37.48
N GLY P 33 65.72 -29.17 -36.39
CA GLY P 33 65.17 -29.35 -35.07
C GLY P 33 64.62 -28.06 -34.48
N GLU P 34 63.75 -27.40 -35.22
CA GLU P 34 63.15 -26.14 -34.78
C GLU P 34 61.71 -26.08 -35.23
N SER P 35 60.91 -25.34 -34.47
CA SER P 35 59.51 -25.11 -34.80
C SER P 35 58.98 -24.03 -33.88
N THR P 36 58.23 -23.09 -34.45
CA THR P 36 57.84 -21.88 -33.75
C THR P 36 56.34 -21.68 -33.82
N LYS P 37 55.76 -21.25 -32.71
CA LYS P 37 54.36 -20.84 -32.63
C LYS P 37 54.29 -19.33 -32.41
N THR P 38 53.11 -18.79 -32.69
CA THR P 38 52.97 -17.34 -32.81
C THR P 38 53.11 -16.65 -31.47
N GLN P 39 53.70 -15.45 -31.49
CA GLN P 39 53.91 -14.63 -30.29
C GLN P 39 54.73 -15.37 -29.24
N GLN P 40 55.87 -15.91 -29.65
CA GLN P 40 56.84 -16.50 -28.73
C GLN P 40 58.24 -16.19 -29.23
N PHE P 41 59.14 -15.96 -28.29
CA PHE P 41 60.50 -15.55 -28.61
C PHE P 41 61.33 -16.74 -29.08
N TYR P 42 62.18 -16.50 -30.07
CA TYR P 42 63.08 -17.53 -30.59
C TYR P 42 64.36 -16.88 -31.07
N LEU P 43 65.41 -17.68 -31.15
CA LEU P 43 66.70 -17.28 -31.70
C LEU P 43 66.96 -18.16 -32.92
N ILE P 44 66.67 -17.63 -34.11
CA ILE P 44 66.73 -18.38 -35.35
C ILE P 44 67.69 -17.66 -36.28
N ASN P 45 68.80 -18.32 -36.63
CA ASN P 45 69.83 -17.75 -37.48
C ASN P 45 70.30 -16.40 -36.94
N GLY P 46 70.68 -16.39 -35.67
CA GLY P 46 71.30 -15.23 -35.07
C GLY P 46 70.39 -14.06 -34.80
N PHE P 47 69.09 -14.17 -35.09
CA PHE P 47 68.14 -13.10 -34.87
C PHE P 47 67.19 -13.48 -33.75
N PHE P 48 67.07 -12.61 -32.76
CA PHE P 48 66.19 -12.81 -31.63
C PHE P 48 64.99 -11.89 -31.76
N GLY P 49 63.79 -12.46 -31.65
CA GLY P 49 62.60 -11.66 -31.82
C GLY P 49 61.35 -12.50 -31.61
N VAL P 50 60.21 -11.85 -31.78
CA VAL P 50 58.91 -12.49 -31.60
C VAL P 50 58.46 -13.04 -32.94
N ALA P 51 58.16 -14.33 -32.98
CA ALA P 51 57.67 -14.96 -34.20
C ALA P 51 56.22 -14.58 -34.44
N MET P 52 55.92 -14.11 -35.65
CA MET P 52 54.58 -13.67 -36.01
C MET P 52 53.78 -14.71 -36.77
N GLN P 53 54.34 -15.90 -37.02
CA GLN P 53 53.63 -16.97 -37.71
C GLN P 53 54.02 -18.30 -37.08
N ASP P 54 53.14 -19.29 -37.25
CA ASP P 54 53.37 -20.63 -36.74
C ASP P 54 54.24 -21.38 -37.74
N GLY P 55 55.54 -21.36 -37.50
CA GLY P 55 56.47 -22.09 -38.34
C GLY P 55 56.64 -23.52 -37.84
N GLU P 56 56.55 -24.48 -38.77
CA GLU P 56 56.57 -25.89 -38.42
C GLU P 56 57.94 -26.53 -38.66
N LYS P 57 58.44 -26.50 -39.88
CA LYS P 57 59.68 -27.19 -40.20
C LYS P 57 60.16 -26.79 -41.59
N GLY P 58 61.39 -26.31 -41.71
CA GLY P 58 61.97 -26.03 -43.01
C GLY P 58 61.24 -25.00 -43.82
N ASP P 59 60.44 -24.15 -43.19
CA ASP P 59 59.66 -23.12 -43.85
C ASP P 59 60.14 -21.74 -43.40
N GLU P 60 59.50 -20.70 -43.92
CA GLU P 60 59.91 -19.33 -43.70
C GLU P 60 58.97 -18.66 -42.70
N VAL P 61 59.56 -18.02 -41.69
CA VAL P 61 58.82 -17.33 -40.64
C VAL P 61 59.45 -15.97 -40.43
N THR P 62 58.66 -15.04 -39.91
CA THR P 62 59.09 -13.67 -39.66
C THR P 62 59.24 -13.44 -38.18
N LEU P 63 60.36 -12.82 -37.78
CA LEU P 63 60.66 -12.49 -36.40
C LEU P 63 60.63 -10.98 -36.24
N GLN P 64 60.04 -10.51 -35.14
CA GLN P 64 59.92 -9.09 -34.88
C GLN P 64 61.07 -8.63 -33.99
N ILE P 65 61.84 -7.66 -34.49
CA ILE P 65 63.04 -7.17 -33.81
C ILE P 65 62.92 -5.67 -33.58
N GLU P 66 61.70 -5.20 -33.31
CA GLU P 66 61.39 -3.78 -33.33
C GLU P 66 62.13 -2.95 -32.27
N GLN P 67 62.75 -3.59 -31.28
CA GLN P 67 63.39 -2.88 -30.16
C GLN P 67 62.38 -2.13 -29.32
N ALA P 68 61.17 -2.67 -29.21
CA ALA P 68 60.10 -2.10 -28.42
C ALA P 68 60.06 -2.79 -27.05
N GLU P 69 59.01 -2.51 -26.28
CA GLU P 69 58.80 -3.13 -24.98
C GLU P 69 57.88 -4.34 -25.14
N TYR P 70 58.31 -5.48 -24.61
CA TYR P 70 57.63 -6.75 -24.82
C TYR P 70 57.26 -7.39 -23.49
N GLU P 71 56.06 -7.97 -23.44
CA GLU P 71 55.62 -8.80 -22.33
C GLU P 71 55.89 -10.25 -22.68
N THR P 72 56.41 -11.01 -21.71
CA THR P 72 56.80 -12.38 -21.99
C THR P 72 56.78 -13.23 -20.72
N ASP P 73 56.22 -14.41 -20.85
CA ASP P 73 56.43 -15.53 -19.94
C ASP P 73 57.70 -16.25 -20.40
N ASN P 74 57.91 -17.50 -19.98
CA ASN P 74 59.03 -18.31 -20.43
C ASN P 74 60.34 -17.81 -19.83
N ILE P 75 60.31 -17.53 -18.54
CA ILE P 75 61.47 -17.11 -17.77
C ILE P 75 61.83 -18.21 -16.80
N VAL P 76 63.12 -18.32 -16.49
CA VAL P 76 63.56 -19.29 -15.49
C VAL P 76 63.05 -18.81 -14.13
N THR P 77 62.00 -19.45 -13.63
CA THR P 77 61.33 -18.96 -12.43
C THR P 77 62.19 -19.07 -11.18
N SER P 78 63.27 -19.86 -11.21
CA SER P 78 64.15 -19.95 -10.06
C SER P 78 64.80 -18.61 -9.77
N GLU P 79 65.24 -17.90 -10.81
CA GLU P 79 65.87 -16.61 -10.63
C GLU P 79 64.82 -15.52 -10.46
N ALA P 80 65.24 -14.43 -9.81
CA ALA P 80 64.42 -13.25 -9.61
C ALA P 80 64.89 -12.15 -10.56
N PHE P 81 63.96 -11.62 -11.36
CA PHE P 81 64.27 -10.60 -12.35
C PHE P 81 63.82 -9.25 -11.81
N GLU P 82 64.74 -8.55 -11.16
CA GLU P 82 64.45 -7.19 -10.71
C GLU P 82 64.42 -6.26 -11.91
N ALA P 83 63.67 -5.16 -11.77
CA ALA P 83 63.66 -4.14 -12.82
C ALA P 83 65.05 -3.56 -13.01
N GLY P 84 65.47 -3.45 -14.26
CA GLY P 84 66.76 -2.90 -14.61
C GLY P 84 67.83 -3.92 -14.89
N LYS P 85 67.64 -5.16 -14.47
CA LYS P 85 68.63 -6.20 -14.74
C LYS P 85 68.64 -6.55 -16.22
N LEU P 86 69.81 -6.93 -16.71
CA LEU P 86 69.93 -7.36 -18.09
C LEU P 86 69.36 -8.76 -18.25
N ILE P 87 68.68 -8.99 -19.36
CA ILE P 87 68.08 -10.28 -19.70
C ILE P 87 68.98 -10.97 -20.71
N TYR P 88 69.07 -12.29 -20.62
CA TYR P 88 69.81 -13.10 -21.58
C TYR P 88 68.94 -14.27 -22.02
N TRP P 89 69.23 -14.79 -23.20
CA TRP P 89 68.48 -15.88 -23.80
C TRP P 89 69.28 -17.17 -23.70
N ASP P 90 68.72 -18.15 -23.00
CA ASP P 90 69.35 -19.48 -22.87
C ASP P 90 68.83 -20.34 -24.01
N ASN P 91 69.62 -20.45 -25.08
CA ASN P 91 69.18 -21.20 -26.25
C ASN P 91 69.03 -22.68 -25.97
N THR P 92 69.76 -23.21 -24.99
CA THR P 92 69.63 -24.63 -24.66
C THR P 92 68.29 -24.91 -23.99
N ALA P 93 67.93 -24.08 -23.02
CA ALA P 93 66.67 -24.22 -22.30
C ALA P 93 65.51 -23.47 -22.95
N LYS P 94 65.78 -22.62 -23.94
CA LYS P 94 64.73 -21.83 -24.60
C LYS P 94 63.96 -20.98 -23.60
N LYS P 95 64.69 -20.36 -22.67
CA LYS P 95 64.09 -19.54 -21.63
C LYS P 95 64.97 -18.34 -21.35
N PHE P 96 64.35 -17.28 -20.83
CA PHE P 96 65.08 -16.09 -20.42
C PHE P 96 65.83 -16.33 -19.12
N THR P 97 66.91 -15.59 -18.94
CA THR P 97 67.71 -15.73 -17.73
C THR P 97 68.62 -14.53 -17.61
N THR P 98 69.03 -14.24 -16.37
CA THR P 98 70.01 -13.20 -16.11
C THR P 98 71.44 -13.70 -16.12
N THR P 99 71.67 -15.00 -16.23
CA THR P 99 73.02 -15.54 -16.25
C THR P 99 73.70 -15.17 -17.56
N SER P 100 74.94 -14.68 -17.46
CA SER P 100 75.70 -14.21 -18.61
C SER P 100 76.89 -15.11 -18.92
N ALA P 101 76.75 -16.42 -18.69
CA ALA P 101 77.85 -17.34 -18.94
C ALA P 101 78.24 -17.34 -20.41
N SER P 102 77.34 -17.79 -21.27
CA SER P 102 77.54 -17.71 -22.71
C SER P 102 76.25 -17.35 -23.44
N ASN P 103 75.20 -16.94 -22.72
CA ASN P 103 73.94 -16.64 -23.34
C ASN P 103 74.01 -15.34 -24.13
N ARG P 104 73.02 -15.14 -24.98
CA ARG P 104 72.93 -13.96 -25.84
C ARG P 104 72.19 -12.86 -25.10
N LEU P 105 72.81 -11.70 -25.00
CA LEU P 105 72.15 -10.54 -24.40
C LEU P 105 71.02 -10.09 -25.32
N VAL P 106 69.81 -10.00 -24.78
CA VAL P 106 68.64 -9.70 -25.60
C VAL P 106 67.79 -8.56 -25.04
N GLY P 107 67.90 -8.17 -23.78
CA GLY P 107 67.02 -7.11 -23.31
C GLY P 107 67.35 -6.69 -21.90
N ARG P 108 66.54 -5.75 -21.42
CA ARG P 108 66.65 -5.21 -20.07
C ARG P 108 65.25 -5.09 -19.48
N VAL P 109 65.11 -5.47 -18.23
CA VAL P 109 63.80 -5.56 -17.59
C VAL P 109 63.29 -4.16 -17.26
N THR P 110 61.98 -3.98 -17.37
CA THR P 110 61.28 -2.80 -16.90
C THR P 110 60.42 -3.09 -15.68
N ASP P 111 59.53 -4.08 -15.77
CA ASP P 111 58.70 -4.52 -14.67
C ASP P 111 59.30 -5.77 -14.06
N GLY P 112 59.40 -5.79 -12.73
CA GLY P 112 60.00 -6.92 -12.06
C GLY P 112 59.18 -8.19 -12.20
N LYS P 113 59.83 -9.30 -11.85
CA LYS P 113 59.18 -10.60 -11.89
C LYS P 113 57.98 -10.63 -10.94
N ASP P 114 56.78 -10.74 -11.49
CA ASP P 114 55.56 -10.72 -10.71
C ASP P 114 55.15 -12.15 -10.35
N SER P 115 53.96 -12.31 -9.77
CA SER P 115 53.51 -13.63 -9.35
C SER P 115 53.32 -14.56 -10.55
N ASN P 116 52.81 -14.04 -11.66
CA ASN P 116 52.54 -14.85 -12.84
C ASN P 116 53.77 -15.10 -13.69
N ASN P 117 54.98 -14.81 -13.19
CA ASN P 117 56.21 -15.04 -13.95
C ASN P 117 56.20 -14.27 -15.27
N VAL P 118 55.74 -13.03 -15.21
CA VAL P 118 55.60 -12.16 -16.39
C VAL P 118 56.60 -11.03 -16.26
N ILE P 119 57.32 -10.74 -17.35
CA ILE P 119 58.33 -9.70 -17.39
C ILE P 119 57.97 -8.73 -18.51
N TRP P 120 58.14 -7.44 -18.25
CA TRP P 120 58.12 -6.40 -19.26
C TRP P 120 59.56 -5.92 -19.45
N PHE P 121 60.07 -6.04 -20.68
CA PHE P 121 61.47 -5.76 -20.94
C PHE P 121 61.61 -5.10 -22.30
N ILE P 122 62.73 -4.42 -22.49
CA ILE P 122 63.05 -3.70 -23.72
C ILE P 122 64.00 -4.56 -24.52
N LEU P 123 63.62 -4.90 -25.75
CA LEU P 123 64.49 -5.67 -26.61
C LEU P 123 65.71 -4.84 -26.99
N LEU P 124 66.74 -5.52 -27.49
CA LEU P 124 68.04 -4.91 -27.76
C LEU P 124 68.39 -5.05 -29.25
N PRO P 125 69.44 -4.37 -29.75
CA PRO P 125 69.59 -4.21 -31.21
C PRO P 125 70.08 -5.43 -31.99
N GLN P 126 70.02 -6.63 -31.42
CA GLN P 126 70.44 -7.84 -32.12
C GLN P 126 71.94 -7.83 -32.38
N GLN P 127 72.71 -7.57 -31.32
CA GLN P 127 74.17 -7.58 -31.40
C GLN P 127 74.71 -8.98 -31.12
N MET Q 57 -108.88 -66.98 5.23
CA MET Q 57 -108.08 -65.74 5.01
C MET Q 57 -108.18 -64.83 6.22
N THR Q 58 -107.03 -64.45 6.77
CA THR Q 58 -106.98 -63.57 7.93
C THR Q 58 -105.72 -62.73 7.88
N PHE Q 59 -105.84 -61.46 8.27
CA PHE Q 59 -104.67 -60.60 8.31
C PHE Q 59 -103.68 -61.06 9.39
N SER Q 60 -104.17 -61.75 10.42
CA SER Q 60 -103.28 -62.22 11.48
C SER Q 60 -102.23 -63.18 10.94
N SER Q 61 -102.55 -63.92 9.88
CA SER Q 61 -101.59 -64.84 9.30
C SER Q 61 -100.38 -64.11 8.73
N THR Q 62 -100.63 -62.99 8.04
CA THR Q 62 -99.57 -62.25 7.37
C THR Q 62 -99.03 -61.09 8.19
N SER Q 63 -99.40 -61.00 9.47
CA SER Q 63 -98.95 -59.87 10.28
C SER Q 63 -97.43 -59.90 10.50
N ASN Q 64 -96.86 -61.09 10.65
CA ASN Q 64 -95.45 -61.18 10.99
C ASN Q 64 -94.54 -60.77 9.83
N LEU Q 65 -95.00 -60.94 8.60
CA LEU Q 65 -94.18 -60.62 7.43
C LEU Q 65 -94.16 -59.11 7.24
N LYS Q 66 -93.30 -58.45 8.01
CA LYS Q 66 -93.30 -56.99 8.04
C LYS Q 66 -92.89 -56.40 6.70
N GLU Q 67 -92.10 -57.12 5.91
CA GLU Q 67 -91.66 -56.59 4.62
C GLU Q 67 -92.82 -56.43 3.65
N LEU Q 68 -93.91 -57.18 3.83
CA LEU Q 68 -95.07 -57.01 2.97
C LEU Q 68 -95.87 -55.76 3.33
N LEU Q 69 -95.92 -55.42 4.62
CA LEU Q 69 -96.76 -54.34 5.08
C LEU Q 69 -96.06 -53.00 4.94
N ARG Q 70 -96.85 -51.95 4.75
CA ARG Q 70 -96.30 -50.61 4.64
C ARG Q 70 -95.74 -50.17 5.98
N LYS Q 71 -94.52 -49.62 5.95
CA LYS Q 71 -93.85 -49.16 7.17
C LYS Q 71 -94.14 -47.67 7.36
N VAL Q 72 -94.81 -47.34 8.47
CA VAL Q 72 -95.11 -45.97 8.84
C VAL Q 72 -94.62 -45.76 10.27
N VAL Q 73 -93.87 -44.68 10.49
CA VAL Q 73 -93.36 -44.30 11.79
C VAL Q 73 -93.96 -42.95 12.16
N LEU Q 74 -94.57 -42.87 13.34
CA LEU Q 74 -95.15 -41.62 13.80
C LEU Q 74 -94.06 -40.71 14.33
N ASP Q 75 -94.12 -39.44 13.95
CA ASP Q 75 -93.14 -38.48 14.41
C ASP Q 75 -93.29 -38.27 15.91
N VAL Q 76 -92.15 -38.18 16.60
CA VAL Q 76 -92.13 -38.08 18.06
C VAL Q 76 -91.44 -36.80 18.49
N GLU Q 77 -90.53 -36.28 17.68
CA GLU Q 77 -89.74 -35.10 18.04
C GLU Q 77 -88.96 -35.36 19.33
N LEU Q 78 -88.03 -36.30 19.22
CA LEU Q 78 -87.13 -36.68 20.30
C LEU Q 78 -85.73 -36.15 20.02
N GLY Q 79 -85.00 -35.87 21.09
CA GLY Q 79 -83.67 -35.33 20.95
C GLY Q 79 -83.17 -34.77 22.26
N ARG Q 80 -82.25 -33.81 22.15
CA ARG Q 80 -81.65 -33.15 23.30
C ARG Q 80 -81.93 -31.65 23.19
N GLU Q 81 -82.37 -31.04 24.29
CA GLU Q 81 -82.66 -29.62 24.29
C GLU Q 81 -81.38 -28.82 24.07
N GLN Q 82 -81.50 -27.70 23.37
CA GLN Q 82 -80.36 -26.82 23.18
C GLN Q 82 -79.93 -26.21 24.51
N VAL Q 83 -78.63 -25.99 24.65
CA VAL Q 83 -78.03 -25.45 25.87
C VAL Q 83 -77.48 -24.07 25.53
N GLN Q 84 -78.18 -23.03 25.96
CA GLN Q 84 -77.75 -21.66 25.71
C GLN Q 84 -76.71 -21.24 26.74
N LEU Q 85 -76.00 -20.16 26.42
CA LEU Q 85 -75.02 -19.57 27.32
C LEU Q 85 -75.72 -18.51 28.16
N LEU Q 86 -76.05 -18.86 29.41
CA LEU Q 86 -76.73 -17.95 30.30
C LEU Q 86 -75.79 -16.97 30.99
N TYR Q 87 -74.49 -17.21 30.96
CA TYR Q 87 -73.55 -16.42 31.74
C TYR Q 87 -73.13 -15.12 31.07
N LYS Q 88 -73.57 -14.86 29.84
CA LYS Q 88 -73.07 -13.71 29.10
C LYS Q 88 -73.35 -12.38 29.78
N PRO Q 89 -74.55 -12.09 30.30
CA PRO Q 89 -74.78 -10.75 30.87
C PRO Q 89 -73.90 -10.43 32.07
N ILE Q 90 -73.38 -11.43 32.76
CA ILE Q 90 -72.66 -11.17 34.01
C ILE Q 90 -71.18 -10.87 33.77
N TYR Q 91 -70.56 -11.49 32.77
CA TYR Q 91 -69.12 -11.47 32.62
C TYR Q 91 -68.68 -10.47 31.56
N ASP Q 92 -67.41 -10.08 31.66
CA ASP Q 92 -66.76 -9.19 30.71
C ASP Q 92 -65.72 -9.99 29.93
N SER Q 93 -65.93 -10.10 28.62
CA SER Q 93 -65.05 -10.93 27.80
C SER Q 93 -63.69 -10.28 27.62
N ILE Q 94 -62.64 -11.09 27.72
CA ILE Q 94 -61.27 -10.67 27.40
C ILE Q 94 -60.71 -11.72 26.45
N ALA Q 95 -60.90 -11.49 25.15
CA ALA Q 95 -60.44 -12.44 24.12
C ALA Q 95 -59.05 -12.02 23.67
N ASP Q 96 -58.05 -12.84 23.98
CA ASP Q 96 -56.68 -12.57 23.56
C ASP Q 96 -55.99 -13.91 23.35
N SER Q 97 -55.47 -14.12 22.15
CA SER Q 97 -54.90 -15.41 21.76
C SER Q 97 -53.47 -15.61 22.26
N ASN Q 98 -52.95 -14.74 23.12
CA ASN Q 98 -51.61 -14.85 23.65
C ASN Q 98 -51.58 -14.57 25.14
N LEU Q 99 -52.64 -14.97 25.85
CA LEU Q 99 -52.66 -14.80 27.29
C LEU Q 99 -51.66 -15.76 27.93
N PRO Q 100 -51.22 -15.47 29.15
CA PRO Q 100 -50.34 -16.40 29.85
C PRO Q 100 -51.12 -17.46 30.61
N GLN Q 101 -50.39 -18.43 31.14
CA GLN Q 101 -51.01 -19.48 31.95
C GLN Q 101 -51.67 -18.89 33.18
N VAL Q 102 -51.03 -17.89 33.80
CA VAL Q 102 -51.58 -17.17 34.94
C VAL Q 102 -51.38 -15.68 34.68
N MET Q 103 -52.41 -14.90 34.96
CA MET Q 103 -52.38 -13.47 34.72
C MET Q 103 -51.42 -12.79 35.69
N ASP Q 104 -51.32 -11.46 35.58
CA ASP Q 104 -50.44 -10.66 36.42
C ASP Q 104 -51.25 -9.54 37.07
N ALA Q 105 -50.94 -9.26 38.33
CA ALA Q 105 -51.72 -8.29 39.09
C ALA Q 105 -51.42 -6.86 38.64
N LYS Q 106 -52.47 -6.05 38.60
CA LYS Q 106 -52.32 -4.63 38.32
C LYS Q 106 -51.64 -3.94 39.50
N TRP Q 107 -51.00 -2.81 39.23
CA TRP Q 107 -50.37 -2.00 40.27
C TRP Q 107 -50.68 -0.53 40.02
N ALA Q 108 -50.70 0.25 41.09
CA ALA Q 108 -50.97 1.68 40.97
C ALA Q 108 -50.62 2.36 42.29
N LEU Q 109 -50.08 3.57 42.19
CA LEU Q 109 -49.72 4.37 43.34
C LEU Q 109 -50.78 5.42 43.62
N GLN Q 110 -50.90 5.80 44.89
CA GLN Q 110 -51.88 6.79 45.32
C GLN Q 110 -51.27 7.66 46.40
N GLY Q 111 -51.47 8.97 46.28
CA GLY Q 111 -51.09 9.89 47.33
C GLY Q 111 -52.21 10.04 48.35
N ASN Q 112 -51.82 10.38 49.58
CA ASN Q 112 -52.75 10.62 50.66
C ASN Q 112 -52.39 11.92 51.35
N CYS Q 113 -53.39 12.78 51.55
CA CYS Q 113 -53.18 14.04 52.25
C CYS Q 113 -54.51 14.50 52.81
N VAL Q 114 -54.43 15.28 53.88
CA VAL Q 114 -55.60 15.84 54.54
C VAL Q 114 -55.32 17.31 54.80
N PHE Q 115 -56.33 18.15 54.57
CA PHE Q 115 -56.18 19.59 54.70
C PHE Q 115 -56.47 19.99 56.14
N LEU Q 116 -55.44 20.44 56.85
CA LEU Q 116 -55.56 20.92 58.22
C LEU Q 116 -55.63 22.44 58.23
N GLU Q 117 -56.24 22.97 59.28
CA GLU Q 117 -56.22 24.41 59.48
C GLU Q 117 -54.80 24.89 59.68
N HIS Q 118 -54.46 26.01 59.04
CA HIS Q 118 -53.09 26.53 59.01
C HIS Q 118 -53.11 27.91 59.66
N ILE Q 119 -52.90 27.93 60.97
CA ILE Q 119 -52.90 29.20 61.70
C ILE Q 119 -51.56 29.89 61.51
N GLU Q 120 -51.61 31.13 61.01
CA GLU Q 120 -50.47 32.00 60.71
C GLU Q 120 -49.24 31.25 60.20
N GLY Q 121 -48.07 31.46 60.80
CA GLY Q 121 -46.85 30.94 60.24
C GLY Q 121 -46.44 29.59 60.78
N GLU Q 122 -47.36 28.63 60.79
CA GLU Q 122 -47.07 27.31 61.31
C GLU Q 122 -46.60 26.39 60.19
N GLU Q 123 -46.06 25.24 60.60
CA GLU Q 123 -45.60 24.24 59.65
C GLU Q 123 -46.73 23.32 59.24
N ILE Q 124 -46.79 23.01 57.95
CA ILE Q 124 -47.82 22.12 57.41
C ILE Q 124 -47.29 20.70 57.42
N LYS Q 125 -48.17 19.75 57.74
CA LYS Q 125 -47.80 18.34 57.85
C LYS Q 125 -47.98 17.66 56.51
N PHE Q 126 -46.96 16.93 56.07
CA PHE Q 126 -46.94 16.37 54.74
C PHE Q 126 -47.86 15.16 54.64
N GLY Q 127 -48.09 14.72 53.41
CA GLY Q 127 -48.90 13.56 53.12
C GLY Q 127 -48.08 12.31 53.01
N THR Q 128 -48.66 11.30 52.36
CA THR Q 128 -48.01 10.01 52.21
C THR Q 128 -48.49 9.37 50.91
N ILE Q 129 -47.64 8.50 50.36
CA ILE Q 129 -47.94 7.75 49.15
C ILE Q 129 -48.04 6.28 49.52
N ASN Q 130 -48.92 5.56 48.81
CA ASN Q 130 -49.08 4.14 49.03
C ASN Q 130 -49.54 3.49 47.74
N ALA Q 131 -49.32 2.18 47.66
CA ALA Q 131 -49.60 1.39 46.47
C ALA Q 131 -50.58 0.28 46.80
N GLU Q 132 -51.42 -0.07 45.82
CA GLU Q 132 -52.28 -1.24 45.92
C GLU Q 132 -52.14 -2.07 44.65
N ASN Q 133 -52.49 -3.34 44.80
CA ASN Q 133 -52.38 -4.32 43.72
C ASN Q 133 -53.66 -5.13 43.62
N GLY Q 134 -54.01 -5.51 42.40
CA GLY Q 134 -55.17 -6.34 42.17
C GLY Q 134 -54.86 -7.80 42.37
N PRO Q 135 -55.87 -8.63 42.16
CA PRO Q 135 -55.67 -10.08 42.29
C PRO Q 135 -55.16 -10.70 41.00
N VAL Q 136 -55.02 -12.02 41.00
CA VAL Q 136 -54.53 -12.78 39.86
C VAL Q 136 -55.57 -13.79 39.45
N ALA Q 137 -55.61 -14.09 38.14
CA ALA Q 137 -56.51 -15.08 37.58
C ALA Q 137 -55.72 -15.97 36.63
N ARG Q 138 -56.23 -17.19 36.45
CA ARG Q 138 -55.56 -18.19 35.62
C ARG Q 138 -56.59 -18.91 34.77
N ILE Q 139 -56.09 -19.53 33.70
CA ILE Q 139 -56.92 -20.17 32.68
C ILE Q 139 -56.50 -21.62 32.55
N GLN Q 140 -57.48 -22.51 32.50
CA GLN Q 140 -57.26 -23.95 32.43
C GLN Q 140 -57.51 -24.44 31.00
N THR Q 141 -57.49 -25.76 30.84
CA THR Q 141 -57.71 -26.42 29.55
C THR Q 141 -58.75 -27.52 29.73
N TYR Q 142 -59.57 -27.71 28.70
CA TYR Q 142 -60.59 -28.75 28.71
C TYR Q 142 -60.64 -29.39 27.34
N ALA Q 143 -61.04 -30.67 27.29
CA ALA Q 143 -61.08 -31.37 26.01
C ALA Q 143 -61.81 -32.70 26.17
N THR Q 144 -62.57 -33.07 25.15
CA THR Q 144 -63.17 -34.39 25.03
C THR Q 144 -63.17 -34.78 23.56
N GLY Q 145 -63.31 -36.08 23.31
CA GLY Q 145 -63.28 -36.57 21.94
C GLY Q 145 -63.98 -37.90 21.81
N PHE Q 146 -63.90 -38.45 20.59
CA PHE Q 146 -64.54 -39.72 20.26
C PHE Q 146 -63.59 -40.57 19.42
N GLU Q 147 -63.79 -41.88 19.49
CA GLU Q 147 -63.13 -42.84 18.62
C GLU Q 147 -64.20 -43.64 17.90
N TYR Q 148 -64.03 -43.83 16.60
CA TYR Q 148 -65.01 -44.58 15.83
C TYR Q 148 -64.33 -45.19 14.61
N THR Q 149 -64.57 -46.48 14.39
CA THR Q 149 -64.00 -47.16 13.25
C THR Q 149 -64.59 -46.60 11.95
N LYS Q 150 -63.78 -46.67 10.88
CA LYS Q 150 -64.27 -46.26 9.57
C LYS Q 150 -65.50 -47.07 9.16
N GLU Q 151 -65.56 -48.33 9.58
CA GLU Q 151 -66.70 -49.17 9.24
C GLU Q 151 -67.97 -48.63 9.88
N MET Q 152 -67.89 -48.17 11.12
CA MET Q 152 -69.08 -47.66 11.79
C MET Q 152 -69.62 -46.41 11.10
N LYS Q 153 -68.73 -45.50 10.70
CA LYS Q 153 -69.18 -44.32 9.98
C LYS Q 153 -69.75 -44.69 8.61
N ASP Q 154 -69.10 -45.61 7.90
CA ASP Q 154 -69.47 -45.87 6.52
C ASP Q 154 -70.74 -46.71 6.42
N PHE Q 155 -70.91 -47.70 7.28
CA PHE Q 155 -72.03 -48.61 7.19
C PHE Q 155 -73.26 -48.12 7.93
N ASN Q 156 -73.09 -47.40 9.04
CA ASN Q 156 -74.23 -46.96 9.83
C ASN Q 156 -74.88 -45.76 9.14
N GLN Q 157 -76.15 -45.92 8.77
CA GLN Q 157 -76.85 -44.88 8.01
C GLN Q 157 -77.00 -43.60 8.81
N THR Q 158 -77.38 -43.72 10.09
CA THR Q 158 -77.72 -42.54 10.89
C THR Q 158 -76.51 -41.88 11.54
N PHE Q 159 -75.47 -42.65 11.86
CA PHE Q 159 -74.27 -42.07 12.46
C PHE Q 159 -73.60 -41.13 11.48
N SER Q 160 -73.03 -40.07 12.03
CA SER Q 160 -72.30 -39.10 11.23
C SER Q 160 -71.47 -38.22 12.17
N VAL Q 161 -70.53 -37.48 11.59
CA VAL Q 161 -69.75 -36.55 12.39
C VAL Q 161 -70.59 -35.36 12.82
N GLU Q 162 -71.72 -35.12 12.17
CA GLU Q 162 -72.57 -33.99 12.56
C GLU Q 162 -73.11 -34.16 13.97
N ILE Q 163 -73.57 -35.36 14.32
CA ILE Q 163 -74.10 -35.56 15.66
C ILE Q 163 -72.99 -35.49 16.70
N LEU Q 164 -71.78 -35.95 16.35
CA LEU Q 164 -70.65 -35.81 17.27
C LEU Q 164 -70.33 -34.34 17.51
N ASN Q 165 -70.35 -33.52 16.46
CA ASN Q 165 -70.12 -32.10 16.65
C ASN Q 165 -71.23 -31.47 17.46
N LYS Q 166 -72.46 -31.94 17.28
CA LYS Q 166 -73.57 -31.43 18.09
C LYS Q 166 -73.37 -31.75 19.56
N SER Q 167 -72.95 -32.98 19.86
CA SER Q 167 -72.68 -33.35 21.25
C SER Q 167 -71.54 -32.52 21.81
N ILE Q 168 -70.49 -32.31 21.02
CA ILE Q 168 -69.37 -31.49 21.46
C ILE Q 168 -69.84 -30.08 21.78
N GLY Q 169 -70.65 -29.50 20.90
CA GLY Q 169 -71.13 -28.15 21.14
C GLY Q 169 -72.01 -28.04 22.37
N GLU Q 170 -72.91 -29.02 22.56
CA GLU Q 170 -73.79 -28.99 23.72
C GLU Q 170 -72.98 -29.09 25.01
N SER Q 171 -72.06 -30.06 25.08
CA SER Q 171 -71.24 -30.19 26.27
C SER Q 171 -70.36 -28.97 26.47
N TYR Q 172 -69.92 -28.34 25.39
CA TYR Q 172 -69.08 -27.15 25.52
C TYR Q 172 -69.88 -25.99 26.11
N ASN Q 173 -71.10 -25.77 25.63
CA ASN Q 173 -71.92 -24.70 26.18
C ASN Q 173 -72.24 -24.97 27.64
N ALA Q 174 -72.55 -26.22 27.98
CA ALA Q 174 -72.81 -26.53 29.37
C ALA Q 174 -71.57 -26.34 30.23
N LEU Q 175 -70.38 -26.66 29.69
CA LEU Q 175 -69.16 -26.41 30.41
C LEU Q 175 -68.95 -24.93 30.66
N LEU Q 176 -69.23 -24.09 29.67
CA LEU Q 176 -69.09 -22.66 29.86
C LEU Q 176 -70.04 -22.16 30.94
N ASN Q 177 -71.28 -22.62 30.91
CA ASN Q 177 -72.23 -22.23 31.96
C ASN Q 177 -71.73 -22.67 33.32
N HIS Q 178 -71.22 -23.89 33.44
CA HIS Q 178 -70.74 -24.37 34.72
C HIS Q 178 -69.54 -23.56 35.19
N ILE Q 179 -68.57 -23.32 34.31
CA ILE Q 179 -67.37 -22.59 34.70
C ILE Q 179 -67.72 -21.20 35.19
N HIS Q 180 -68.63 -20.52 34.48
CA HIS Q 180 -68.90 -19.13 34.77
C HIS Q 180 -70.03 -18.90 35.76
N LEU Q 181 -70.71 -19.96 36.22
CA LEU Q 181 -71.77 -19.81 37.21
C LEU Q 181 -71.58 -20.64 38.47
N SER Q 182 -70.75 -21.67 38.45
CA SER Q 182 -70.50 -22.45 39.66
C SER Q 182 -69.68 -21.69 40.70
N PRO Q 183 -68.80 -20.74 40.35
CA PRO Q 183 -68.21 -19.92 41.42
C PRO Q 183 -69.25 -19.17 42.21
N ILE Q 184 -70.31 -18.71 41.54
CA ILE Q 184 -71.37 -17.99 42.23
C ILE Q 184 -72.15 -18.92 43.14
N ILE Q 185 -72.37 -20.16 42.71
CA ILE Q 185 -73.24 -21.06 43.45
C ILE Q 185 -72.49 -21.70 44.61
N ASN Q 186 -71.29 -22.20 44.36
CA ASN Q 186 -70.55 -22.94 45.37
C ASN Q 186 -69.89 -22.06 46.42
N PHE Q 187 -69.92 -20.74 46.26
CA PHE Q 187 -69.26 -19.88 47.22
C PHE Q 187 -69.92 -19.98 48.58
N ASN Q 188 -69.09 -19.94 49.62
CA ASN Q 188 -69.57 -19.96 51.00
C ASN Q 188 -69.87 -18.52 51.39
N TYR Q 189 -71.13 -18.12 51.24
CA TYR Q 189 -71.51 -16.74 51.48
C TYR Q 189 -71.53 -16.44 52.96
N LYS Q 190 -70.89 -15.33 53.35
CA LYS Q 190 -70.90 -14.91 54.73
C LYS Q 190 -72.26 -14.31 55.09
N ALA Q 191 -72.46 -14.12 56.40
CA ALA Q 191 -73.71 -13.54 56.86
C ALA Q 191 -73.94 -12.13 56.35
N SER Q 192 -72.87 -11.42 55.98
CA SER Q 192 -73.03 -10.08 55.43
C SER Q 192 -73.80 -10.11 54.13
N ASN Q 193 -73.47 -11.05 53.23
CA ASN Q 193 -74.16 -11.12 51.95
C ASN Q 193 -75.57 -11.68 52.11
N LYS Q 194 -75.71 -12.76 52.86
CA LYS Q 194 -76.96 -13.51 52.88
C LYS Q 194 -78.11 -12.67 53.43
N THR Q 195 -79.29 -12.85 52.83
CA THR Q 195 -80.51 -12.18 53.26
C THR Q 195 -81.59 -13.25 53.42
N ALA Q 196 -82.28 -13.23 54.55
CA ALA Q 196 -83.25 -14.26 54.86
C ALA Q 196 -84.52 -14.07 54.03
N PHE Q 197 -85.41 -15.07 54.11
CA PHE Q 197 -86.67 -15.00 53.37
C PHE Q 197 -87.53 -13.84 53.86
N LYS Q 198 -87.65 -13.70 55.18
CA LYS Q 198 -88.39 -12.62 55.84
C LYS Q 198 -89.78 -12.40 55.23
N GLY Q 199 -90.51 -13.51 55.08
CA GLY Q 199 -91.91 -13.44 54.70
C GLY Q 199 -92.79 -13.41 55.94
N THR Q 201 -93.86 -12.61 55.88
CA THR Q 201 -94.75 -12.45 57.01
C THR Q 201 -95.68 -13.67 57.08
N ASN Q 202 -96.71 -13.59 57.91
CA ASN Q 202 -97.67 -14.68 58.06
C ASN Q 202 -98.61 -14.71 56.86
N ASP Q 203 -98.76 -15.90 56.26
CA ASP Q 203 -99.59 -16.24 55.11
C ASP Q 203 -99.74 -15.13 54.08
N PRO Q 204 -98.68 -14.73 53.37
CA PRO Q 204 -98.84 -13.88 52.20
C PRO Q 204 -99.09 -14.74 50.97
N ILE Q 205 -99.24 -14.09 49.84
CA ILE Q 205 -99.13 -14.77 48.56
C ILE Q 205 -97.66 -15.01 48.26
N TRP Q 206 -97.40 -16.01 47.41
CA TRP Q 206 -96.02 -16.37 47.12
C TRP Q 206 -95.28 -15.31 46.32
N LEU Q 207 -95.98 -14.28 45.82
CA LEU Q 207 -95.34 -13.06 45.37
C LEU Q 207 -94.86 -12.18 46.52
N GLY Q 208 -94.95 -12.65 47.77
CA GLY Q 208 -94.25 -12.07 48.89
C GLY Q 208 -92.75 -12.23 48.84
N ILE Q 209 -92.23 -12.95 47.85
CA ILE Q 209 -90.81 -12.89 47.50
C ILE Q 209 -90.42 -11.47 47.11
N TRP Q 210 -91.38 -10.65 46.68
CA TRP Q 210 -91.13 -9.23 46.44
C TRP Q 210 -90.49 -8.57 47.64
N ARG Q 211 -90.91 -8.96 48.85
CA ARG Q 211 -90.25 -8.44 50.04
C ARG Q 211 -88.77 -8.82 50.06
N THR Q 212 -88.46 -10.08 49.77
CA THR Q 212 -87.08 -10.53 49.81
C THR Q 212 -86.26 -9.86 48.71
N LEU Q 213 -86.82 -9.75 47.51
CA LEU Q 213 -86.09 -9.12 46.41
C LEU Q 213 -85.81 -7.65 46.72
N THR Q 214 -86.80 -6.95 47.27
CA THR Q 214 -86.58 -5.56 47.64
C THR Q 214 -85.51 -5.44 48.70
N GLN Q 215 -85.52 -6.35 49.68
CA GLN Q 215 -84.48 -6.32 50.71
C GLN Q 215 -83.11 -6.59 50.11
N ALA Q 216 -83.03 -7.53 49.16
CA ALA Q 216 -81.76 -7.80 48.51
C ALA Q 216 -81.27 -6.57 47.74
N GLN Q 217 -82.18 -5.88 47.06
CA GLN Q 217 -81.81 -4.62 46.42
C GLN Q 217 -81.37 -3.61 47.46
N LYS Q 218 -82.09 -3.52 48.57
CA LYS Q 218 -81.72 -2.56 49.62
C LYS Q 218 -80.36 -2.90 50.20
N ASP Q 219 -80.11 -4.18 50.49
CA ASP Q 219 -78.85 -4.55 51.12
C ASP Q 219 -77.68 -4.40 50.17
N THR Q 220 -77.89 -4.58 48.87
CA THR Q 220 -76.82 -4.35 47.91
C THR Q 220 -76.41 -2.89 47.92
N VAL Q 221 -77.39 -1.99 47.91
CA VAL Q 221 -77.10 -0.56 47.83
C VAL Q 221 -76.48 -0.07 49.13
N ILE Q 222 -76.97 -0.56 50.27
CA ILE Q 222 -76.41 -0.16 51.55
C ILE Q 222 -74.95 -0.57 51.64
N ALA Q 223 -74.59 -1.71 51.05
CA ALA Q 223 -73.21 -2.14 50.97
C ALA Q 223 -72.44 -1.47 49.82
N LYS Q 224 -73.03 -0.49 49.15
CA LYS Q 224 -72.44 0.29 48.07
C LYS Q 224 -72.30 -0.47 46.76
N ARG Q 225 -72.61 -1.77 46.71
CA ARG Q 225 -72.76 -2.48 45.46
C ARG Q 225 -74.17 -2.23 44.94
N GLN Q 226 -74.59 -2.93 43.91
CA GLN Q 226 -75.96 -2.80 43.44
C GLN Q 226 -76.32 -4.02 42.60
N GLY Q 227 -77.54 -4.52 42.78
CA GLY Q 227 -78.01 -5.66 42.04
C GLY Q 227 -78.68 -5.25 40.75
N ASN Q 228 -78.26 -5.87 39.66
CA ASN Q 228 -78.84 -5.63 38.35
C ASN Q 228 -79.25 -6.93 37.66
N ILE Q 229 -78.55 -8.03 37.97
CA ILE Q 229 -78.82 -9.34 37.41
C ILE Q 229 -79.23 -10.27 38.55
N LEU Q 230 -80.35 -10.95 38.38
CA LEU Q 230 -80.85 -11.90 39.36
C LEU Q 230 -80.69 -13.31 38.81
N MET Q 231 -80.17 -14.21 39.63
CA MET Q 231 -80.02 -15.61 39.29
C MET Q 231 -80.88 -16.45 40.22
N ALA Q 232 -81.64 -17.37 39.65
CA ALA Q 232 -82.52 -18.24 40.43
C ALA Q 232 -82.65 -19.55 39.69
N SER Q 233 -83.58 -20.39 40.13
CA SER Q 233 -83.90 -21.65 39.48
C SER Q 233 -85.21 -21.52 38.74
N SER Q 234 -85.41 -22.40 37.76
CA SER Q 234 -86.67 -22.41 37.03
C SER Q 234 -87.83 -22.92 37.87
N ALA Q 235 -87.58 -23.49 39.04
CA ALA Q 235 -88.65 -23.99 39.89
C ALA Q 235 -89.57 -22.88 40.40
N ASP Q 236 -89.12 -21.63 40.38
CA ASP Q 236 -89.91 -20.49 40.82
C ASP Q 236 -89.80 -19.36 39.80
N GLN Q 237 -89.74 -19.71 38.52
CA GLN Q 237 -89.76 -18.69 37.47
C GLN Q 237 -91.06 -17.92 37.48
N ILE Q 238 -92.18 -18.63 37.59
CA ILE Q 238 -93.49 -17.97 37.54
C ILE Q 238 -93.69 -17.09 38.77
N GLU Q 239 -93.19 -17.51 39.93
CA GLU Q 239 -93.34 -16.70 41.12
C GLU Q 239 -92.45 -15.46 41.07
N ILE Q 240 -91.20 -15.63 40.65
CA ILE Q 240 -90.28 -14.49 40.60
C ILE Q 240 -90.74 -13.50 39.54
N GLU Q 241 -91.08 -13.99 38.35
CA GLU Q 241 -91.49 -13.08 37.28
C GLU Q 241 -92.77 -12.35 37.64
N MET Q 242 -93.68 -13.00 38.37
CA MET Q 242 -94.84 -12.30 38.89
C MET Q 242 -94.44 -11.26 39.93
N ALA Q 243 -93.36 -11.53 40.68
CA ALA Q 243 -92.95 -10.62 41.74
C ALA Q 243 -92.25 -9.38 41.19
N LEU Q 244 -91.46 -9.52 40.13
CA LEU Q 244 -90.80 -8.36 39.54
C LEU Q 244 -91.82 -7.35 39.07
N ASN Q 245 -92.84 -7.80 38.35
CA ASN Q 245 -93.97 -6.94 38.08
C ASN Q 245 -94.79 -6.73 39.35
N GLY Q 246 -95.52 -5.62 39.38
CA GLY Q 246 -96.36 -5.33 40.52
C GLY Q 246 -97.41 -6.40 40.73
N GLY Q 247 -97.43 -7.00 41.90
CA GLY Q 247 -98.45 -7.98 42.20
C GLY Q 247 -99.84 -7.39 42.19
N HIS Q 248 -100.82 -8.27 42.03
CA HIS Q 248 -102.21 -7.83 42.05
C HIS Q 248 -102.55 -7.19 43.40
N LEU Q 249 -103.63 -6.42 43.40
CA LEU Q 249 -104.07 -5.75 44.61
C LEU Q 249 -104.41 -6.77 45.69
N LEU Q 250 -103.80 -6.61 46.87
CA LEU Q 250 -103.98 -7.52 47.99
C LEU Q 250 -104.37 -6.72 49.22
N ASN Q 251 -105.61 -6.89 49.66
CA ASN Q 251 -106.12 -6.23 50.86
C ASN Q 251 -105.96 -4.72 50.76
N GLY Q 252 -106.24 -4.18 49.58
CA GLY Q 252 -106.07 -2.76 49.36
C GLY Q 252 -104.62 -2.32 49.42
N SER Q 253 -103.72 -3.05 48.77
CA SER Q 253 -102.31 -2.69 48.70
C SER Q 253 -101.77 -3.09 47.33
N MET Q 254 -101.49 -2.10 46.49
CA MET Q 254 -100.99 -2.32 45.14
C MET Q 254 -99.49 -2.12 45.16
N TYR Q 255 -98.74 -3.21 45.28
CA TYR Q 255 -97.31 -3.11 45.41
C TYR Q 255 -96.69 -2.67 44.08
N PRO Q 256 -95.51 -2.02 44.12
CA PRO Q 256 -94.89 -1.55 42.88
C PRO Q 256 -93.94 -2.58 42.29
N SER Q 257 -93.72 -2.44 40.99
CA SER Q 257 -92.77 -3.30 40.29
C SER Q 257 -91.36 -3.01 40.79
N ILE Q 258 -90.54 -4.07 40.84
CA ILE Q 258 -89.15 -3.93 41.25
C ILE Q 258 -88.34 -3.43 40.06
N LYS Q 259 -87.64 -2.33 40.26
CA LYS Q 259 -86.82 -1.72 39.22
C LYS Q 259 -85.35 -2.06 39.44
N ASN Q 260 -84.52 -1.65 38.47
CA ASN Q 260 -83.08 -1.90 38.51
C ASN Q 260 -82.76 -3.38 38.63
N ILE Q 261 -83.48 -4.20 37.87
CA ILE Q 261 -83.12 -5.59 37.61
C ILE Q 261 -83.25 -5.78 36.10
N SER Q 262 -82.12 -5.64 35.39
CA SER Q 262 -82.18 -5.64 33.94
C SER Q 262 -82.69 -6.97 33.40
N THR Q 263 -82.08 -8.08 33.82
CA THR Q 263 -82.45 -9.40 33.35
C THR Q 263 -82.39 -10.38 34.51
N VAL Q 264 -83.15 -11.46 34.36
CA VAL Q 264 -83.13 -12.59 35.29
C VAL Q 264 -82.78 -13.83 34.48
N ILE Q 265 -81.83 -14.62 34.98
CA ILE Q 265 -81.35 -15.81 34.30
C ILE Q 265 -81.57 -17.00 35.22
N TYR Q 266 -82.17 -18.06 34.69
CA TYR Q 266 -82.44 -19.29 35.43
C TYR Q 266 -81.47 -20.35 34.94
N TYR Q 267 -80.65 -20.87 35.86
CA TYR Q 267 -79.58 -21.81 35.54
C TYR Q 267 -79.87 -23.10 36.30
N ASP Q 268 -80.58 -24.02 35.65
CA ASP Q 268 -80.76 -25.35 36.19
C ASP Q 268 -79.53 -26.22 35.89
N GLY Q 269 -79.45 -27.35 36.57
CA GLY Q 269 -78.33 -28.24 36.37
C GLY Q 269 -78.36 -28.88 34.99
N TRP Q 270 -77.18 -29.31 34.55
CA TRP Q 270 -77.00 -30.03 33.30
C TRP Q 270 -76.50 -31.44 33.61
N GLU Q 271 -77.08 -32.42 32.93
CA GLU Q 271 -76.80 -33.83 33.18
C GLU Q 271 -76.49 -34.52 31.86
N VAL Q 272 -75.54 -35.45 31.90
CA VAL Q 272 -75.17 -36.23 30.73
C VAL Q 272 -74.66 -37.58 31.21
N THR Q 273 -74.97 -38.63 30.44
CA THR Q 273 -74.57 -40.00 30.75
C THR Q 273 -73.58 -40.44 29.69
N VAL Q 274 -72.29 -40.30 30.00
CA VAL Q 274 -71.22 -40.73 29.11
C VAL Q 274 -70.86 -42.16 29.49
N GLY Q 275 -71.25 -43.11 28.64
CA GLY Q 275 -71.04 -44.51 28.99
C GLY Q 275 -71.82 -44.87 30.22
N LYS Q 276 -71.14 -45.49 31.19
CA LYS Q 276 -71.74 -45.86 32.46
C LYS Q 276 -71.49 -44.85 33.57
N LYS Q 277 -70.80 -43.74 33.28
CA LYS Q 277 -70.53 -42.69 34.25
C LYS Q 277 -71.30 -41.44 33.85
N THR Q 278 -72.09 -40.92 34.78
CA THR Q 278 -72.88 -39.72 34.56
C THR Q 278 -72.16 -38.53 35.18
N TYR Q 279 -72.06 -37.44 34.42
CA TYR Q 279 -71.48 -36.19 34.88
C TYR Q 279 -72.59 -35.15 34.98
N SER Q 280 -72.68 -34.50 36.14
CA SER Q 280 -73.75 -33.56 36.43
C SER Q 280 -73.14 -32.24 36.89
N TYR Q 281 -73.61 -31.15 36.30
CA TYR Q 281 -73.26 -29.80 36.74
C TYR Q 281 -74.38 -29.28 37.62
N LYS Q 282 -74.05 -28.91 38.85
CA LYS Q 282 -75.05 -28.46 39.80
C LYS Q 282 -75.57 -27.09 39.40
N GLY Q 283 -76.88 -26.97 39.24
CA GLY Q 283 -77.52 -25.70 38.97
C GLY Q 283 -77.87 -24.98 40.25
N VAL Q 284 -78.66 -23.91 40.09
CA VAL Q 284 -79.11 -23.15 41.23
C VAL Q 284 -80.12 -23.99 42.02
N THR Q 285 -79.91 -24.08 43.32
CA THR Q 285 -80.85 -24.80 44.17
C THR Q 285 -82.21 -24.09 44.12
N PRO Q 286 -83.32 -24.82 44.14
CA PRO Q 286 -84.62 -24.14 44.18
C PRO Q 286 -84.77 -23.33 45.46
N GLY Q 287 -85.43 -22.19 45.33
CA GLY Q 287 -85.59 -21.27 46.45
C GLY Q 287 -84.46 -20.26 46.51
N LYS Q 288 -83.23 -20.74 46.65
CA LYS Q 288 -82.08 -19.86 46.74
C LYS Q 288 -81.89 -19.11 45.43
N GLY Q 289 -81.48 -17.84 45.54
CA GLY Q 289 -81.19 -17.04 44.38
C GLY Q 289 -79.99 -16.14 44.66
N TYR Q 290 -79.39 -15.64 43.58
CA TYR Q 290 -78.18 -14.84 43.66
C TYR Q 290 -78.37 -13.57 42.84
N LEU Q 291 -78.36 -12.43 43.51
CA LEU Q 291 -78.47 -11.13 42.86
C LEU Q 291 -77.06 -10.57 42.65
N ILE Q 292 -76.73 -10.25 41.41
CA ILE Q 292 -75.36 -10.06 40.98
C ILE Q 292 -75.20 -8.65 40.40
N ARG Q 293 -74.02 -8.07 40.64
CA ARG Q 293 -73.62 -6.83 40.00
C ARG Q 293 -72.71 -7.18 38.82
N PRO Q 294 -73.13 -6.99 37.57
CA PRO Q 294 -72.46 -7.68 36.48
C PRO Q 294 -71.23 -6.99 35.94
N LYS Q 295 -70.29 -7.83 35.49
CA LYS Q 295 -69.18 -7.44 34.60
C LYS Q 295 -68.40 -6.23 35.11
N ARG Q 296 -68.13 -6.21 36.40
CA ARG Q 296 -67.12 -5.34 36.99
C ARG Q 296 -66.10 -6.11 37.80
N GLY Q 297 -66.54 -7.11 38.57
CA GLY Q 297 -65.66 -8.04 39.24
C GLY Q 297 -65.58 -9.39 38.56
N PHE Q 298 -66.41 -9.63 37.54
CA PHE Q 298 -66.44 -10.88 36.81
C PHE Q 298 -65.76 -10.69 35.48
N LYS Q 299 -64.76 -11.52 35.19
CA LYS Q 299 -63.98 -11.45 33.96
C LYS Q 299 -63.94 -12.82 33.31
N GLU Q 300 -64.16 -12.85 32.00
CA GLU Q 300 -64.09 -14.07 31.20
C GLU Q 300 -62.80 -14.04 30.40
N LEU Q 301 -61.90 -14.97 30.70
CA LEU Q 301 -60.59 -15.05 30.07
C LEU Q 301 -60.61 -16.16 29.02
N ILE Q 302 -60.26 -15.81 27.79
CA ILE Q 302 -60.31 -16.73 26.65
C ILE Q 302 -58.99 -16.64 25.90
N LYS Q 303 -58.38 -17.78 25.62
CA LYS Q 303 -57.28 -17.89 24.68
C LYS Q 303 -57.70 -18.60 23.40
N ARG Q 304 -58.35 -19.75 23.52
CA ARG Q 304 -58.97 -20.44 22.38
C ARG Q 304 -60.38 -20.82 22.81
N ASP Q 305 -61.38 -20.21 22.20
CA ASP Q 305 -62.76 -20.47 22.60
C ASP Q 305 -63.13 -21.93 22.38
N LEU Q 306 -62.83 -22.46 21.20
CA LEU Q 306 -63.13 -23.86 20.89
C LEU Q 306 -62.42 -24.23 19.60
N THR Q 307 -61.88 -25.43 19.55
CA THR Q 307 -61.15 -25.89 18.38
C THR Q 307 -61.36 -27.40 18.27
N THR Q 308 -62.15 -27.83 17.30
CA THR Q 308 -62.38 -29.25 17.04
C THR Q 308 -61.42 -29.67 15.93
N GLU Q 309 -60.30 -30.27 16.30
CA GLU Q 309 -59.29 -30.72 15.36
C GLU Q 309 -59.35 -32.23 15.23
N VAL Q 310 -59.20 -32.73 14.00
CA VAL Q 310 -59.15 -34.16 13.78
C VAL Q 310 -57.87 -34.72 14.37
N GLY Q 311 -57.99 -35.75 15.20
CA GLY Q 311 -56.86 -36.31 15.90
C GLY Q 311 -56.16 -37.40 15.11
N ASN Q 312 -55.12 -37.94 15.74
CA ASN Q 312 -54.35 -39.01 15.12
C ASN Q 312 -55.20 -40.26 14.95
N ALA Q 313 -54.94 -40.99 13.86
CA ALA Q 313 -55.67 -42.19 13.51
C ALA Q 313 -54.71 -43.37 13.43
N ASP Q 314 -55.20 -44.54 13.82
CA ASP Q 314 -54.47 -45.80 13.63
C ASP Q 314 -54.91 -46.35 12.28
N LEU Q 315 -54.11 -46.05 11.25
CA LEU Q 315 -54.43 -46.56 9.92
C LEU Q 315 -54.38 -48.08 9.88
N SER Q 316 -53.54 -48.69 10.71
CA SER Q 316 -53.42 -50.14 10.74
C SER Q 316 -54.72 -50.81 11.19
N LYS Q 317 -55.59 -50.09 11.88
CA LYS Q 317 -56.90 -50.57 12.28
C LYS Q 317 -58.03 -50.02 11.43
N LEU Q 318 -57.74 -49.11 10.50
CA LEU Q 318 -58.77 -48.40 9.74
C LEU Q 318 -59.75 -47.71 10.68
N VAL Q 319 -59.22 -47.07 11.71
CA VAL Q 319 -60.00 -46.25 12.64
C VAL Q 319 -59.86 -44.79 12.24
N GLU Q 320 -60.99 -44.10 12.15
CA GLU Q 320 -61.00 -42.73 11.65
C GLU Q 320 -60.33 -41.81 12.67
N ASN Q 321 -59.96 -40.61 12.21
CA ASN Q 321 -59.31 -39.63 13.06
C ASN Q 321 -60.16 -39.30 14.29
N GLN Q 322 -59.49 -39.19 15.43
CA GLN Q 322 -60.17 -38.89 16.69
C GLN Q 322 -60.65 -37.44 16.66
N ILE Q 323 -61.96 -37.25 16.48
CA ILE Q 323 -62.52 -35.91 16.65
C ILE Q 323 -62.43 -35.56 18.12
N VAL Q 324 -61.78 -34.43 18.42
CA VAL Q 324 -61.54 -34.01 19.79
C VAL Q 324 -61.75 -32.51 19.88
N GLY Q 325 -62.52 -32.08 20.88
CA GLY Q 325 -62.69 -30.67 21.15
C GLY Q 325 -61.67 -30.16 22.14
N HIS Q 326 -61.45 -28.85 22.12
CA HIS Q 326 -60.43 -28.26 22.97
C HIS Q 326 -60.74 -26.78 23.17
N CYS Q 327 -60.71 -26.33 24.41
CA CYS Q 327 -60.91 -24.92 24.74
C CYS Q 327 -60.01 -24.55 25.91
N TYR Q 328 -59.40 -23.38 25.81
CA TYR Q 328 -58.48 -22.84 26.82
C TYR Q 328 -59.12 -21.59 27.38
N ARG Q 329 -59.78 -21.71 28.53
CA ARG Q 329 -60.59 -20.64 29.09
C ARG Q 329 -60.32 -20.53 30.58
N GLY Q 330 -61.00 -19.59 31.21
CA GLY Q 330 -60.94 -19.43 32.65
C GLY Q 330 -61.87 -18.32 33.06
N ALA Q 331 -62.11 -18.24 34.37
CA ALA Q 331 -63.04 -17.28 34.94
C ALA Q 331 -62.43 -16.68 36.19
N PHE Q 332 -62.89 -15.47 36.52
CA PHE Q 332 -62.45 -14.76 37.72
C PHE Q 332 -63.70 -14.19 38.40
N ALA Q 333 -64.20 -14.90 39.40
CA ALA Q 333 -65.43 -14.52 40.08
C ALA Q 333 -65.11 -13.57 41.23
N ALA Q 334 -66.08 -13.32 42.10
CA ALA Q 334 -65.88 -12.42 43.23
C ALA Q 334 -67.03 -12.58 44.21
N VAL Q 335 -66.88 -11.92 45.36
CA VAL Q 335 -67.90 -11.88 46.40
C VAL Q 335 -68.44 -10.47 46.62
N GLU Q 336 -67.70 -9.42 46.24
CA GLU Q 336 -68.17 -8.06 46.42
C GLU Q 336 -69.42 -7.77 45.62
N GLU Q 337 -69.66 -8.51 44.53
CA GLU Q 337 -70.75 -8.22 43.63
C GLU Q 337 -72.05 -8.88 44.02
N ASN Q 338 -72.00 -10.02 44.69
CA ASN Q 338 -73.13 -10.93 44.77
C ASN Q 338 -73.78 -10.91 46.14
N VAL Q 339 -75.10 -11.11 46.14
CA VAL Q 339 -75.92 -11.19 47.35
C VAL Q 339 -76.87 -12.37 47.21
N GLN Q 340 -76.88 -13.25 48.20
CA GLN Q 340 -77.76 -14.41 48.20
C GLN Q 340 -79.12 -14.03 48.78
N GLU Q 341 -80.15 -14.72 48.31
CA GLU Q 341 -81.50 -14.61 48.86
C GLU Q 341 -81.99 -16.01 49.25
N ILE Q 342 -83.17 -16.06 49.85
CA ILE Q 342 -83.87 -17.29 50.14
C ILE Q 342 -85.27 -17.16 49.61
N SER Q 343 -85.69 -18.11 48.78
CA SER Q 343 -86.98 -18.08 48.11
C SER Q 343 -87.14 -16.79 47.31
N LEU R 69 -42.39 -16.06 28.25
CA LEU R 69 -43.66 -15.89 27.55
C LEU R 69 -44.18 -14.49 27.73
N ARG R 70 -45.25 -14.15 27.00
CA ARG R 70 -45.81 -12.81 27.06
C ARG R 70 -46.40 -12.52 28.44
N LYS R 71 -46.27 -11.27 28.86
CA LYS R 71 -46.75 -10.80 30.16
C LYS R 71 -47.98 -9.93 29.94
N VAL R 72 -49.10 -10.30 30.55
CA VAL R 72 -50.36 -9.58 30.44
C VAL R 72 -50.91 -9.35 31.85
N VAL R 73 -51.43 -8.16 32.09
CA VAL R 73 -51.91 -7.74 33.39
C VAL R 73 -53.43 -7.78 33.41
N LEU R 74 -53.99 -8.18 34.54
CA LEU R 74 -55.45 -8.24 34.70
C LEU R 74 -55.95 -6.83 34.95
N ASP R 75 -56.52 -6.21 33.91
CA ASP R 75 -56.94 -4.81 33.97
C ASP R 75 -58.19 -4.70 34.83
N VAL R 76 -57.97 -4.77 36.13
CA VAL R 76 -59.06 -4.72 37.10
C VAL R 76 -59.28 -3.28 37.52
N GLU R 77 -60.46 -3.01 38.05
CA GLU R 77 -60.88 -1.65 38.42
C GLU R 77 -60.50 -1.40 39.87
N LEU R 78 -59.45 -0.62 40.09
CA LEU R 78 -59.02 -0.18 41.41
C LEU R 78 -58.79 1.32 41.37
N GLY R 79 -58.40 1.88 42.51
CA GLY R 79 -58.25 3.31 42.68
C GLY R 79 -59.33 3.88 43.56
N ARG R 80 -58.99 4.94 44.28
CA ARG R 80 -59.92 5.51 45.24
C ARG R 80 -61.08 6.20 44.53
N GLU R 81 -62.21 6.27 45.21
CA GLU R 81 -63.42 6.84 44.62
C GLU R 81 -63.30 8.35 44.49
N GLN R 82 -63.95 8.88 43.46
CA GLN R 82 -64.01 10.33 43.28
C GLN R 82 -64.96 10.94 44.30
N VAL R 83 -64.61 12.15 44.76
CA VAL R 83 -65.38 12.87 45.78
C VAL R 83 -66.03 14.07 45.10
N GLN R 84 -67.32 14.26 45.37
CA GLN R 84 -68.13 15.30 44.76
C GLN R 84 -68.48 16.37 45.79
N LEU R 85 -68.69 17.59 45.30
CA LEU R 85 -69.03 18.73 46.15
C LEU R 85 -70.54 18.73 46.36
N LEU R 86 -70.97 18.20 47.50
CA LEU R 86 -72.39 18.07 47.79
C LEU R 86 -72.98 19.28 48.51
N TYR R 87 -72.16 20.21 48.97
CA TYR R 87 -72.64 21.33 49.77
C TYR R 87 -73.24 22.45 48.92
N LYS R 88 -73.01 22.45 47.61
CA LYS R 88 -73.34 23.63 46.80
C LYS R 88 -74.80 24.04 46.84
N PRO R 89 -75.79 23.15 46.78
CA PRO R 89 -77.18 23.61 46.81
C PRO R 89 -77.55 24.37 48.08
N ILE R 90 -76.83 24.16 49.18
CA ILE R 90 -77.17 24.85 50.42
C ILE R 90 -76.56 26.25 50.43
N TYR R 91 -75.23 26.32 50.42
CA TYR R 91 -74.54 27.56 50.69
C TYR R 91 -74.68 28.55 49.53
N ASP R 92 -74.73 29.83 49.89
CA ASP R 92 -74.72 30.93 48.93
C ASP R 92 -73.29 31.42 48.77
N SER R 93 -72.71 31.16 47.60
CA SER R 93 -71.30 31.46 47.41
C SER R 93 -71.05 32.97 47.38
N ILE R 94 -69.93 33.38 47.94
CA ILE R 94 -69.45 34.77 47.89
C ILE R 94 -67.98 34.70 47.48
N ALA R 95 -67.71 34.95 46.21
CA ALA R 95 -66.36 34.86 45.66
C ALA R 95 -65.78 36.27 45.57
N ASP R 96 -64.72 36.51 46.34
CA ASP R 96 -64.04 37.80 46.30
C ASP R 96 -62.69 37.64 46.97
N SER R 97 -61.61 37.95 46.25
CA SER R 97 -60.28 37.85 46.81
C SER R 97 -59.94 38.97 47.78
N ASN R 98 -60.79 40.00 47.88
CA ASN R 98 -60.53 41.15 48.72
C ASN R 98 -60.99 40.97 50.16
N LEU R 99 -61.58 39.83 50.51
CA LEU R 99 -62.22 39.70 51.81
C LEU R 99 -61.18 39.73 52.93
N PRO R 100 -61.49 40.32 54.08
CA PRO R 100 -60.60 40.22 55.24
C PRO R 100 -60.88 38.95 56.02
N GLN R 101 -60.00 38.67 56.99
CA GLN R 101 -60.14 37.43 57.73
C GLN R 101 -61.37 37.42 58.63
N VAL R 102 -61.91 38.58 58.98
CA VAL R 102 -63.13 38.67 59.78
C VAL R 102 -64.10 39.59 59.04
N MET R 103 -65.31 39.10 58.81
CA MET R 103 -66.27 39.80 57.96
C MET R 103 -67.00 40.88 58.75
N ASP R 104 -67.35 41.94 58.04
CA ASP R 104 -68.10 43.05 58.64
C ASP R 104 -69.47 42.57 59.13
N ALA R 105 -69.90 43.11 60.26
CA ALA R 105 -71.22 42.81 60.81
C ALA R 105 -72.23 43.83 60.29
N LYS R 106 -73.30 43.35 59.68
CA LYS R 106 -74.34 44.23 59.19
C LYS R 106 -75.07 44.87 60.37
N TRP R 107 -75.48 46.13 60.19
CA TRP R 107 -76.15 46.90 61.22
C TRP R 107 -77.40 47.56 60.66
N ALA R 108 -78.38 47.78 61.53
CA ALA R 108 -79.60 48.47 61.14
C ALA R 108 -80.19 49.15 62.37
N LEU R 109 -81.02 50.15 62.11
CA LEU R 109 -81.64 50.97 63.13
C LEU R 109 -83.16 50.81 63.04
N GLN R 110 -83.79 50.53 64.16
CA GLN R 110 -85.23 50.25 64.21
C GLN R 110 -85.84 51.05 65.35
N GLY R 111 -86.99 51.68 65.08
CA GLY R 111 -87.68 52.48 66.06
C GLY R 111 -88.89 51.76 66.60
N ASN R 112 -88.89 51.50 67.90
CA ASN R 112 -89.95 50.77 68.57
C ASN R 112 -90.92 51.77 69.21
N CYS R 113 -92.21 51.53 69.00
CA CYS R 113 -93.25 52.35 69.61
C CYS R 113 -94.49 51.50 69.81
N VAL R 114 -95.28 51.85 70.83
CA VAL R 114 -96.48 51.11 71.20
C VAL R 114 -97.61 52.11 71.39
N PHE R 115 -98.78 51.78 70.84
CA PHE R 115 -99.96 52.64 70.96
C PHE R 115 -100.73 52.25 72.21
N LEU R 116 -100.81 53.16 73.16
CA LEU R 116 -101.63 53.03 74.35
C LEU R 116 -102.80 53.98 74.24
N GLU R 117 -104.01 53.47 74.46
CA GLU R 117 -105.20 54.30 74.26
C GLU R 117 -105.24 55.39 75.32
N HIS R 118 -105.25 56.63 74.85
CA HIS R 118 -105.19 57.81 75.70
C HIS R 118 -106.50 58.00 76.45
N ILE R 119 -106.41 58.55 77.66
CA ILE R 119 -107.59 58.90 78.45
C ILE R 119 -107.54 60.34 78.93
N GLU R 120 -107.89 61.26 78.04
CA GLU R 120 -108.23 62.67 78.31
C GLU R 120 -107.49 63.32 79.47
N GLY R 121 -106.15 63.31 79.44
CA GLY R 121 -105.37 63.97 80.47
C GLY R 121 -104.11 63.26 80.92
N GLU R 122 -103.84 62.08 80.36
CA GLU R 122 -102.64 61.32 80.69
C GLU R 122 -101.55 61.63 79.68
N GLU R 123 -100.32 61.84 80.17
CA GLU R 123 -99.20 62.07 79.29
C GLU R 123 -98.94 60.82 78.45
N ILE R 124 -98.74 61.03 77.15
CA ILE R 124 -98.46 59.93 76.24
C ILE R 124 -97.01 59.50 76.39
N LYS R 125 -96.80 58.22 76.63
CA LYS R 125 -95.44 57.69 76.74
C LYS R 125 -94.79 57.62 75.37
N PHE R 126 -93.48 57.84 75.35
CA PHE R 126 -92.71 57.87 74.11
C PHE R 126 -91.95 56.56 73.92
N GLY R 127 -91.71 56.22 72.66
CA GLY R 127 -91.00 55.02 72.31
C GLY R 127 -89.49 55.20 72.41
N THR R 128 -88.77 54.19 71.93
CA THR R 128 -87.32 54.19 71.92
C THR R 128 -86.85 53.64 70.58
N ILE R 129 -85.52 53.51 70.45
CA ILE R 129 -84.88 53.03 69.24
C ILE R 129 -83.92 51.92 69.62
N ASN R 130 -83.91 50.85 68.81
CA ASN R 130 -83.04 49.71 69.02
C ASN R 130 -82.26 49.45 67.73
N ALA R 131 -81.09 48.83 67.87
CA ALA R 131 -80.18 48.58 66.77
C ALA R 131 -80.01 47.09 66.57
N GLU R 132 -80.27 46.62 65.36
CA GLU R 132 -80.02 45.24 64.99
C GLU R 132 -78.56 45.07 64.61
N ASN R 133 -77.96 43.98 65.07
CA ASN R 133 -76.58 43.62 64.76
C ASN R 133 -76.56 42.26 64.10
N GLY R 134 -75.92 42.18 62.93
CA GLY R 134 -75.83 40.92 62.23
C GLY R 134 -74.76 40.02 62.81
N PRO R 135 -74.60 38.85 62.21
CA PRO R 135 -73.57 37.91 62.66
C PRO R 135 -72.21 38.27 62.08
N VAL R 136 -71.19 37.56 62.56
CA VAL R 136 -69.81 37.77 62.16
C VAL R 136 -69.28 36.45 61.62
N ALA R 137 -68.65 36.51 60.45
CA ALA R 137 -68.03 35.35 59.82
C ALA R 137 -66.53 35.55 59.75
N ARG R 138 -65.80 34.44 59.73
CA ARG R 138 -64.34 34.44 59.74
C ARG R 138 -63.83 33.56 58.61
N ILE R 139 -62.76 34.01 57.96
CA ILE R 139 -62.11 33.28 56.89
C ILE R 139 -60.83 32.68 57.42
N GLN R 140 -60.65 31.38 57.20
CA GLN R 140 -59.51 30.62 57.70
C GLN R 140 -58.68 30.12 56.54
N THR R 141 -57.50 29.59 56.87
CA THR R 141 -56.54 29.09 55.88
C THR R 141 -56.29 27.61 56.14
N TYR R 142 -56.37 26.81 55.08
CA TYR R 142 -56.05 25.39 55.11
C TYR R 142 -54.95 25.11 54.11
N ALA R 143 -54.12 24.12 54.43
CA ALA R 143 -53.00 23.82 53.54
C ALA R 143 -52.45 22.45 53.87
N THR R 144 -51.83 21.83 52.87
CA THR R 144 -51.16 20.54 53.00
C THR R 144 -50.39 20.28 51.73
N GLY R 145 -49.27 19.57 51.87
CA GLY R 145 -48.39 19.29 50.75
C GLY R 145 -47.77 17.92 50.87
N PHE R 146 -46.93 17.59 49.90
CA PHE R 146 -46.16 16.38 49.88
C PHE R 146 -44.68 16.71 49.81
N GLU R 147 -43.86 15.78 50.26
CA GLU R 147 -42.40 15.86 50.13
C GLU R 147 -41.95 14.55 49.48
N TYR R 148 -41.91 14.54 48.16
CA TYR R 148 -41.47 13.36 47.42
C TYR R 148 -39.97 13.48 47.16
N THR R 149 -39.23 12.43 47.49
CA THR R 149 -37.79 12.43 47.42
C THR R 149 -37.31 11.87 46.09
N LYS R 150 -35.99 11.95 45.88
CA LYS R 150 -35.39 11.30 44.71
C LYS R 150 -35.55 9.79 44.80
N GLU R 151 -35.40 9.23 46.01
CA GLU R 151 -35.58 7.80 46.18
C GLU R 151 -37.01 7.37 45.87
N MET R 152 -37.98 8.15 46.35
CA MET R 152 -39.38 7.87 46.03
C MET R 152 -39.62 7.94 44.53
N LYS R 153 -39.00 8.92 43.87
CA LYS R 153 -39.15 9.04 42.42
C LYS R 153 -38.50 7.87 41.69
N ASP R 154 -37.41 7.34 42.22
CA ASP R 154 -36.61 6.34 41.52
C ASP R 154 -36.98 4.91 41.86
N PHE R 155 -37.82 4.68 42.87
CA PHE R 155 -38.24 3.31 43.17
C PHE R 155 -39.13 2.75 42.06
N ASN R 156 -40.29 3.36 41.84
CA ASN R 156 -41.26 2.90 40.87
C ASN R 156 -41.36 3.91 39.72
N GLN R 157 -41.24 3.42 38.50
CA GLN R 157 -41.34 4.29 37.33
C GLN R 157 -42.77 4.79 37.12
N THR R 158 -43.76 4.11 37.70
CA THR R 158 -45.13 4.59 37.61
C THR R 158 -45.35 5.90 38.34
N PHE R 159 -44.46 6.26 39.27
CA PHE R 159 -44.65 7.46 40.06
C PHE R 159 -44.53 8.72 39.20
N SER R 160 -45.33 9.72 39.54
CA SER R 160 -45.23 11.04 38.94
C SER R 160 -45.86 12.03 39.91
N VAL R 161 -45.78 13.31 39.55
CA VAL R 161 -46.41 14.35 40.37
C VAL R 161 -47.92 14.40 40.16
N GLU R 162 -48.42 13.80 39.07
CA GLU R 162 -49.84 13.89 38.77
C GLU R 162 -50.68 13.20 39.84
N ILE R 163 -50.20 12.08 40.37
CA ILE R 163 -50.96 11.42 41.43
C ILE R 163 -50.98 12.28 42.68
N LEU R 164 -49.90 13.01 42.96
CA LEU R 164 -49.90 13.91 44.10
C LEU R 164 -50.91 15.04 43.91
N ASN R 165 -50.97 15.60 42.69
CA ASN R 165 -51.95 16.63 42.41
C ASN R 165 -53.37 16.09 42.53
N LYS R 166 -53.58 14.85 42.07
CA LYS R 166 -54.90 14.24 42.19
C LYS R 166 -55.28 14.06 43.65
N SER R 167 -54.33 13.63 44.49
CA SER R 167 -54.60 13.49 45.92
C SER R 167 -54.92 14.84 46.54
N ILE R 168 -54.21 15.89 46.13
CA ILE R 168 -54.48 17.23 46.63
C ILE R 168 -55.92 17.63 46.29
N GLY R 169 -56.32 17.41 45.04
CA GLY R 169 -57.66 17.77 44.63
C GLY R 169 -58.72 16.99 45.38
N GLU R 170 -58.51 15.69 45.56
CA GLU R 170 -59.47 14.87 46.27
C GLU R 170 -59.62 15.31 47.73
N SER R 171 -58.48 15.51 48.40
CA SER R 171 -58.54 15.96 49.79
C SER R 171 -59.16 17.33 49.90
N TYR R 172 -58.92 18.19 48.91
CA TYR R 172 -59.50 19.53 48.93
C TYR R 172 -61.01 19.47 48.82
N ASN R 173 -61.52 18.65 47.89
CA ASN R 173 -62.97 18.52 47.75
C ASN R 173 -63.59 17.95 49.02
N ALA R 174 -62.94 16.93 49.60
CA ALA R 174 -63.43 16.38 50.86
C ALA R 174 -63.44 17.44 51.95
N LEU R 175 -62.43 18.31 51.96
CA LEU R 175 -62.39 19.37 52.96
C LEU R 175 -63.51 20.37 52.74
N LEU R 176 -63.82 20.70 51.48
CA LEU R 176 -64.93 21.61 51.22
C LEU R 176 -66.23 21.03 51.77
N ASN R 177 -66.48 19.75 51.48
CA ASN R 177 -67.66 19.10 52.02
C ASN R 177 -67.66 19.14 53.54
N HIS R 178 -66.50 18.88 54.15
CA HIS R 178 -66.42 18.86 55.60
C HIS R 178 -66.73 20.23 56.18
N ILE R 179 -66.05 21.26 55.70
CA ILE R 179 -66.23 22.61 56.25
C ILE R 179 -67.68 23.04 56.13
N HIS R 180 -68.30 22.75 54.98
CA HIS R 180 -69.62 23.28 54.73
C HIS R 180 -70.74 22.46 55.37
N LEU R 181 -70.55 21.16 55.55
CA LEU R 181 -71.62 20.31 56.08
C LEU R 181 -71.46 19.97 57.55
N SER R 182 -70.24 19.75 58.04
CA SER R 182 -70.03 19.32 59.41
C SER R 182 -70.54 20.30 60.46
N PRO R 183 -70.70 21.60 60.18
CA PRO R 183 -71.49 22.42 61.11
C PRO R 183 -72.89 21.88 61.33
N ILE R 184 -73.54 21.37 60.28
CA ILE R 184 -74.86 20.79 60.44
C ILE R 184 -74.76 19.47 61.20
N ILE R 185 -73.72 18.68 60.92
CA ILE R 185 -73.61 17.35 61.50
C ILE R 185 -73.35 17.44 63.00
N ASN R 186 -72.38 18.26 63.40
CA ASN R 186 -71.87 18.25 64.76
C ASN R 186 -72.58 19.21 65.70
N PHE R 187 -73.56 19.98 65.22
CA PHE R 187 -74.25 20.91 66.10
C PHE R 187 -75.03 20.16 67.17
N ASN R 188 -75.06 20.73 68.37
CA ASN R 188 -75.81 20.17 69.48
C ASN R 188 -77.24 20.69 69.39
N TYR R 189 -78.07 20.01 68.60
CA TYR R 189 -79.43 20.45 68.40
C TYR R 189 -80.22 20.34 69.69
N LYS R 190 -81.05 21.35 69.96
CA LYS R 190 -81.91 21.36 71.13
C LYS R 190 -83.23 20.69 70.79
N ALA R 191 -84.14 20.65 71.78
CA ALA R 191 -85.43 20.00 71.57
C ALA R 191 -86.27 20.71 70.51
N SER R 192 -86.02 22.00 70.28
CA SER R 192 -86.79 22.73 69.28
C SER R 192 -86.57 22.18 67.88
N ASN R 193 -85.35 21.74 67.58
CA ASN R 193 -84.97 21.33 66.23
C ASN R 193 -84.88 19.82 66.07
N LYS R 194 -85.32 19.04 67.04
CA LYS R 194 -85.24 17.58 67.00
C LYS R 194 -86.64 17.00 66.89
N THR R 195 -86.82 16.10 65.93
CA THR R 195 -88.06 15.35 65.77
C THR R 195 -87.74 13.86 65.76
N ALA R 196 -88.47 13.10 66.56
CA ALA R 196 -88.18 11.69 66.77
C ALA R 196 -88.88 10.82 65.73
N PHE R 197 -88.29 9.65 65.49
CA PHE R 197 -88.92 8.67 64.63
C PHE R 197 -90.26 8.24 65.21
N LYS R 198 -91.25 8.05 64.35
CA LYS R 198 -92.64 7.83 64.76
C LYS R 198 -93.23 6.61 64.07
N GLY R 199 -92.49 5.51 64.05
CA GLY R 199 -93.06 4.26 63.59
C GLY R 199 -94.18 3.81 64.50
N THR R 201 -95.43 3.90 64.03
CA THR R 201 -96.58 3.67 64.89
C THR R 201 -96.63 2.24 65.40
N ASN R 202 -96.86 1.28 64.52
CA ASN R 202 -96.91 -0.13 64.91
C ASN R 202 -96.74 -0.97 63.67
N ASP R 203 -95.69 -1.82 63.68
CA ASP R 203 -95.25 -2.71 62.59
C ASP R 203 -95.50 -2.13 61.19
N PRO R 204 -95.06 -0.91 60.91
CA PRO R 204 -95.31 -0.34 59.58
C PRO R 204 -94.25 -0.75 58.58
N ILE R 205 -94.63 -0.70 57.30
CA ILE R 205 -93.65 -0.80 56.25
C ILE R 205 -92.62 0.32 56.45
N TRP R 206 -91.39 0.08 56.00
CA TRP R 206 -90.29 0.99 56.31
C TRP R 206 -90.44 2.37 55.68
N LEU R 207 -91.39 2.55 54.75
CA LEU R 207 -91.73 3.88 54.26
C LEU R 207 -92.65 4.64 55.23
N GLY R 208 -92.76 4.20 56.48
CA GLY R 208 -93.25 5.05 57.55
C GLY R 208 -92.31 6.17 57.93
N ILE R 209 -91.11 6.21 57.35
CA ILE R 209 -90.26 7.39 57.42
C ILE R 209 -90.96 8.58 56.77
N TRP R 210 -91.88 8.32 55.83
CA TRP R 210 -92.65 9.39 55.21
C TRP R 210 -93.31 10.27 56.25
N ARG R 211 -93.96 9.67 57.24
CA ARG R 211 -94.66 10.48 58.23
C ARG R 211 -93.67 11.21 59.13
N THR R 212 -92.47 10.68 59.30
CA THR R 212 -91.43 11.42 60.03
C THR R 212 -91.01 12.66 59.26
N LEU R 213 -90.83 12.55 57.94
CA LEU R 213 -90.43 13.71 57.16
C LEU R 213 -91.52 14.78 57.15
N THR R 214 -92.79 14.37 57.07
CA THR R 214 -93.87 15.35 57.11
C THR R 214 -93.89 16.06 58.46
N GLN R 215 -93.67 15.33 59.55
CA GLN R 215 -93.59 15.97 60.85
C GLN R 215 -92.43 16.93 60.92
N ALA R 216 -91.31 16.59 60.27
CA ALA R 216 -90.20 17.53 60.18
C ALA R 216 -90.61 18.78 59.41
N GLN R 217 -91.37 18.61 58.33
CA GLN R 217 -91.86 19.77 57.60
C GLN R 217 -92.80 20.60 58.46
N LYS R 218 -93.67 19.94 59.23
CA LYS R 218 -94.56 20.67 60.11
C LYS R 218 -93.78 21.44 61.16
N ASP R 219 -92.69 20.85 61.66
CA ASP R 219 -91.88 21.54 62.66
C ASP R 219 -91.22 22.78 62.08
N THR R 220 -90.73 22.71 60.84
CA THR R 220 -90.15 23.89 60.22
C THR R 220 -91.21 24.95 59.96
N VAL R 221 -92.33 24.56 59.35
CA VAL R 221 -93.33 25.53 58.95
C VAL R 221 -93.99 26.16 60.17
N ILE R 222 -94.29 25.36 61.19
CA ILE R 222 -94.88 25.93 62.40
C ILE R 222 -93.88 26.84 63.10
N ALA R 223 -92.57 26.56 62.95
CA ALA R 223 -91.52 27.43 63.43
C ALA R 223 -91.11 28.49 62.41
N LYS R 224 -91.86 28.63 61.32
CA LYS R 224 -91.60 29.62 60.28
C LYS R 224 -90.24 29.41 59.61
N ARG R 225 -89.77 28.17 59.58
CA ARG R 225 -88.73 27.73 58.67
C ARG R 225 -89.36 26.98 57.51
N GLN R 226 -88.55 26.69 56.50
CA GLN R 226 -88.98 25.89 55.36
C GLN R 226 -87.82 24.98 54.98
N GLY R 227 -88.00 23.68 55.18
CA GLY R 227 -86.96 22.73 54.88
C GLY R 227 -86.94 22.31 53.42
N ASN R 228 -86.46 23.21 52.55
CA ASN R 228 -86.44 22.91 51.13
C ASN R 228 -85.43 21.85 50.77
N ILE R 229 -84.44 21.59 51.62
CA ILE R 229 -83.37 20.63 51.36
C ILE R 229 -83.33 19.62 52.50
N LEU R 230 -83.06 18.37 52.14
CA LEU R 230 -82.88 17.28 53.09
C LEU R 230 -81.47 16.75 52.96
N MET R 231 -80.91 16.29 54.07
CA MET R 231 -79.60 15.66 54.08
C MET R 231 -79.67 14.40 54.93
N ALA R 232 -79.22 13.28 54.37
CA ALA R 232 -79.22 12.00 55.06
C ALA R 232 -78.03 11.19 54.58
N SER R 233 -77.91 9.97 55.08
CA SER R 233 -76.85 9.07 54.68
C SER R 233 -77.25 8.31 53.43
N SER R 234 -76.25 7.73 52.77
CA SER R 234 -76.54 6.87 51.63
C SER R 234 -77.26 5.59 52.04
N ALA R 235 -77.19 5.22 53.33
CA ALA R 235 -77.81 3.98 53.77
C ALA R 235 -79.32 4.00 53.61
N ASP R 236 -79.93 5.19 53.70
CA ASP R 236 -81.38 5.33 53.63
C ASP R 236 -81.84 5.98 52.33
N GLN R 237 -81.04 5.91 51.27
CA GLN R 237 -81.40 6.60 50.04
C GLN R 237 -82.59 5.95 49.36
N ILE R 238 -82.64 4.62 49.34
CA ILE R 238 -83.77 3.95 48.69
C ILE R 238 -85.06 4.26 49.44
N GLU R 239 -85.03 4.14 50.76
CA GLU R 239 -86.26 4.33 51.53
C GLU R 239 -86.70 5.78 51.52
N ILE R 240 -85.76 6.72 51.57
CA ILE R 240 -86.12 8.13 51.48
C ILE R 240 -86.72 8.43 50.11
N GLU R 241 -86.11 7.89 49.04
CA GLU R 241 -86.65 8.09 47.71
C GLU R 241 -88.05 7.51 47.60
N MET R 242 -88.27 6.33 48.15
CA MET R 242 -89.61 5.76 48.17
C MET R 242 -90.54 6.63 49.02
N ALA R 243 -90.05 7.12 50.16
CA ALA R 243 -90.88 7.95 51.02
C ALA R 243 -91.21 9.29 50.36
N LEU R 244 -90.23 9.88 49.67
CA LEU R 244 -90.46 11.17 49.03
C LEU R 244 -91.56 11.08 47.98
N ASN R 245 -91.44 10.12 47.07
CA ASN R 245 -92.51 9.90 46.11
C ASN R 245 -93.74 9.38 46.84
N GLY R 246 -94.87 9.42 46.14
CA GLY R 246 -96.09 8.87 46.68
C GLY R 246 -95.93 7.39 46.95
N GLY R 247 -95.89 7.01 48.22
CA GLY R 247 -95.75 5.60 48.55
C GLY R 247 -96.91 4.79 47.99
N HIS R 248 -96.63 3.53 47.70
CA HIS R 248 -97.64 2.68 47.08
C HIS R 248 -98.85 2.53 48.00
N LEU R 249 -99.99 2.24 47.39
CA LEU R 249 -101.22 2.03 48.15
C LEU R 249 -100.99 0.91 49.16
N LEU R 250 -101.50 1.11 50.38
CA LEU R 250 -101.23 0.18 51.47
C LEU R 250 -102.45 0.15 52.38
N ASN R 251 -103.14 -0.98 52.41
CA ASN R 251 -104.29 -1.19 53.30
C ASN R 251 -105.36 -0.13 53.09
N GLY R 252 -105.58 0.24 51.84
CA GLY R 252 -106.59 1.25 51.53
C GLY R 252 -106.28 2.59 52.12
N SER R 253 -105.01 3.00 52.08
CA SER R 253 -104.59 4.30 52.60
C SER R 253 -103.43 4.79 51.74
N MET R 254 -103.72 5.76 50.87
CA MET R 254 -102.74 6.32 49.95
C MET R 254 -102.17 7.60 50.56
N TYR R 255 -100.85 7.61 50.76
CA TYR R 255 -100.16 8.76 51.34
C TYR R 255 -99.62 9.65 50.23
N PRO R 256 -99.93 10.96 50.20
CA PRO R 256 -99.44 11.78 49.10
C PRO R 256 -97.93 12.00 49.18
N SER R 257 -97.36 12.30 48.03
CA SER R 257 -95.92 12.54 47.94
C SER R 257 -95.53 13.79 48.71
N ILE R 258 -94.30 13.79 49.21
CA ILE R 258 -93.73 14.98 49.85
C ILE R 258 -93.19 15.88 48.76
N LYS R 259 -93.78 17.07 48.62
CA LYS R 259 -93.56 17.91 47.44
C LYS R 259 -92.52 18.99 47.66
N ASN R 260 -92.49 19.61 48.84
CA ASN R 260 -91.68 20.81 49.00
C ASN R 260 -90.19 20.54 49.08
N ILE R 261 -89.76 19.29 49.28
CA ILE R 261 -88.34 18.98 49.32
C ILE R 261 -87.82 18.97 47.90
N SER R 262 -87.08 20.02 47.53
CA SER R 262 -86.58 20.12 46.17
C SER R 262 -85.60 19.02 45.85
N THR R 263 -84.68 18.72 46.77
CA THR R 263 -83.68 17.70 46.53
C THR R 263 -83.15 17.21 47.87
N VAL R 264 -82.49 16.05 47.83
CA VAL R 264 -81.90 15.43 49.00
C VAL R 264 -80.43 15.17 48.72
N ILE R 265 -79.58 15.49 49.70
CA ILE R 265 -78.14 15.36 49.57
C ILE R 265 -77.70 14.18 50.42
N TYR R 266 -77.11 13.17 49.79
CA TYR R 266 -76.60 11.99 50.46
C TYR R 266 -75.11 12.18 50.69
N TYR R 267 -74.74 12.47 51.94
CA TYR R 267 -73.37 12.81 52.31
C TYR R 267 -72.86 11.78 53.32
N ASP R 268 -72.13 10.79 52.83
CA ASP R 268 -71.36 9.93 53.70
C ASP R 268 -70.05 10.60 54.07
N GLY R 269 -69.33 10.01 55.02
CA GLY R 269 -68.10 10.61 55.49
C GLY R 269 -66.98 10.56 54.47
N TRP R 270 -65.74 10.65 54.94
CA TRP R 270 -64.58 10.51 54.06
C TRP R 270 -63.37 10.23 54.94
N GLU R 271 -62.78 9.05 54.79
CA GLU R 271 -61.65 8.61 55.59
C GLU R 271 -60.41 8.51 54.71
N VAL R 272 -59.29 8.94 55.25
CA VAL R 272 -58.00 8.84 54.58
C VAL R 272 -56.95 8.43 55.60
N THR R 273 -56.06 7.53 55.20
CA THR R 273 -54.96 7.06 56.03
C THR R 273 -53.69 7.70 55.51
N VAL R 274 -53.12 8.61 56.29
CA VAL R 274 -51.85 9.26 55.99
C VAL R 274 -50.83 8.80 57.01
N GLY R 275 -49.74 8.21 56.54
CA GLY R 275 -48.71 7.68 57.41
C GLY R 275 -49.27 6.68 58.40
N LYS R 276 -49.28 7.05 59.68
CA LYS R 276 -49.87 6.25 60.73
C LYS R 276 -51.03 6.96 61.41
N LYS R 277 -51.62 7.96 60.74
CA LYS R 277 -52.75 8.70 61.26
C LYS R 277 -53.90 8.57 60.27
N THR R 278 -55.10 8.36 60.81
CA THR R 278 -56.33 8.28 60.03
C THR R 278 -57.19 9.49 60.35
N TYR R 279 -57.50 10.27 59.32
CA TYR R 279 -58.33 11.46 59.44
C TYR R 279 -59.66 11.20 58.75
N SER R 280 -60.75 11.32 59.50
CA SER R 280 -62.08 10.97 59.04
C SER R 280 -63.01 12.14 59.25
N TYR R 281 -63.65 12.61 58.18
CA TYR R 281 -64.72 13.59 58.26
C TYR R 281 -66.02 12.83 58.43
N LYS R 282 -66.54 12.80 59.65
CA LYS R 282 -67.73 12.04 59.96
C LYS R 282 -68.93 12.58 59.18
N GLY R 283 -69.42 11.80 58.23
CA GLY R 283 -70.58 12.20 57.46
C GLY R 283 -71.86 12.06 58.24
N VAL R 284 -72.99 11.98 57.55
CA VAL R 284 -74.27 11.85 58.23
C VAL R 284 -74.34 10.47 58.88
N THR R 285 -74.69 10.45 60.15
CA THR R 285 -74.87 9.17 60.83
C THR R 285 -76.04 8.43 60.19
N PRO R 286 -75.93 7.12 59.95
CA PRO R 286 -77.07 6.41 59.35
C PRO R 286 -78.29 6.46 60.26
N GLY R 287 -79.45 6.58 59.65
CA GLY R 287 -80.68 6.77 60.39
C GLY R 287 -81.02 8.24 60.55
N LYS R 288 -80.16 8.98 61.22
CA LYS R 288 -80.41 10.40 61.44
C LYS R 288 -80.32 11.17 60.13
N GLY R 289 -81.20 12.17 59.99
CA GLY R 289 -81.21 13.02 58.82
C GLY R 289 -81.45 14.46 59.21
N TYR R 290 -81.07 15.36 58.32
CA TYR R 290 -81.12 16.80 58.57
C TYR R 290 -81.89 17.48 57.46
N LEU R 291 -82.76 18.41 57.84
CA LEU R 291 -83.58 19.19 56.92
C LEU R 291 -83.17 20.65 57.03
N ILE R 292 -82.92 21.28 55.89
CA ILE R 292 -82.21 22.56 55.83
C ILE R 292 -83.00 23.55 54.99
N ARG R 293 -82.92 24.82 55.38
CA ARG R 293 -83.33 25.92 54.52
C ARG R 293 -82.08 26.45 53.83
N PRO R 294 -81.92 26.31 52.51
CA PRO R 294 -80.56 26.30 51.94
C PRO R 294 -79.77 27.59 52.04
N LYS R 295 -80.28 28.69 51.47
CA LYS R 295 -79.43 29.81 51.11
C LYS R 295 -79.45 30.96 52.10
N ARG R 296 -80.50 31.06 52.94
CA ARG R 296 -80.66 32.24 53.77
C ARG R 296 -79.55 32.34 54.81
N GLY R 297 -79.32 31.26 55.55
CA GLY R 297 -78.41 31.29 56.69
C GLY R 297 -77.11 30.54 56.49
N PHE R 298 -76.71 30.32 55.23
CA PHE R 298 -75.49 29.61 54.89
C PHE R 298 -74.74 30.41 53.83
N LYS R 299 -73.56 30.92 54.19
CA LYS R 299 -72.75 31.75 53.31
C LYS R 299 -71.37 31.13 53.20
N GLU R 300 -70.95 30.86 51.97
CA GLU R 300 -69.60 30.40 51.68
C GLU R 300 -68.75 31.60 51.27
N LEU R 301 -67.56 31.70 51.84
CA LEU R 301 -66.64 32.81 51.61
C LEU R 301 -65.41 32.26 50.89
N ILE R 302 -65.35 32.50 49.59
CA ILE R 302 -64.27 31.97 48.74
C ILE R 302 -63.30 33.12 48.50
N LYS R 303 -62.30 33.24 49.36
CA LYS R 303 -61.25 34.21 49.14
C LYS R 303 -60.23 33.71 48.13
N ARG R 304 -59.89 32.42 48.20
CA ARG R 304 -58.93 31.82 47.28
C ARG R 304 -59.26 30.33 47.22
N ASP R 305 -59.77 29.87 46.07
CA ASP R 305 -60.31 28.52 46.01
C ASP R 305 -59.24 27.47 46.26
N LEU R 306 -58.14 27.52 45.52
CA LEU R 306 -57.04 26.58 45.73
C LEU R 306 -55.87 27.03 44.88
N THR R 307 -54.67 26.98 45.46
CA THR R 307 -53.45 27.33 44.74
C THR R 307 -52.35 26.38 45.19
N THR R 308 -51.75 25.68 44.23
CA THR R 308 -50.67 24.74 44.47
C THR R 308 -49.39 25.29 43.89
N GLU R 309 -48.29 25.12 44.63
CA GLU R 309 -47.00 25.65 44.23
C GLU R 309 -45.90 24.67 44.63
N VAL R 310 -44.78 24.76 43.92
CA VAL R 310 -43.67 23.82 44.04
C VAL R 310 -42.37 24.62 44.07
N GLY R 311 -41.44 24.20 44.92
CA GLY R 311 -40.16 24.89 45.02
C GLY R 311 -39.12 24.04 45.70
N ASN R 312 -37.86 24.27 45.34
CA ASN R 312 -36.71 23.58 45.92
C ASN R 312 -35.60 24.57 46.20
N ALA R 313 -35.96 25.72 46.78
CA ALA R 313 -34.99 26.79 46.98
C ALA R 313 -33.86 26.39 47.93
N ASP R 314 -34.21 25.74 49.04
CA ASP R 314 -33.25 25.43 50.10
C ASP R 314 -33.46 24.04 50.68
N LEU R 315 -33.95 23.11 49.89
CA LEU R 315 -34.24 21.77 50.37
C LEU R 315 -33.00 20.88 50.30
N SER R 316 -33.13 19.69 50.87
CA SER R 316 -32.01 18.76 50.92
C SER R 316 -31.68 18.24 49.53
N LYS R 317 -30.49 17.67 49.41
CA LYS R 317 -30.09 17.07 48.13
C LYS R 317 -30.94 15.86 47.79
N LEU R 318 -31.35 15.09 48.79
CA LEU R 318 -32.17 13.90 48.55
C LEU R 318 -33.65 14.20 48.36
N VAL R 319 -34.09 15.41 48.69
CA VAL R 319 -35.51 15.78 48.59
C VAL R 319 -35.71 16.55 47.31
N GLU R 320 -36.56 16.01 46.43
CA GLU R 320 -36.99 16.76 45.26
C GLU R 320 -37.94 17.88 45.70
N ASN R 321 -38.27 18.75 44.75
CA ASN R 321 -39.10 19.93 45.04
C ASN R 321 -40.43 19.55 45.67
N GLN R 322 -40.64 19.92 46.92
CA GLN R 322 -41.87 19.58 47.61
C GLN R 322 -43.02 20.42 47.07
N ILE R 323 -44.20 19.81 47.01
CA ILE R 323 -45.41 20.42 46.49
C ILE R 323 -46.33 20.76 47.66
N VAL R 324 -46.88 21.96 47.64
CA VAL R 324 -47.72 22.47 48.71
C VAL R 324 -48.93 23.17 48.10
N GLY R 325 -50.09 22.95 48.72
CA GLY R 325 -51.30 23.62 48.30
C GLY R 325 -51.98 24.25 49.50
N HIS R 326 -52.70 25.34 49.24
CA HIS R 326 -53.36 26.08 50.30
C HIS R 326 -54.58 26.79 49.72
N CYS R 327 -55.47 27.20 50.61
CA CYS R 327 -56.68 27.90 50.20
C CYS R 327 -57.21 28.73 51.35
N TYR R 328 -57.65 29.95 51.05
CA TYR R 328 -58.34 30.81 51.99
C TYR R 328 -59.83 30.60 51.81
N ARG R 329 -60.53 30.23 52.88
CA ARG R 329 -61.94 29.91 52.78
C ARG R 329 -62.59 30.07 54.14
N GLY R 330 -63.90 30.24 54.13
CA GLY R 330 -64.65 30.37 55.37
C GLY R 330 -66.12 30.10 55.11
N ALA R 331 -66.80 29.60 56.14
CA ALA R 331 -68.21 29.27 56.05
C ALA R 331 -68.92 29.78 57.29
N PHE R 332 -70.22 30.05 57.15
CA PHE R 332 -71.05 30.57 58.22
C PHE R 332 -72.33 29.73 58.28
N ALA R 333 -72.40 28.84 59.27
CA ALA R 333 -73.57 27.98 59.45
C ALA R 333 -74.59 28.68 60.34
N ALA R 334 -75.61 27.95 60.78
CA ALA R 334 -76.61 28.54 61.66
C ALA R 334 -77.46 27.42 62.26
N VAL R 335 -78.20 27.79 63.32
CA VAL R 335 -79.24 26.96 63.89
C VAL R 335 -80.64 27.43 63.50
N GLU R 336 -80.75 28.62 62.91
CA GLU R 336 -82.04 29.15 62.46
C GLU R 336 -82.64 28.30 61.34
N GLU R 337 -81.86 27.45 60.68
CA GLU R 337 -82.26 26.82 59.43
C GLU R 337 -82.44 25.32 59.50
N ASN R 338 -81.97 24.65 60.55
CA ASN R 338 -81.86 23.19 60.57
C ASN R 338 -82.86 22.56 61.51
N VAL R 339 -83.38 21.40 61.09
CA VAL R 339 -84.17 20.51 61.93
C VAL R 339 -83.60 19.11 61.77
N GLN R 340 -83.37 18.43 62.89
CA GLN R 340 -82.67 17.16 62.92
C GLN R 340 -83.69 16.02 63.05
N GLU R 341 -83.70 15.13 62.06
CA GLU R 341 -84.60 13.98 62.01
C GLU R 341 -83.87 12.72 62.44
N ILE R 342 -84.66 11.75 62.91
CA ILE R 342 -84.19 10.41 63.24
C ILE R 342 -84.94 9.42 62.37
N SER R 343 -84.21 8.57 61.68
CA SER R 343 -84.77 7.64 60.70
C SER R 343 -85.56 8.41 59.64
N THR S 16 39.64 37.00 11.64
CA THR S 16 39.83 37.14 13.07
C THR S 16 40.25 38.56 13.43
N ARG S 17 39.75 39.05 14.57
CA ARG S 17 40.08 40.38 15.06
C ARG S 17 40.35 40.29 16.55
N ALA S 18 41.41 40.95 17.00
CA ALA S 18 41.72 40.98 18.42
C ALA S 18 40.62 41.69 19.20
N LYS S 19 40.15 42.83 18.68
CA LYS S 19 39.06 43.56 19.32
C LYS S 19 37.76 42.78 19.14
N ILE S 20 37.03 42.59 20.25
CA ILE S 20 35.79 41.83 20.24
C ILE S 20 34.63 42.71 20.69
N SER S 21 34.91 43.70 21.53
CA SER S 21 33.90 44.64 21.96
C SER S 21 34.59 45.93 22.35
N ASP S 22 33.83 47.02 22.35
CA ASP S 22 34.39 48.33 22.61
C ASP S 22 34.90 48.51 24.04
N GLY S 23 34.60 47.58 24.94
CA GLY S 23 35.10 47.69 26.29
C GLY S 23 34.38 48.68 27.17
N LYS S 24 33.23 49.19 26.74
CA LYS S 24 32.47 50.11 27.58
C LYS S 24 31.88 49.38 28.79
N SER S 25 31.56 48.09 28.64
CA SER S 25 30.99 47.29 29.71
C SER S 25 31.72 45.95 29.78
N VAL S 26 31.75 45.38 30.98
CA VAL S 26 32.47 44.14 31.25
C VAL S 26 31.60 43.25 32.13
N ARG S 27 31.52 41.97 31.79
CA ARG S 27 30.76 41.02 32.58
C ARG S 27 31.59 40.52 33.76
N VAL S 28 30.92 40.19 34.86
CA VAL S 28 31.55 39.60 36.03
C VAL S 28 30.57 38.61 36.64
N ILE S 29 31.10 37.76 37.52
CA ILE S 29 30.34 36.74 38.24
C ILE S 29 30.40 37.06 39.71
N LEU S 30 29.23 37.18 40.34
CA LEU S 30 29.17 37.52 41.75
C LEU S 30 29.67 36.36 42.60
N SER S 31 30.38 36.70 43.68
CA SER S 31 30.89 35.71 44.61
C SER S 31 29.82 35.39 45.65
N GLU S 32 30.21 34.67 46.70
CA GLU S 32 29.28 34.30 47.76
C GLU S 32 29.05 35.42 48.77
N GLY S 33 29.90 36.44 48.80
CA GLY S 33 29.76 37.55 49.72
C GLY S 33 29.46 38.87 49.04
N GLU S 34 28.89 38.81 47.84
CA GLU S 34 28.64 39.99 47.02
C GLU S 34 27.21 39.97 46.52
N SER S 35 26.62 41.16 46.43
CA SER S 35 25.28 41.31 45.87
C SER S 35 25.15 42.73 45.35
N THR S 36 24.62 42.87 44.13
CA THR S 36 24.59 44.13 43.41
C THR S 36 23.18 44.46 42.97
N LYS S 37 22.81 45.73 43.10
CA LYS S 37 21.52 46.24 42.66
C LYS S 37 21.73 47.26 41.56
N THR S 38 20.67 47.52 40.81
CA THR S 38 20.77 48.25 39.55
C THR S 38 21.26 49.68 39.78
N GLN S 39 22.19 50.10 38.91
CA GLN S 39 22.69 51.47 38.86
C GLN S 39 23.28 51.91 40.20
N GLN S 40 24.28 51.16 40.65
CA GLN S 40 25.05 51.52 41.82
C GLN S 40 26.48 51.05 41.62
N PHE S 41 27.39 51.65 42.38
CA PHE S 41 28.81 51.38 42.22
C PHE S 41 29.23 50.18 43.05
N TYR S 42 29.95 49.25 42.41
CA TYR S 42 30.39 48.03 43.07
C TYR S 42 31.74 47.64 42.52
N LEU S 43 32.66 47.27 43.42
CA LEU S 43 33.97 46.77 43.04
C LEU S 43 33.91 45.25 43.07
N ILE S 44 33.85 44.64 41.89
CA ILE S 44 33.68 43.20 41.75
C ILE S 44 34.81 42.68 40.87
N ASN S 45 35.61 41.75 41.42
CA ASN S 45 36.68 41.09 40.69
C ASN S 45 37.65 42.11 40.08
N GLY S 46 38.04 43.11 40.88
CA GLY S 46 38.99 44.08 40.44
C GLY S 46 38.48 45.11 39.46
N PHE S 47 37.20 45.04 39.07
CA PHE S 47 36.58 46.01 38.18
C PHE S 47 35.64 46.88 39.00
N PHE S 48 35.75 48.20 38.83
CA PHE S 48 34.88 49.16 39.50
C PHE S 48 33.97 49.79 38.45
N GLY S 49 32.67 49.70 38.67
CA GLY S 49 31.76 50.20 37.67
C GLY S 49 30.34 50.24 38.20
N VAL S 50 29.42 50.57 37.29
CA VAL S 50 28.00 50.70 37.60
C VAL S 50 27.29 49.47 37.06
N ALA S 51 26.63 48.73 37.94
CA ALA S 51 25.99 47.48 37.54
C ALA S 51 24.67 47.76 36.84
N MET S 52 24.50 47.18 35.66
CA MET S 52 23.27 47.33 34.88
C MET S 52 22.22 46.28 35.21
N GLN S 53 22.49 45.37 36.15
CA GLN S 53 21.54 44.34 36.54
C GLN S 53 21.57 44.17 38.04
N ASP S 54 20.45 43.69 38.59
CA ASP S 54 20.34 43.35 40.00
C ASP S 54 20.81 41.91 40.16
N GLY S 55 21.95 41.72 40.80
CA GLY S 55 22.64 40.45 40.82
C GLY S 55 22.55 39.75 42.16
N GLU S 56 22.58 38.43 42.12
CA GLU S 56 22.56 37.54 43.28
C GLU S 56 23.83 36.69 43.25
N LYS S 57 24.03 35.88 44.29
CA LYS S 57 25.24 35.06 44.39
C LYS S 57 25.39 34.17 43.16
N GLY S 58 26.61 34.14 42.61
CA GLY S 58 26.89 33.29 41.47
C GLY S 58 26.17 33.68 40.20
N ASP S 59 25.63 34.89 40.13
CA ASP S 59 24.92 35.38 38.95
C ASP S 59 25.83 36.30 38.14
N GLU S 60 25.53 36.39 36.84
CA GLU S 60 26.31 37.19 35.91
C GLU S 60 25.66 38.55 35.74
N VAL S 61 26.44 39.61 35.98
CA VAL S 61 26.00 40.98 35.79
C VAL S 61 27.01 41.69 34.89
N THR S 62 26.66 42.90 34.49
CA THR S 62 27.49 43.72 33.63
C THR S 62 27.76 45.05 34.30
N LEU S 63 29.02 45.46 34.37
CA LEU S 63 29.43 46.73 34.93
C LEU S 63 29.72 47.71 33.80
N GLN S 64 29.83 48.99 34.17
CA GLN S 64 30.20 50.05 33.25
C GLN S 64 31.58 50.58 33.62
N ILE S 65 32.48 50.61 32.64
CA ILE S 65 33.83 51.14 32.81
C ILE S 65 34.04 52.23 31.78
N GLU S 66 32.97 52.97 31.47
CA GLU S 66 32.88 53.81 30.29
C GLU S 66 33.77 55.05 30.32
N GLN S 67 34.56 55.29 31.36
CA GLN S 67 35.43 56.45 31.44
C GLN S 67 34.65 57.76 31.40
N ALA S 68 33.38 57.73 31.75
CA ALA S 68 32.49 58.85 31.58
C ALA S 68 32.25 59.57 32.90
N GLU S 69 31.57 60.71 32.81
CA GLU S 69 31.19 61.44 34.00
C GLU S 69 30.01 60.73 34.66
N TYR S 70 30.10 60.54 35.97
CA TYR S 70 29.11 59.76 36.71
C TYR S 70 28.62 60.56 37.91
N GLU S 71 27.33 60.39 38.23
CA GLU S 71 26.70 61.04 39.37
C GLU S 71 26.54 60.04 40.50
N THR S 72 26.72 60.51 41.74
CA THR S 72 26.55 59.64 42.89
C THR S 72 26.56 60.47 44.16
N ASP S 73 25.76 60.04 45.13
CA ASP S 73 25.78 60.57 46.49
C ASP S 73 26.29 59.57 47.51
N ASN S 74 26.70 58.38 47.08
CA ASN S 74 27.19 57.34 47.98
C ASN S 74 28.61 57.66 48.42
N ILE S 75 28.70 58.70 49.27
CA ILE S 75 29.97 59.26 49.69
C ILE S 75 30.00 59.36 51.20
N VAL S 76 31.21 59.45 51.75
CA VAL S 76 31.38 59.83 53.14
C VAL S 76 31.16 61.33 53.25
N THR S 77 30.24 61.74 54.12
CA THR S 77 29.79 63.11 54.17
C THR S 77 30.58 63.96 55.16
N SER S 78 31.81 63.57 55.47
CA SER S 78 32.62 64.26 56.46
C SER S 78 33.53 65.31 55.85
N GLU S 79 34.21 64.98 54.74
CA GLU S 79 35.15 65.87 54.09
C GLU S 79 34.57 66.42 52.79
N ALA S 80 35.05 67.60 52.41
CA ALA S 80 34.54 68.30 51.23
C ALA S 80 35.17 67.72 49.98
N PHE S 81 34.34 67.46 48.97
CA PHE S 81 34.78 66.94 47.68
C PHE S 81 34.90 68.08 46.68
N GLU S 82 35.80 69.01 46.95
CA GLU S 82 35.96 70.14 46.04
C GLU S 82 36.46 69.67 44.69
N ALA S 83 36.11 70.41 43.64
CA ALA S 83 36.35 69.97 42.27
C ALA S 83 37.84 69.83 42.01
N GLY S 84 38.19 68.75 41.30
CA GLY S 84 39.56 68.44 40.98
C GLY S 84 40.19 67.40 41.87
N LYS S 85 39.69 67.23 43.09
CA LYS S 85 40.26 66.26 44.01
C LYS S 85 39.99 64.85 43.51
N LEU S 86 40.96 63.96 43.74
CA LEU S 86 40.80 62.57 43.37
C LEU S 86 39.80 61.89 44.29
N ILE S 87 39.07 60.93 43.73
CA ILE S 87 38.05 60.17 44.45
C ILE S 87 38.54 58.73 44.59
N TYR S 88 38.58 58.24 45.81
CA TYR S 88 39.00 56.89 46.12
C TYR S 88 37.80 56.10 46.66
N TRP S 89 37.70 54.85 46.23
CA TRP S 89 36.60 53.98 46.62
C TRP S 89 37.05 53.06 47.75
N ASP S 90 36.33 53.11 48.86
CA ASP S 90 36.64 52.31 50.04
C ASP S 90 35.72 51.09 50.03
N ASN S 91 36.28 49.93 49.70
CA ASN S 91 35.46 48.73 49.55
C ASN S 91 34.86 48.29 50.87
N THR S 92 35.56 48.53 51.99
CA THR S 92 35.04 48.12 53.29
C THR S 92 33.76 48.88 53.61
N ALA S 93 33.84 50.20 53.68
CA ALA S 93 32.66 51.02 53.94
C ALA S 93 31.76 51.17 52.72
N LYS S 94 32.24 50.81 51.53
CA LYS S 94 31.47 50.91 50.30
C LYS S 94 31.02 52.36 50.06
N LYS S 95 32.00 53.24 50.01
CA LYS S 95 31.74 54.66 49.82
C LYS S 95 32.93 55.31 49.13
N PHE S 96 32.66 56.44 48.48
CA PHE S 96 33.73 57.26 47.92
C PHE S 96 34.35 58.13 49.01
N THR S 97 35.61 58.45 48.84
CA THR S 97 36.29 59.30 49.81
C THR S 97 37.59 59.83 49.20
N THR S 98 38.11 60.88 49.81
CA THR S 98 39.37 61.50 49.41
C THR S 98 40.49 61.15 50.39
N THR S 99 40.42 59.97 50.99
CA THR S 99 41.42 59.59 51.99
C THR S 99 42.80 59.44 51.37
N SER S 100 42.87 58.87 50.16
CA SER S 100 44.12 58.55 49.49
C SER S 100 44.92 57.47 50.22
N ALA S 101 44.28 56.71 51.10
CA ALA S 101 44.90 55.57 51.76
C ALA S 101 44.90 54.39 50.80
N SER S 102 45.09 53.18 51.32
CA SER S 102 45.07 51.96 50.51
C SER S 102 43.77 51.77 49.71
N ASN S 103 42.72 52.55 49.98
CA ASN S 103 41.51 52.50 49.17
C ASN S 103 41.83 52.76 47.70
N ARG S 104 41.16 52.03 46.83
CA ARG S 104 41.42 52.09 45.41
C ARG S 104 41.03 53.45 44.83
N LEU S 105 41.82 53.90 43.85
CA LEU S 105 41.51 55.13 43.12
C LEU S 105 40.51 54.82 42.02
N VAL S 106 39.48 55.65 41.90
CA VAL S 106 38.40 55.40 40.94
C VAL S 106 38.03 56.61 40.10
N GLY S 107 38.35 57.84 40.48
CA GLY S 107 37.91 58.96 39.66
C GLY S 107 38.37 60.28 40.21
N ARG S 108 37.94 61.35 39.53
CA ARG S 108 38.24 62.72 39.90
C ARG S 108 36.96 63.55 39.83
N VAL S 109 36.78 64.44 40.80
CA VAL S 109 35.54 65.21 40.90
C VAL S 109 35.52 66.27 39.82
N THR S 110 34.38 66.38 39.12
CA THR S 110 34.13 67.45 38.18
C THR S 110 33.35 68.60 38.80
N ASP S 111 32.27 68.28 39.53
CA ASP S 111 31.46 69.26 40.23
C ASP S 111 31.51 68.96 41.73
N GLY S 112 31.74 70.00 42.52
CA GLY S 112 31.86 69.82 43.95
C GLY S 112 30.57 69.39 44.59
N LYS S 113 30.68 68.95 45.84
CA LYS S 113 29.50 68.47 46.56
C LYS S 113 28.53 69.62 46.81
N ASP S 114 27.24 69.31 46.70
CA ASP S 114 26.16 70.26 46.96
C ASP S 114 25.58 69.98 48.34
N SER S 115 24.52 70.70 48.69
CA SER S 115 23.88 70.50 49.99
C SER S 115 23.33 69.09 50.13
N ASN S 116 22.86 68.50 49.03
CA ASN S 116 22.33 67.15 49.04
C ASN S 116 23.42 66.09 48.99
N ASN S 117 24.70 66.47 49.04
CA ASN S 117 25.81 65.53 49.03
C ASN S 117 25.82 64.69 47.75
N VAL S 118 25.76 65.38 46.62
CA VAL S 118 25.79 64.75 45.30
C VAL S 118 27.09 65.16 44.61
N ILE S 119 27.72 64.20 43.93
CA ILE S 119 29.03 64.36 43.33
C ILE S 119 28.95 64.01 41.87
N TRP S 120 29.63 64.79 41.03
CA TRP S 120 29.90 64.43 39.65
C TRP S 120 31.39 64.19 39.50
N PHE S 121 31.75 63.03 38.95
CA PHE S 121 33.14 62.65 38.84
C PHE S 121 33.33 61.81 37.59
N ILE S 122 34.58 61.75 37.12
CA ILE S 122 34.94 61.02 35.91
C ILE S 122 35.61 59.72 36.33
N LEU S 123 35.16 58.62 35.74
CA LEU S 123 35.75 57.32 36.04
C LEU S 123 37.17 57.27 35.47
N LEU S 124 37.91 56.24 35.88
CA LEU S 124 39.31 56.07 35.56
C LEU S 124 39.57 54.65 35.09
N PRO S 125 40.68 54.42 34.36
CA PRO S 125 40.77 53.23 33.51
C PRO S 125 41.04 51.90 34.22
N GLN S 126 40.85 51.83 35.54
CA GLN S 126 40.96 50.60 36.30
C GLN S 126 42.39 50.11 36.44
N GLN S 127 43.37 51.00 36.32
CA GLN S 127 44.75 50.63 36.55
C GLN S 127 45.06 50.65 38.04
N PHE T 3 48.97 81.77 -2.73
CA PHE T 3 48.84 82.19 -4.13
C PHE T 3 50.12 82.86 -4.60
N LYS T 4 50.90 82.13 -5.39
CA LYS T 4 52.15 82.67 -5.89
C LYS T 4 51.88 83.82 -6.87
N GLY T 5 52.70 84.85 -6.79
CA GLY T 5 52.53 86.01 -7.66
C GLY T 5 51.20 86.70 -7.48
N GLN T 6 50.70 86.73 -6.26
CA GLN T 6 49.45 87.41 -5.99
C GLN T 6 49.63 88.92 -6.20
N PRO T 7 48.57 89.63 -6.62
CA PRO T 7 48.76 91.05 -6.92
C PRO T 7 48.95 91.94 -5.70
N THR T 8 48.48 91.52 -4.53
CA THR T 8 48.46 92.36 -3.33
C THR T 8 48.97 91.56 -2.14
N PRO T 9 49.80 92.13 -1.24
CA PRO T 9 50.35 91.31 -0.16
C PRO T 9 49.33 90.98 0.91
N SER T 10 48.55 89.93 0.69
CA SER T 10 47.56 89.51 1.66
C SER T 10 48.24 88.78 2.82
N THR T 11 47.89 89.17 4.04
CA THR T 11 48.41 88.52 5.23
C THR T 11 47.60 87.26 5.55
N ILE T 12 48.30 86.26 6.06
CA ILE T 12 47.71 84.96 6.41
C ILE T 12 47.70 84.84 7.92
N THR T 13 46.54 84.51 8.47
CA THR T 13 46.36 84.31 9.91
C THR T 13 45.99 82.85 10.15
N GLN T 14 46.77 82.18 11.00
CA GLN T 14 46.55 80.77 11.30
C GLN T 14 45.60 80.66 12.49
N ILE T 15 44.56 79.86 12.32
CA ILE T 15 43.61 79.57 13.39
C ILE T 15 44.09 78.30 14.09
N THR T 16 44.40 78.43 15.38
CA THR T 16 45.02 77.35 16.11
C THR T 16 44.09 76.15 16.22
N ARG T 17 44.69 74.98 16.41
CA ARG T 17 43.96 73.73 16.54
C ARG T 17 44.82 72.75 17.31
N ALA T 18 44.16 71.89 18.11
CA ALA T 18 44.84 70.93 18.95
C ALA T 18 44.54 69.49 18.54
N LYS T 19 43.27 69.11 18.50
CA LYS T 19 42.89 67.71 18.25
C LYS T 19 43.26 67.33 16.83
N ILE T 20 44.32 66.56 16.68
CA ILE T 20 44.82 66.19 15.35
C ILE T 20 44.16 64.91 14.84
N SER T 21 43.70 64.03 15.73
CA SER T 21 43.07 62.79 15.32
C SER T 21 42.26 62.26 16.48
N ASP T 22 41.67 61.08 16.29
CA ASP T 22 40.87 60.45 17.34
C ASP T 22 41.73 59.74 18.37
N GLY T 23 42.94 59.31 18.01
CA GLY T 23 43.78 58.58 18.93
C GLY T 23 43.47 57.11 19.04
N LYS T 24 42.64 56.57 18.15
CA LYS T 24 42.36 55.14 18.19
C LYS T 24 43.58 54.31 17.83
N SER T 25 44.46 54.83 16.99
CA SER T 25 45.64 54.10 16.55
C SER T 25 46.76 55.08 16.22
N VAL T 26 47.98 54.56 16.20
CA VAL T 26 49.18 55.36 16.00
C VAL T 26 50.10 54.66 15.03
N ARG T 27 50.67 55.42 14.09
CA ARG T 27 51.68 54.91 13.18
C ARG T 27 53.01 54.81 13.91
N VAL T 28 53.75 53.73 13.66
CA VAL T 28 55.03 53.49 14.30
C VAL T 28 55.97 52.86 13.29
N ILE T 29 57.27 53.12 13.47
CA ILE T 29 58.31 52.66 12.56
C ILE T 29 58.97 51.42 13.16
N LEU T 30 59.03 50.35 12.39
CA LEU T 30 59.67 49.13 12.86
C LEU T 30 61.15 49.36 13.09
N SER T 31 61.68 48.72 14.13
CA SER T 31 63.11 48.75 14.42
C SER T 31 63.80 47.64 13.62
N GLU T 32 65.05 47.36 13.95
CA GLU T 32 65.80 46.37 13.19
C GLU T 32 65.30 44.96 13.47
N GLY T 33 65.41 44.51 14.72
CA GLY T 33 65.01 43.17 15.09
C GLY T 33 63.54 43.06 15.45
N GLU T 34 62.67 43.52 14.57
CA GLU T 34 61.23 43.50 14.81
C GLU T 34 60.51 43.22 13.50
N SER T 35 59.36 42.55 13.62
CA SER T 35 58.51 42.27 12.46
C SER T 35 57.15 41.81 12.96
N THR T 36 56.09 42.40 12.44
CA THR T 36 54.75 42.23 12.98
C THR T 36 53.80 41.66 11.94
N LYS T 37 52.98 40.72 12.36
CA LYS T 37 51.88 40.19 11.57
C LYS T 37 50.55 40.72 12.12
N THR T 38 49.53 40.67 11.28
CA THR T 38 48.30 41.40 11.56
C THR T 38 47.54 40.76 12.71
N GLN T 39 46.89 41.59 13.52
CA GLN T 39 46.10 41.16 14.68
C GLN T 39 46.95 40.41 15.69
N GLN T 40 48.08 41.00 16.06
CA GLN T 40 48.91 40.48 17.15
C GLN T 40 49.49 41.65 17.91
N PHE T 41 49.64 41.47 19.22
CA PHE T 41 50.09 42.55 20.10
C PHE T 41 51.59 42.73 20.02
N TYR T 42 52.03 43.98 20.05
CA TYR T 42 53.45 44.30 20.04
C TYR T 42 53.68 45.57 20.84
N LEU T 43 54.91 45.73 21.31
CA LEU T 43 55.37 46.92 22.02
C LEU T 43 56.46 47.54 21.16
N ILE T 44 56.12 48.60 20.42
CA ILE T 44 57.01 49.22 19.46
C ILE T 44 57.06 50.70 19.78
N ASN T 45 58.26 51.19 20.13
CA ASN T 45 58.46 52.59 20.49
C ASN T 45 57.49 53.02 21.59
N GLY T 46 57.46 52.23 22.67
CA GLY T 46 56.71 52.59 23.85
C GLY T 46 55.20 52.49 23.74
N PHE T 47 54.67 52.06 22.59
CA PHE T 47 53.23 51.94 22.38
C PHE T 47 52.86 50.47 22.28
N PHE T 48 51.91 50.06 23.09
CA PHE T 48 51.40 48.69 23.12
C PHE T 48 50.03 48.66 22.47
N GLY T 49 49.85 47.76 21.51
CA GLY T 49 48.57 47.70 20.82
C GLY T 49 48.58 46.59 19.79
N VAL T 50 47.46 46.47 19.10
CA VAL T 50 47.26 45.46 18.08
C VAL T 50 47.72 46.01 16.74
N ALA T 51 48.62 45.28 16.08
CA ALA T 51 49.11 45.69 14.78
C ALA T 51 48.08 45.37 13.71
N MET T 52 47.69 46.38 12.93
CA MET T 52 46.67 46.24 11.91
C MET T 52 47.23 45.91 10.53
N GLN T 53 48.55 45.87 10.38
CA GLN T 53 49.18 45.57 9.10
C GLN T 53 50.39 44.67 9.32
N ASP T 54 50.74 43.91 8.28
CA ASP T 54 51.88 43.01 8.33
C ASP T 54 53.14 43.82 8.10
N GLY T 55 53.79 44.23 9.19
CA GLY T 55 55.03 44.96 9.11
C GLY T 55 56.20 43.99 9.08
N GLU T 56 57.11 44.21 8.12
CA GLU T 56 58.23 43.30 7.89
C GLU T 56 59.53 43.80 8.51
N LYS T 57 59.99 44.99 8.11
CA LYS T 57 61.27 45.50 8.59
C LYS T 57 61.46 46.94 8.14
N GLY T 58 61.78 47.83 9.09
CA GLY T 58 62.10 49.20 8.75
C GLY T 58 60.99 49.95 8.04
N ASP T 59 59.75 49.52 8.19
CA ASP T 59 58.59 50.12 7.55
C ASP T 59 57.64 50.66 8.61
N GLU T 60 56.55 51.27 8.15
CA GLU T 60 55.60 51.94 9.02
C GLU T 60 54.35 51.08 9.19
N VAL T 61 53.94 50.89 10.46
CA VAL T 61 52.78 50.08 10.80
C VAL T 61 51.95 50.83 11.82
N THR T 62 50.66 50.50 11.87
CA THR T 62 49.72 51.12 12.79
C THR T 62 49.38 50.16 13.92
N LEU T 63 49.35 50.70 15.14
CA LEU T 63 49.01 49.94 16.34
C LEU T 63 47.72 50.48 16.91
N GLN T 64 46.80 49.58 17.25
CA GLN T 64 45.50 49.97 17.81
C GLN T 64 45.61 50.07 19.32
N ILE T 65 45.25 51.23 19.86
CA ILE T 65 45.37 51.52 21.30
C ILE T 65 44.03 51.98 21.85
N GLU T 66 42.94 51.44 21.30
CA GLU T 66 41.60 51.98 21.54
C GLU T 66 41.14 51.88 22.99
N GLN T 67 41.83 51.12 23.84
CA GLN T 67 41.39 50.87 25.22
C GLN T 67 40.09 50.10 25.26
N ALA T 68 39.90 49.18 24.32
CA ALA T 68 38.71 48.35 24.24
C ALA T 68 39.02 46.97 24.81
N GLU T 69 38.06 46.06 24.70
CA GLU T 69 38.23 44.68 25.14
C GLU T 69 38.79 43.85 23.99
N TYR T 70 39.87 43.12 24.27
CA TYR T 70 40.61 42.39 23.26
C TYR T 70 40.70 40.92 23.62
N GLU T 71 40.52 40.06 22.61
CA GLU T 71 40.70 38.62 22.73
C GLU T 71 42.09 38.29 22.21
N THR T 72 42.85 37.52 23.00
CA THR T 72 44.23 37.24 22.63
C THR T 72 44.70 35.91 23.18
N ASP T 73 45.41 35.17 22.34
CA ASP T 73 46.28 34.08 22.75
C ASP T 73 47.63 34.69 23.13
N ASN T 74 48.70 33.89 23.16
CA ASN T 74 50.05 34.39 23.43
C ASN T 74 50.21 34.78 24.88
N ILE T 75 49.73 33.91 25.78
CA ILE T 75 49.87 34.07 27.21
C ILE T 75 50.80 32.98 27.71
N VAL T 76 51.55 33.29 28.77
CA VAL T 76 52.39 32.27 29.39
C VAL T 76 51.48 31.24 30.04
N THR T 77 51.38 30.06 29.41
CA THR T 77 50.39 29.08 29.84
C THR T 77 50.69 28.48 31.20
N SER T 78 51.92 28.64 31.70
CA SER T 78 52.24 28.13 33.03
C SER T 78 51.41 28.84 34.10
N GLU T 79 51.24 30.15 33.98
CA GLU T 79 50.47 30.91 34.94
C GLU T 79 48.98 30.81 34.65
N ALA T 80 48.18 31.02 35.70
CA ALA T 80 46.73 31.04 35.61
C ALA T 80 46.27 32.49 35.69
N PHE T 81 45.44 32.89 34.74
CA PHE T 81 44.94 34.26 34.64
C PHE T 81 43.48 34.28 35.08
N GLU T 82 43.27 34.52 36.38
CA GLU T 82 41.91 34.71 36.87
C GLU T 82 41.37 36.04 36.37
N ALA T 83 40.05 36.13 36.26
CA ALA T 83 39.42 37.38 35.88
C ALA T 83 39.71 38.44 36.93
N GLY T 84 40.10 39.63 36.47
CA GLY T 84 40.38 40.74 37.33
C GLY T 84 41.86 40.97 37.61
N LYS T 85 42.70 39.98 37.37
CA LYS T 85 44.13 40.15 37.58
C LYS T 85 44.71 41.09 36.53
N LEU T 86 45.72 41.86 36.95
CA LEU T 86 46.39 42.74 36.01
C LEU T 86 47.28 41.94 35.07
N ILE T 87 47.27 42.33 33.80
CA ILE T 87 48.09 41.70 32.77
C ILE T 87 49.32 42.56 32.55
N TYR T 88 50.45 41.93 32.25
CA TYR T 88 51.70 42.61 31.94
C TYR T 88 52.29 42.02 30.68
N TRP T 89 53.09 42.82 29.98
CA TRP T 89 53.71 42.43 28.72
C TRP T 89 55.19 42.15 28.95
N ASP T 90 55.58 40.90 28.73
CA ASP T 90 56.98 40.50 28.84
C ASP T 90 57.62 40.70 27.47
N ASN T 91 58.34 41.82 27.31
CA ASN T 91 58.91 42.15 26.02
C ASN T 91 60.03 41.20 25.62
N THR T 92 60.67 40.51 26.57
CA THR T 92 61.71 39.56 26.23
C THR T 92 61.11 38.30 25.59
N ALA T 93 60.03 37.78 26.19
CA ALA T 93 59.37 36.59 25.68
C ALA T 93 58.25 36.87 24.70
N LYS T 94 57.85 38.13 24.54
CA LYS T 94 56.74 38.49 23.65
C LYS T 94 55.47 37.76 24.04
N LYS T 95 55.16 37.75 25.33
CA LYS T 95 53.99 37.06 25.84
C LYS T 95 53.41 37.83 27.01
N PHE T 96 52.12 37.61 27.25
CA PHE T 96 51.45 38.21 28.40
C PHE T 96 51.81 37.45 29.67
N THR T 97 51.75 38.17 30.79
CA THR T 97 52.04 37.56 32.09
C THR T 97 51.47 38.43 33.18
N THR T 98 51.24 37.81 34.34
CA THR T 98 50.81 38.54 35.53
C THR T 98 51.98 39.00 36.39
N THR T 99 53.21 38.63 36.06
CA THR T 99 54.36 39.01 36.85
C THR T 99 54.68 40.48 36.62
N SER T 100 54.87 41.23 37.72
CA SER T 100 55.10 42.66 37.67
C SER T 100 56.54 43.01 38.03
N ALA T 101 57.50 42.15 37.66
CA ALA T 101 58.89 42.41 38.02
C ALA T 101 59.39 43.69 37.39
N SER T 102 59.46 43.73 36.06
CA SER T 102 59.80 44.95 35.32
C SER T 102 58.98 45.07 34.04
N ASN T 103 57.93 44.27 33.86
CA ASN T 103 57.16 44.31 32.65
C ASN T 103 56.27 45.55 32.61
N ARG T 104 55.67 45.76 31.45
CA ARG T 104 54.79 46.91 31.21
C ARG T 104 53.36 46.51 31.51
N LEU T 105 52.69 47.27 32.37
CA LEU T 105 51.28 47.06 32.63
C LEU T 105 50.47 47.44 31.41
N VAL T 106 49.64 46.52 30.92
CA VAL T 106 48.94 46.72 29.65
C VAL T 106 47.46 46.41 29.72
N GLY T 107 47.00 45.73 30.77
CA GLY T 107 45.58 45.42 30.79
C GLY T 107 45.15 44.72 32.05
N ARG T 108 43.84 44.42 32.09
CA ARG T 108 43.21 43.69 33.17
C ARG T 108 42.28 42.65 32.55
N VAL T 109 42.29 41.45 33.11
CA VAL T 109 41.54 40.33 32.53
C VAL T 109 40.05 40.51 32.81
N THR T 110 39.23 40.07 31.85
CA THR T 110 37.79 39.95 32.00
C THR T 110 37.35 38.50 32.08
N ASP T 111 37.70 37.70 31.08
CA ASP T 111 37.42 36.27 31.06
C ASP T 111 38.66 35.50 31.46
N GLY T 112 38.49 34.55 32.36
CA GLY T 112 39.62 33.80 32.87
C GLY T 112 40.29 32.96 31.79
N LYS T 113 41.48 32.46 32.14
CA LYS T 113 42.23 31.60 31.24
C LYS T 113 41.45 30.32 30.97
N ASP T 114 40.96 30.16 29.75
CA ASP T 114 40.17 29.00 29.39
C ASP T 114 41.07 27.88 28.90
N SER T 115 40.44 26.77 28.46
CA SER T 115 41.21 25.60 28.02
C SER T 115 42.06 25.94 26.79
N ASN T 116 41.55 26.79 25.91
CA ASN T 116 42.26 27.13 24.69
C ASN T 116 43.33 28.21 24.90
N ASN T 117 43.63 28.58 26.14
CA ASN T 117 44.64 29.60 26.43
C ASN T 117 44.27 30.93 25.77
N VAL T 118 43.03 31.35 25.98
CA VAL T 118 42.48 32.57 25.41
C VAL T 118 42.04 33.48 26.55
N ILE T 119 42.40 34.75 26.45
CA ILE T 119 42.08 35.75 27.47
C ILE T 119 41.28 36.87 26.81
N TRP T 120 40.27 37.35 27.51
CA TRP T 120 39.59 38.60 27.19
C TRP T 120 39.98 39.62 28.24
N PHE T 121 40.54 40.75 27.79
CA PHE T 121 41.10 41.73 28.71
C PHE T 121 40.90 43.13 28.15
N ILE T 122 40.95 44.11 29.05
CA ILE T 122 40.73 45.51 28.73
C ILE T 122 42.08 46.18 28.61
N LEU T 123 42.38 46.72 27.43
CA LEU T 123 43.63 47.42 27.23
C LEU T 123 43.65 48.70 28.06
N LEU T 124 44.85 49.14 28.41
CA LEU T 124 45.09 50.24 29.33
C LEU T 124 45.67 51.45 28.60
N PRO T 125 45.73 52.64 29.25
CA PRO T 125 45.94 53.88 28.50
C PRO T 125 47.36 54.15 27.99
N GLN T 126 48.23 53.15 27.92
CA GLN T 126 49.59 53.33 27.40
C GLN T 126 50.40 54.26 28.32
N GLN T 127 50.40 53.94 29.60
CA GLN T 127 51.18 54.69 30.57
C GLN T 127 52.59 54.16 30.68
N PHE U 3 62.23 41.27 -26.32
CA PHE U 3 61.54 42.44 -26.86
C PHE U 3 62.22 43.70 -26.34
N LYS U 4 63.14 44.24 -27.15
CA LYS U 4 63.83 45.47 -26.77
C LYS U 4 62.85 46.64 -26.75
N GLY U 5 63.07 47.56 -25.82
CA GLY U 5 62.19 48.69 -25.69
C GLY U 5 60.78 48.34 -25.28
N GLN U 6 60.61 47.21 -24.59
CA GLN U 6 59.28 46.82 -24.16
C GLN U 6 58.76 47.81 -23.13
N PRO U 7 57.44 48.00 -23.05
CA PRO U 7 56.91 48.97 -22.07
C PRO U 7 57.19 48.60 -20.63
N THR U 8 57.29 47.31 -20.33
CA THR U 8 57.23 46.80 -18.97
C THR U 8 58.36 45.80 -18.73
N PRO U 9 58.93 45.76 -17.50
CA PRO U 9 59.99 44.75 -17.28
C PRO U 9 59.45 43.36 -17.01
N SER U 10 59.09 42.66 -18.09
CA SER U 10 58.65 41.29 -17.98
C SER U 10 59.84 40.36 -17.77
N THR U 11 59.57 39.22 -17.14
CA THR U 11 60.56 38.19 -16.86
C THR U 11 60.22 36.94 -17.66
N ILE U 12 61.19 36.45 -18.45
CA ILE U 12 61.01 35.30 -19.32
C ILE U 12 61.58 34.06 -18.62
N THR U 13 60.78 33.00 -18.56
CA THR U 13 61.17 31.75 -17.94
C THR U 13 61.16 30.66 -19.00
N GLN U 14 62.30 29.98 -19.14
CA GLN U 14 62.42 28.93 -20.15
C GLN U 14 61.84 27.62 -19.62
N ILE U 15 61.25 26.85 -20.53
CA ILE U 15 60.79 25.50 -20.27
C ILE U 15 61.74 24.56 -21.00
N THR U 16 62.44 23.72 -20.24
CA THR U 16 63.49 22.89 -20.82
C THR U 16 62.90 21.83 -21.73
N ARG U 17 63.70 21.40 -22.70
CA ARG U 17 63.27 20.47 -23.73
C ARG U 17 64.51 19.75 -24.21
N ALA U 18 64.62 18.45 -23.90
CA ALA U 18 65.83 17.70 -24.21
C ALA U 18 65.84 17.13 -25.61
N LYS U 19 64.71 16.64 -26.10
CA LYS U 19 64.65 15.97 -27.39
C LYS U 19 64.75 16.98 -28.53
N ILE U 20 65.98 17.32 -28.92
CA ILE U 20 66.17 18.30 -29.98
C ILE U 20 65.64 17.78 -31.31
N SER U 21 65.82 16.49 -31.57
CA SER U 21 65.45 15.93 -32.86
C SER U 21 65.34 14.42 -32.76
N ASP U 22 64.64 13.83 -33.73
CA ASP U 22 64.47 12.38 -33.75
C ASP U 22 65.78 11.64 -33.97
N GLY U 23 66.79 12.30 -34.54
CA GLY U 23 68.11 11.71 -34.60
C GLY U 23 68.24 10.49 -35.48
N LYS U 24 67.32 10.28 -36.42
CA LYS U 24 67.46 9.17 -37.35
C LYS U 24 68.58 9.39 -38.35
N SER U 25 69.05 10.63 -38.51
CA SER U 25 70.16 10.94 -39.39
C SER U 25 70.96 12.07 -38.78
N VAL U 26 72.22 12.18 -39.20
CA VAL U 26 73.19 13.07 -38.58
C VAL U 26 73.95 13.81 -39.66
N ARG U 27 74.04 15.13 -39.52
CA ARG U 27 74.91 15.92 -40.38
C ARG U 27 76.36 15.66 -40.03
N VAL U 28 77.22 15.69 -41.05
CA VAL U 28 78.65 15.46 -40.84
C VAL U 28 79.42 16.25 -41.88
N ILE U 29 80.63 16.66 -41.51
CA ILE U 29 81.49 17.49 -42.34
C ILE U 29 82.65 16.64 -42.84
N LEU U 30 82.90 16.72 -44.15
CA LEU U 30 83.96 15.94 -44.77
C LEU U 30 85.33 16.49 -44.41
N SER U 31 86.25 15.59 -44.07
CA SER U 31 87.64 15.95 -43.84
C SER U 31 88.36 15.98 -45.18
N GLU U 32 89.69 16.11 -45.17
CA GLU U 32 90.45 16.17 -46.42
C GLU U 32 90.38 14.85 -47.17
N GLY U 33 90.69 13.75 -46.49
CA GLY U 33 90.82 12.47 -47.16
C GLY U 33 89.53 11.66 -47.19
N GLU U 34 88.41 12.34 -47.41
CA GLU U 34 87.11 11.69 -47.43
C GLU U 34 86.28 12.25 -48.58
N SER U 35 85.36 11.43 -49.08
CA SER U 35 84.45 11.83 -50.13
C SER U 35 83.25 10.91 -50.09
N THR U 36 82.14 11.35 -50.70
CA THR U 36 80.91 10.58 -50.69
C THR U 36 80.18 10.73 -52.02
N LYS U 37 79.36 9.74 -52.32
CA LYS U 37 78.36 9.83 -53.37
C LYS U 37 77.09 9.16 -52.88
N THR U 38 75.98 9.45 -53.55
CA THR U 38 74.66 9.18 -52.99
C THR U 38 74.42 7.69 -52.82
N GLN U 39 73.72 7.35 -51.74
CA GLN U 39 73.28 5.98 -51.45
C GLN U 39 74.44 5.02 -51.27
N GLN U 40 75.60 5.50 -50.85
CA GLN U 40 76.75 4.67 -50.52
C GLN U 40 77.04 4.75 -49.03
N PHE U 41 77.53 3.65 -48.48
CA PHE U 41 77.84 3.58 -47.06
C PHE U 41 79.20 4.19 -46.78
N TYR U 42 79.30 4.94 -45.69
CA TYR U 42 80.56 5.54 -45.27
C TYR U 42 80.62 5.65 -43.76
N LEU U 43 81.84 5.76 -43.25
CA LEU U 43 82.11 6.05 -41.85
C LEU U 43 82.80 7.41 -41.81
N ILE U 44 82.10 8.42 -41.31
CA ILE U 44 82.59 9.79 -41.26
C ILE U 44 82.45 10.29 -39.84
N ASN U 45 83.57 10.64 -39.22
CA ASN U 45 83.59 11.23 -37.88
C ASN U 45 82.87 10.33 -36.87
N GLY U 46 83.17 9.04 -36.92
CA GLY U 46 82.63 8.09 -35.98
C GLY U 46 81.21 7.65 -36.25
N PHE U 47 80.53 8.25 -37.23
CA PHE U 47 79.17 7.89 -37.59
C PHE U 47 79.18 7.07 -38.86
N PHE U 48 78.46 5.95 -38.85
CA PHE U 48 78.37 5.06 -39.99
C PHE U 48 76.94 5.05 -40.50
N GLY U 49 76.77 5.27 -41.80
CA GLY U 49 75.44 5.33 -42.36
C GLY U 49 75.50 5.51 -43.86
N VAL U 50 74.32 5.73 -44.44
CA VAL U 50 74.17 5.89 -45.88
C VAL U 50 74.31 7.36 -46.22
N ALA U 51 75.42 7.74 -46.85
CA ALA U 51 75.60 9.11 -47.29
C ALA U 51 74.60 9.41 -48.38
N MET U 52 73.58 10.19 -48.06
CA MET U 52 72.49 10.43 -48.98
C MET U 52 72.78 11.52 -50.01
N GLN U 53 73.96 12.14 -49.96
CA GLN U 53 74.27 13.28 -50.82
C GLN U 53 75.74 13.25 -51.20
N ASP U 54 76.08 13.99 -52.25
CA ASP U 54 77.45 14.04 -52.72
C ASP U 54 78.26 15.02 -51.87
N GLY U 55 79.51 14.67 -51.62
CA GLY U 55 80.39 15.52 -50.84
C GLY U 55 81.85 15.15 -51.07
N GLU U 56 82.71 16.15 -51.22
CA GLU U 56 84.10 15.93 -51.62
C GLU U 56 85.12 16.49 -50.65
N LYS U 57 84.94 17.72 -50.15
CA LYS U 57 86.00 18.39 -49.40
C LYS U 57 85.37 19.47 -48.55
N GLY U 58 85.32 19.24 -47.23
CA GLY U 58 84.77 20.23 -46.32
C GLY U 58 83.31 20.52 -46.52
N ASP U 59 82.59 19.68 -47.26
CA ASP U 59 81.18 19.87 -47.50
C ASP U 59 80.37 19.13 -46.44
N GLU U 60 79.09 19.45 -46.37
CA GLU U 60 78.17 18.83 -45.42
C GLU U 60 77.36 17.74 -46.13
N VAL U 61 77.32 16.56 -45.51
CA VAL U 61 76.52 15.44 -45.99
C VAL U 61 75.81 14.85 -44.78
N THR U 62 74.74 14.10 -45.04
CA THR U 62 73.93 13.50 -43.99
C THR U 62 73.96 11.99 -44.15
N LEU U 63 74.11 11.29 -43.03
CA LEU U 63 74.20 9.84 -43.01
C LEU U 63 72.94 9.26 -42.38
N GLN U 64 72.31 8.32 -43.09
CA GLN U 64 71.15 7.62 -42.55
C GLN U 64 71.64 6.62 -41.52
N ILE U 65 71.10 6.71 -40.30
CA ILE U 65 71.44 5.80 -39.22
C ILE U 65 70.15 5.21 -38.65
N GLU U 66 69.16 5.00 -39.52
CA GLU U 66 67.81 4.65 -39.08
C GLU U 66 67.73 3.28 -38.40
N GLN U 67 68.77 2.44 -38.50
CA GLN U 67 68.73 1.08 -37.98
C GLN U 67 67.63 0.27 -38.67
N ALA U 68 67.44 0.54 -39.96
CA ALA U 68 66.51 -0.22 -40.79
C ALA U 68 67.27 -1.30 -41.55
N GLU U 69 66.62 -1.93 -42.51
CA GLU U 69 67.23 -2.93 -43.36
C GLU U 69 67.76 -2.28 -44.63
N TYR U 70 68.97 -2.65 -45.03
CA TYR U 70 69.68 -1.97 -46.12
C TYR U 70 70.25 -2.97 -47.10
N GLU U 71 70.11 -2.67 -48.39
CA GLU U 71 70.71 -3.44 -49.47
C GLU U 71 71.99 -2.74 -49.90
N THR U 72 73.12 -3.45 -49.82
CA THR U 72 74.43 -2.80 -49.92
C THR U 72 75.26 -3.25 -51.09
N ASP U 73 75.48 -4.55 -51.29
CA ASP U 73 76.57 -5.01 -52.14
C ASP U 73 77.86 -4.44 -51.56
N ASN U 74 78.90 -4.25 -52.37
CA ASN U 74 80.14 -3.62 -51.94
C ASN U 74 80.78 -4.36 -50.77
N ILE U 75 80.79 -5.68 -50.86
CA ILE U 75 81.36 -6.52 -49.82
C ILE U 75 82.71 -7.06 -50.28
N VAL U 76 83.45 -7.65 -49.35
CA VAL U 76 84.61 -8.47 -49.72
C VAL U 76 84.07 -9.78 -50.31
N THR U 77 84.23 -9.94 -51.62
CA THR U 77 83.56 -11.03 -52.32
C THR U 77 84.06 -12.39 -51.89
N SER U 78 85.31 -12.49 -51.42
CA SER U 78 85.86 -13.80 -51.07
C SER U 78 85.14 -14.41 -49.87
N GLU U 79 84.67 -13.58 -48.94
CA GLU U 79 84.05 -14.10 -47.73
C GLU U 79 82.63 -14.59 -48.03
N ALA U 80 82.19 -15.56 -47.23
CA ALA U 80 80.81 -16.02 -47.25
C ALA U 80 80.01 -15.28 -46.19
N PHE U 81 78.77 -14.93 -46.55
CA PHE U 81 77.89 -14.12 -45.70
C PHE U 81 76.58 -14.88 -45.52
N GLU U 82 76.54 -15.78 -44.55
CA GLU U 82 75.30 -16.48 -44.26
C GLU U 82 74.33 -15.53 -43.55
N ALA U 83 73.05 -15.87 -43.63
CA ALA U 83 72.04 -15.10 -42.92
C ALA U 83 72.29 -15.19 -41.42
N GLY U 84 72.25 -14.04 -40.74
CA GLY U 84 72.48 -13.95 -39.33
C GLY U 84 73.90 -13.57 -38.94
N LYS U 85 74.86 -13.71 -39.85
CA LYS U 85 76.24 -13.37 -39.53
C LYS U 85 76.36 -11.87 -39.31
N LEU U 86 77.21 -11.50 -38.35
CA LEU U 86 77.47 -10.09 -38.11
C LEU U 86 78.27 -9.49 -39.26
N ILE U 87 78.11 -8.19 -39.45
CA ILE U 87 78.74 -7.45 -40.53
C ILE U 87 79.64 -6.39 -39.91
N TYR U 88 80.85 -6.27 -40.45
CA TYR U 88 81.82 -5.28 -40.00
C TYR U 88 82.26 -4.44 -41.18
N TRP U 89 82.51 -3.16 -40.93
CA TRP U 89 82.93 -2.21 -41.95
C TRP U 89 84.44 -2.00 -41.86
N ASP U 90 85.15 -2.40 -42.91
CA ASP U 90 86.60 -2.24 -42.99
C ASP U 90 86.89 -0.89 -43.62
N ASN U 91 87.14 0.12 -42.78
CA ASN U 91 87.35 1.47 -43.28
C ASN U 91 88.59 1.60 -44.15
N THR U 92 89.59 0.74 -43.95
CA THR U 92 90.78 0.80 -44.79
C THR U 92 90.46 0.38 -46.22
N ALA U 93 89.75 -0.74 -46.38
CA ALA U 93 89.32 -1.22 -47.69
C ALA U 93 88.00 -0.60 -48.13
N LYS U 94 87.27 0.06 -47.24
CA LYS U 94 85.97 0.65 -47.56
C LYS U 94 85.00 -0.39 -48.08
N LYS U 95 85.03 -1.58 -47.48
CA LYS U 95 84.17 -2.68 -47.86
C LYS U 95 83.65 -3.36 -46.61
N PHE U 96 82.49 -4.00 -46.74
CA PHE U 96 81.93 -4.78 -45.65
C PHE U 96 82.67 -6.11 -45.53
N THR U 97 82.71 -6.63 -44.30
CA THR U 97 83.40 -7.88 -44.05
C THR U 97 82.87 -8.46 -42.75
N THR U 98 83.08 -9.77 -42.58
CA THR U 98 82.71 -10.45 -41.35
C THR U 98 83.86 -10.53 -40.36
N THR U 99 85.10 -10.37 -40.80
CA THR U 99 86.24 -10.39 -39.90
C THR U 99 86.17 -9.21 -38.94
N SER U 100 86.47 -9.47 -37.67
CA SER U 100 86.35 -8.49 -36.60
C SER U 100 87.71 -8.12 -36.02
N ALA U 101 88.72 -8.00 -36.89
CA ALA U 101 90.07 -7.71 -36.43
C ALA U 101 90.14 -6.36 -35.73
N SER U 102 89.91 -5.28 -36.48
CA SER U 102 89.88 -3.93 -35.93
C SER U 102 88.76 -3.11 -36.55
N ASN U 103 87.72 -3.75 -37.06
CA ASN U 103 86.68 -3.09 -37.83
C ASN U 103 85.48 -2.76 -36.94
N ARG U 104 84.70 -1.78 -37.40
CA ARG U 104 83.53 -1.34 -36.68
C ARG U 104 82.37 -2.30 -36.93
N LEU U 105 81.70 -2.72 -35.85
CA LEU U 105 80.51 -3.54 -35.97
C LEU U 105 79.35 -2.65 -36.39
N VAL U 106 78.70 -2.99 -37.51
CA VAL U 106 77.67 -2.12 -38.09
C VAL U 106 76.38 -2.84 -38.41
N GLY U 107 76.33 -4.16 -38.53
CA GLY U 107 75.06 -4.77 -38.90
C GLY U 107 75.11 -6.27 -38.84
N ARG U 108 73.94 -6.87 -39.10
CA ARG U 108 73.76 -8.32 -39.14
C ARG U 108 73.00 -8.67 -40.40
N VAL U 109 73.50 -9.66 -41.14
CA VAL U 109 72.92 -10.00 -42.44
C VAL U 109 71.53 -10.58 -42.24
N THR U 110 70.56 -10.08 -43.01
CA THR U 110 69.21 -10.65 -43.05
C THR U 110 69.02 -11.61 -44.20
N ASP U 111 69.70 -11.40 -45.33
CA ASP U 111 69.63 -12.27 -46.48
C ASP U 111 71.04 -12.55 -46.97
N GLY U 112 71.35 -13.82 -47.18
CA GLY U 112 72.71 -14.22 -47.45
C GLY U 112 73.24 -13.70 -48.77
N LYS U 113 74.56 -13.77 -48.90
CA LYS U 113 75.25 -13.38 -50.12
C LYS U 113 74.73 -14.20 -51.30
N ASP U 114 74.06 -13.54 -52.24
CA ASP U 114 73.51 -14.23 -53.40
C ASP U 114 74.62 -14.39 -54.44
N SER U 115 74.24 -14.78 -55.66
CA SER U 115 75.22 -15.00 -56.71
C SER U 115 75.90 -13.71 -57.17
N ASN U 116 75.28 -12.55 -56.92
CA ASN U 116 75.84 -11.25 -57.30
C ASN U 116 76.31 -10.44 -56.09
N ASN U 117 76.63 -11.12 -54.99
CA ASN U 117 77.23 -10.50 -53.82
C ASN U 117 76.33 -9.44 -53.18
N VAL U 118 75.03 -9.52 -53.40
CA VAL U 118 74.09 -8.60 -52.77
C VAL U 118 73.76 -9.11 -51.38
N ILE U 119 73.59 -8.20 -50.43
CA ILE U 119 73.28 -8.53 -49.05
C ILE U 119 72.21 -7.58 -48.55
N TRP U 120 71.28 -8.11 -47.76
CA TRP U 120 70.38 -7.32 -46.94
C TRP U 120 70.79 -7.48 -45.48
N PHE U 121 70.78 -6.38 -44.73
CA PHE U 121 71.25 -6.44 -43.36
C PHE U 121 70.63 -5.30 -42.56
N ILE U 122 70.45 -5.55 -41.27
CA ILE U 122 70.02 -4.51 -40.34
C ILE U 122 71.22 -3.66 -39.97
N LEU U 123 71.02 -2.35 -39.91
CA LEU U 123 72.05 -1.45 -39.43
C LEU U 123 71.94 -1.31 -37.92
N LEU U 124 73.08 -1.13 -37.26
CA LEU U 124 73.19 -1.16 -35.82
C LEU U 124 73.38 0.25 -35.25
N PRO U 125 73.24 0.42 -33.91
CA PRO U 125 72.98 1.77 -33.37
C PRO U 125 74.18 2.71 -33.24
N GLN U 126 75.27 2.45 -33.95
CA GLN U 126 76.43 3.36 -33.97
C GLN U 126 77.14 3.37 -32.61
N GLN U 127 77.41 2.18 -32.08
CA GLN U 127 78.16 2.05 -30.84
C GLN U 127 79.66 1.96 -31.10
N PHE V 3 3.50 67.82 40.65
CA PHE V 3 2.25 68.44 40.22
C PHE V 3 1.48 68.93 41.43
N LYS V 4 1.67 70.21 41.75
CA LYS V 4 0.96 70.81 42.87
C LYS V 4 -0.53 70.88 42.58
N GLY V 5 -1.34 70.69 43.63
CA GLY V 5 -2.77 70.70 43.46
C GLY V 5 -3.29 69.59 42.59
N GLN V 6 -2.58 68.48 42.53
CA GLN V 6 -3.04 67.35 41.73
C GLN V 6 -4.32 66.79 42.33
N PRO V 7 -5.21 66.21 41.50
CA PRO V 7 -6.46 65.68 42.07
C PRO V 7 -6.26 64.55 43.04
N THR V 8 -5.20 63.75 42.87
CA THR V 8 -5.07 62.46 43.52
C THR V 8 -3.70 62.31 44.14
N PRO V 9 -3.57 61.62 45.30
CA PRO V 9 -2.22 61.47 45.87
C PRO V 9 -1.39 60.38 45.21
N SER V 10 -0.77 60.73 44.08
CA SER V 10 0.12 59.82 43.39
C SER V 10 1.48 59.78 44.06
N THR V 11 2.16 58.65 43.92
CA THR V 11 3.50 58.44 44.48
C THR V 11 4.49 58.31 43.35
N ILE V 12 5.54 59.14 43.38
CA ILE V 12 6.56 59.19 42.34
C ILE V 12 7.75 58.36 42.79
N THR V 13 8.21 57.46 41.92
CA THR V 13 9.34 56.57 42.20
C THR V 13 10.43 56.84 41.19
N GLN V 14 11.61 57.22 41.66
CA GLN V 14 12.73 57.53 40.78
C GLN V 14 13.39 56.25 40.32
N ILE V 15 13.84 56.24 39.07
CA ILE V 15 14.71 55.19 38.53
C ILE V 15 16.12 55.75 38.49
N THR V 16 17.02 55.11 39.23
CA THR V 16 18.38 55.61 39.33
C THR V 16 19.10 55.46 38.00
N ARG V 17 20.12 56.30 37.84
CA ARG V 17 20.82 56.51 36.57
C ARG V 17 22.13 57.19 36.93
N ALA V 18 23.26 56.51 36.70
CA ALA V 18 24.55 56.99 37.15
C ALA V 18 25.27 57.83 36.11
N LYS V 19 25.17 57.47 34.82
CA LYS V 19 25.95 58.12 33.76
C LYS V 19 25.37 59.49 33.46
N ILE V 20 25.86 60.49 34.19
CA ILE V 20 25.38 61.85 33.99
C ILE V 20 25.79 62.37 32.61
N SER V 21 26.96 61.97 32.12
CA SER V 21 27.45 62.57 30.89
C SER V 21 28.59 61.73 30.35
N ASP V 22 28.89 61.92 29.06
CA ASP V 22 29.98 61.19 28.42
C ASP V 22 31.32 61.57 29.02
N GLY V 23 31.44 62.78 29.56
CA GLY V 23 32.63 63.14 30.31
C GLY V 23 33.89 63.31 29.47
N LYS V 24 33.76 63.51 28.16
CA LYS V 24 34.94 63.77 27.35
C LYS V 24 35.53 65.15 27.60
N SER V 25 34.77 66.05 28.23
CA SER V 25 35.25 67.37 28.57
C SER V 25 34.62 67.78 29.89
N VAL V 26 35.26 68.74 30.56
CA VAL V 26 34.91 69.14 31.92
C VAL V 26 34.86 70.65 32.00
N ARG V 27 33.80 71.19 32.60
CA ARG V 27 33.74 72.60 32.90
C ARG V 27 34.65 72.92 34.07
N VAL V 28 35.29 74.08 34.04
CA VAL V 28 36.21 74.48 35.10
C VAL V 28 36.16 75.99 35.24
N ILE V 29 36.39 76.46 36.47
CA ILE V 29 36.32 77.87 36.80
C ILE V 29 37.73 78.40 37.03
N LEU V 30 38.01 79.57 36.47
CA LEU V 30 39.34 80.16 36.57
C LEU V 30 39.55 80.78 37.94
N SER V 31 40.73 80.56 38.50
CA SER V 31 41.14 81.19 39.73
C SER V 31 41.74 82.56 39.42
N GLU V 32 42.32 83.22 40.42
CA GLU V 32 42.90 84.55 40.19
C GLU V 32 44.10 84.47 39.27
N GLY V 33 45.04 83.59 39.58
CA GLY V 33 46.30 83.54 38.85
C GLY V 33 46.29 82.60 37.65
N GLU V 34 45.16 82.54 36.95
CA GLU V 34 45.00 81.67 35.80
C GLU V 34 44.29 82.41 34.67
N SER V 35 44.58 81.97 33.45
CA SER V 35 43.94 82.54 32.26
C SER V 35 44.07 81.52 31.15
N THR V 36 43.23 81.68 30.11
CA THR V 36 43.23 80.77 28.99
C THR V 36 42.97 81.51 27.69
N LYS V 37 43.43 80.90 26.60
CA LYS V 37 43.01 81.27 25.26
C LYS V 37 42.80 79.99 24.46
N THR V 38 42.07 80.11 23.37
CA THR V 38 41.48 78.95 22.72
C THR V 38 42.55 78.01 22.16
N GLN V 39 42.27 76.72 22.24
CA GLN V 39 43.11 75.66 21.69
C GLN V 39 44.49 75.60 22.31
N GLN V 40 44.64 76.08 23.54
CA GLN V 40 45.87 75.97 24.30
C GLN V 40 45.69 75.01 25.47
N PHE V 41 46.76 74.30 25.79
CA PHE V 41 46.72 73.34 26.88
C PHE V 41 46.90 74.04 28.23
N TYR V 42 46.13 73.61 29.23
CA TYR V 42 46.24 74.17 30.57
C TYR V 42 45.90 73.10 31.60
N LEU V 43 46.37 73.34 32.82
CA LEU V 43 46.04 72.53 33.99
C LEU V 43 45.27 73.44 34.94
N ILE V 44 43.96 73.20 35.07
CA ILE V 44 43.07 74.03 35.88
C ILE V 44 42.32 73.11 36.82
N ASN V 45 42.51 73.31 38.13
CA ASN V 45 41.78 72.58 39.15
C ASN V 45 41.94 71.07 38.98
N GLY V 46 43.18 70.64 38.80
CA GLY V 46 43.48 69.23 38.71
C GLY V 46 43.15 68.57 37.39
N PHE V 47 42.53 69.30 36.46
CA PHE V 47 42.17 68.78 35.15
C PHE V 47 43.09 69.36 34.11
N PHE V 48 43.62 68.51 33.23
CA PHE V 48 44.51 68.92 32.15
C PHE V 48 43.86 68.65 30.82
N GLY V 49 43.83 69.66 29.95
CA GLY V 49 43.18 69.48 28.68
C GLY V 49 43.32 70.73 27.84
N VAL V 50 42.63 70.73 26.70
CA VAL V 50 42.68 71.81 25.74
C VAL V 50 41.58 72.80 26.09
N ALA V 51 41.97 73.98 26.57
CA ALA V 51 41.01 75.04 26.86
C ALA V 51 40.40 75.52 25.56
N MET V 52 39.14 75.16 25.31
CA MET V 52 38.50 75.46 24.03
C MET V 52 37.91 76.86 23.98
N GLN V 53 38.02 77.66 25.04
CA GLN V 53 37.38 78.97 25.09
C GLN V 53 38.27 79.93 25.86
N ASP V 54 38.06 81.22 25.64
CA ASP V 54 38.82 82.25 26.32
C ASP V 54 38.33 82.42 27.74
N GLY V 55 39.26 82.68 28.66
CA GLY V 55 38.91 82.88 30.05
C GLY V 55 40.03 83.59 30.81
N GLU V 56 39.67 84.54 31.66
CA GLU V 56 40.64 85.41 32.33
C GLU V 56 40.56 85.35 33.84
N LYS V 57 39.36 85.49 34.42
CA LYS V 57 39.25 85.72 35.86
C LYS V 57 37.87 85.29 36.30
N GLY V 58 37.78 84.18 37.03
CA GLY V 58 36.51 83.71 37.53
C GLY V 58 35.52 83.33 36.47
N ASP V 59 35.97 83.14 35.22
CA ASP V 59 35.12 82.76 34.12
C ASP V 59 35.08 81.24 34.00
N GLU V 60 34.13 80.75 33.22
CA GLU V 60 33.96 79.32 32.98
C GLU V 60 34.55 78.96 31.62
N VAL V 61 35.40 77.95 31.61
CA VAL V 61 36.02 77.42 30.40
C VAL V 61 35.91 75.91 30.46
N THR V 62 36.04 75.28 29.30
CA THR V 62 35.91 73.83 29.17
C THR V 62 37.19 73.24 28.60
N LEU V 63 37.61 72.11 29.17
CA LEU V 63 38.86 71.47 28.81
C LEU V 63 38.56 70.14 28.11
N GLN V 64 39.14 69.97 26.93
CA GLN V 64 39.04 68.69 26.22
C GLN V 64 39.96 67.68 26.90
N ILE V 65 39.38 66.57 27.35
CA ILE V 65 40.13 65.48 27.97
C ILE V 65 39.85 64.19 27.22
N GLU V 66 39.66 64.30 25.90
CA GLU V 66 39.16 63.18 25.10
C GLU V 66 40.10 61.99 25.06
N GLN V 67 41.35 62.14 25.48
CA GLN V 67 42.36 61.08 25.32
C GLN V 67 42.57 60.73 23.85
N ALA V 68 42.52 61.75 23.00
CA ALA V 68 42.80 61.62 21.59
C ALA V 68 44.24 62.06 21.31
N GLU V 69 44.58 62.20 20.03
CA GLU V 69 45.89 62.66 19.62
C GLU V 69 45.85 64.17 19.41
N TYR V 70 46.88 64.86 19.89
CA TYR V 70 46.89 66.31 19.94
C TYR V 70 48.20 66.86 19.41
N GLU V 71 48.11 67.93 18.62
CA GLU V 71 49.27 68.66 18.10
C GLU V 71 49.45 69.91 18.96
N THR V 72 50.62 70.04 19.59
CA THR V 72 50.80 71.01 20.66
C THR V 72 51.83 72.08 20.39
N ASP V 73 53.05 71.73 20.01
CA ASP V 73 54.17 72.67 20.11
C ASP V 73 54.28 73.09 21.58
N ASN V 74 54.81 74.28 21.86
CA ASN V 74 54.88 74.83 23.22
C ASN V 74 55.68 73.92 24.15
N ILE V 75 56.67 73.23 23.62
CA ILE V 75 57.50 72.34 24.40
C ILE V 75 58.73 73.09 24.89
N VAL V 76 59.41 72.51 25.88
CA VAL V 76 60.76 72.97 26.21
C VAL V 76 61.68 72.55 25.06
N THR V 77 62.15 73.54 24.30
CA THR V 77 62.82 73.25 23.04
C THR V 77 64.15 72.52 23.24
N SER V 78 64.80 72.71 24.39
CA SER V 78 66.11 72.11 24.59
C SER V 78 66.03 70.59 24.64
N GLU V 79 64.95 70.03 25.16
CA GLU V 79 64.83 68.59 25.31
C GLU V 79 64.55 67.93 23.96
N ALA V 80 64.99 66.68 23.84
CA ALA V 80 64.65 65.84 22.70
C ALA V 80 63.41 65.02 23.02
N PHE V 81 62.54 64.88 22.02
CA PHE V 81 61.25 64.19 22.17
C PHE V 81 61.15 63.10 21.12
N GLU V 82 61.71 61.94 21.41
CA GLU V 82 61.57 60.82 20.49
C GLU V 82 60.15 60.27 20.54
N ALA V 83 59.76 59.59 19.47
CA ALA V 83 58.46 58.94 19.44
C ALA V 83 58.39 57.88 20.53
N GLY V 84 57.30 57.89 21.28
CA GLY V 84 57.08 56.96 22.36
C GLY V 84 57.46 57.49 23.74
N LYS V 85 58.25 58.54 23.81
CA LYS V 85 58.62 59.10 25.11
C LYS V 85 57.41 59.68 25.80
N LEU V 86 57.35 59.51 27.12
CA LEU V 86 56.28 60.10 27.90
C LEU V 86 56.42 61.61 27.94
N ILE V 87 55.30 62.29 28.13
CA ILE V 87 55.20 63.74 28.13
C ILE V 87 54.68 64.17 29.48
N TYR V 88 55.31 65.18 30.07
CA TYR V 88 54.90 65.76 31.34
C TYR V 88 54.66 67.25 31.18
N TRP V 89 53.68 67.76 31.92
CA TRP V 89 53.30 69.16 31.88
C TRP V 89 53.92 69.88 33.06
N ASP V 90 54.82 70.82 32.79
CA ASP V 90 55.47 71.62 33.82
C ASP V 90 54.62 72.86 34.05
N ASN V 91 53.79 72.82 35.10
CA ASN V 91 52.87 73.92 35.34
C ASN V 91 53.57 75.21 35.71
N THR V 92 54.78 75.13 36.27
CA THR V 92 55.51 76.36 36.60
C THR V 92 55.94 77.09 35.34
N ALA V 93 56.53 76.36 34.39
CA ALA V 93 56.92 76.93 33.11
C ALA V 93 55.79 76.93 32.08
N LYS V 94 54.69 76.22 32.34
CA LYS V 94 53.57 76.13 31.41
C LYS V 94 54.01 75.59 30.06
N LYS V 95 54.91 74.59 30.08
CA LYS V 95 55.43 73.97 28.88
C LYS V 95 55.50 72.47 29.08
N PHE V 96 55.40 71.74 27.99
CA PHE V 96 55.57 70.29 28.05
C PHE V 96 57.03 69.92 28.22
N THR V 97 57.27 68.79 28.85
CA THR V 97 58.64 68.34 29.11
C THR V 97 58.61 66.85 29.37
N THR V 98 59.78 66.22 29.19
CA THR V 98 59.94 64.81 29.50
C THR V 98 60.44 64.56 30.91
N THR V 99 61.03 65.56 31.57
CA THR V 99 61.50 65.39 32.93
C THR V 99 60.31 65.18 33.86
N SER V 100 60.45 64.23 34.78
CA SER V 100 59.38 63.80 35.68
C SER V 100 59.69 64.18 37.13
N ALA V 101 60.27 65.35 37.34
CA ALA V 101 60.66 65.75 38.69
C ALA V 101 59.44 65.88 39.60
N SER V 102 58.56 66.83 39.29
CA SER V 102 57.33 67.02 40.05
C SER V 102 56.16 67.37 39.12
N ASN V 103 56.24 66.97 37.86
CA ASN V 103 55.29 67.37 36.83
C ASN V 103 54.22 66.31 36.64
N ARG V 104 53.08 66.74 36.14
CA ARG V 104 51.95 65.86 35.89
C ARG V 104 52.19 65.06 34.61
N LEU V 105 51.98 63.75 34.68
CA LEU V 105 52.05 62.91 33.49
C LEU V 105 50.78 63.09 32.67
N VAL V 106 50.94 63.50 31.41
CA VAL V 106 49.80 63.88 30.57
C VAL V 106 49.76 63.17 29.23
N GLY V 107 50.86 62.65 28.70
CA GLY V 107 50.76 62.05 27.38
C GLY V 107 52.02 61.33 26.97
N ARG V 108 51.94 60.70 25.79
CA ARG V 108 53.05 59.98 25.18
C ARG V 108 53.16 60.40 23.74
N VAL V 109 54.38 60.73 23.31
CA VAL V 109 54.58 61.28 21.97
C VAL V 109 54.30 60.23 20.92
N THR V 110 53.52 60.59 19.91
CA THR V 110 53.29 59.74 18.75
C THR V 110 54.20 60.07 17.57
N ASP V 111 54.58 61.34 17.41
CA ASP V 111 55.48 61.78 16.36
C ASP V 111 56.54 62.67 16.98
N GLY V 112 57.80 62.39 16.67
CA GLY V 112 58.90 63.04 17.36
C GLY V 112 58.98 64.52 17.06
N LYS V 113 59.77 65.20 17.89
CA LYS V 113 60.02 66.63 17.74
C LYS V 113 60.63 66.92 16.37
N ASP V 114 59.89 67.61 15.51
CA ASP V 114 60.38 67.93 14.18
C ASP V 114 61.30 69.15 14.26
N SER V 115 61.64 69.71 13.10
CA SER V 115 62.53 70.87 13.07
C SER V 115 61.90 72.12 13.69
N ASN V 116 60.57 72.18 13.79
CA ASN V 116 59.87 73.32 14.35
C ASN V 116 59.24 73.02 15.71
N ASN V 117 59.76 72.03 16.42
CA ASN V 117 59.34 71.72 17.79
C ASN V 117 57.88 71.31 17.88
N VAL V 118 57.29 70.82 16.80
CA VAL V 118 55.91 70.33 16.82
C VAL V 118 55.91 68.89 17.27
N ILE V 119 54.89 68.51 18.03
CA ILE V 119 54.76 67.15 18.55
C ILE V 119 53.31 66.71 18.40
N TRP V 120 53.11 65.44 18.06
CA TRP V 120 51.83 64.78 18.19
C TRP V 120 51.93 63.78 19.34
N PHE V 121 50.88 63.72 20.17
CA PHE V 121 50.92 62.87 21.34
C PHE V 121 49.52 62.51 21.77
N ILE V 122 49.39 61.33 22.37
CA ILE V 122 48.13 60.90 22.97
C ILE V 122 47.99 61.56 24.33
N LEU V 123 46.79 62.03 24.65
CA LEU V 123 46.50 62.56 25.96
C LEU V 123 46.06 61.42 26.88
N LEU V 124 46.39 61.54 28.15
CA LEU V 124 46.22 60.50 29.15
C LEU V 124 45.05 60.80 30.08
N PRO V 125 44.60 59.80 30.88
CA PRO V 125 43.24 59.88 31.46
C PRO V 125 43.08 60.77 32.68
N GLN V 126 43.98 61.71 32.94
CA GLN V 126 43.83 62.68 34.02
C GLN V 126 43.96 62.02 35.40
N GLN V 127 44.97 61.17 35.54
CA GLN V 127 45.24 60.53 36.82
C GLN V 127 46.14 61.40 37.69
N PHE W 3 -61.74 2.14 49.44
CA PHE W 3 -62.82 2.19 48.48
C PHE W 3 -63.87 1.14 48.85
N LYS W 4 -64.88 1.57 49.58
CA LYS W 4 -65.96 0.68 49.96
C LYS W 4 -66.76 0.26 48.74
N GLY W 5 -67.24 -0.97 48.75
CA GLY W 5 -67.98 -1.48 47.62
C GLY W 5 -67.18 -1.62 46.36
N GLN W 6 -65.86 -1.75 46.48
CA GLN W 6 -65.03 -1.91 45.29
C GLN W 6 -65.35 -3.23 44.60
N PRO W 7 -65.20 -3.31 43.28
CA PRO W 7 -65.52 -4.58 42.60
C PRO W 7 -64.65 -5.74 43.03
N THR W 8 -63.40 -5.48 43.40
CA THR W 8 -62.38 -6.50 43.49
C THR W 8 -61.63 -6.38 44.81
N PRO W 9 -61.21 -7.51 45.43
CA PRO W 9 -60.47 -7.35 46.71
C PRO W 9 -59.00 -6.97 46.52
N SER W 10 -58.78 -5.68 46.30
CA SER W 10 -57.42 -5.16 46.19
C SER W 10 -56.79 -5.06 47.57
N THR W 11 -55.46 -5.17 47.60
CA THR W 11 -54.67 -5.09 48.82
C THR W 11 -53.84 -3.82 48.80
N ILE W 12 -53.97 -2.99 49.83
CA ILE W 12 -53.29 -1.70 49.92
C ILE W 12 -52.07 -1.88 50.80
N THR W 13 -50.92 -1.41 50.30
CA THR W 13 -49.64 -1.51 51.00
C THR W 13 -49.11 -0.10 51.22
N GLN W 14 -48.83 0.23 52.49
CA GLN W 14 -48.35 1.56 52.83
C GLN W 14 -46.86 1.66 52.60
N ILE W 15 -46.41 2.83 52.14
CA ILE W 15 -44.99 3.17 52.05
C ILE W 15 -44.70 4.14 53.18
N THR W 16 -43.81 3.74 54.08
CA THR W 16 -43.55 4.51 55.28
C THR W 16 -42.88 5.83 54.94
N ARG W 17 -43.08 6.81 55.83
CA ARG W 17 -42.57 8.16 55.62
C ARG W 17 -42.45 8.80 56.99
N ALA W 18 -41.22 9.08 57.43
CA ALA W 18 -40.99 9.57 58.78
C ALA W 18 -41.09 11.08 58.89
N LYS W 19 -40.60 11.82 57.90
CA LYS W 19 -40.55 13.27 57.99
C LYS W 19 -41.94 13.86 57.80
N ILE W 20 -42.71 13.98 58.88
CA ILE W 20 -44.06 14.52 58.78
C ILE W 20 -44.02 15.99 58.39
N SER W 21 -43.02 16.74 58.85
CA SER W 21 -43.00 18.18 58.64
C SER W 21 -41.59 18.72 58.85
N ASP W 22 -41.36 19.92 58.31
CA ASP W 22 -40.04 20.56 58.48
C ASP W 22 -39.78 20.91 59.93
N GLY W 23 -40.83 21.14 60.72
CA GLY W 23 -40.65 21.31 62.14
C GLY W 23 -39.96 22.59 62.56
N LYS W 24 -39.95 23.61 61.71
CA LYS W 24 -39.38 24.89 62.13
C LYS W 24 -40.26 25.63 63.12
N SER W 25 -41.53 25.24 63.26
CA SER W 25 -42.42 25.81 64.25
C SER W 25 -43.35 24.71 64.75
N VAL W 26 -43.91 24.94 65.93
CA VAL W 26 -44.65 23.92 66.67
C VAL W 26 -45.94 24.51 67.19
N ARG W 27 -47.05 23.80 66.98
CA ARG W 27 -48.31 24.19 67.60
C ARG W 27 -48.26 23.91 69.09
N VAL W 28 -48.89 24.77 69.88
CA VAL W 28 -48.94 24.59 71.33
C VAL W 28 -50.25 25.15 71.83
N ILE W 29 -50.74 24.57 72.93
CA ILE W 29 -52.03 24.91 73.52
C ILE W 29 -51.79 25.64 74.83
N LEU W 30 -52.43 26.79 74.98
CA LEU W 30 -52.26 27.59 76.18
C LEU W 30 -52.90 26.91 77.39
N SER W 31 -52.20 26.95 78.52
CA SER W 31 -52.74 26.47 79.78
C SER W 31 -53.50 27.62 80.44
N GLU W 32 -53.92 27.43 81.69
CA GLU W 32 -54.68 28.46 82.38
C GLU W 32 -53.84 29.71 82.63
N GLY W 33 -52.65 29.52 83.21
CA GLY W 33 -51.84 30.65 83.64
C GLY W 33 -50.86 31.12 82.59
N GLU W 34 -51.26 31.10 81.33
CA GLU W 34 -50.40 31.49 80.22
C GLU W 34 -51.18 32.37 79.24
N SER W 35 -50.44 33.22 78.53
CA SER W 35 -51.02 34.09 77.53
C SER W 35 -49.92 34.51 76.58
N THR W 36 -50.30 34.98 75.39
CA THR W 36 -49.34 35.38 74.38
C THR W 36 -49.87 36.57 73.59
N LYS W 37 -48.94 37.32 73.02
CA LYS W 37 -49.21 38.31 72.00
C LYS W 37 -48.11 38.23 70.96
N THR W 38 -48.39 38.79 69.79
CA THR W 38 -47.60 38.49 68.60
C THR W 38 -46.17 38.97 68.74
N GLN W 39 -45.23 38.18 68.21
CA GLN W 39 -43.81 38.52 68.13
C GLN W 39 -43.17 38.69 69.51
N GLN W 40 -43.70 38.01 70.52
CA GLN W 40 -43.12 37.97 71.85
C GLN W 40 -42.65 36.56 72.16
N PHE W 41 -41.52 36.46 72.87
CA PHE W 41 -40.95 35.17 73.22
C PHE W 41 -41.70 34.57 74.40
N TYR W 42 -41.90 33.26 74.36
CA TYR W 42 -42.56 32.55 75.45
C TYR W 42 -42.04 31.12 75.53
N LEU W 43 -42.22 30.53 76.70
CA LEU W 43 -41.96 29.11 76.95
C LEU W 43 -43.30 28.46 77.27
N ILE W 44 -43.79 27.62 76.36
CA ILE W 44 -45.09 26.97 76.49
C ILE W 44 -44.88 25.48 76.27
N ASN W 45 -45.20 24.69 77.29
CA ASN W 45 -45.17 23.23 77.21
C ASN W 45 -43.80 22.74 76.75
N GLY W 46 -42.75 23.28 77.37
CA GLY W 46 -41.40 22.85 77.09
C GLY W 46 -40.80 23.41 75.82
N PHE W 47 -41.56 24.12 75.01
CA PHE W 47 -41.08 24.70 73.76
C PHE W 47 -40.89 26.19 73.94
N PHE W 48 -39.74 26.70 73.50
CA PHE W 48 -39.41 28.11 73.59
C PHE W 48 -39.29 28.69 72.19
N GLY W 49 -39.99 29.79 71.95
CA GLY W 49 -39.96 30.38 70.63
C GLY W 49 -40.76 31.66 70.59
N VAL W 50 -40.91 32.19 69.39
CA VAL W 50 -41.62 33.45 69.16
C VAL W 50 -43.08 33.13 68.92
N ALA W 51 -43.94 33.52 69.86
CA ALA W 51 -45.38 33.33 69.71
C ALA W 51 -45.88 34.24 68.61
N MET W 52 -46.13 33.68 67.44
CA MET W 52 -46.51 34.48 66.29
C MET W 52 -47.98 34.88 66.29
N GLN W 53 -48.75 34.49 67.30
CA GLN W 53 -50.19 34.77 67.34
C GLN W 53 -50.60 35.02 68.78
N ASP W 54 -51.74 35.69 68.94
CA ASP W 54 -52.27 36.00 70.26
C ASP W 54 -53.11 34.84 70.78
N GLY W 55 -52.93 34.54 72.07
CA GLY W 55 -53.67 33.48 72.71
C GLY W 55 -53.77 33.73 74.20
N GLU W 56 -54.92 33.39 74.79
CA GLU W 56 -55.23 33.75 76.17
C GLU W 56 -55.51 32.54 77.06
N LYS W 57 -56.36 31.61 76.61
CA LYS W 57 -56.87 30.57 77.50
C LYS W 57 -57.30 29.39 76.64
N GLY W 58 -56.53 28.30 76.68
CA GLY W 58 -56.88 27.12 75.93
C GLY W 58 -56.89 27.29 74.42
N ASP W 59 -56.31 28.37 73.92
CA ASP W 59 -56.23 28.63 72.50
C ASP W 59 -54.96 28.02 71.93
N GLU W 60 -54.89 27.93 70.61
CA GLU W 60 -53.74 27.40 69.91
C GLU W 60 -52.88 28.55 69.39
N VAL W 61 -51.58 28.48 69.67
CA VAL W 61 -50.61 29.44 69.19
C VAL W 61 -49.43 28.62 68.65
N THR W 62 -48.63 29.26 67.80
CA THR W 62 -47.48 28.62 67.18
C THR W 62 -46.21 29.37 67.53
N LEU W 63 -45.16 28.63 67.85
CA LEU W 63 -43.90 29.20 68.31
C LEU W 63 -42.83 28.97 67.25
N GLN W 64 -42.16 30.05 66.86
CA GLN W 64 -41.04 29.95 65.94
C GLN W 64 -39.83 29.40 66.67
N ILE W 65 -39.31 28.28 66.18
CA ILE W 65 -38.12 27.64 66.76
C ILE W 65 -37.06 27.48 65.68
N GLU W 66 -37.00 28.44 64.75
CA GLU W 66 -36.21 28.29 63.54
C GLU W 66 -34.71 28.21 63.80
N GLN W 67 -34.24 28.54 65.01
CA GLN W 67 -32.80 28.65 65.30
C GLN W 67 -32.16 29.71 64.40
N ALA W 68 -32.88 30.79 64.17
CA ALA W 68 -32.39 31.93 63.42
C ALA W 68 -31.93 33.01 64.40
N GLU W 69 -31.64 34.20 63.88
CA GLU W 69 -31.24 35.34 64.69
C GLU W 69 -32.46 36.19 65.01
N TYR W 70 -32.58 36.61 66.26
CA TYR W 70 -33.78 37.26 66.77
C TYR W 70 -33.44 38.52 67.54
N GLU W 71 -34.20 39.58 67.29
CA GLU W 71 -34.11 40.83 68.03
C GLU W 71 -35.21 40.84 69.08
N THR W 72 -34.81 40.96 70.35
CA THR W 72 -35.73 40.67 71.46
C THR W 72 -36.03 41.84 72.37
N ASP W 73 -35.02 42.52 72.91
CA ASP W 73 -35.23 43.39 74.06
C ASP W 73 -35.80 42.53 75.18
N ASN W 74 -36.55 43.12 76.12
CA ASN W 74 -37.22 42.38 77.19
C ASN W 74 -36.22 41.63 78.08
N ILE W 75 -35.02 42.18 78.22
CA ILE W 75 -33.99 41.56 79.03
C ILE W 75 -34.06 42.11 80.45
N VAL W 76 -33.39 41.42 81.36
CA VAL W 76 -33.10 42.01 82.67
C VAL W 76 -32.07 43.11 82.46
N THR W 77 -32.49 44.36 82.65
CA THR W 77 -31.67 45.49 82.23
C THR W 77 -30.40 45.61 83.07
N SER W 78 -30.42 45.13 84.31
CA SER W 78 -29.26 45.30 85.18
C SER W 78 -28.04 44.53 84.68
N GLU W 79 -28.25 43.38 84.05
CA GLU W 79 -27.15 42.55 83.60
C GLU W 79 -26.51 43.12 82.34
N ALA W 80 -25.22 42.84 82.19
CA ALA W 80 -24.49 43.16 80.97
C ALA W 80 -24.53 41.96 80.04
N PHE W 81 -24.68 42.24 78.74
CA PHE W 81 -24.83 41.21 77.71
C PHE W 81 -23.79 41.46 76.63
N GLU W 82 -22.59 40.96 76.84
CA GLU W 82 -21.56 41.09 75.81
C GLU W 82 -21.86 40.14 74.66
N ALA W 83 -21.30 40.45 73.49
CA ALA W 83 -21.43 39.58 72.35
C ALA W 83 -20.78 38.23 72.66
N GLY W 84 -21.49 37.15 72.36
CA GLY W 84 -21.02 35.81 72.61
C GLY W 84 -21.54 35.18 73.88
N LYS W 85 -22.02 35.98 74.82
CA LYS W 85 -22.52 35.43 76.07
C LYS W 85 -23.78 34.61 75.82
N LEU W 86 -23.93 33.54 76.60
CA LEU W 86 -25.13 32.72 76.50
C LEU W 86 -26.32 33.46 77.09
N ILE W 87 -27.51 33.08 76.65
CA ILE W 87 -28.76 33.71 77.03
C ILE W 87 -29.64 32.64 77.64
N TYR W 88 -30.25 32.97 78.79
CA TYR W 88 -31.17 32.07 79.48
C TYR W 88 -32.51 32.77 79.67
N TRP W 89 -33.58 32.00 79.59
CA TRP W 89 -34.94 32.52 79.74
C TRP W 89 -35.42 32.23 81.15
N ASP W 90 -35.67 33.30 81.92
CA ASP W 90 -36.17 33.17 83.29
C ASP W 90 -37.69 33.18 83.23
N ASN W 91 -38.29 31.99 83.24
CA ASN W 91 -39.73 31.87 83.09
C ASN W 91 -40.49 32.51 84.24
N THR W 92 -39.90 32.60 85.43
CA THR W 92 -40.58 33.25 86.54
C THR W 92 -40.73 34.74 86.30
N ALA W 93 -39.65 35.40 85.89
CA ALA W 93 -39.68 36.82 85.55
C ALA W 93 -40.10 37.08 84.11
N LYS W 94 -40.14 36.06 83.26
CA LYS W 94 -40.48 36.20 81.85
C LYS W 94 -39.56 37.19 81.15
N LYS W 95 -38.27 37.12 81.49
CA LYS W 95 -37.26 37.99 80.91
C LYS W 95 -36.01 37.17 80.61
N PHE W 96 -35.24 37.62 79.64
CA PHE W 96 -33.98 36.98 79.33
C PHE W 96 -32.93 37.37 80.37
N THR W 97 -31.97 36.47 80.58
CA THR W 97 -30.93 36.70 81.57
C THR W 97 -29.76 35.79 81.25
N THR W 98 -28.58 36.18 81.74
CA THR W 98 -27.39 35.37 81.59
C THR W 98 -27.16 34.42 82.76
N THR W 99 -27.80 34.66 83.90
CA THR W 99 -27.66 33.76 85.04
C THR W 99 -28.29 32.41 84.71
N SER W 100 -27.59 31.35 85.11
CA SER W 100 -27.97 29.97 84.78
C SER W 100 -28.37 29.19 86.02
N ALA W 101 -29.08 29.85 86.94
CA ALA W 101 -29.46 29.19 88.19
C ALA W 101 -30.37 28.00 87.92
N SER W 102 -31.58 28.26 87.41
CA SER W 102 -32.51 27.20 87.06
C SER W 102 -33.24 27.51 85.76
N ASN W 103 -32.65 28.34 84.90
CA ASN W 103 -33.30 28.84 83.71
C ASN W 103 -32.94 28.01 82.49
N ARG W 104 -33.82 28.05 81.50
CA ARG W 104 -33.63 27.31 80.26
C ARG W 104 -32.60 28.02 79.39
N LEU W 105 -31.65 27.27 78.86
CA LEU W 105 -30.69 27.81 77.90
C LEU W 105 -31.38 27.93 76.55
N VAL W 106 -31.39 29.14 75.98
CA VAL W 106 -32.15 29.41 74.76
C VAL W 106 -31.34 30.10 73.68
N GLY W 107 -30.22 30.76 73.95
CA GLY W 107 -29.55 31.43 72.87
C GLY W 107 -28.20 31.99 73.28
N ARG W 108 -27.51 32.55 72.27
CA ARG W 108 -26.23 33.19 72.45
C ARG W 108 -26.26 34.55 71.75
N VAL W 109 -25.80 35.58 72.45
CA VAL W 109 -25.92 36.95 71.94
C VAL W 109 -25.00 37.12 70.74
N THR W 110 -25.54 37.70 69.66
CA THR W 110 -24.75 38.08 68.50
C THR W 110 -24.34 39.55 68.52
N ASP W 111 -25.16 40.41 69.10
CA ASP W 111 -24.86 41.83 69.22
C ASP W 111 -25.14 42.27 70.65
N GLY W 112 -24.18 42.96 71.25
CA GLY W 112 -24.26 43.26 72.66
C GLY W 112 -25.40 44.20 73.00
N LYS W 113 -25.70 44.25 74.30
CA LYS W 113 -26.71 45.13 74.84
C LYS W 113 -26.37 46.58 74.51
N ASP W 114 -27.18 47.21 73.66
CA ASP W 114 -26.93 48.60 73.28
C ASP W 114 -27.46 49.52 74.37
N SER W 115 -27.53 50.83 74.07
CA SER W 115 -28.01 51.80 75.05
C SER W 115 -29.49 51.63 75.37
N ASN W 116 -30.26 50.97 74.50
CA ASN W 116 -31.68 50.74 74.72
C ASN W 116 -32.01 49.28 75.00
N ASN W 117 -31.04 48.52 75.50
CA ASN W 117 -31.26 47.14 75.97
C ASN W 117 -31.72 46.21 74.85
N VAL W 118 -31.42 46.53 73.59
CA VAL W 118 -31.75 45.64 72.49
C VAL W 118 -30.64 44.62 72.32
N ILE W 119 -31.02 43.40 71.97
CA ILE W 119 -30.07 42.31 71.77
C ILE W 119 -30.45 41.55 70.51
N TRP W 120 -29.43 41.13 69.76
CA TRP W 120 -29.58 40.14 68.71
C TRP W 120 -28.92 38.85 69.19
N PHE W 121 -29.58 37.72 68.96
CA PHE W 121 -29.06 36.45 69.45
C PHE W 121 -29.57 35.31 68.58
N ILE W 122 -28.79 34.24 68.54
CA ILE W 122 -29.21 33.02 67.87
C ILE W 122 -30.07 32.21 68.83
N LEU W 123 -31.15 31.64 68.31
CA LEU W 123 -31.99 30.74 69.09
C LEU W 123 -31.45 29.33 68.99
N LEU W 124 -31.62 28.57 70.07
CA LEU W 124 -31.01 27.26 70.25
C LEU W 124 -32.04 26.14 70.11
N PRO W 125 -31.59 24.86 69.99
CA PRO W 125 -32.48 23.82 69.45
C PRO W 125 -33.53 23.23 70.38
N GLN W 126 -33.88 23.93 71.46
CA GLN W 126 -35.00 23.50 72.33
C GLN W 126 -34.66 22.22 73.09
N GLN W 127 -33.48 22.20 73.72
CA GLN W 127 -33.06 21.07 74.53
C GLN W 127 -33.37 21.32 76.00
N PHE X 3 -43.34 -65.06 -12.18
CA PHE X 3 -43.78 -64.81 -13.54
C PHE X 3 -43.54 -66.04 -14.39
N LYS X 4 -44.56 -66.88 -14.52
CA LYS X 4 -44.46 -68.08 -15.33
C LYS X 4 -44.30 -67.72 -16.80
N GLY X 5 -43.53 -68.52 -17.51
CA GLY X 5 -43.28 -68.26 -18.92
C GLY X 5 -42.53 -66.99 -19.18
N GLN X 6 -41.73 -66.53 -18.22
CA GLN X 6 -40.95 -65.32 -18.43
C GLN X 6 -39.90 -65.56 -19.52
N PRO X 7 -39.50 -64.51 -20.25
CA PRO X 7 -38.50 -64.72 -21.31
C PRO X 7 -37.16 -65.17 -20.78
N THR X 8 -36.79 -64.77 -19.57
CA THR X 8 -35.42 -64.84 -19.08
C THR X 8 -35.38 -65.47 -17.69
N PRO X 9 -34.37 -66.32 -17.40
CA PRO X 9 -34.32 -66.86 -16.01
C PRO X 9 -33.78 -65.85 -15.00
N SER X 10 -34.67 -64.98 -14.54
CA SER X 10 -34.32 -64.03 -13.50
C SER X 10 -34.35 -64.71 -12.14
N THR X 11 -33.60 -64.15 -11.20
CA THR X 11 -33.50 -64.66 -9.83
C THR X 11 -34.12 -63.64 -8.88
N ILE X 12 -35.02 -64.11 -8.02
CA ILE X 12 -35.75 -63.26 -7.08
C ILE X 12 -35.11 -63.42 -5.70
N THR X 13 -34.80 -62.29 -5.07
CA THR X 13 -34.18 -62.26 -3.75
C THR X 13 -35.12 -61.55 -2.79
N GLN X 14 -35.48 -62.22 -1.70
CA GLN X 14 -36.39 -61.65 -0.72
C GLN X 14 -35.65 -60.73 0.24
N ILE X 15 -36.31 -59.64 0.62
CA ILE X 15 -35.83 -58.77 1.68
C ILE X 15 -36.68 -59.05 2.91
N THR X 16 -36.04 -59.51 3.98
CA THR X 16 -36.77 -59.95 5.16
C THR X 16 -37.45 -58.78 5.86
N ARG X 17 -38.52 -59.09 6.58
CA ARG X 17 -39.34 -58.09 7.24
C ARG X 17 -40.05 -58.78 8.40
N ALA X 18 -39.72 -58.39 9.63
CA ALA X 18 -40.24 -59.08 10.80
C ALA X 18 -41.57 -58.51 11.27
N LYS X 19 -41.74 -57.19 11.23
CA LYS X 19 -42.93 -56.55 11.76
C LYS X 19 -44.11 -56.77 10.84
N ILE X 20 -44.83 -57.88 11.03
CA ILE X 20 -45.97 -58.18 10.17
C ILE X 20 -47.09 -57.18 10.38
N SER X 21 -47.24 -56.66 11.60
CA SER X 21 -48.40 -55.82 11.92
C SER X 21 -48.10 -55.03 13.18
N ASP X 22 -48.97 -54.05 13.47
CA ASP X 22 -48.82 -53.28 14.70
C ASP X 22 -49.18 -54.07 15.93
N GLY X 23 -50.04 -55.08 15.80
CA GLY X 23 -50.30 -55.98 16.90
C GLY X 23 -51.12 -55.41 18.03
N LYS X 24 -51.82 -54.31 17.81
CA LYS X 24 -52.69 -53.76 18.85
C LYS X 24 -53.93 -54.60 19.07
N SER X 25 -54.27 -55.49 18.15
CA SER X 25 -55.40 -56.39 18.31
C SER X 25 -55.07 -57.71 17.64
N VAL X 26 -55.79 -58.75 18.04
CA VAL X 26 -55.49 -60.12 17.65
C VAL X 26 -56.78 -60.82 17.25
N ARG X 27 -56.77 -61.47 16.09
CA ARG X 27 -57.88 -62.34 15.71
C ARG X 27 -57.87 -63.59 16.56
N VAL X 28 -59.05 -64.09 16.90
CA VAL X 28 -59.16 -65.30 17.72
C VAL X 28 -60.42 -66.04 17.31
N ILE X 29 -60.39 -67.35 17.46
CA ILE X 29 -61.47 -68.25 17.05
C ILE X 29 -62.17 -68.77 18.29
N LEU X 30 -63.49 -68.73 18.28
CA LEU X 30 -64.29 -69.18 19.41
C LEU X 30 -64.30 -70.70 19.50
N SER X 31 -64.14 -71.20 20.72
CA SER X 31 -64.26 -72.63 20.98
C SER X 31 -65.74 -72.95 21.22
N GLU X 32 -66.03 -74.18 21.65
CA GLU X 32 -67.42 -74.58 21.86
C GLU X 32 -68.03 -73.82 23.02
N GLY X 33 -67.35 -73.76 24.16
CA GLY X 33 -67.92 -73.20 25.37
C GLY X 33 -67.66 -71.72 25.55
N GLU X 34 -67.57 -70.97 24.46
CA GLU X 34 -67.27 -69.55 24.49
C GLU X 34 -68.22 -68.78 23.59
N SER X 35 -68.43 -67.52 23.94
CA SER X 35 -69.27 -66.62 23.16
C SER X 35 -68.88 -65.20 23.50
N THR X 36 -69.22 -64.26 22.61
CA THR X 36 -68.88 -62.87 22.80
C THR X 36 -69.99 -61.96 22.30
N LYS X 37 -70.03 -60.76 22.87
CA LYS X 37 -70.82 -59.66 22.35
C LYS X 37 -70.00 -58.39 22.47
N THR X 38 -70.41 -57.38 21.71
CA THR X 38 -69.53 -56.25 21.41
C THR X 38 -69.17 -55.48 22.68
N GLN X 39 -67.93 -54.99 22.72
CA GLN X 39 -67.43 -54.12 23.78
C GLN X 39 -67.46 -54.78 25.15
N GLN X 40 -67.33 -56.11 25.20
CA GLN X 40 -67.25 -56.85 26.45
C GLN X 40 -65.90 -57.54 26.54
N PHE X 41 -65.34 -57.58 27.74
CA PHE X 41 -64.04 -58.19 27.97
C PHE X 41 -64.15 -59.70 27.99
N TYR X 42 -63.17 -60.37 27.39
CA TYR X 42 -63.14 -61.83 27.39
C TYR X 42 -61.70 -62.30 27.36
N LEU X 43 -61.51 -63.55 27.79
CA LEU X 43 -60.24 -64.25 27.69
C LEU X 43 -60.45 -65.43 26.74
N ILE X 44 -59.88 -65.35 25.55
CA ILE X 44 -60.06 -66.34 24.51
C ILE X 44 -58.67 -66.77 24.02
N ASN X 45 -58.37 -68.05 24.19
CA ASN X 45 -57.12 -68.63 23.72
C ASN X 45 -55.91 -67.86 24.24
N GLY X 46 -55.91 -67.61 25.55
CA GLY X 46 -54.79 -66.98 26.20
C GLY X 46 -54.68 -65.49 25.99
N PHE X 47 -55.53 -64.90 25.16
CA PHE X 47 -55.53 -63.46 24.90
C PHE X 47 -56.70 -62.82 25.62
N PHE X 48 -56.44 -61.72 26.31
CA PHE X 48 -57.44 -60.98 27.06
C PHE X 48 -57.61 -59.60 26.44
N GLY X 49 -58.84 -59.22 26.15
CA GLY X 49 -59.08 -57.95 25.52
C GLY X 49 -60.57 -57.70 25.36
N VAL X 50 -60.88 -56.61 24.65
CA VAL X 50 -62.25 -56.21 24.42
C VAL X 50 -62.72 -56.83 23.11
N ALA X 51 -63.64 -57.78 23.21
CA ALA X 51 -64.20 -58.42 22.02
C ALA X 51 -65.04 -57.39 21.29
N MET X 52 -64.52 -56.86 20.19
CA MET X 52 -65.18 -55.79 19.46
C MET X 52 -66.33 -56.28 18.59
N GLN X 53 -66.58 -57.59 18.53
CA GLN X 53 -67.59 -58.14 17.63
C GLN X 53 -68.26 -59.33 18.30
N ASP X 54 -69.43 -59.68 17.80
CA ASP X 54 -70.20 -60.79 18.34
C ASP X 54 -69.77 -62.10 17.72
N GLY X 55 -69.65 -63.14 18.54
CA GLY X 55 -69.28 -64.46 18.08
C GLY X 55 -69.79 -65.52 19.02
N GLU X 56 -70.24 -66.65 18.48
CA GLU X 56 -70.95 -67.67 19.25
C GLU X 56 -70.28 -69.03 19.21
N LYS X 57 -69.85 -69.50 18.04
CA LYS X 57 -69.43 -70.89 17.90
C LYS X 57 -68.52 -70.99 16.68
N GLY X 58 -67.23 -71.18 16.91
CA GLY X 58 -66.30 -71.32 15.81
C GLY X 58 -66.17 -70.11 14.92
N ASP X 59 -66.67 -68.95 15.37
CA ASP X 59 -66.59 -67.72 14.61
C ASP X 59 -65.29 -66.99 14.95
N GLU X 60 -64.96 -66.00 14.14
CA GLU X 60 -63.77 -65.18 14.34
C GLU X 60 -64.17 -63.86 14.97
N VAL X 61 -63.47 -63.47 16.03
CA VAL X 61 -63.65 -62.21 16.72
C VAL X 61 -62.28 -61.62 16.97
N THR X 62 -62.23 -60.32 17.20
CA THR X 62 -60.98 -59.60 17.43
C THR X 62 -61.01 -58.97 18.82
N LEU X 63 -59.87 -59.03 19.50
CA LEU X 63 -59.75 -58.54 20.87
C LEU X 63 -58.81 -57.34 20.89
N GLN X 64 -59.28 -56.24 21.46
CA GLN X 64 -58.44 -55.07 21.65
C GLN X 64 -57.48 -55.33 22.81
N ILE X 65 -56.18 -55.19 22.54
CA ILE X 65 -55.14 -55.39 23.54
C ILE X 65 -54.24 -54.17 23.57
N GLU X 66 -54.82 -52.99 23.32
CA GLU X 66 -54.06 -51.78 23.09
C GLU X 66 -53.25 -51.32 24.30
N GLN X 67 -53.50 -51.87 25.49
CA GLN X 67 -52.89 -51.38 26.73
C GLN X 67 -53.26 -49.92 26.97
N ALA X 68 -54.50 -49.58 26.66
CA ALA X 68 -55.06 -48.27 26.91
C ALA X 68 -55.89 -48.30 28.18
N GLU X 69 -56.62 -47.22 28.44
CA GLU X 69 -57.51 -47.12 29.59
C GLU X 69 -58.91 -47.55 29.17
N TYR X 70 -59.57 -48.35 30.02
CA TYR X 70 -60.82 -48.98 29.68
C TYR X 70 -61.84 -48.83 30.81
N GLU X 71 -63.07 -48.51 30.43
CA GLU X 71 -64.21 -48.45 31.35
C GLU X 71 -64.98 -49.75 31.25
N THR X 72 -65.10 -50.48 32.34
CA THR X 72 -65.56 -51.86 32.30
C THR X 72 -66.85 -52.13 33.04
N ASP X 73 -66.96 -51.75 34.30
CA ASP X 73 -67.99 -52.31 35.18
C ASP X 73 -67.79 -53.84 35.18
N ASN X 74 -68.84 -54.61 35.42
CA ASN X 74 -68.78 -56.07 35.37
C ASN X 74 -67.74 -56.63 36.35
N ILE X 75 -67.72 -56.08 37.55
CA ILE X 75 -66.77 -56.47 38.57
C ILE X 75 -67.48 -57.32 39.61
N VAL X 76 -66.72 -57.95 40.50
CA VAL X 76 -67.29 -58.52 41.71
C VAL X 76 -67.62 -57.37 42.65
N THR X 77 -68.91 -57.12 42.84
CA THR X 77 -69.34 -55.89 43.52
C THR X 77 -68.93 -55.88 44.99
N SER X 78 -68.77 -57.06 45.61
CA SER X 78 -68.46 -57.10 47.03
C SER X 78 -67.08 -56.51 47.33
N GLU X 79 -66.13 -56.68 46.43
CA GLU X 79 -64.78 -56.21 46.67
C GLU X 79 -64.69 -54.70 46.52
N ALA X 80 -63.72 -54.11 47.21
CA ALA X 80 -63.38 -52.71 47.06
C ALA X 80 -62.24 -52.56 46.07
N PHE X 81 -62.32 -51.53 45.23
CA PHE X 81 -61.36 -51.29 44.16
C PHE X 81 -60.82 -49.87 44.30
N GLU X 82 -59.80 -49.70 45.14
CA GLU X 82 -59.19 -48.39 45.26
C GLU X 82 -58.35 -48.10 44.02
N ALA X 83 -58.12 -46.81 43.78
CA ALA X 83 -57.25 -46.41 42.69
C ALA X 83 -55.85 -46.96 42.92
N GLY X 84 -55.28 -47.57 41.89
CA GLY X 84 -53.96 -48.17 41.96
C GLY X 84 -53.95 -49.67 42.20
N LYS X 85 -55.04 -50.23 42.69
CA LYS X 85 -55.08 -51.66 42.96
C LYS X 85 -55.01 -52.44 41.64
N LEU X 86 -54.33 -53.58 41.69
CA LEU X 86 -54.27 -54.44 40.52
C LEU X 86 -55.61 -55.10 40.28
N ILE X 87 -55.85 -55.48 39.02
CA ILE X 87 -57.10 -56.07 38.57
C ILE X 87 -56.79 -57.43 37.99
N TYR X 88 -57.58 -58.43 38.38
CA TYR X 88 -57.45 -59.79 37.88
C TYR X 88 -58.76 -60.23 37.27
N TRP X 89 -58.68 -61.01 36.20
CA TRP X 89 -59.84 -61.52 35.49
C TRP X 89 -60.12 -62.94 35.94
N ASP X 90 -61.27 -63.14 36.59
CA ASP X 90 -61.68 -64.46 37.06
C ASP X 90 -62.48 -65.13 35.95
N ASN X 91 -61.81 -65.97 35.16
CA ASN X 91 -62.46 -66.57 34.00
C ASN X 91 -63.61 -67.50 34.38
N THR X 92 -63.59 -68.07 35.59
CA THR X 92 -64.69 -68.93 36.01
C THR X 92 -65.95 -68.12 36.21
N ALA X 93 -65.85 -67.01 36.93
CA ALA X 93 -66.98 -66.11 37.15
C ALA X 93 -67.14 -65.09 36.03
N LYS X 94 -66.16 -64.94 35.14
CA LYS X 94 -66.21 -63.97 34.04
C LYS X 94 -66.40 -62.56 34.58
N LYS X 95 -65.75 -62.25 35.69
CA LYS X 95 -65.82 -60.93 36.32
C LYS X 95 -64.43 -60.51 36.76
N PHE X 96 -64.22 -59.21 36.83
CA PHE X 96 -62.96 -58.68 37.33
C PHE X 96 -62.92 -58.79 38.84
N THR X 97 -61.71 -58.95 39.37
CA THR X 97 -61.53 -59.10 40.81
C THR X 97 -60.09 -58.73 41.15
N THR X 98 -59.89 -58.37 42.42
CA THR X 98 -58.55 -58.08 42.92
C THR X 98 -57.87 -59.31 43.51
N THR X 99 -58.61 -60.34 43.87
CA THR X 99 -58.00 -61.55 44.40
C THR X 99 -57.16 -62.23 43.33
N SER X 100 -55.98 -62.70 43.73
CA SER X 100 -54.99 -63.27 42.83
C SER X 100 -54.78 -64.75 43.08
N ALA X 101 -55.88 -65.48 43.35
CA ALA X 101 -55.76 -66.90 43.67
C ALA X 101 -55.20 -67.68 42.49
N SER X 102 -55.95 -67.74 41.38
CA SER X 102 -55.50 -68.40 40.17
C SER X 102 -55.90 -67.61 38.93
N ASN X 103 -56.11 -66.30 39.06
CA ASN X 103 -56.67 -65.48 38.00
C ASN X 103 -55.55 -64.78 37.22
N ARG X 104 -55.90 -64.38 36.00
CA ARG X 104 -54.95 -63.70 35.13
C ARG X 104 -54.85 -62.24 35.51
N LEU X 105 -53.62 -61.74 35.65
CA LEU X 105 -53.39 -60.32 35.89
C LEU X 105 -53.61 -59.57 34.59
N VAL X 106 -54.51 -58.59 34.60
CA VAL X 106 -54.91 -57.90 33.38
C VAL X 106 -54.86 -56.39 33.49
N GLY X 107 -54.87 -55.77 34.66
CA GLY X 107 -54.88 -54.32 34.69
C GLY X 107 -54.70 -53.75 36.07
N ARG X 108 -54.60 -52.42 36.11
CA ARG X 108 -54.48 -51.65 37.33
C ARG X 108 -55.49 -50.52 37.30
N VAL X 109 -56.25 -50.37 38.39
CA VAL X 109 -57.35 -49.41 38.42
C VAL X 109 -56.79 -47.99 38.38
N THR X 110 -57.35 -47.18 37.48
CA THR X 110 -57.03 -45.75 37.45
C THR X 110 -58.03 -44.91 38.22
N ASP X 111 -59.29 -45.32 38.25
CA ASP X 111 -60.35 -44.62 38.98
C ASP X 111 -61.10 -45.62 39.82
N GLY X 112 -61.28 -45.29 41.11
CA GLY X 112 -61.82 -46.26 42.04
C GLY X 112 -63.26 -46.60 41.75
N LYS X 113 -63.70 -47.70 42.36
CA LYS X 113 -65.07 -48.17 42.25
C LYS X 113 -66.04 -47.10 42.74
N ASP X 114 -66.84 -46.54 41.83
CA ASP X 114 -67.79 -45.50 42.19
C ASP X 114 -69.04 -46.15 42.79
N SER X 115 -70.10 -45.36 42.94
CA SER X 115 -71.33 -45.87 43.53
C SER X 115 -72.02 -46.89 42.64
N ASN X 116 -71.75 -46.89 41.34
CA ASN X 116 -72.35 -47.82 40.38
C ASN X 116 -71.36 -48.88 39.89
N ASN X 117 -70.31 -49.15 40.66
CA ASN X 117 -69.37 -50.22 40.37
C ASN X 117 -68.63 -50.03 39.05
N VAL X 118 -68.52 -48.79 38.58
CA VAL X 118 -67.75 -48.50 37.37
C VAL X 118 -66.29 -48.32 37.73
N ILE X 119 -65.41 -48.78 36.85
CA ILE X 119 -63.96 -48.71 37.06
C ILE X 119 -63.31 -48.30 35.75
N TRP X 120 -62.28 -47.46 35.87
CA TRP X 120 -61.34 -47.20 34.78
C TRP X 120 -60.02 -47.84 35.15
N PHE X 121 -59.38 -48.49 34.18
CA PHE X 121 -58.15 -49.21 34.45
C PHE X 121 -57.32 -49.32 33.19
N ILE X 122 -56.00 -49.39 33.37
CA ILE X 122 -55.09 -49.66 32.27
C ILE X 122 -55.07 -51.14 32.01
N LEU X 123 -55.06 -51.53 30.74
CA LEU X 123 -54.92 -52.92 30.35
C LEU X 123 -53.44 -53.26 30.24
N LEU X 124 -53.10 -54.50 30.55
CA LEU X 124 -51.73 -54.97 30.69
C LEU X 124 -51.33 -55.86 29.50
N PRO X 125 -50.00 -56.12 29.33
CA PRO X 125 -49.52 -56.57 28.01
C PRO X 125 -49.73 -58.04 27.66
N GLN X 126 -50.66 -58.74 28.33
CA GLN X 126 -51.01 -60.12 27.96
C GLN X 126 -49.86 -61.09 28.25
N GLN X 127 -49.31 -60.99 29.46
CA GLN X 127 -48.27 -61.92 29.91
C GLN X 127 -48.88 -63.09 30.66
N PHE Y 3 33.30 -40.85 -59.01
CA PHE Y 3 33.09 -39.92 -60.11
C PHE Y 3 34.40 -39.73 -60.86
N LYS Y 4 34.57 -40.49 -61.93
CA LYS Y 4 35.78 -40.38 -62.74
C LYS Y 4 35.80 -39.04 -63.46
N GLY Y 5 37.01 -38.50 -63.63
CA GLY Y 5 37.17 -37.21 -64.25
C GLY Y 5 36.57 -36.08 -63.46
N GLN Y 6 36.46 -36.22 -62.15
CA GLN Y 6 35.90 -35.16 -61.33
C GLN Y 6 36.83 -33.95 -61.34
N PRO Y 7 36.29 -32.74 -61.18
CA PRO Y 7 37.16 -31.56 -61.22
C PRO Y 7 38.15 -31.51 -60.08
N THR Y 8 37.84 -32.11 -58.94
CA THR Y 8 38.54 -31.88 -57.69
C THR Y 8 38.87 -33.21 -57.01
N PRO Y 9 40.05 -33.35 -56.36
CA PRO Y 9 40.28 -34.60 -55.62
C PRO Y 9 39.54 -34.65 -54.28
N SER Y 10 38.27 -35.03 -54.35
CA SER Y 10 37.47 -35.24 -53.15
C SER Y 10 37.79 -36.59 -52.52
N THR Y 11 37.50 -36.71 -51.23
CA THR Y 11 37.73 -37.92 -50.46
C THR Y 11 36.40 -38.45 -49.96
N ILE Y 12 36.14 -39.73 -50.21
CA ILE Y 12 34.88 -40.38 -49.87
C ILE Y 12 35.09 -41.21 -48.61
N THR Y 13 34.22 -41.03 -47.63
CA THR Y 13 34.28 -41.72 -46.35
C THR Y 13 33.02 -42.56 -46.19
N GLN Y 14 33.18 -43.86 -45.97
CA GLN Y 14 32.06 -44.76 -45.83
C GLN Y 14 31.53 -44.72 -44.40
N ILE Y 15 30.21 -44.80 -44.27
CA ILE Y 15 29.55 -44.98 -42.98
C ILE Y 15 29.11 -46.43 -42.90
N THR Y 16 29.63 -47.15 -41.92
CA THR Y 16 29.40 -48.59 -41.84
C THR Y 16 27.94 -48.89 -41.51
N ARG Y 17 27.50 -50.06 -41.95
CA ARG Y 17 26.11 -50.48 -41.79
C ARG Y 17 26.09 -52.00 -41.80
N ALA Y 18 25.72 -52.60 -40.67
CA ALA Y 18 25.81 -54.05 -40.52
C ALA Y 18 24.54 -54.77 -40.98
N LYS Y 19 23.37 -54.20 -40.70
CA LYS Y 19 22.11 -54.86 -41.01
C LYS Y 19 21.84 -54.81 -42.52
N ILE Y 20 22.38 -55.78 -43.25
CA ILE Y 20 22.16 -55.80 -44.69
C ILE Y 20 20.69 -56.01 -45.02
N SER Y 21 19.97 -56.79 -44.19
CA SER Y 21 18.63 -57.19 -44.55
C SER Y 21 17.90 -57.68 -43.30
N ASP Y 22 16.58 -57.81 -43.40
CA ASP Y 22 15.79 -58.31 -42.27
C ASP Y 22 16.01 -59.79 -42.04
N GLY Y 23 16.42 -60.54 -43.07
CA GLY Y 23 16.82 -61.92 -42.87
C GLY Y 23 15.71 -62.88 -42.54
N LYS Y 24 14.45 -62.54 -42.83
CA LYS Y 24 13.36 -63.47 -42.61
C LYS Y 24 13.36 -64.60 -43.63
N SER Y 25 14.09 -64.47 -44.74
CA SER Y 25 14.19 -65.53 -45.74
C SER Y 25 15.58 -65.47 -46.35
N VAL Y 26 15.99 -66.58 -46.94
CA VAL Y 26 17.36 -66.77 -47.40
C VAL Y 26 17.34 -67.40 -48.79
N ARG Y 27 18.11 -66.84 -49.71
CA ARG Y 27 18.32 -67.46 -51.00
C ARG Y 27 19.21 -68.68 -50.84
N VAL Y 28 18.94 -69.71 -51.64
CA VAL Y 28 19.73 -70.93 -51.59
C VAL Y 28 19.77 -71.54 -52.98
N ILE Y 29 20.84 -72.27 -53.27
CA ILE Y 29 21.09 -72.85 -54.59
C ILE Y 29 20.94 -74.36 -54.48
N LEU Y 30 20.17 -74.94 -55.40
CA LEU Y 30 19.92 -76.37 -55.39
C LEU Y 30 21.16 -77.14 -55.84
N SER Y 31 21.47 -78.22 -55.11
CA SER Y 31 22.53 -79.13 -55.50
C SER Y 31 21.96 -80.14 -56.49
N GLU Y 32 22.73 -81.18 -56.80
CA GLU Y 32 22.28 -82.17 -57.77
C GLU Y 32 21.09 -82.97 -57.23
N GLY Y 33 21.22 -83.51 -56.02
CA GLY Y 33 20.23 -84.41 -55.48
C GLY Y 33 19.15 -83.73 -54.67
N GLU Y 34 18.70 -82.56 -55.13
CA GLU Y 34 17.68 -81.79 -54.43
C GLU Y 34 16.70 -81.21 -55.44
N SER Y 35 15.48 -80.99 -54.96
CA SER Y 35 14.43 -80.37 -55.77
C SER Y 35 13.39 -79.79 -54.83
N THR Y 36 12.59 -78.86 -55.35
CA THR Y 36 11.58 -78.20 -54.55
C THR Y 36 10.33 -77.93 -55.38
N LYS Y 37 9.21 -77.80 -54.67
CA LYS Y 37 7.99 -77.24 -55.22
C LYS Y 37 7.37 -76.34 -54.16
N THR Y 38 6.44 -75.49 -54.59
CA THR Y 38 6.03 -74.35 -53.80
C THR Y 38 5.34 -74.79 -52.50
N GLN Y 39 5.60 -74.03 -51.44
CA GLN Y 39 4.95 -74.21 -50.14
C GLN Y 39 5.24 -75.57 -49.51
N GLN Y 40 6.39 -76.15 -49.82
CA GLN Y 40 6.85 -77.40 -49.21
C GLN Y 40 8.10 -77.14 -48.39
N PHE Y 41 8.21 -77.83 -47.27
CA PHE Y 41 9.36 -77.67 -46.39
C PHE Y 41 10.55 -78.44 -46.92
N TYR Y 42 11.73 -77.84 -46.82
CA TYR Y 42 12.97 -78.49 -47.24
C TYR Y 42 14.12 -78.01 -46.39
N LEU Y 43 15.18 -78.84 -46.36
CA LEU Y 43 16.46 -78.49 -45.76
C LEU Y 43 17.48 -78.41 -46.89
N ILE Y 44 17.92 -77.20 -47.20
CA ILE Y 44 18.85 -76.95 -48.31
C ILE Y 44 20.01 -76.15 -47.75
N ASN Y 45 21.21 -76.74 -47.83
CA ASN Y 45 22.45 -76.06 -47.43
C ASN Y 45 22.36 -75.53 -46.00
N GLY Y 46 21.93 -76.40 -45.10
CA GLY Y 46 21.89 -76.07 -43.69
C GLY Y 46 20.74 -75.18 -43.27
N PHE Y 47 19.92 -74.70 -44.20
CA PHE Y 47 18.78 -73.84 -43.91
C PHE Y 47 17.50 -74.63 -44.09
N PHE Y 48 16.61 -74.53 -43.12
CA PHE Y 48 15.33 -75.23 -43.13
C PHE Y 48 14.20 -74.20 -43.20
N GLY Y 49 13.31 -74.37 -44.16
CA GLY Y 49 12.23 -73.41 -44.33
C GLY Y 49 11.30 -73.84 -45.43
N VAL Y 50 10.32 -72.98 -45.69
CA VAL Y 50 9.30 -73.24 -46.70
C VAL Y 50 9.82 -72.77 -48.04
N ALA Y 51 10.09 -73.71 -48.94
CA ALA Y 51 10.54 -73.37 -50.29
C ALA Y 51 9.37 -72.72 -51.02
N MET Y 52 9.41 -71.40 -51.16
CA MET Y 52 8.30 -70.67 -51.75
C MET Y 52 8.26 -70.75 -53.27
N GLN Y 53 9.24 -71.42 -53.90
CA GLN Y 53 9.31 -71.46 -55.36
C GLN Y 53 9.84 -72.82 -55.79
N ASP Y 54 9.60 -73.15 -57.05
CA ASP Y 54 10.02 -74.43 -57.61
C ASP Y 54 11.45 -74.36 -58.11
N GLY Y 55 12.22 -75.40 -57.82
CA GLY Y 55 13.59 -75.50 -58.26
C GLY Y 55 14.02 -76.94 -58.39
N GLU Y 56 14.83 -77.25 -59.41
CA GLU Y 56 15.17 -78.63 -59.76
C GLU Y 56 16.66 -78.90 -59.71
N LYS Y 57 17.48 -78.05 -60.32
CA LYS Y 57 18.90 -78.39 -60.54
C LYS Y 57 19.67 -77.08 -60.70
N GLY Y 58 20.47 -76.74 -59.70
CA GLY Y 58 21.28 -75.54 -59.78
C GLY Y 58 20.50 -74.25 -59.86
N ASP Y 59 19.20 -74.29 -59.56
CA ASP Y 59 18.36 -73.10 -59.59
C ASP Y 59 18.35 -72.45 -58.22
N GLU Y 60 17.87 -71.21 -58.17
CA GLU Y 60 17.78 -70.45 -56.94
C GLU Y 60 16.36 -70.50 -56.41
N VAL Y 61 16.22 -70.81 -55.13
CA VAL Y 61 14.94 -70.85 -54.43
C VAL Y 61 15.15 -70.13 -53.11
N THR Y 62 14.03 -69.71 -52.50
CA THR Y 62 14.05 -68.98 -51.24
C THR Y 62 13.25 -69.73 -50.19
N LEU Y 63 13.78 -69.76 -48.98
CA LEU Y 63 13.19 -70.51 -47.87
C LEU Y 63 12.69 -69.53 -46.83
N GLN Y 64 11.42 -69.67 -46.45
CA GLN Y 64 10.86 -68.89 -45.36
C GLN Y 64 11.38 -69.43 -44.04
N ILE Y 65 12.01 -68.55 -43.25
CA ILE Y 65 12.55 -68.92 -41.94
C ILE Y 65 12.00 -67.95 -40.90
N GLU Y 66 10.76 -67.50 -41.10
CA GLU Y 66 10.20 -66.41 -40.30
C GLU Y 66 10.03 -66.75 -38.84
N GLN Y 67 10.13 -68.02 -38.44
CA GLN Y 67 9.84 -68.45 -37.07
C GLN Y 67 8.40 -68.13 -36.70
N ALA Y 68 7.50 -68.30 -37.67
CA ALA Y 68 6.07 -68.14 -37.47
C ALA Y 68 5.43 -69.51 -37.28
N GLU Y 69 4.10 -69.55 -37.29
CA GLU Y 69 3.35 -70.79 -37.19
C GLU Y 69 3.02 -71.31 -38.58
N TYR Y 70 3.23 -72.61 -38.78
CA TYR Y 70 3.13 -73.22 -40.10
C TYR Y 70 2.27 -74.46 -40.06
N GLU Y 71 1.43 -74.63 -41.08
CA GLU Y 71 0.61 -75.82 -41.27
C GLU Y 71 1.30 -76.70 -42.30
N THR Y 72 1.62 -77.94 -41.93
CA THR Y 72 2.53 -78.76 -42.72
C THR Y 72 1.91 -80.04 -43.26
N ASP Y 73 1.29 -80.87 -42.42
CA ASP Y 73 1.05 -82.27 -42.79
C ASP Y 73 2.42 -82.89 -43.10
N ASN Y 74 2.47 -83.91 -43.95
CA ASN Y 74 3.73 -84.51 -44.39
C ASN Y 74 4.56 -85.02 -43.23
N ILE Y 75 3.89 -85.67 -42.27
CA ILE Y 75 4.53 -86.19 -41.09
C ILE Y 75 4.66 -87.71 -41.22
N VAL Y 76 5.45 -88.31 -40.32
CA VAL Y 76 5.41 -89.75 -40.16
C VAL Y 76 4.11 -90.10 -39.44
N THR Y 77 3.18 -90.72 -40.15
CA THR Y 77 1.83 -90.88 -39.64
C THR Y 77 1.78 -91.80 -38.43
N SER Y 78 2.74 -92.72 -38.30
CA SER Y 78 2.68 -93.69 -37.20
C SER Y 78 2.88 -93.01 -35.85
N GLU Y 79 3.62 -91.92 -35.80
CA GLU Y 79 3.91 -91.25 -34.54
C GLU Y 79 2.72 -90.41 -34.09
N ALA Y 80 2.63 -90.22 -32.77
CA ALA Y 80 1.68 -89.30 -32.19
C ALA Y 80 2.34 -87.96 -31.94
N PHE Y 81 1.60 -86.88 -32.20
CA PHE Y 81 2.11 -85.51 -32.12
C PHE Y 81 1.20 -84.71 -31.20
N GLU Y 82 1.45 -84.79 -29.90
CA GLU Y 82 0.67 -83.98 -28.97
C GLU Y 82 1.11 -82.53 -29.06
N ALA Y 83 0.22 -81.63 -28.64
CA ALA Y 83 0.56 -80.22 -28.59
C ALA Y 83 1.71 -80.00 -27.62
N GLY Y 84 2.70 -79.24 -28.05
CA GLY Y 84 3.87 -78.95 -27.26
C GLY Y 84 5.07 -79.82 -27.56
N LYS Y 85 4.88 -80.97 -28.21
CA LYS Y 85 5.99 -81.84 -28.51
C LYS Y 85 6.92 -81.18 -29.53
N LEU Y 86 8.22 -81.40 -29.37
CA LEU Y 86 9.18 -80.90 -30.33
C LEU Y 86 9.06 -81.65 -31.64
N ILE Y 87 9.44 -80.98 -32.72
CA ILE Y 87 9.35 -81.50 -34.07
C ILE Y 87 10.75 -81.55 -34.65
N TYR Y 88 11.07 -82.67 -35.31
CA TYR Y 88 12.36 -82.86 -35.96
C TYR Y 88 12.14 -83.22 -37.41
N TRP Y 89 13.04 -82.75 -38.27
CA TRP Y 89 12.97 -82.98 -39.71
C TRP Y 89 13.92 -84.11 -40.07
N ASP Y 90 13.37 -85.22 -40.55
CA ASP Y 90 14.16 -86.37 -40.97
C ASP Y 90 14.49 -86.19 -42.45
N ASN Y 91 15.69 -85.67 -42.73
CA ASN Y 91 16.06 -85.38 -44.11
C ASN Y 91 16.16 -86.62 -44.97
N THR Y 92 16.43 -87.78 -44.39
CA THR Y 92 16.49 -89.00 -45.18
C THR Y 92 15.11 -89.39 -45.69
N ALA Y 93 14.10 -89.37 -44.82
CA ALA Y 93 12.73 -89.63 -45.20
C ALA Y 93 12.00 -88.40 -45.71
N LYS Y 94 12.56 -87.20 -45.52
CA LYS Y 94 11.93 -85.95 -45.94
C LYS Y 94 10.55 -85.79 -45.29
N LYS Y 95 10.44 -86.17 -44.02
CA LYS Y 95 9.21 -86.07 -43.27
C LYS Y 95 9.51 -85.56 -41.87
N PHE Y 96 8.53 -84.91 -41.27
CA PHE Y 96 8.64 -84.47 -39.89
C PHE Y 96 8.48 -85.66 -38.95
N THR Y 97 9.15 -85.58 -37.80
CA THR Y 97 9.10 -86.65 -36.83
C THR Y 97 9.50 -86.09 -35.47
N THR Y 98 9.09 -86.80 -34.42
CA THR Y 98 9.47 -86.42 -33.06
C THR Y 98 10.74 -87.11 -32.57
N THR Y 99 11.15 -88.20 -33.22
CA THR Y 99 12.39 -88.86 -32.84
C THR Y 99 13.58 -87.97 -33.11
N SER Y 100 14.51 -87.94 -32.17
CA SER Y 100 15.67 -87.05 -32.19
C SER Y 100 16.97 -87.83 -32.36
N ALA Y 101 16.94 -88.87 -33.18
CA ALA Y 101 18.13 -89.71 -33.36
C ALA Y 101 19.28 -88.92 -33.95
N SER Y 102 19.12 -88.47 -35.19
CA SER Y 102 20.13 -87.64 -35.85
C SER Y 102 19.48 -86.52 -36.66
N ASN Y 103 18.26 -86.13 -36.32
CA ASN Y 103 17.46 -85.21 -37.12
C ASN Y 103 17.60 -83.79 -36.59
N ARG Y 104 17.37 -82.83 -37.49
CA ARG Y 104 17.45 -81.42 -37.15
C ARG Y 104 16.22 -81.00 -36.36
N LEU Y 105 16.44 -80.28 -35.27
CA LEU Y 105 15.34 -79.70 -34.50
C LEU Y 105 14.83 -78.47 -35.22
N VAL Y 106 13.54 -78.46 -35.54
CA VAL Y 106 12.97 -77.41 -36.39
C VAL Y 106 11.73 -76.76 -35.81
N GLY Y 107 11.01 -77.37 -34.87
CA GLY Y 107 9.80 -76.71 -34.41
C GLY Y 107 9.16 -77.42 -33.24
N ARG Y 108 8.08 -76.81 -32.74
CA ARG Y 108 7.29 -77.32 -31.63
C ARG Y 108 5.82 -77.25 -32.02
N VAL Y 109 5.09 -78.35 -31.81
CA VAL Y 109 3.71 -78.44 -32.27
C VAL Y 109 2.84 -77.49 -31.46
N THR Y 110 2.03 -76.69 -32.15
CA THR Y 110 1.03 -75.86 -31.49
C THR Y 110 -0.34 -76.51 -31.44
N ASP Y 111 -0.68 -77.31 -32.46
CA ASP Y 111 -1.95 -78.03 -32.52
C ASP Y 111 -1.67 -79.48 -32.86
N GLY Y 112 -2.24 -80.39 -32.09
CA GLY Y 112 -1.89 -81.78 -32.21
C GLY Y 112 -2.33 -82.40 -33.52
N LYS Y 113 -1.77 -83.58 -33.78
CA LYS Y 113 -2.10 -84.35 -34.97
C LYS Y 113 -3.59 -84.67 -35.00
N ASP Y 114 -4.30 -84.09 -35.96
CA ASP Y 114 -5.74 -84.33 -36.08
C ASP Y 114 -5.96 -85.66 -36.80
N SER Y 115 -7.22 -85.91 -37.20
CA SER Y 115 -7.53 -87.17 -37.87
C SER Y 115 -6.91 -87.28 -39.25
N ASN Y 116 -6.51 -86.16 -39.87
CA ASN Y 116 -5.89 -86.14 -41.19
C ASN Y 116 -4.41 -85.80 -41.14
N ASN Y 117 -3.76 -86.01 -39.99
CA ASN Y 117 -2.31 -85.85 -39.86
C ASN Y 117 -1.85 -84.42 -40.10
N VAL Y 118 -2.73 -83.44 -39.93
CA VAL Y 118 -2.35 -82.04 -40.06
C VAL Y 118 -1.79 -81.56 -38.74
N ILE Y 119 -0.78 -80.69 -38.80
CA ILE Y 119 -0.11 -80.16 -37.62
C ILE Y 119 0.12 -78.67 -37.83
N TRP Y 120 -0.06 -77.90 -36.77
CA TRP Y 120 0.42 -76.53 -36.69
C TRP Y 120 1.59 -76.49 -35.72
N PHE Y 121 2.64 -75.77 -36.09
CA PHE Y 121 3.85 -75.73 -35.27
C PHE Y 121 4.61 -74.44 -35.51
N ILE Y 122 5.33 -74.00 -34.48
CA ILE Y 122 6.22 -72.87 -34.60
C ILE Y 122 7.53 -73.33 -35.23
N LEU Y 123 8.07 -72.55 -36.14
CA LEU Y 123 9.38 -72.84 -36.71
C LEU Y 123 10.46 -72.20 -35.84
N LEU Y 124 11.62 -72.86 -35.79
CA LEU Y 124 12.70 -72.54 -34.88
C LEU Y 124 13.87 -71.86 -35.62
N PRO Y 125 14.82 -71.24 -34.87
CA PRO Y 125 15.70 -70.25 -35.51
C PRO Y 125 16.86 -70.77 -36.33
N GLN Y 126 16.83 -72.01 -36.79
CA GLN Y 126 17.82 -72.54 -37.73
C GLN Y 126 19.19 -72.74 -37.06
N GLN Y 127 19.17 -73.31 -35.86
CA GLN Y 127 20.41 -73.61 -35.14
C GLN Y 127 20.89 -75.01 -35.47
#